data_4POS
#
_entry.id   4POS
#
_cell.length_a   96.910
_cell.length_b   180.630
_cell.length_c   199.420
_cell.angle_alpha   90.00
_cell.angle_beta   90.00
_cell.angle_gamma   90.00
#
_symmetry.space_group_name_H-M   'P 21 21 21'
#
loop_
_entity.id
_entity.type
_entity.pdbx_description
1 polymer VP1
2 branched 'N-acetyl-alpha-neuraminic acid-(2-3)-beta-D-galactopyranose-(1-4)-2-acetamido-2-deoxy-beta-D-glucopyranose'
3 non-polymer 'CALCIUM ION'
4 non-polymer 1,2-ETHANEDIOL
5 non-polymer 'ISOPROPYL ALCOHOL'
6 water water
#
_entity_poly.entity_id   1
_entity_poly.type   'polypeptide(L)'
_entity_poly.pdbx_seq_one_letter_code
;GSHMGGVEVLEVRTGPDAITQIEAYLNPRMGNNNPTDELYGYSADINVASSKASDNPNATTLPTYSVAVIKLPMLNEDMT
CDTLLMWEAVSVKTEVMGISSLVNLHQGGKYIYGSSSGTIPVQGTTLHMFSVGGEPLELQGLVASSTTTYPTDMVTIKNM
KPVNQALDPNAKALLDKDGKYPVEVWSPDPSKNENTRYYGSFTGGATTPPVMQFTNSVTTVLLDENGVGPLCKGDKLFLS
AVDIVGIHTNYSESQNWRGLPRYFNVTLRKRVVKNPYP
;
_entity_poly.pdbx_strand_id   A,B,C,D,E,F,G,H,I,J
#
loop_
_chem_comp.id
_chem_comp.type
_chem_comp.name
_chem_comp.formula
CA non-polymer 'CALCIUM ION' 'Ca 2'
EDO non-polymer 1,2-ETHANEDIOL 'C2 H6 O2'
GAL D-saccharide, beta linking beta-D-galactopyranose 'C6 H12 O6'
IPA non-polymer 'ISOPROPYL ALCOHOL' 'C3 H8 O'
NAG D-saccharide, beta linking 2-acetamido-2-deoxy-beta-D-glucopyranose 'C8 H15 N O6'
SIA D-saccharide, alpha linking 'N-acetyl-alpha-neuraminic acid' 'C11 H19 N O9'
#
# COMPACT_ATOMS: atom_id res chain seq x y z
N VAL A 7 -31.87 16.71 -12.04
CA VAL A 7 -30.65 17.18 -12.79
C VAL A 7 -29.53 16.13 -12.76
N GLU A 8 -28.85 15.97 -13.90
CA GLU A 8 -27.73 15.03 -14.00
C GLU A 8 -26.47 15.71 -13.50
N VAL A 9 -25.81 15.07 -12.54
CA VAL A 9 -24.62 15.63 -11.93
C VAL A 9 -23.36 15.13 -12.63
N LEU A 10 -22.57 16.06 -13.13
CA LEU A 10 -21.32 15.73 -13.82
C LEU A 10 -20.11 15.96 -12.88
N GLU A 11 -18.97 16.36 -13.44
CA GLU A 11 -17.72 16.40 -12.67
C GLU A 11 -17.50 17.71 -11.92
N VAL A 12 -16.57 17.68 -10.95
CA VAL A 12 -16.10 18.91 -10.27
C VAL A 12 -15.31 19.80 -11.24
N ARG A 13 -15.65 21.08 -11.26
CA ARG A 13 -14.96 22.09 -12.07
C ARG A 13 -13.65 22.50 -11.36
N THR A 14 -12.52 22.35 -12.04
CA THR A 14 -11.22 22.69 -11.46
C THR A 14 -10.75 24.08 -11.90
N GLY A 15 -9.55 24.47 -11.48
CA GLY A 15 -8.95 25.74 -11.90
C GLY A 15 -8.97 26.76 -10.78
N PRO A 16 -8.50 28.00 -11.05
CA PRO A 16 -8.51 29.03 -10.02
C PRO A 16 -9.94 29.47 -9.70
N ASP A 17 -10.16 29.92 -8.46
CA ASP A 17 -11.44 30.51 -8.05
C ASP A 17 -12.59 29.51 -8.08
N ALA A 18 -12.27 28.22 -7.99
CA ALA A 18 -13.27 27.16 -8.02
C ALA A 18 -13.86 26.89 -6.64
N ILE A 19 -13.23 27.45 -5.61
CA ILE A 19 -13.62 27.23 -4.21
C ILE A 19 -14.10 28.53 -3.57
N THR A 20 -15.09 28.43 -2.68
CA THR A 20 -15.41 29.55 -1.81
C THR A 20 -15.76 29.07 -0.40
N GLN A 21 -15.74 30.00 0.55
CA GLN A 21 -16.15 29.73 1.92
C GLN A 21 -17.12 30.78 2.37
N ILE A 22 -18.10 30.36 3.15
CA ILE A 22 -18.95 31.33 3.82
C ILE A 22 -18.91 31.05 5.31
N GLU A 23 -19.27 32.07 6.10
N GLU A 23 -19.27 32.06 6.11
CA GLU A 23 -19.41 31.91 7.54
CA GLU A 23 -19.44 31.85 7.53
C GLU A 23 -20.73 32.54 7.95
C GLU A 23 -20.70 32.55 8.00
N ALA A 24 -21.34 31.96 8.99
CA ALA A 24 -22.60 32.49 9.54
C ALA A 24 -22.81 32.01 10.97
N TYR A 25 -23.67 32.69 11.70
CA TYR A 25 -24.15 32.17 12.98
C TYR A 25 -25.66 32.29 13.02
N LEU A 26 -26.26 31.63 13.83
CA LEU A 26 -27.68 31.44 13.98
C LEU A 26 -27.98 31.54 15.47
N ASN A 27 -28.68 32.54 15.86
CA ASN A 27 -29.06 32.73 17.26
C ASN A 27 -30.21 31.79 17.65
N PRO A 28 -30.20 31.31 18.91
CA PRO A 28 -31.20 30.36 19.33
C PRO A 28 -32.63 30.94 19.36
N ARG A 29 -33.60 30.08 19.07
CA ARG A 29 -35.00 30.45 19.12
C ARG A 29 -35.74 29.63 20.17
N MET A 30 -35.55 29.99 21.44
CA MET A 30 -36.07 29.20 22.56
C MET A 30 -37.49 29.57 22.98
N GLY A 31 -38.00 30.69 22.48
CA GLY A 31 -39.35 31.16 22.82
C GLY A 31 -39.41 32.68 22.91
N ASN A 32 -38.53 33.26 23.72
CA ASN A 32 -38.20 34.67 23.65
C ASN A 32 -37.18 34.85 22.52
N ASN A 33 -37.67 35.30 21.37
CA ASN A 33 -36.89 35.25 20.15
C ASN A 33 -36.54 36.61 19.58
N ASN A 34 -36.88 37.68 20.31
CA ASN A 34 -36.55 39.04 19.94
C ASN A 34 -35.37 39.50 20.79
N PRO A 35 -34.31 40.05 20.15
CA PRO A 35 -33.11 40.46 20.88
C PRO A 35 -33.33 41.49 22.00
N THR A 36 -34.46 42.20 21.97
CA THR A 36 -34.80 43.12 23.05
C THR A 36 -35.54 42.44 24.20
N ASP A 37 -35.90 41.17 24.06
CA ASP A 37 -36.59 40.43 25.15
C ASP A 37 -35.64 40.26 26.32
N GLU A 38 -36.14 40.53 27.53
CA GLU A 38 -35.37 40.37 28.76
C GLU A 38 -34.72 38.98 28.89
N LEU A 39 -35.45 37.94 28.48
CA LEU A 39 -34.94 36.58 28.55
C LEU A 39 -34.65 35.99 27.15
N TYR A 40 -34.19 36.85 26.23
CA TYR A 40 -33.65 36.41 24.92
C TYR A 40 -32.67 35.25 25.13
N GLY A 41 -32.85 34.17 24.37
CA GLY A 41 -31.99 32.99 24.52
C GLY A 41 -32.55 31.96 25.49
N TYR A 42 -33.74 32.23 26.03
CA TYR A 42 -34.48 31.32 26.90
C TYR A 42 -35.92 31.23 26.43
N SER A 43 -36.65 30.21 26.88
CA SER A 43 -38.11 30.22 26.77
C SER A 43 -38.70 30.98 27.95
N ALA A 44 -39.98 31.33 27.85
CA ALA A 44 -40.74 31.80 29.01
C ALA A 44 -40.96 30.63 29.97
N ASP A 45 -41.39 30.91 31.20
CA ASP A 45 -41.66 29.87 32.19
C ASP A 45 -42.56 28.80 31.59
N ILE A 46 -42.18 27.54 31.71
CA ILE A 46 -42.98 26.45 31.13
C ILE A 46 -44.38 26.50 31.74
N ASN A 47 -45.42 26.46 30.89
CA ASN A 47 -46.79 26.29 31.37
C ASN A 47 -47.28 24.88 31.03
N VAL A 48 -47.53 24.11 32.08
CA VAL A 48 -47.82 22.69 32.00
C VAL A 48 -49.32 22.45 31.74
N ALA A 49 -49.64 21.42 30.96
CA ALA A 49 -51.01 21.03 30.66
C ALA A 49 -51.86 20.86 31.93
N SER A 50 -53.06 21.45 31.95
CA SER A 50 -54.06 21.14 32.96
C SER A 50 -54.43 19.67 32.92
N SER A 51 -54.46 19.09 31.72
CA SER A 51 -54.96 17.74 31.53
C SER A 51 -54.53 17.30 30.14
N LYS A 52 -54.68 16.02 29.82
CA LYS A 52 -54.38 15.58 28.45
C LYS A 52 -55.18 16.37 27.40
N ALA A 53 -56.44 16.64 27.69
CA ALA A 53 -57.38 17.26 26.72
C ALA A 53 -57.19 18.77 26.61
N SER A 54 -56.72 19.36 27.69
CA SER A 54 -56.49 20.80 27.74
C SER A 54 -55.00 21.08 27.95
N ASP A 55 -54.23 21.03 26.87
CA ASP A 55 -52.80 21.24 26.87
C ASP A 55 -52.56 22.35 25.86
N ASN A 56 -52.39 23.57 26.37
CA ASN A 56 -52.30 24.76 25.52
C ASN A 56 -50.97 25.49 25.77
N PRO A 57 -49.83 24.95 25.29
CA PRO A 57 -48.55 25.62 25.58
C PRO A 57 -48.47 27.00 24.94
N ASN A 58 -47.97 27.97 25.71
CA ASN A 58 -47.74 29.32 25.19
C ASN A 58 -46.63 29.34 24.13
N ALA A 59 -46.83 30.15 23.08
CA ALA A 59 -45.83 30.25 21.99
C ALA A 59 -44.43 30.48 22.54
N THR A 60 -44.30 31.39 23.51
CA THR A 60 -42.98 31.74 24.06
C THR A 60 -42.35 30.61 24.90
N THR A 61 -43.07 29.51 25.12
CA THR A 61 -42.53 28.40 25.90
C THR A 61 -41.96 27.27 25.02
N LEU A 62 -42.07 27.42 23.71
CA LEU A 62 -41.75 26.33 22.75
C LEU A 62 -40.54 26.62 21.86
N PRO A 63 -39.41 25.93 22.12
CA PRO A 63 -38.25 26.13 21.26
C PRO A 63 -38.53 25.69 19.82
N THR A 64 -38.01 26.48 18.89
CA THR A 64 -38.19 26.22 17.47
C THR A 64 -36.82 26.13 16.80
N TYR A 65 -36.83 25.67 15.56
CA TYR A 65 -35.60 25.58 14.78
C TYR A 65 -35.18 26.94 14.26
N SER A 66 -33.87 27.12 14.20
CA SER A 66 -33.26 28.28 13.56
C SER A 66 -32.93 27.93 12.10
N VAL A 67 -33.09 28.89 11.19
CA VAL A 67 -32.74 28.69 9.79
C VAL A 67 -32.30 30.00 9.14
N ALA A 68 -31.21 29.91 8.38
CA ALA A 68 -30.73 31.03 7.60
C ALA A 68 -30.48 30.59 6.15
N VAL A 69 -30.85 31.43 5.19
CA VAL A 69 -30.56 31.19 3.79
C VAL A 69 -29.44 32.16 3.41
N ILE A 70 -28.32 31.62 2.92
CA ILE A 70 -27.19 32.45 2.48
C ILE A 70 -27.19 32.49 0.95
N LYS A 71 -27.17 33.69 0.40
CA LYS A 71 -27.06 33.85 -1.05
C LYS A 71 -25.60 33.78 -1.48
N LEU A 72 -25.32 32.93 -2.47
CA LEU A 72 -23.96 32.71 -2.95
C LEU A 72 -23.75 33.42 -4.28
N PRO A 73 -22.48 33.65 -4.69
CA PRO A 73 -22.24 34.32 -5.97
C PRO A 73 -22.93 33.60 -7.12
N MET A 74 -23.50 34.39 -8.03
CA MET A 74 -24.12 33.86 -9.23
C MET A 74 -23.09 33.15 -10.12
N LEU A 75 -23.43 31.94 -10.58
CA LEU A 75 -22.48 31.15 -11.36
C LEU A 75 -22.70 31.16 -12.87
N ASN A 76 -23.96 31.30 -13.29
CA ASN A 76 -24.28 31.17 -14.71
C ASN A 76 -24.77 32.46 -15.36
N GLU A 77 -23.90 33.10 -16.12
CA GLU A 77 -24.27 34.30 -16.87
C GLU A 77 -25.03 33.95 -18.15
N ASP A 78 -25.06 32.66 -18.49
CA ASP A 78 -25.81 32.17 -19.64
C ASP A 78 -26.47 30.83 -19.32
N MET A 79 -27.79 30.83 -19.26
CA MET A 79 -28.52 29.64 -18.92
C MET A 79 -28.85 28.90 -20.18
N THR A 80 -28.11 29.16 -21.24
CA THR A 80 -28.35 28.55 -22.52
C THR A 80 -27.40 27.39 -22.79
N CYS A 81 -26.26 27.42 -22.11
CA CYS A 81 -25.21 26.46 -22.34
C CYS A 81 -25.58 25.08 -21.91
N ASP A 82 -24.98 24.10 -22.55
CA ASP A 82 -25.36 22.74 -22.30
C ASP A 82 -25.10 22.27 -20.92
N THR A 83 -24.11 22.86 -20.25
CA THR A 83 -23.81 22.52 -18.87
C THR A 83 -23.92 23.78 -18.04
N LEU A 84 -24.26 23.61 -16.80
CA LEU A 84 -24.29 24.73 -15.86
C LEU A 84 -23.42 24.41 -14.65
N LEU A 85 -23.21 25.41 -13.81
CA LEU A 85 -22.49 25.24 -12.55
C LEU A 85 -23.42 25.41 -11.36
N MET A 86 -23.17 24.65 -10.31
CA MET A 86 -23.85 24.81 -9.03
C MET A 86 -22.79 24.81 -7.95
N TRP A 87 -23.03 25.58 -6.91
CA TRP A 87 -22.22 25.48 -5.70
C TRP A 87 -22.52 24.23 -4.95
N GLU A 88 -21.45 23.51 -4.59
CA GLU A 88 -21.56 22.23 -3.88
C GLU A 88 -20.91 22.37 -2.51
N ALA A 89 -21.70 22.17 -1.45
CA ALA A 89 -21.16 22.24 -0.08
C ALA A 89 -20.37 20.97 0.22
N VAL A 90 -19.08 21.15 0.51
CA VAL A 90 -18.12 20.06 0.61
C VAL A 90 -17.81 19.66 2.07
N SER A 91 -17.71 20.67 2.94
CA SER A 91 -17.37 20.43 4.32
C SER A 91 -17.85 21.60 5.17
N VAL A 92 -17.96 21.36 6.47
CA VAL A 92 -18.37 22.41 7.40
C VAL A 92 -17.57 22.30 8.71
N LYS A 93 -17.13 23.46 9.22
CA LYS A 93 -16.74 23.60 10.63
C LYS A 93 -17.88 24.28 11.34
N THR A 94 -18.38 23.63 12.39
CA THR A 94 -19.50 24.17 13.15
C THR A 94 -19.21 24.09 14.65
N GLU A 95 -19.74 25.05 15.40
CA GLU A 95 -19.36 25.24 16.80
C GLU A 95 -20.55 25.81 17.58
N VAL A 96 -20.83 25.22 18.74
CA VAL A 96 -21.81 25.82 19.64
C VAL A 96 -21.07 26.85 20.47
N MET A 97 -21.50 28.10 20.36
CA MET A 97 -20.83 29.21 21.02
C MET A 97 -21.39 29.52 22.40
N GLY A 98 -20.51 29.95 23.30
CA GLY A 98 -20.93 30.43 24.62
C GLY A 98 -21.12 29.30 25.61
N ILE A 99 -20.52 28.15 25.33
CA ILE A 99 -20.68 26.98 26.20
C ILE A 99 -20.30 27.33 27.65
N SER A 100 -19.15 27.98 27.83
CA SER A 100 -18.70 28.36 29.16
C SER A 100 -19.63 29.33 29.93
N SER A 101 -20.57 29.98 29.24
CA SER A 101 -21.60 30.80 29.94
C SER A 101 -22.41 30.00 30.96
N LEU A 102 -22.47 28.68 30.77
CA LEU A 102 -23.23 27.83 31.68
C LEU A 102 -22.48 27.57 32.98
N VAL A 103 -21.17 27.82 32.96
CA VAL A 103 -20.30 27.61 34.11
C VAL A 103 -20.43 28.83 35.04
N ASN A 104 -21.53 28.85 35.79
CA ASN A 104 -21.99 30.03 36.48
C ASN A 104 -22.92 29.54 37.61
N LEU A 105 -22.48 29.69 38.86
CA LEU A 105 -23.26 29.22 40.02
C LEU A 105 -23.86 30.36 40.86
N HIS A 106 -23.86 31.58 40.32
CA HIS A 106 -24.34 32.75 41.05
C HIS A 106 -25.61 33.33 40.48
N GLN A 107 -25.97 32.92 39.26
CA GLN A 107 -27.23 33.37 38.64
C GLN A 107 -28.41 33.07 39.57
N GLY A 108 -29.36 34.01 39.66
CA GLY A 108 -30.57 33.80 40.46
C GLY A 108 -31.29 32.52 40.06
N GLY A 109 -31.69 31.74 41.06
CA GLY A 109 -32.29 30.43 40.80
C GLY A 109 -32.50 29.62 42.07
N LYS A 110 -32.46 28.30 41.91
CA LYS A 110 -32.71 27.36 42.99
C LYS A 110 -31.38 26.91 43.59
N TYR A 111 -31.26 26.94 44.92
CA TYR A 111 -29.99 26.57 45.57
C TYR A 111 -29.67 25.09 45.45
N ILE A 112 -28.40 24.77 45.28
CA ILE A 112 -27.94 23.38 45.25
C ILE A 112 -28.23 22.69 46.60
N TYR A 113 -27.82 23.31 47.70
CA TYR A 113 -28.23 22.82 49.00
C TYR A 113 -29.14 23.89 49.62
N GLY A 114 -28.79 24.43 50.78
CA GLY A 114 -29.51 25.57 51.38
C GLY A 114 -29.05 26.93 50.86
N SER A 115 -29.54 27.98 51.52
CA SER A 115 -29.38 29.34 51.03
C SER A 115 -27.94 29.89 51.05
N SER A 116 -27.01 29.13 51.62
CA SER A 116 -25.59 29.50 51.58
C SER A 116 -24.81 28.96 50.37
N SER A 117 -25.42 28.04 49.63
CA SER A 117 -24.74 27.40 48.49
C SER A 117 -24.89 28.20 47.18
N GLY A 118 -24.23 27.73 46.12
CA GLY A 118 -24.49 28.24 44.78
C GLY A 118 -25.83 27.75 44.25
N THR A 119 -26.23 28.25 43.07
CA THR A 119 -27.48 27.81 42.45
C THR A 119 -27.23 26.69 41.43
N ILE A 120 -28.28 25.92 41.17
CA ILE A 120 -28.23 24.85 40.17
C ILE A 120 -28.06 25.42 38.76
N PRO A 121 -27.01 24.99 38.03
CA PRO A 121 -26.83 25.52 36.68
C PRO A 121 -27.78 24.85 35.69
N VAL A 122 -27.75 25.31 34.45
CA VAL A 122 -28.60 24.73 33.39
C VAL A 122 -28.34 23.24 33.22
N GLN A 123 -29.41 22.44 33.36
CA GLN A 123 -29.28 20.99 33.23
C GLN A 123 -30.61 20.36 32.74
N GLY A 124 -30.57 19.06 32.45
CA GLY A 124 -31.76 18.38 31.94
C GLY A 124 -31.61 18.08 30.45
N THR A 125 -32.73 17.98 29.76
CA THR A 125 -32.79 17.56 28.34
C THR A 125 -31.98 18.47 27.43
N THR A 126 -31.19 17.87 26.52
CA THR A 126 -30.47 18.65 25.51
C THR A 126 -30.82 18.14 24.11
N LEU A 127 -30.83 19.05 23.14
CA LEU A 127 -31.05 18.70 21.75
C LEU A 127 -30.12 19.55 20.89
N HIS A 128 -29.29 18.87 20.11
CA HIS A 128 -28.35 19.52 19.20
C HIS A 128 -28.58 19.01 17.81
N MET A 129 -28.76 19.92 16.87
CA MET A 129 -28.84 19.54 15.48
C MET A 129 -28.30 20.65 14.59
N PHE A 130 -27.52 20.25 13.59
CA PHE A 130 -27.20 21.17 12.51
C PHE A 130 -27.42 20.48 11.18
N SER A 131 -27.74 21.26 10.17
CA SER A 131 -27.84 20.75 8.81
C SER A 131 -27.37 21.79 7.82
N VAL A 132 -26.84 21.30 6.70
CA VAL A 132 -26.35 22.11 5.59
C VAL A 132 -26.96 21.50 4.33
N GLY A 133 -27.68 22.31 3.55
CA GLY A 133 -28.41 21.79 2.39
C GLY A 133 -28.49 22.81 1.26
N GLY A 134 -28.90 22.34 0.09
CA GLY A 134 -29.02 23.21 -1.07
C GLY A 134 -30.46 23.63 -1.28
N GLU A 135 -31.26 23.48 -0.23
CA GLU A 135 -32.69 23.74 -0.25
C GLU A 135 -33.21 23.58 1.19
N PRO A 136 -34.48 23.96 1.47
CA PRO A 136 -34.95 23.83 2.85
C PRO A 136 -34.90 22.38 3.39
N LEU A 137 -34.54 22.26 4.66
CA LEU A 137 -34.56 20.96 5.35
C LEU A 137 -36.00 20.41 5.36
N GLU A 138 -36.15 19.14 5.00
CA GLU A 138 -37.47 18.53 4.97
C GLU A 138 -37.80 17.90 6.31
N LEU A 139 -39.04 18.11 6.75
CA LEU A 139 -39.44 17.78 8.12
C LEU A 139 -40.56 16.76 8.19
N GLN A 140 -40.54 15.95 9.26
CA GLN A 140 -41.64 15.04 9.57
C GLN A 140 -42.32 15.44 10.88
N GLY A 141 -43.65 15.45 10.90
CA GLY A 141 -44.40 15.79 12.12
C GLY A 141 -44.62 14.58 13.00
N LEU A 142 -44.51 14.76 14.31
CA LEU A 142 -44.77 13.70 15.28
C LEU A 142 -44.77 14.36 16.65
N VAL A 143 -45.83 14.15 17.44
CA VAL A 143 -45.97 14.82 18.74
C VAL A 143 -46.15 13.82 19.89
N ALA A 144 -45.87 14.27 21.11
CA ALA A 144 -46.16 13.46 22.31
C ALA A 144 -47.65 13.26 22.54
N SER A 145 -48.45 14.26 22.17
CA SER A 145 -49.91 14.23 22.37
C SER A 145 -50.64 14.98 21.27
N SER A 146 -51.53 14.26 20.58
CA SER A 146 -52.32 14.85 19.51
C SER A 146 -53.43 15.76 20.04
N THR A 147 -53.66 15.75 21.35
CA THR A 147 -54.69 16.60 21.95
C THR A 147 -54.14 17.95 22.45
N THR A 148 -52.84 18.16 22.27
CA THR A 148 -52.24 19.48 22.49
C THR A 148 -52.80 20.48 21.46
N THR A 149 -53.18 21.67 21.92
CA THR A 149 -53.56 22.75 21.02
C THR A 149 -52.38 23.72 20.96
N TYR A 150 -51.72 23.77 19.79
CA TYR A 150 -50.54 24.60 19.59
C TYR A 150 -50.91 26.03 19.24
N PRO A 151 -50.02 27.00 19.55
CA PRO A 151 -50.32 28.40 19.15
C PRO A 151 -50.54 28.49 17.64
N THR A 152 -51.52 29.26 17.21
CA THR A 152 -51.83 29.30 15.78
C THR A 152 -50.83 30.12 14.97
N ASP A 153 -50.01 30.93 15.62
CA ASP A 153 -48.97 31.68 14.91
C ASP A 153 -47.65 30.89 14.76
N MET A 154 -47.68 29.61 15.15
CA MET A 154 -46.57 28.70 14.87
C MET A 154 -47.00 27.75 13.75
N VAL A 155 -46.04 27.07 13.13
CA VAL A 155 -46.34 26.08 12.10
C VAL A 155 -46.29 24.69 12.72
N THR A 156 -47.46 24.05 12.79
CA THR A 156 -47.59 22.74 13.43
C THR A 156 -48.48 21.85 12.56
N ILE A 157 -48.78 20.64 13.04
CA ILE A 157 -49.55 19.69 12.22
C ILE A 157 -51.03 20.10 12.13
N LYS A 158 -51.51 20.23 10.89
CA LYS A 158 -52.90 20.61 10.65
C LYS A 158 -53.83 19.44 11.03
N ASN A 159 -54.91 19.76 11.75
CA ASN A 159 -55.95 18.78 12.15
C ASN A 159 -55.39 17.46 12.70
N MET A 160 -54.62 17.54 13.77
CA MET A 160 -53.98 16.37 14.36
C MET A 160 -54.98 15.32 14.81
N LYS A 161 -54.58 14.06 14.72
CA LYS A 161 -55.35 12.94 15.22
C LYS A 161 -54.33 12.09 15.97
N PRO A 162 -54.80 11.06 16.72
CA PRO A 162 -53.86 10.24 17.51
C PRO A 162 -52.76 9.57 16.70
N VAL A 163 -53.01 9.35 15.40
CA VAL A 163 -51.97 8.83 14.51
C VAL A 163 -50.72 9.71 14.55
N ASN A 164 -50.89 11.01 14.80
CA ASN A 164 -49.76 11.91 14.86
C ASN A 164 -48.87 11.75 16.11
N GLN A 165 -49.25 10.83 16.98
CA GLN A 165 -48.37 10.44 18.08
C GLN A 165 -47.32 9.45 17.58
N ALA A 166 -47.46 9.05 16.32
CA ALA A 166 -46.47 8.24 15.62
C ALA A 166 -46.35 8.77 14.20
N LEU A 167 -46.03 7.90 13.24
CA LEU A 167 -45.78 8.34 11.88
C LEU A 167 -47.05 8.40 11.01
N ASP A 168 -47.45 9.62 10.68
CA ASP A 168 -48.49 9.88 9.69
C ASP A 168 -47.77 10.45 8.48
N PRO A 169 -47.80 9.73 7.34
CA PRO A 169 -46.99 10.15 6.19
C PRO A 169 -47.46 11.45 5.56
N ASN A 170 -48.65 11.92 5.94
CA ASN A 170 -49.16 13.21 5.50
C ASN A 170 -48.63 14.39 6.30
N ALA A 171 -48.04 14.14 7.47
CA ALA A 171 -47.54 15.24 8.32
C ALA A 171 -46.12 15.63 7.94
N LYS A 172 -45.99 16.44 6.89
CA LYS A 172 -44.70 16.84 6.37
C LYS A 172 -44.63 18.36 6.23
N ALA A 173 -43.43 18.91 6.32
CA ALA A 173 -43.20 20.34 6.11
C ALA A 173 -41.77 20.64 5.67
N LEU A 174 -41.53 21.89 5.28
CA LEU A 174 -40.20 22.41 4.98
C LEU A 174 -39.79 23.37 6.08
N LEU A 175 -38.54 23.30 6.53
CA LEU A 175 -38.03 24.29 7.49
C LEU A 175 -37.71 25.56 6.72
N ASP A 176 -38.72 26.39 6.49
CA ASP A 176 -38.59 27.55 5.62
C ASP A 176 -38.80 28.90 6.32
N LYS A 177 -38.91 28.88 7.65
CA LYS A 177 -39.05 30.10 8.48
C LYS A 177 -38.33 29.91 9.78
N ASP A 178 -37.55 30.92 10.16
CA ASP A 178 -36.79 30.92 11.39
C ASP A 178 -37.72 31.13 12.60
N GLY A 179 -37.51 30.34 13.66
CA GLY A 179 -38.25 30.52 14.90
C GLY A 179 -39.75 30.26 14.82
N LYS A 180 -40.15 29.31 13.98
CA LYS A 180 -41.58 29.02 13.76
C LYS A 180 -41.99 27.56 13.89
N TYR A 181 -41.04 26.65 13.66
CA TYR A 181 -41.30 25.21 13.68
C TYR A 181 -40.85 24.59 15.00
N PRO A 182 -41.80 24.16 15.85
CA PRO A 182 -41.42 23.65 17.17
C PRO A 182 -40.65 22.35 17.06
N VAL A 183 -39.56 22.21 17.82
CA VAL A 183 -38.79 20.96 17.77
C VAL A 183 -39.60 19.76 18.31
N GLU A 184 -40.53 20.03 19.22
CA GLU A 184 -41.33 18.94 19.80
C GLU A 184 -42.39 18.44 18.81
N VAL A 185 -42.57 19.17 17.70
CA VAL A 185 -43.51 18.80 16.63
C VAL A 185 -42.80 18.23 15.38
N TRP A 186 -41.62 18.79 15.05
CA TRP A 186 -40.95 18.48 13.79
C TRP A 186 -39.56 17.96 14.01
N SER A 187 -39.20 16.95 13.22
CA SER A 187 -37.85 16.39 13.18
C SER A 187 -37.44 16.17 11.70
N PRO A 188 -36.13 16.05 11.43
CA PRO A 188 -35.73 15.82 10.01
C PRO A 188 -36.33 14.56 9.42
N ASP A 189 -36.84 14.68 8.19
CA ASP A 189 -37.44 13.56 7.46
C ASP A 189 -36.37 12.69 6.76
N PRO A 190 -36.07 11.51 7.33
CA PRO A 190 -35.03 10.65 6.73
C PRO A 190 -35.47 10.01 5.40
N SER A 191 -36.75 10.06 5.08
CA SER A 191 -37.22 9.55 3.79
C SER A 191 -36.99 10.56 2.67
N LYS A 192 -36.61 11.78 3.01
CA LYS A 192 -36.30 12.77 1.98
C LYS A 192 -34.89 13.32 2.22
N ASN A 193 -34.68 14.62 2.10
CA ASN A 193 -33.37 15.24 2.39
C ASN A 193 -32.19 14.62 1.66
N GLU A 194 -32.39 14.33 0.38
CA GLU A 194 -31.33 13.82 -0.47
C GLU A 194 -30.31 14.92 -0.78
N ASN A 195 -30.72 16.19 -0.64
CA ASN A 195 -29.88 17.34 -0.95
C ASN A 195 -29.51 18.17 0.31
N THR A 196 -29.57 17.54 1.48
CA THR A 196 -29.24 18.14 2.78
C THR A 196 -28.56 17.07 3.64
N ARG A 197 -27.53 17.47 4.38
CA ARG A 197 -26.92 16.59 5.38
C ARG A 197 -27.27 17.15 6.75
N TYR A 198 -27.90 16.32 7.59
CA TYR A 198 -28.23 16.74 8.95
C TYR A 198 -27.64 15.77 9.97
N TYR A 199 -27.41 16.29 11.16
CA TYR A 199 -26.69 15.60 12.23
C TYR A 199 -27.34 16.07 13.53
N GLY A 200 -27.72 15.12 14.37
CA GLY A 200 -28.51 15.42 15.57
C GLY A 200 -28.14 14.55 16.73
N SER A 201 -28.19 15.13 17.92
CA SER A 201 -27.95 14.41 19.14
C SER A 201 -28.97 14.81 20.21
N PHE A 202 -29.45 13.82 20.96
CA PHE A 202 -30.48 14.02 21.99
C PHE A 202 -30.11 13.24 23.25
N THR A 203 -30.17 13.92 24.40
CA THR A 203 -30.14 13.26 25.70
C THR A 203 -31.25 13.88 26.54
N GLY A 204 -32.10 13.03 27.10
CA GLY A 204 -33.29 13.47 27.80
C GLY A 204 -33.06 13.59 29.30
N GLY A 205 -34.10 13.34 30.08
CA GLY A 205 -34.00 13.44 31.54
C GLY A 205 -34.36 14.83 32.05
N ALA A 206 -34.67 14.88 33.34
CA ALA A 206 -35.04 16.14 33.96
C ALA A 206 -33.82 16.89 34.43
N THR A 207 -32.82 16.19 34.99
CA THR A 207 -31.72 16.88 35.66
C THR A 207 -30.34 16.55 35.09
N THR A 208 -30.31 15.92 33.92
CA THR A 208 -29.08 15.40 33.32
C THR A 208 -27.98 16.46 33.11
N PRO A 209 -26.73 16.15 33.49
CA PRO A 209 -25.62 17.07 33.21
C PRO A 209 -25.40 17.20 31.69
N PRO A 210 -25.44 18.45 31.17
CA PRO A 210 -25.15 18.67 29.75
C PRO A 210 -23.67 18.42 29.45
N VAL A 211 -23.38 17.95 28.24
CA VAL A 211 -22.02 17.62 27.82
C VAL A 211 -21.81 18.23 26.45
N MET A 212 -20.79 19.08 26.33
CA MET A 212 -20.48 19.74 25.05
C MET A 212 -18.98 19.91 24.90
N GLN A 213 -18.51 19.79 23.67
CA GLN A 213 -17.11 20.08 23.36
C GLN A 213 -17.05 21.26 22.41
N PHE A 214 -15.88 21.89 22.36
CA PHE A 214 -15.63 23.01 21.46
C PHE A 214 -14.17 23.01 21.08
N THR A 215 -13.91 23.29 19.81
CA THR A 215 -12.58 23.20 19.22
C THR A 215 -12.67 23.86 17.85
N ASN A 216 -11.54 24.26 17.29
CA ASN A 216 -11.53 24.63 15.87
C ASN A 216 -10.76 23.61 15.05
N SER A 217 -10.62 22.40 15.57
CA SER A 217 -9.83 21.37 14.93
C SER A 217 -10.63 20.29 14.17
N VAL A 218 -11.95 20.40 14.16
CA VAL A 218 -12.81 19.34 13.62
C VAL A 218 -13.60 19.84 12.39
N THR A 219 -13.55 19.06 11.32
CA THR A 219 -14.31 19.35 10.10
C THR A 219 -15.25 18.17 9.79
N THR A 220 -16.49 18.45 9.38
CA THR A 220 -17.43 17.42 8.89
C THR A 220 -17.50 17.47 7.37
N VAL A 221 -17.24 16.34 6.72
CA VAL A 221 -17.32 16.25 5.26
C VAL A 221 -18.78 15.96 4.89
N LEU A 222 -19.31 16.74 3.94
CA LEU A 222 -20.71 16.71 3.57
C LEU A 222 -21.00 15.88 2.30
N LEU A 223 -19.96 15.28 1.73
CA LEU A 223 -20.09 14.47 0.52
C LEU A 223 -20.83 13.18 0.83
N ASP A 224 -21.67 12.73 -0.11
CA ASP A 224 -22.38 11.47 0.10
C ASP A 224 -21.53 10.32 -0.43
N GLU A 225 -22.08 9.09 -0.42
CA GLU A 225 -21.34 7.90 -0.85
C GLU A 225 -20.79 8.00 -2.29
N ASN A 226 -21.37 8.90 -3.08
CA ASN A 226 -20.95 9.12 -4.47
C ASN A 226 -19.99 10.31 -4.64
N GLY A 227 -19.57 10.89 -3.52
CA GLY A 227 -18.65 12.03 -3.54
C GLY A 227 -19.32 13.36 -3.87
N VAL A 228 -20.65 13.44 -3.69
CA VAL A 228 -21.38 14.65 -4.03
C VAL A 228 -21.97 15.27 -2.75
N GLY A 229 -21.63 16.54 -2.52
CA GLY A 229 -22.22 17.27 -1.41
C GLY A 229 -23.55 17.89 -1.81
N PRO A 230 -24.23 18.55 -0.86
CA PRO A 230 -25.44 19.32 -1.18
C PRO A 230 -25.19 20.34 -2.30
N LEU A 231 -26.14 20.46 -3.22
CA LEU A 231 -26.01 21.35 -4.38
C LEU A 231 -26.99 22.51 -4.24
N CYS A 232 -26.49 23.73 -4.36
CA CYS A 232 -27.27 24.90 -3.97
C CYS A 232 -28.21 25.40 -5.04
N LYS A 233 -29.46 25.00 -4.97
CA LYS A 233 -30.45 25.41 -5.95
C LYS A 233 -30.67 26.92 -5.89
N GLY A 234 -30.68 27.56 -7.06
CA GLY A 234 -30.79 29.01 -7.17
C GLY A 234 -29.67 29.75 -6.45
N ASP A 235 -28.49 29.12 -6.37
CA ASP A 235 -27.34 29.65 -5.62
C ASP A 235 -27.66 30.03 -4.16
N LYS A 236 -28.50 29.22 -3.52
CA LYS A 236 -28.86 29.47 -2.11
C LYS A 236 -28.41 28.31 -1.24
N LEU A 237 -27.76 28.65 -0.12
CA LEU A 237 -27.32 27.68 0.86
C LEU A 237 -28.16 27.78 2.14
N PHE A 238 -28.65 26.63 2.61
CA PHE A 238 -29.55 26.58 3.76
C PHE A 238 -28.83 26.00 4.96
N LEU A 239 -28.76 26.80 6.02
CA LEU A 239 -28.20 26.37 7.30
C LEU A 239 -29.30 26.31 8.35
N SER A 240 -29.40 25.18 9.05
CA SER A 240 -30.43 25.01 10.08
C SER A 240 -29.81 24.46 11.35
N ALA A 241 -30.44 24.80 12.49
CA ALA A 241 -29.92 24.37 13.78
C ALA A 241 -30.95 24.46 14.89
N VAL A 242 -30.69 23.68 15.94
CA VAL A 242 -31.24 23.95 17.26
C VAL A 242 -30.22 23.46 18.26
N ASP A 243 -30.03 24.21 19.34
CA ASP A 243 -29.08 23.83 20.38
C ASP A 243 -29.62 24.16 21.76
N ILE A 244 -30.54 23.31 22.20
CA ILE A 244 -31.07 23.38 23.55
C ILE A 244 -30.05 22.73 24.48
N VAL A 245 -29.56 23.51 25.44
CA VAL A 245 -28.47 23.04 26.31
C VAL A 245 -28.96 22.64 27.70
N GLY A 246 -30.27 22.74 27.91
CA GLY A 246 -30.89 22.28 29.13
C GLY A 246 -31.91 23.27 29.68
N ILE A 247 -32.18 23.14 30.97
CA ILE A 247 -33.26 23.87 31.62
C ILE A 247 -32.71 24.68 32.79
N HIS A 248 -33.07 25.97 32.82
CA HIS A 248 -32.79 26.79 33.99
C HIS A 248 -33.96 26.76 34.92
N THR A 249 -33.70 26.49 36.20
CA THR A 249 -34.73 26.48 37.23
C THR A 249 -34.62 27.75 38.08
N ASN A 250 -35.74 28.46 38.20
CA ASN A 250 -35.81 29.68 39.01
C ASN A 250 -36.03 29.40 40.50
N TYR A 251 -35.91 30.43 41.33
CA TYR A 251 -36.10 30.27 42.77
C TYR A 251 -37.47 29.64 43.13
N SER A 252 -38.50 30.12 42.44
CA SER A 252 -39.89 29.67 42.61
C SER A 252 -40.14 28.27 42.04
N GLU A 253 -39.11 27.73 41.39
CA GLU A 253 -39.15 26.42 40.71
C GLU A 253 -39.80 26.43 39.33
N SER A 254 -40.18 27.60 38.83
CA SER A 254 -40.53 27.76 37.42
C SER A 254 -39.28 27.49 36.59
N GLN A 255 -39.48 27.14 35.32
CA GLN A 255 -38.36 26.68 34.50
C GLN A 255 -38.36 27.27 33.09
N ASN A 256 -37.16 27.53 32.57
CA ASN A 256 -36.97 28.08 31.24
C ASN A 256 -35.97 27.22 30.47
N TRP A 257 -36.33 26.87 29.23
CA TRP A 257 -35.37 26.25 28.31
C TRP A 257 -34.25 27.22 28.05
N ARG A 258 -33.01 26.73 27.96
CA ARG A 258 -31.86 27.55 27.57
C ARG A 258 -31.23 27.06 26.25
N GLY A 259 -30.91 27.98 25.35
CA GLY A 259 -30.30 27.61 24.08
C GLY A 259 -29.05 28.43 23.84
N LEU A 260 -28.21 27.96 22.92
CA LEU A 260 -26.98 28.68 22.53
C LEU A 260 -26.91 28.85 21.03
N PRO A 261 -26.16 29.85 20.55
CA PRO A 261 -26.02 30.10 19.13
C PRO A 261 -25.03 29.13 18.49
N ARG A 262 -25.17 28.93 17.17
CA ARG A 262 -24.31 28.02 16.44
C ARG A 262 -23.63 28.73 15.29
N TYR A 263 -22.33 28.51 15.18
CA TYR A 263 -21.52 29.03 14.09
C TYR A 263 -21.34 27.98 13.00
N PHE A 264 -21.33 28.41 11.74
CA PHE A 264 -21.03 27.54 10.59
C PHE A 264 -19.93 28.20 9.76
N ASN A 265 -18.95 27.40 9.32
CA ASN A 265 -18.03 27.80 8.27
C ASN A 265 -18.11 26.71 7.20
N VAL A 266 -18.73 27.01 6.06
CA VAL A 266 -18.94 26.05 4.98
C VAL A 266 -18.01 26.34 3.79
N THR A 267 -17.33 25.30 3.31
CA THR A 267 -16.53 25.38 2.10
C THR A 267 -17.32 24.79 0.94
N LEU A 268 -17.38 25.54 -0.15
CA LEU A 268 -18.11 25.11 -1.34
C LEU A 268 -17.19 25.09 -2.55
N ARG A 269 -17.51 24.23 -3.51
CA ARG A 269 -16.78 24.17 -4.78
C ARG A 269 -17.79 24.19 -5.93
N LYS A 270 -17.30 24.50 -7.13
CA LYS A 270 -18.14 24.51 -8.32
C LYS A 270 -18.30 23.09 -8.89
N ARG A 271 -19.55 22.68 -9.08
CA ARG A 271 -19.90 21.38 -9.69
C ARG A 271 -20.61 21.60 -11.03
N VAL A 272 -20.22 20.84 -12.04
CA VAL A 272 -20.87 20.85 -13.35
C VAL A 272 -22.11 19.97 -13.32
N VAL A 273 -23.21 20.48 -13.88
CA VAL A 273 -24.43 19.68 -14.04
C VAL A 273 -24.93 19.85 -15.46
N LYS A 274 -25.66 18.85 -15.95
CA LYS A 274 -26.25 18.97 -17.27
C LYS A 274 -27.38 19.98 -17.20
N ASN A 275 -27.45 20.87 -18.19
CA ASN A 275 -28.55 21.82 -18.29
C ASN A 275 -29.88 21.10 -18.57
N PRO A 276 -30.90 21.36 -17.72
CA PRO A 276 -32.25 20.89 -17.99
C PRO A 276 -33.12 21.98 -18.62
N VAL B 7 0.43 37.43 5.25
CA VAL B 7 1.76 36.76 5.19
C VAL B 7 1.71 35.45 4.38
N GLU B 8 2.46 35.41 3.28
CA GLU B 8 2.50 34.24 2.41
C GLU B 8 3.39 33.17 3.03
N VAL B 9 2.78 32.05 3.39
CA VAL B 9 3.51 30.97 4.04
C VAL B 9 4.15 30.07 2.99
N LEU B 10 5.44 29.79 3.18
CA LEU B 10 6.17 28.94 2.24
C LEU B 10 6.54 27.60 2.89
N GLU B 11 7.68 27.03 2.55
CA GLU B 11 8.04 25.68 3.00
C GLU B 11 8.67 25.62 4.40
N VAL B 12 8.70 24.42 4.97
CA VAL B 12 9.39 24.14 6.23
C VAL B 12 10.90 24.18 6.00
N ARG B 13 11.60 24.91 6.87
CA ARG B 13 13.06 24.98 6.81
C ARG B 13 13.62 23.70 7.41
N THR B 14 14.39 22.97 6.62
CA THR B 14 15.00 21.74 7.12
C THR B 14 16.41 22.03 7.64
N GLY B 15 17.03 21.04 8.26
CA GLY B 15 18.42 21.16 8.66
C GLY B 15 18.57 20.80 10.12
N PRO B 16 19.82 20.79 10.63
CA PRO B 16 20.05 20.68 12.06
C PRO B 16 19.54 21.96 12.73
N ASP B 17 19.19 21.88 14.02
CA ASP B 17 18.72 23.04 14.79
C ASP B 17 17.44 23.67 14.24
N ALA B 18 16.64 22.93 13.50
CA ALA B 18 15.38 23.47 12.97
C ALA B 18 14.20 23.25 13.92
N ILE B 19 14.42 22.49 14.99
CA ILE B 19 13.36 22.14 15.93
C ILE B 19 13.72 22.65 17.31
N THR B 20 12.73 23.14 18.03
CA THR B 20 12.91 23.46 19.42
C THR B 20 11.66 23.02 20.18
N GLN B 21 11.77 22.93 21.50
CA GLN B 21 10.60 22.74 22.33
C GLN B 21 10.67 23.52 23.61
N ILE B 22 9.50 23.93 24.07
CA ILE B 22 9.39 24.67 25.31
C ILE B 22 8.45 23.91 26.21
N GLU B 23 8.60 24.14 27.50
CA GLU B 23 7.63 23.66 28.45
C GLU B 23 7.26 24.78 29.41
N ALA B 24 6.02 24.74 29.91
CA ALA B 24 5.48 25.77 30.76
C ALA B 24 4.34 25.19 31.57
N TYR B 25 4.04 25.80 32.71
CA TYR B 25 2.84 25.46 33.43
C TYR B 25 2.05 26.75 33.67
N LEU B 26 0.73 26.62 33.70
CA LEU B 26 -0.16 27.74 33.98
C LEU B 26 -0.97 27.42 35.22
N ASN B 27 -0.84 28.24 36.27
CA ASN B 27 -1.63 28.05 37.49
C ASN B 27 -3.06 28.51 37.29
N PRO B 28 -4.02 27.86 37.97
CA PRO B 28 -5.43 28.18 37.77
C PRO B 28 -5.78 29.57 38.29
N ARG B 29 -6.76 30.20 37.65
CA ARG B 29 -7.24 31.52 38.09
C ARG B 29 -8.71 31.43 38.44
N MET B 30 -8.98 30.87 39.62
CA MET B 30 -10.34 30.57 40.08
C MET B 30 -11.02 31.74 40.79
N GLY B 31 -10.22 32.74 41.18
CA GLY B 31 -10.71 33.92 41.90
C GLY B 31 -9.74 34.37 42.97
N ASN B 32 -9.29 33.43 43.79
CA ASN B 32 -8.19 33.65 44.71
C ASN B 32 -6.93 33.36 43.89
N ASN B 33 -6.42 34.42 43.25
CA ASN B 33 -5.38 34.32 42.24
C ASN B 33 -3.99 34.80 42.68
N ASN B 34 -3.89 35.18 43.94
CA ASN B 34 -2.61 35.53 44.56
C ASN B 34 -2.11 34.30 45.33
N PRO B 35 -0.86 33.85 45.06
CA PRO B 35 -0.25 32.72 45.80
C PRO B 35 -0.23 32.86 47.32
N THR B 36 -0.41 34.06 47.86
CA THR B 36 -0.52 34.23 49.31
C THR B 36 -1.97 34.10 49.83
N ASP B 37 -2.94 34.03 48.92
CA ASP B 37 -4.35 33.80 49.30
C ASP B 37 -4.47 32.45 49.99
N GLU B 38 -5.11 32.44 51.16
CA GLU B 38 -5.32 31.23 51.93
C GLU B 38 -5.96 30.14 51.05
N LEU B 39 -6.90 30.55 50.21
CA LEU B 39 -7.60 29.61 49.32
C LEU B 39 -7.15 29.76 47.86
N TYR B 40 -5.85 30.00 47.68
CA TYR B 40 -5.24 29.99 46.35
C TYR B 40 -5.63 28.70 45.61
N GLY B 41 -6.10 28.85 44.38
CA GLY B 41 -6.52 27.71 43.56
C GLY B 41 -7.99 27.36 43.73
N TYR B 42 -8.70 28.25 44.43
CA TYR B 42 -10.15 28.18 44.60
C TYR B 42 -10.74 29.56 44.36
N SER B 43 -12.05 29.63 44.11
CA SER B 43 -12.76 30.89 44.18
C SER B 43 -13.13 31.13 45.64
N ALA B 44 -13.56 32.34 45.97
CA ALA B 44 -14.12 32.60 47.29
C ALA B 44 -15.52 32.01 47.28
N ASP B 45 -16.17 32.00 48.44
CA ASP B 45 -17.55 31.50 48.55
C ASP B 45 -18.38 32.17 47.48
N ILE B 46 -19.07 31.36 46.67
CA ILE B 46 -19.96 31.87 45.65
C ILE B 46 -21.00 32.79 46.28
N ASN B 47 -21.10 34.03 45.80
CA ASN B 47 -22.19 34.92 46.21
C ASN B 47 -23.29 35.02 45.16
N VAL B 48 -24.45 34.48 45.55
CA VAL B 48 -25.57 34.28 44.65
C VAL B 48 -26.40 35.56 44.48
N ALA B 49 -26.87 35.80 43.26
CA ALA B 49 -27.83 36.87 42.96
C ALA B 49 -29.11 36.74 43.79
N SER B 50 -29.62 37.88 44.26
CA SER B 50 -30.89 37.89 44.97
C SER B 50 -32.03 37.93 43.97
N SER B 51 -31.75 38.41 42.76
CA SER B 51 -32.77 38.55 41.72
C SER B 51 -32.14 38.67 40.35
N LYS B 52 -33.00 38.71 39.33
CA LYS B 52 -32.59 38.97 37.97
C LYS B 52 -31.89 40.33 37.89
N ALA B 53 -32.51 41.35 38.49
CA ALA B 53 -32.01 42.73 38.44
C ALA B 53 -30.74 42.93 39.26
N SER B 54 -30.58 42.14 40.31
CA SER B 54 -29.51 42.35 41.27
C SER B 54 -28.58 41.15 41.34
N ASP B 55 -27.51 41.22 40.57
CA ASP B 55 -26.56 40.13 40.45
C ASP B 55 -25.17 40.75 40.40
N ASN B 56 -24.50 40.76 41.56
CA ASN B 56 -23.20 41.41 41.71
C ASN B 56 -22.15 40.40 42.17
N PRO B 57 -21.70 39.49 41.28
CA PRO B 57 -20.70 38.50 41.75
C PRO B 57 -19.40 39.18 42.11
N ASN B 58 -18.77 38.76 43.21
CA ASN B 58 -17.47 39.27 43.58
C ASN B 58 -16.40 38.75 42.65
N ALA B 59 -15.43 39.59 42.34
CA ALA B 59 -14.33 39.24 41.42
C ALA B 59 -13.70 37.92 41.84
N THR B 60 -13.58 37.73 43.15
CA THR B 60 -12.96 36.53 43.70
C THR B 60 -13.80 35.27 43.54
N THR B 61 -15.02 35.41 43.01
CA THR B 61 -15.89 34.24 42.84
C THR B 61 -16.05 33.82 41.37
N LEU B 62 -15.33 34.49 40.47
CA LEU B 62 -15.48 34.26 39.03
C LEU B 62 -14.19 33.72 38.40
N PRO B 63 -14.14 32.40 38.11
CA PRO B 63 -12.98 31.85 37.40
C PRO B 63 -12.67 32.52 36.06
N THR B 64 -11.40 32.73 35.79
CA THR B 64 -10.98 33.42 34.58
C THR B 64 -10.00 32.54 33.81
N TYR B 65 -9.73 32.88 32.55
CA TYR B 65 -8.72 32.16 31.77
C TYR B 65 -7.31 32.45 32.25
N SER B 66 -6.46 31.42 32.20
CA SER B 66 -5.03 31.55 32.36
C SER B 66 -4.41 31.80 30.99
N VAL B 67 -3.41 32.67 30.92
CA VAL B 67 -2.66 32.88 29.67
C VAL B 67 -1.21 33.21 29.97
N ALA B 68 -0.30 32.61 29.21
CA ALA B 68 1.11 32.93 29.33
C ALA B 68 1.68 33.12 27.93
N VAL B 69 2.64 34.03 27.80
CA VAL B 69 3.34 34.26 26.54
C VAL B 69 4.77 33.72 26.70
N ILE B 70 5.17 32.79 25.85
CA ILE B 70 6.52 32.23 25.89
C ILE B 70 7.35 32.88 24.78
N LYS B 71 8.50 33.41 25.16
CA LYS B 71 9.36 34.08 24.20
C LYS B 71 10.28 33.03 23.55
N LEU B 72 10.35 33.05 22.22
CA LEU B 72 11.13 32.06 21.48
C LEU B 72 12.41 32.68 20.93
N PRO B 73 13.41 31.84 20.57
CA PRO B 73 14.66 32.43 20.09
C PRO B 73 14.47 33.24 18.81
N MET B 74 15.25 34.32 18.72
CA MET B 74 15.32 35.17 17.55
C MET B 74 15.72 34.34 16.33
N LEU B 75 15.14 34.65 15.18
CA LEU B 75 15.39 33.85 13.96
C LEU B 75 15.96 34.61 12.80
N ASN B 76 15.61 35.89 12.71
CA ASN B 76 15.95 36.68 11.53
C ASN B 76 16.93 37.79 11.87
N GLU B 77 18.16 37.67 11.37
CA GLU B 77 19.20 38.65 11.64
C GLU B 77 19.01 39.89 10.78
N ASP B 78 18.44 39.71 9.58
CA ASP B 78 18.27 40.80 8.63
C ASP B 78 16.82 40.83 8.11
N MET B 79 16.07 41.84 8.54
CA MET B 79 14.65 41.96 8.21
C MET B 79 14.33 42.46 6.80
N THR B 80 15.34 42.65 5.96
CA THR B 80 15.15 43.05 4.57
C THR B 80 15.28 41.88 3.57
N CYS B 81 15.69 40.73 4.02
CA CYS B 81 15.76 39.57 3.16
C CYS B 81 14.41 39.24 2.61
N ASP B 82 14.39 38.64 1.45
CA ASP B 82 13.14 38.37 0.77
C ASP B 82 12.24 37.39 1.50
N THR B 83 12.84 36.51 2.26
CA THR B 83 12.07 35.60 3.05
C THR B 83 12.53 35.70 4.48
N LEU B 84 11.68 35.26 5.38
CA LEU B 84 11.97 35.25 6.81
C LEU B 84 11.53 33.94 7.44
N LEU B 85 11.97 33.70 8.67
CA LEU B 85 11.59 32.49 9.39
C LEU B 85 10.68 32.84 10.55
N MET B 86 9.68 32.00 10.78
CA MET B 86 8.81 32.07 11.95
C MET B 86 8.78 30.71 12.62
N TRP B 87 8.62 30.70 13.94
CA TRP B 87 8.41 29.45 14.66
C TRP B 87 7.00 28.94 14.45
N GLU B 88 6.91 27.67 14.05
CA GLU B 88 5.63 27.00 13.80
C GLU B 88 5.40 25.95 14.87
N ALA B 89 4.32 26.09 15.63
CA ALA B 89 3.97 25.09 16.64
C ALA B 89 3.38 23.86 15.97
N VAL B 90 4.04 22.72 16.18
CA VAL B 90 3.75 21.48 15.45
C VAL B 90 2.88 20.53 16.28
N SER B 91 3.24 20.38 17.55
CA SER B 91 2.55 19.46 18.43
C SER B 91 2.68 19.90 19.88
N VAL B 92 1.83 19.34 20.74
CA VAL B 92 1.80 19.64 22.16
C VAL B 92 1.45 18.39 22.98
N LYS B 93 2.24 18.11 24.02
CA LYS B 93 1.78 17.24 25.11
C LYS B 93 1.30 18.17 26.21
N THR B 94 0.10 17.89 26.73
CA THR B 94 -0.46 18.74 27.79
C THR B 94 -1.10 17.87 28.87
N GLU B 95 -1.07 18.35 30.10
CA GLU B 95 -1.49 17.54 31.24
C GLU B 95 -2.12 18.42 32.32
N VAL B 96 -3.23 17.96 32.89
CA VAL B 96 -3.78 18.57 34.11
C VAL B 96 -3.05 17.95 35.31
N MET B 97 -2.34 18.78 36.08
CA MET B 97 -1.52 18.30 37.19
C MET B 97 -2.28 18.25 38.51
N GLY B 98 -1.87 17.31 39.38
CA GLY B 98 -2.43 17.23 40.73
C GLY B 98 -3.83 16.65 40.77
N ILE B 99 -4.21 15.88 39.75
CA ILE B 99 -5.55 15.29 39.70
C ILE B 99 -5.83 14.46 40.96
N SER B 100 -4.88 13.66 41.38
CA SER B 100 -5.06 12.82 42.57
C SER B 100 -5.26 13.59 43.90
N SER B 101 -4.98 14.90 43.91
CA SER B 101 -5.28 15.72 45.10
C SER B 101 -6.77 15.72 45.45
N LEU B 102 -7.63 15.43 44.46
CA LEU B 102 -9.08 15.35 44.69
C LEU B 102 -9.50 14.09 45.44
N VAL B 103 -8.60 13.10 45.49
CA VAL B 103 -8.87 11.80 46.10
C VAL B 103 -8.64 11.99 47.59
N ASN B 104 -9.56 12.72 48.23
CA ASN B 104 -9.40 13.25 49.57
C ASN B 104 -10.78 13.28 50.19
N LEU B 105 -11.01 12.47 51.22
CA LEU B 105 -12.31 12.43 51.90
C LEU B 105 -12.28 13.00 53.32
N HIS B 106 -11.18 13.65 53.70
CA HIS B 106 -11.03 14.18 55.05
C HIS B 106 -11.02 15.68 55.13
N GLN B 107 -10.86 16.36 53.99
CA GLN B 107 -10.89 17.83 53.98
C GLN B 107 -12.16 18.34 54.68
N GLY B 108 -12.01 19.40 55.48
CA GLY B 108 -13.17 20.01 56.14
C GLY B 108 -14.25 20.37 55.13
N GLY B 109 -15.50 20.05 55.45
CA GLY B 109 -16.59 20.30 54.52
C GLY B 109 -17.92 19.68 54.94
N LYS B 110 -18.63 19.14 53.95
CA LYS B 110 -19.96 18.58 54.17
C LYS B 110 -19.88 17.07 54.19
N TYR B 111 -20.43 16.44 55.24
CA TYR B 111 -20.44 14.98 55.31
C TYR B 111 -21.25 14.34 54.17
N ILE B 112 -20.73 13.23 53.66
CA ILE B 112 -21.43 12.41 52.67
C ILE B 112 -22.76 11.90 53.26
N TYR B 113 -22.65 11.26 54.42
CA TYR B 113 -23.83 10.83 55.17
C TYR B 113 -23.89 11.65 56.47
N GLY B 114 -23.92 10.97 57.61
CA GLY B 114 -23.84 11.64 58.92
C GLY B 114 -22.41 11.98 59.33
N SER B 115 -22.26 12.46 60.57
CA SER B 115 -20.98 12.99 61.05
C SER B 115 -19.88 11.94 61.26
N SER B 116 -20.21 10.66 61.07
CA SER B 116 -19.20 9.59 61.13
C SER B 116 -18.53 9.30 59.78
N SER B 117 -19.02 9.93 58.71
CA SER B 117 -18.55 9.61 57.35
C SER B 117 -17.47 10.59 56.87
N GLY B 118 -16.89 10.31 55.71
CA GLY B 118 -15.99 11.26 55.06
C GLY B 118 -16.78 12.46 54.57
N THR B 119 -16.08 13.43 54.01
CA THR B 119 -16.74 14.60 53.44
C THR B 119 -16.88 14.50 51.93
N ILE B 120 -17.82 15.26 51.37
CA ILE B 120 -18.05 15.26 49.91
C ILE B 120 -16.84 15.85 49.15
N PRO B 121 -16.26 15.07 48.21
CA PRO B 121 -15.10 15.59 47.47
C PRO B 121 -15.56 16.59 46.41
N VAL B 122 -14.61 17.21 45.72
CA VAL B 122 -14.90 18.18 44.66
C VAL B 122 -15.71 17.56 43.52
N GLN B 123 -16.86 18.15 43.20
CA GLN B 123 -17.74 17.62 42.15
C GLN B 123 -18.65 18.71 41.57
N GLY B 124 -19.39 18.39 40.51
CA GLY B 124 -20.24 19.38 39.83
C GLY B 124 -19.65 19.78 38.49
N THR B 125 -20.00 20.98 38.03
CA THR B 125 -19.59 21.48 36.70
C THR B 125 -18.07 21.45 36.51
N THR B 126 -17.62 20.92 35.37
CA THR B 126 -16.22 20.99 34.98
C THR B 126 -16.06 21.69 33.62
N LEU B 127 -14.93 22.34 33.44
CA LEU B 127 -14.60 22.98 32.19
C LEU B 127 -13.10 22.90 31.97
N HIS B 128 -12.69 22.31 30.85
CA HIS B 128 -11.29 22.16 30.50
C HIS B 128 -11.08 22.73 29.15
N MET B 129 -10.10 23.60 29.04
CA MET B 129 -9.73 24.16 27.76
C MET B 129 -8.24 24.40 27.73
N PHE B 130 -7.59 24.07 26.61
CA PHE B 130 -6.23 24.53 26.34
C PHE B 130 -6.17 25.07 24.91
N SER B 131 -5.26 26.01 24.68
CA SER B 131 -5.00 26.48 23.34
C SER B 131 -3.52 26.79 23.18
N VAL B 132 -3.05 26.67 21.93
CA VAL B 132 -1.69 27.03 21.58
C VAL B 132 -1.80 27.88 20.32
N GLY B 133 -1.24 29.09 20.34
CA GLY B 133 -1.36 30.00 19.20
C GLY B 133 -0.17 30.93 19.02
N GLY B 134 -0.12 31.57 17.85
CA GLY B 134 0.95 32.52 17.53
C GLY B 134 0.58 33.96 17.84
N GLU B 135 -0.43 34.14 18.68
CA GLU B 135 -1.04 35.44 19.02
C GLU B 135 -2.19 35.18 20.02
N PRO B 136 -2.74 36.25 20.65
CA PRO B 136 -3.79 36.02 21.65
C PRO B 136 -4.99 35.26 21.10
N LEU B 137 -5.53 34.37 21.92
CA LEU B 137 -6.78 33.69 21.63
C LEU B 137 -7.88 34.73 21.45
N GLU B 138 -8.63 34.61 20.35
CA GLU B 138 -9.74 35.53 20.09
C GLU B 138 -11.04 35.01 20.73
N LEU B 139 -11.74 35.91 21.41
CA LEU B 139 -12.86 35.55 22.27
C LEU B 139 -14.16 36.16 21.78
N GLN B 140 -15.24 35.46 22.07
CA GLN B 140 -16.60 35.97 21.84
C GLN B 140 -17.31 36.06 23.18
N GLY B 141 -18.04 37.15 23.40
CA GLY B 141 -18.79 37.37 24.64
C GLY B 141 -20.23 36.88 24.57
N LEU B 142 -20.67 36.19 25.62
CA LEU B 142 -22.04 35.71 25.76
C LEU B 142 -22.24 35.35 27.23
N VAL B 143 -23.36 35.78 27.82
CA VAL B 143 -23.61 35.56 29.26
C VAL B 143 -24.98 34.93 29.54
N ALA B 144 -25.10 34.31 30.71
CA ALA B 144 -26.39 33.82 31.18
C ALA B 144 -27.38 34.97 31.46
N SER B 145 -26.86 36.13 31.85
CA SER B 145 -27.75 37.28 32.16
C SER B 145 -27.10 38.62 31.85
N SER B 146 -27.75 39.41 31.00
CA SER B 146 -27.23 40.72 30.60
C SER B 146 -27.38 41.80 31.70
N THR B 147 -28.13 41.51 32.75
CA THR B 147 -28.35 42.47 33.83
C THR B 147 -27.41 42.23 35.01
N THR B 148 -26.55 41.22 34.89
CA THR B 148 -25.47 41.00 35.85
C THR B 148 -24.52 42.21 35.86
N THR B 149 -24.14 42.65 37.06
CA THR B 149 -23.12 43.70 37.23
C THR B 149 -21.79 43.03 37.54
N TYR B 150 -20.88 43.05 36.57
CA TYR B 150 -19.56 42.47 36.72
C TYR B 150 -18.60 43.47 37.37
N PRO B 151 -17.64 42.96 38.18
CA PRO B 151 -16.59 43.83 38.74
C PRO B 151 -15.87 44.62 37.65
N THR B 152 -15.70 45.92 37.88
CA THR B 152 -15.13 46.82 36.88
C THR B 152 -13.65 46.56 36.57
N ASP B 153 -12.91 45.93 37.48
CA ASP B 153 -11.51 45.61 37.20
C ASP B 153 -11.27 44.22 36.54
N MET B 154 -12.35 43.64 36.03
CA MET B 154 -12.26 42.46 35.17
C MET B 154 -12.62 42.93 33.78
N VAL B 155 -12.27 42.12 32.78
CA VAL B 155 -12.62 42.51 31.42
C VAL B 155 -13.87 41.75 30.99
N THR B 156 -14.96 42.48 30.81
CA THR B 156 -16.27 41.88 30.50
C THR B 156 -16.90 42.72 29.39
N ILE B 157 -18.13 42.40 29.00
CA ILE B 157 -18.79 43.06 27.87
C ILE B 157 -19.25 44.45 28.28
N LYS B 158 -18.84 45.46 27.51
CA LYS B 158 -19.22 46.84 27.79
C LYS B 158 -20.70 47.11 27.44
N ASN B 159 -21.42 47.74 28.37
CA ASN B 159 -22.84 48.11 28.19
C ASN B 159 -23.70 47.00 27.60
N MET B 160 -23.89 45.94 28.36
CA MET B 160 -24.67 44.78 27.92
C MET B 160 -26.13 45.13 27.68
N LYS B 161 -26.73 44.43 26.72
CA LYS B 161 -28.16 44.45 26.55
C LYS B 161 -28.61 42.98 26.44
N PRO B 162 -29.92 42.71 26.40
CA PRO B 162 -30.36 41.31 26.37
C PRO B 162 -29.80 40.50 25.19
N VAL B 163 -29.42 41.18 24.11
CA VAL B 163 -28.76 40.51 22.99
C VAL B 163 -27.55 39.69 23.44
N ASN B 164 -26.87 40.14 24.49
CA ASN B 164 -25.66 39.48 24.97
C ASN B 164 -25.88 38.15 25.70
N GLN B 165 -27.14 37.77 25.86
CA GLN B 165 -27.49 36.42 26.30
C GLN B 165 -27.45 35.43 25.12
N ALA B 166 -27.30 35.96 23.91
CA ALA B 166 -26.99 35.16 22.71
C ALA B 166 -25.81 35.78 21.95
N LEU B 167 -25.78 35.62 20.62
CA LEU B 167 -24.65 36.11 19.83
C LEU B 167 -24.81 37.57 19.44
N ASP B 168 -23.98 38.42 20.04
CA ASP B 168 -23.81 39.80 19.63
C ASP B 168 -22.46 39.88 18.93
N PRO B 169 -22.47 40.22 17.63
CA PRO B 169 -21.22 40.22 16.85
C PRO B 169 -20.21 41.29 17.28
N ASN B 170 -20.62 42.25 18.10
CA ASN B 170 -19.70 43.30 18.59
C ASN B 170 -19.01 42.92 19.89
N ALA B 171 -19.49 41.88 20.54
CA ALA B 171 -18.91 41.46 21.81
C ALA B 171 -17.70 40.54 21.59
N LYS B 172 -16.58 41.16 21.20
CA LYS B 172 -15.33 40.46 20.89
C LYS B 172 -14.21 40.94 21.80
N ALA B 173 -13.23 40.07 22.05
CA ALA B 173 -12.07 40.44 22.87
C ALA B 173 -10.89 39.55 22.54
N LEU B 174 -9.72 39.91 23.07
CA LEU B 174 -8.53 39.10 22.96
C LEU B 174 -8.18 38.58 24.34
N LEU B 175 -7.74 37.34 24.45
CA LEU B 175 -7.28 36.84 25.73
C LEU B 175 -5.83 37.30 25.93
N ASP B 176 -5.67 38.55 26.40
CA ASP B 176 -4.35 39.19 26.47
C ASP B 176 -3.91 39.51 27.89
N LYS B 177 -4.71 39.07 28.86
CA LYS B 177 -4.45 39.30 30.29
C LYS B 177 -4.78 38.04 31.07
N ASP B 178 -3.83 37.62 31.91
CA ASP B 178 -4.03 36.46 32.74
C ASP B 178 -4.97 36.80 33.90
N GLY B 179 -5.91 35.91 34.18
CA GLY B 179 -6.81 36.07 35.32
C GLY B 179 -7.74 37.27 35.29
N LYS B 180 -8.20 37.65 34.11
CA LYS B 180 -9.05 38.85 33.98
C LYS B 180 -10.35 38.64 33.18
N TYR B 181 -10.33 37.64 32.30
CA TYR B 181 -11.45 37.32 31.39
C TYR B 181 -12.26 36.16 31.98
N PRO B 182 -13.48 36.44 32.48
CA PRO B 182 -14.23 35.35 33.14
C PRO B 182 -14.72 34.32 32.12
N VAL B 183 -14.67 33.03 32.48
CA VAL B 183 -15.13 31.98 31.55
C VAL B 183 -16.65 32.09 31.30
N GLU B 184 -17.38 32.61 32.29
CA GLU B 184 -18.84 32.75 32.16
C GLU B 184 -19.27 33.88 31.24
N VAL B 185 -18.29 34.69 30.82
CA VAL B 185 -18.54 35.78 29.88
C VAL B 185 -17.95 35.51 28.50
N TRP B 186 -16.78 34.86 28.45
CA TRP B 186 -16.01 34.73 27.20
C TRP B 186 -15.75 33.30 26.81
N SER B 187 -15.77 33.03 25.51
CA SER B 187 -15.40 31.72 25.00
C SER B 187 -14.65 31.84 23.67
N PRO B 188 -13.89 30.80 23.27
CA PRO B 188 -13.16 30.93 22.01
C PRO B 188 -14.11 31.29 20.86
N ASP B 189 -13.69 32.25 20.03
CA ASP B 189 -14.47 32.71 18.90
C ASP B 189 -14.16 31.85 17.66
N PRO B 190 -15.14 31.04 17.21
CA PRO B 190 -14.81 30.14 16.08
C PRO B 190 -14.76 30.86 14.71
N SER B 191 -15.24 32.10 14.65
CA SER B 191 -15.18 32.89 13.42
C SER B 191 -13.80 33.47 13.16
N LYS B 192 -12.92 33.38 14.16
CA LYS B 192 -11.55 33.84 13.99
C LYS B 192 -10.60 32.70 14.37
N ASN B 193 -9.55 33.02 15.12
CA ASN B 193 -8.58 32.03 15.59
C ASN B 193 -7.93 31.17 14.50
N GLU B 194 -7.68 31.80 13.36
CA GLU B 194 -6.98 31.19 12.23
CA GLU B 194 -6.98 31.17 12.23
C GLU B 194 -5.57 30.75 12.64
N ASN B 195 -5.02 31.41 13.65
CA ASN B 195 -3.63 31.19 14.02
C ASN B 195 -3.47 30.61 15.45
N THR B 196 -4.54 30.02 15.94
CA THR B 196 -4.53 29.36 17.25
C THR B 196 -5.30 28.04 17.11
N ARG B 197 -4.84 26.98 17.79
CA ARG B 197 -5.65 25.78 17.92
C ARG B 197 -6.16 25.71 19.35
N TYR B 198 -7.47 25.50 19.51
CA TYR B 198 -8.07 25.42 20.83
C TYR B 198 -8.95 24.19 20.97
N TYR B 199 -8.97 23.63 22.17
CA TYR B 199 -9.65 22.37 22.47
C TYR B 199 -10.35 22.51 23.81
N GLY B 200 -11.64 22.21 23.85
CA GLY B 200 -12.45 22.48 25.01
C GLY B 200 -13.43 21.37 25.33
N SER B 201 -13.69 21.18 26.61
CA SER B 201 -14.61 20.15 27.04
C SER B 201 -15.38 20.60 28.28
N PHE B 202 -16.71 20.50 28.21
CA PHE B 202 -17.61 20.94 29.28
C PHE B 202 -18.57 19.83 29.69
N THR B 203 -18.67 19.61 31.00
CA THR B 203 -19.77 18.80 31.57
C THR B 203 -20.39 19.58 32.72
N GLY B 204 -21.69 19.85 32.61
CA GLY B 204 -22.43 20.64 33.59
C GLY B 204 -22.97 19.88 34.79
N GLY B 205 -24.03 20.42 35.40
CA GLY B 205 -24.69 19.76 36.52
C GLY B 205 -24.16 20.25 37.86
N ALA B 206 -24.97 20.09 38.90
CA ALA B 206 -24.59 20.60 40.20
C ALA B 206 -23.66 19.69 40.99
N THR B 207 -23.78 18.37 40.81
CA THR B 207 -23.00 17.43 41.64
C THR B 207 -22.25 16.36 40.84
N THR B 208 -22.11 16.56 39.53
CA THR B 208 -21.57 15.54 38.60
C THR B 208 -20.17 15.04 39.01
N PRO B 209 -19.96 13.72 39.00
CA PRO B 209 -18.62 13.22 39.31
C PRO B 209 -17.62 13.70 38.24
N PRO B 210 -16.49 14.27 38.66
CA PRO B 210 -15.50 14.70 37.66
C PRO B 210 -14.76 13.52 37.06
N VAL B 211 -14.41 13.61 35.77
CA VAL B 211 -13.64 12.58 35.12
C VAL B 211 -12.37 13.20 34.49
N MET B 212 -11.21 12.65 34.83
CA MET B 212 -9.93 13.11 34.23
C MET B 212 -8.95 11.98 33.98
N GLN B 213 -8.17 12.12 32.90
CA GLN B 213 -7.09 11.18 32.57
C GLN B 213 -5.75 11.88 32.73
N PHE B 214 -4.71 11.11 32.98
CA PHE B 214 -3.36 11.64 32.97
C PHE B 214 -2.39 10.60 32.45
N THR B 215 -1.51 11.03 31.57
CA THR B 215 -0.52 10.16 30.96
C THR B 215 0.60 11.01 30.34
N ASN B 216 1.75 10.40 30.06
CA ASN B 216 2.75 11.09 29.25
C ASN B 216 2.90 10.45 27.86
N SER B 217 1.87 9.71 27.43
CA SER B 217 1.92 9.01 26.14
C SER B 217 1.13 9.67 25.02
N VAL B 218 0.49 10.80 25.27
CA VAL B 218 -0.43 11.38 24.30
C VAL B 218 0.06 12.73 23.76
N THR B 219 0.06 12.84 22.45
CA THR B 219 0.45 14.07 21.79
C THR B 219 -0.69 14.58 20.92
N THR B 220 -0.94 15.89 20.93
CA THR B 220 -1.89 16.49 20.00
C THR B 220 -1.14 17.22 18.89
N VAL B 221 -1.44 16.87 17.64
CA VAL B 221 -0.83 17.49 16.46
C VAL B 221 -1.58 18.77 16.14
N LEU B 222 -0.86 19.88 15.98
CA LEU B 222 -1.46 21.22 15.87
C LEU B 222 -1.57 21.74 14.45
N LEU B 223 -1.08 20.97 13.48
CA LEU B 223 -1.10 21.39 12.10
C LEU B 223 -2.52 21.43 11.56
N ASP B 224 -2.83 22.45 10.75
CA ASP B 224 -4.15 22.53 10.15
C ASP B 224 -4.24 21.63 8.90
N GLU B 225 -5.33 21.73 8.16
CA GLU B 225 -5.54 20.86 7.01
C GLU B 225 -4.56 21.13 5.85
N ASN B 226 -3.77 22.19 5.93
CA ASN B 226 -2.70 22.43 4.95
C ASN B 226 -1.33 22.07 5.49
N GLY B 227 -1.29 21.41 6.64
CA GLY B 227 -0.04 21.07 7.28
C GLY B 227 0.68 22.23 7.95
N VAL B 228 -0.04 23.31 8.25
CA VAL B 228 0.55 24.51 8.87
C VAL B 228 0.03 24.69 10.30
N GLY B 229 0.94 24.69 11.26
CA GLY B 229 0.58 24.93 12.66
C GLY B 229 0.55 26.43 12.94
N PRO B 230 0.24 26.81 14.18
CA PRO B 230 0.29 28.23 14.55
C PRO B 230 1.67 28.84 14.30
N LEU B 231 1.69 30.05 13.73
CA LEU B 231 2.94 30.75 13.42
C LEU B 231 3.13 31.91 14.41
N CYS B 232 4.26 31.91 15.10
CA CYS B 232 4.43 32.78 16.26
C CYS B 232 4.88 34.18 15.89
N LYS B 233 3.93 35.13 15.89
CA LYS B 233 4.22 36.51 15.53
C LYS B 233 5.13 37.18 16.58
N GLY B 234 6.14 37.90 16.09
CA GLY B 234 7.13 38.56 16.96
C GLY B 234 7.85 37.54 17.82
N ASP B 235 7.98 36.31 17.34
CA ASP B 235 8.61 35.20 18.07
C ASP B 235 7.97 34.96 19.46
N LYS B 236 6.64 35.02 19.52
CA LYS B 236 5.92 34.78 20.76
C LYS B 236 4.92 33.64 20.61
N LEU B 237 4.88 32.77 21.62
CA LEU B 237 3.95 31.67 21.67
C LEU B 237 2.96 31.89 22.81
N PHE B 238 1.66 31.82 22.49
CA PHE B 238 0.58 32.04 23.46
C PHE B 238 -0.04 30.71 23.92
N LEU B 239 -0.01 30.49 25.23
CA LEU B 239 -0.59 29.30 25.85
C LEU B 239 -1.74 29.75 26.74
N SER B 240 -2.91 29.14 26.57
CA SER B 240 -4.07 29.58 27.35
C SER B 240 -4.76 28.36 27.89
N ALA B 241 -5.39 28.50 29.06
CA ALA B 241 -6.01 27.35 29.71
C ALA B 241 -7.06 27.77 30.73
N VAL B 242 -8.04 26.88 30.93
CA VAL B 242 -8.83 26.84 32.14
C VAL B 242 -9.12 25.38 32.47
N ASP B 243 -9.04 25.04 33.76
CA ASP B 243 -9.31 23.68 34.23
C ASP B 243 -10.05 23.69 35.57
N ILE B 244 -11.35 23.95 35.45
CA ILE B 244 -12.28 23.91 36.58
C ILE B 244 -12.66 22.45 36.77
N VAL B 245 -12.32 21.89 37.93
CA VAL B 245 -12.54 20.47 38.17
C VAL B 245 -13.77 20.21 39.05
N GLY B 246 -14.49 21.29 39.39
CA GLY B 246 -15.72 21.16 40.16
C GLY B 246 -15.84 22.15 41.31
N ILE B 247 -16.69 21.80 42.28
CA ILE B 247 -17.05 22.67 43.38
C ILE B 247 -16.75 21.97 44.71
N HIS B 248 -16.13 22.70 45.63
CA HIS B 248 -15.98 22.22 46.97
C HIS B 248 -17.06 22.80 47.84
N THR B 249 -17.69 21.95 48.65
CA THR B 249 -18.77 22.40 49.51
C THR B 249 -18.28 22.43 50.97
N ASN B 250 -18.46 23.58 51.60
CA ASN B 250 -18.01 23.78 52.97
C ASN B 250 -19.08 23.33 53.96
N TYR B 251 -18.69 23.27 55.24
CA TYR B 251 -19.61 22.82 56.29
C TYR B 251 -20.93 23.61 56.31
N SER B 252 -20.83 24.92 56.09
CA SER B 252 -22.02 25.80 56.10
C SER B 252 -22.79 25.72 54.78
N GLU B 253 -22.28 24.92 53.84
CA GLU B 253 -22.85 24.72 52.49
C GLU B 253 -22.49 25.84 51.52
N SER B 254 -21.65 26.78 51.94
CA SER B 254 -20.99 27.69 51.02
C SER B 254 -20.14 26.88 50.06
N GLN B 255 -19.86 27.44 48.88
CA GLN B 255 -19.15 26.68 47.85
C GLN B 255 -18.05 27.45 47.15
N ASN B 256 -16.97 26.74 46.82
CA ASN B 256 -15.80 27.30 46.13
C ASN B 256 -15.50 26.49 44.86
N TRP B 257 -15.33 27.18 43.74
CA TRP B 257 -14.77 26.55 42.54
C TRP B 257 -13.38 26.04 42.83
N ARG B 258 -13.03 24.90 42.26
CA ARG B 258 -11.70 24.36 42.42
C ARG B 258 -11.09 24.26 41.02
N GLY B 259 -9.84 24.69 40.92
CA GLY B 259 -9.11 24.62 39.64
C GLY B 259 -7.82 23.87 39.85
N LEU B 260 -7.25 23.38 38.74
CA LEU B 260 -5.94 22.70 38.74
C LEU B 260 -5.03 23.30 37.67
N PRO B 261 -3.70 23.24 37.90
CA PRO B 261 -2.73 23.77 36.94
C PRO B 261 -2.53 22.87 35.72
N ARG B 262 -2.11 23.48 34.61
CA ARG B 262 -1.92 22.76 33.36
C ARG B 262 -0.48 22.88 32.85
N TYR B 263 0.09 21.75 32.45
CA TYR B 263 1.40 21.68 31.84
C TYR B 263 1.30 21.66 30.32
N PHE B 264 2.28 22.28 29.68
CA PHE B 264 2.40 22.28 28.22
C PHE B 264 3.81 21.90 27.88
N ASN B 265 3.94 21.04 26.89
CA ASN B 265 5.20 20.83 26.22
C ASN B 265 4.96 20.92 24.72
N VAL B 266 5.50 21.98 24.13
CA VAL B 266 5.23 22.31 22.74
C VAL B 266 6.48 22.12 21.89
N THR B 267 6.34 21.40 20.78
CA THR B 267 7.41 21.27 19.80
C THR B 267 7.15 22.24 18.65
N LEU B 268 8.17 23.01 18.29
CA LEU B 268 8.06 24.00 17.21
C LEU B 268 9.17 23.79 16.21
N ARG B 269 8.90 24.18 14.96
CA ARG B 269 9.88 24.10 13.88
C ARG B 269 9.93 25.43 13.13
N LYS B 270 11.00 25.59 12.35
CA LYS B 270 11.17 26.78 11.54
C LYS B 270 10.39 26.72 10.23
N ARG B 271 9.59 27.75 9.98
CA ARG B 271 8.76 27.87 8.78
C ARG B 271 9.18 29.11 7.98
N VAL B 272 9.40 28.92 6.68
CA VAL B 272 9.76 30.01 5.78
C VAL B 272 8.49 30.78 5.39
N VAL B 273 8.56 32.11 5.47
CA VAL B 273 7.49 32.96 5.00
C VAL B 273 8.07 34.04 4.08
N LYS B 274 7.24 34.54 3.18
CA LYS B 274 7.60 35.65 2.31
C LYS B 274 7.63 36.92 3.15
N ASN B 275 8.63 37.76 2.94
CA ASN B 275 8.77 39.00 3.71
C ASN B 275 7.63 39.97 3.38
N PRO B 276 6.78 40.30 4.38
CA PRO B 276 5.64 41.20 4.17
C PRO B 276 6.08 42.66 4.08
N VAL C 7 23.06 9.95 27.99
CA VAL C 7 23.30 8.68 27.22
C VAL C 7 22.77 8.78 25.79
N GLU C 8 23.66 8.52 24.83
CA GLU C 8 23.27 8.45 23.44
C GLU C 8 22.62 7.08 23.24
N VAL C 9 21.38 7.05 22.76
CA VAL C 9 20.67 5.79 22.51
C VAL C 9 20.89 5.30 21.07
N LEU C 10 21.41 4.09 20.93
CA LEU C 10 21.65 3.56 19.59
C LEU C 10 20.58 2.54 19.18
N GLU C 11 20.94 1.55 18.37
CA GLU C 11 19.95 0.61 17.80
C GLU C 11 19.57 -0.55 18.75
N VAL C 12 18.45 -1.20 18.45
CA VAL C 12 18.06 -2.43 19.14
C VAL C 12 19.03 -3.57 18.81
N ARG C 13 19.49 -4.26 19.84
CA ARG C 13 20.32 -5.48 19.71
C ARG C 13 19.46 -6.67 19.30
N THR C 14 19.84 -7.32 18.21
CA THR C 14 19.08 -8.47 17.71
C THR C 14 19.77 -9.79 18.06
N GLY C 15 19.15 -10.90 17.65
CA GLY C 15 19.75 -12.22 17.82
C GLY C 15 19.07 -13.03 18.90
N PRO C 16 19.58 -14.24 19.18
CA PRO C 16 19.03 -15.08 20.25
C PRO C 16 19.19 -14.39 21.59
N ASP C 17 18.30 -14.71 22.52
CA ASP C 17 18.40 -14.22 23.92
C ASP C 17 18.35 -12.70 24.06
N ALA C 18 17.76 -12.01 23.08
CA ALA C 18 17.67 -10.56 23.11
C ALA C 18 16.45 -10.03 23.89
N ILE C 19 15.43 -10.87 24.03
CA ILE C 19 14.18 -10.48 24.69
C ILE C 19 14.00 -11.23 26.02
N THR C 20 13.42 -10.54 27.01
CA THR C 20 13.05 -11.18 28.26
C THR C 20 11.69 -10.70 28.78
N GLN C 21 11.09 -11.48 29.67
CA GLN C 21 9.82 -11.13 30.29
C GLN C 21 9.89 -11.25 31.77
N ILE C 22 9.33 -10.27 32.46
CA ILE C 22 9.11 -10.39 33.90
C ILE C 22 7.64 -10.23 34.21
N GLU C 23 7.22 -10.83 35.31
CA GLU C 23 5.91 -10.53 35.84
C GLU C 23 6.00 -10.28 37.33
N ALA C 24 5.04 -9.54 37.85
CA ALA C 24 4.98 -9.21 39.27
C ALA C 24 3.59 -8.70 39.65
N TYR C 25 3.30 -8.65 40.94
CA TYR C 25 2.08 -8.00 41.42
C TYR C 25 2.41 -7.04 42.55
N LEU C 26 1.64 -5.96 42.61
CA LEU C 26 1.77 -4.99 43.68
C LEU C 26 0.47 -4.97 44.47
N ASN C 27 0.56 -5.31 45.75
CA ASN C 27 -0.59 -5.22 46.65
C ASN C 27 -0.93 -3.78 46.97
N PRO C 28 -2.22 -3.50 47.19
CA PRO C 28 -2.59 -2.10 47.43
C PRO C 28 -2.08 -1.57 48.76
N ARG C 29 -1.86 -0.26 48.84
CA ARG C 29 -1.46 0.38 50.08
C ARG C 29 -2.48 1.45 50.45
N MET C 30 -3.61 1.00 50.99
CA MET C 30 -4.74 1.88 51.30
C MET C 30 -4.60 2.55 52.66
N GLY C 31 -3.71 2.03 53.50
CA GLY C 31 -3.49 2.58 54.85
C GLY C 31 -3.25 1.48 55.87
N ASN C 32 -4.05 0.43 55.78
CA ASN C 32 -3.77 -0.83 56.46
C ASN C 32 -2.90 -1.65 55.52
N ASN C 33 -1.59 -1.51 55.70
CA ASN C 33 -0.63 -1.97 54.68
C ASN C 33 0.17 -3.19 55.09
N ASN C 34 -0.21 -3.77 56.22
CA ASN C 34 0.43 -4.95 56.74
C ASN C 34 -0.52 -6.12 56.55
N PRO C 35 -0.07 -7.22 55.89
CA PRO C 35 -0.96 -8.35 55.58
C PRO C 35 -1.66 -8.97 56.78
N THR C 36 -1.16 -8.74 58.00
CA THR C 36 -1.83 -9.25 59.18
C THR C 36 -2.91 -8.30 59.71
N ASP C 37 -2.98 -7.09 59.16
CA ASP C 37 -4.02 -6.12 59.55
C ASP C 37 -5.38 -6.71 59.27
N GLU C 38 -6.32 -6.48 60.19
CA GLU C 38 -7.68 -6.96 60.04
C GLU C 38 -8.31 -6.40 58.76
N LEU C 39 -8.02 -5.13 58.47
CA LEU C 39 -8.59 -4.47 57.30
C LEU C 39 -7.54 -4.23 56.21
N TYR C 40 -6.63 -5.19 56.03
CA TYR C 40 -5.68 -5.19 54.92
C TYR C 40 -6.39 -4.95 53.60
N GLY C 41 -5.86 -4.03 52.79
CA GLY C 41 -6.48 -3.67 51.53
C GLY C 41 -7.56 -2.61 51.66
N TYR C 42 -7.72 -2.08 52.87
CA TYR C 42 -8.59 -0.95 53.16
C TYR C 42 -7.83 0.12 53.95
N SER C 43 -8.34 1.35 53.93
CA SER C 43 -7.88 2.39 54.84
C SER C 43 -8.58 2.17 56.17
N ALA C 44 -8.04 2.76 57.24
CA ALA C 44 -8.78 2.86 58.51
C ALA C 44 -9.94 3.82 58.29
N ASP C 45 -10.91 3.86 59.21
CA ASP C 45 -12.03 4.78 59.07
C ASP C 45 -11.52 6.19 58.83
N ILE C 46 -12.06 6.86 57.81
CA ILE C 46 -11.64 8.22 57.48
C ILE C 46 -11.88 9.15 58.68
N ASN C 47 -10.86 9.90 59.09
CA ASN C 47 -11.01 10.90 60.15
C ASN C 47 -10.99 12.30 59.55
N VAL C 48 -12.10 13.01 59.73
CA VAL C 48 -12.38 14.25 59.00
C VAL C 48 -11.82 15.47 59.73
N ALA C 49 -11.34 16.45 58.97
CA ALA C 49 -10.96 17.77 59.53
C ALA C 49 -12.13 18.48 60.20
N SER C 50 -11.89 19.15 61.33
CA SER C 50 -12.95 19.95 61.95
C SER C 50 -12.99 21.37 61.37
N SER C 51 -11.93 21.79 60.67
CA SER C 51 -11.84 23.15 60.15
C SER C 51 -10.74 23.26 59.10
N LYS C 52 -10.65 24.44 58.49
CA LYS C 52 -9.51 24.77 57.63
C LYS C 52 -8.16 24.67 58.39
N ALA C 53 -8.14 25.16 59.63
CA ALA C 53 -6.90 25.17 60.41
C ALA C 53 -6.55 23.79 60.98
N SER C 54 -7.56 22.96 61.22
CA SER C 54 -7.34 21.71 61.91
C SER C 54 -7.71 20.54 61.01
N ASP C 55 -6.68 19.90 60.43
CA ASP C 55 -6.85 18.78 59.51
C ASP C 55 -5.67 17.83 59.68
N ASN C 56 -5.85 16.81 60.51
CA ASN C 56 -4.80 15.88 60.87
C ASN C 56 -5.16 14.43 60.50
N PRO C 57 -5.18 14.10 59.19
CA PRO C 57 -5.54 12.72 58.82
C PRO C 57 -4.52 11.73 59.37
N ASN C 58 -5.00 10.63 59.95
CA ASN C 58 -4.12 9.54 60.37
C ASN C 58 -3.48 8.86 59.17
N ALA C 59 -2.25 8.36 59.39
CA ALA C 59 -1.47 7.72 58.33
C ALA C 59 -2.28 6.57 57.71
N THR C 60 -2.97 5.81 58.56
CA THR C 60 -3.76 4.64 58.16
C THR C 60 -5.00 4.99 57.35
N THR C 61 -5.30 6.29 57.22
CA THR C 61 -6.46 6.73 56.44
C THR C 61 -6.09 7.27 55.07
N LEU C 62 -4.78 7.29 54.75
CA LEU C 62 -4.29 7.89 53.50
C LEU C 62 -3.72 6.87 52.50
N PRO C 63 -4.46 6.59 51.40
CA PRO C 63 -3.89 5.72 50.37
C PRO C 63 -2.57 6.28 49.80
N THR C 64 -1.60 5.39 49.60
CA THR C 64 -0.30 5.75 49.07
C THR C 64 0.00 4.94 47.82
N TYR C 65 0.98 5.37 47.04
CA TYR C 65 1.40 4.60 45.88
C TYR C 65 2.14 3.33 46.27
N SER C 66 1.94 2.29 45.48
CA SER C 66 2.73 1.08 45.56
C SER C 66 3.88 1.22 44.58
N VAL C 67 5.03 0.67 44.93
CA VAL C 67 6.13 0.59 43.99
C VAL C 67 6.94 -0.67 44.26
N ALA C 68 7.41 -1.29 43.19
CA ALA C 68 8.32 -2.41 43.29
C ALA C 68 9.48 -2.23 42.31
N VAL C 69 10.67 -2.64 42.74
CA VAL C 69 11.87 -2.54 41.92
C VAL C 69 12.31 -3.95 41.54
N ILE C 70 12.30 -4.26 40.25
CA ILE C 70 12.65 -5.59 39.75
C ILE C 70 14.09 -5.56 39.22
N LYS C 71 14.93 -6.44 39.75
CA LYS C 71 16.30 -6.56 39.27
C LYS C 71 16.34 -7.48 38.05
N LEU C 72 16.84 -6.96 36.95
CA LEU C 72 16.91 -7.71 35.69
C LEU C 72 18.28 -8.35 35.54
N PRO C 73 18.42 -9.31 34.60
CA PRO C 73 19.73 -9.92 34.39
C PRO C 73 20.81 -8.89 34.09
N MET C 74 21.99 -9.10 34.65
CA MET C 74 23.11 -8.21 34.45
C MET C 74 23.59 -8.33 33.01
N LEU C 75 23.69 -7.19 32.33
CA LEU C 75 23.97 -7.17 30.90
C LEU C 75 25.44 -6.93 30.56
N ASN C 76 26.08 -6.05 31.32
CA ASN C 76 27.44 -5.63 30.99
C ASN C 76 28.47 -6.11 31.99
N GLU C 77 29.30 -7.06 31.56
CA GLU C 77 30.45 -7.50 32.33
C GLU C 77 31.53 -6.41 32.25
N MET C 79 32.58 -2.72 32.04
CA MET C 79 32.09 -1.40 31.68
C MET C 79 33.04 -0.54 30.86
N THR C 80 34.02 -1.17 30.25
CA THR C 80 34.98 -0.45 29.45
C THR C 80 34.88 -0.75 27.97
N CYS C 81 33.78 -1.34 27.51
CA CYS C 81 33.53 -1.48 26.08
C CYS C 81 32.92 -0.18 25.65
N ASP C 82 33.09 0.20 24.39
CA ASP C 82 32.63 1.47 23.86
C ASP C 82 31.11 1.66 23.85
N THR C 83 30.36 0.58 23.78
CA THR C 83 28.94 0.67 23.92
C THR C 83 28.53 -0.27 25.00
N LEU C 84 27.34 -0.05 25.48
CA LEU C 84 26.75 -0.83 26.58
C LEU C 84 25.33 -1.24 26.22
N LEU C 85 24.80 -2.19 26.98
CA LEU C 85 23.44 -2.65 26.76
C LEU C 85 22.58 -2.26 27.96
N MET C 86 21.33 -1.89 27.68
CA MET C 86 20.34 -1.64 28.71
C MET C 86 19.06 -2.36 28.31
N TRP C 87 18.36 -2.90 29.29
CA TRP C 87 17.02 -3.44 29.09
C TRP C 87 16.05 -2.34 28.76
N GLU C 88 15.31 -2.53 27.67
CA GLU C 88 14.33 -1.56 27.20
C GLU C 88 12.96 -2.18 27.36
N ALA C 89 12.09 -1.56 28.15
CA ALA C 89 10.73 -2.06 28.32
C ALA C 89 9.91 -1.70 27.10
N VAL C 90 9.37 -2.71 26.43
CA VAL C 90 8.75 -2.54 25.13
C VAL C 90 7.22 -2.49 25.26
N SER C 91 6.67 -3.41 26.04
CA SER C 91 5.22 -3.51 26.20
C SER C 91 4.86 -4.08 27.57
N VAL C 92 3.61 -3.88 27.98
CA VAL C 92 3.12 -4.40 29.24
C VAL C 92 1.67 -4.89 29.12
N LYS C 93 1.42 -6.06 29.71
CA LYS C 93 0.06 -6.45 30.01
C LYS C 93 -0.10 -6.20 31.51
N THR C 94 -1.15 -5.48 31.87
CA THR C 94 -1.39 -5.18 33.26
C THR C 94 -2.86 -5.39 33.58
N GLU C 95 -3.14 -5.81 34.81
CA GLU C 95 -4.48 -6.25 35.17
C GLU C 95 -4.76 -5.92 36.63
N VAL C 96 -5.93 -5.37 36.89
CA VAL C 96 -6.41 -5.17 38.26
C VAL C 96 -7.10 -6.46 38.68
N MET C 97 -6.56 -7.09 39.71
CA MET C 97 -7.03 -8.40 40.13
C MET C 97 -8.11 -8.35 41.20
N GLY C 98 -9.00 -9.33 41.19
CA GLY C 98 -10.05 -9.44 42.22
C GLY C 98 -11.20 -8.47 42.06
N ILE C 99 -11.44 -8.00 40.84
CA ILE C 99 -12.50 -7.03 40.56
C ILE C 99 -13.86 -7.58 41.03
N SER C 100 -14.12 -8.84 40.68
CA SER C 100 -15.38 -9.50 41.04
C SER C 100 -15.64 -9.62 42.56
N SER C 101 -14.60 -9.44 43.37
CA SER C 101 -14.79 -9.37 44.82
C SER C 101 -15.75 -8.25 45.24
N LEU C 102 -15.90 -7.22 44.40
CA LEU C 102 -16.85 -6.13 44.72
C LEU C 102 -18.32 -6.54 44.51
N VAL C 103 -18.53 -7.67 43.84
CA VAL C 103 -19.88 -8.15 43.49
C VAL C 103 -20.39 -8.99 44.66
N ASN C 104 -20.82 -8.27 45.69
CA ASN C 104 -21.03 -8.83 47.01
C ASN C 104 -21.96 -7.84 47.71
N LEU C 105 -23.17 -8.29 47.99
CA LEU C 105 -24.16 -7.44 48.67
C LEU C 105 -24.53 -7.94 50.06
N HIS C 106 -23.75 -8.88 50.59
CA HIS C 106 -24.05 -9.47 51.90
C HIS C 106 -23.06 -9.03 52.96
N GLN C 107 -21.98 -8.38 52.52
CA GLN C 107 -20.98 -7.83 53.44
C GLN C 107 -21.63 -6.85 54.43
N GLY C 108 -21.10 -6.80 55.65
CA GLY C 108 -21.58 -5.82 56.64
C GLY C 108 -21.52 -4.43 56.06
N GLY C 109 -22.54 -3.62 56.31
CA GLY C 109 -22.53 -2.24 55.81
C GLY C 109 -23.84 -1.49 55.97
N LYS C 110 -24.03 -0.51 55.10
CA LYS C 110 -25.21 0.33 55.11
C LYS C 110 -26.21 -0.28 54.14
N TYR C 111 -27.46 -0.44 54.57
CA TYR C 111 -28.50 -1.03 53.72
C TYR C 111 -28.85 -0.16 52.50
N ILE C 112 -29.05 -0.82 51.35
CA ILE C 112 -29.50 -0.14 50.12
C ILE C 112 -30.86 0.52 50.34
N TYR C 113 -31.83 -0.25 50.82
CA TYR C 113 -33.10 0.31 51.22
C TYR C 113 -33.22 0.09 52.73
N GLY C 114 -34.30 -0.54 53.18
CA GLY C 114 -34.42 -0.91 54.59
C GLY C 114 -33.59 -2.14 54.94
N SER C 115 -33.80 -2.67 56.14
CA SER C 115 -32.98 -3.77 56.66
C SER C 115 -33.29 -5.15 56.06
N SER C 116 -34.23 -5.23 55.13
CA SER C 116 -34.44 -6.46 54.37
C SER C 116 -33.60 -6.57 53.08
N SER C 117 -32.96 -5.47 52.68
CA SER C 117 -32.16 -5.40 51.45
C SER C 117 -30.71 -5.81 51.64
N GLY C 118 -29.95 -5.85 50.54
CA GLY C 118 -28.51 -6.03 50.60
C GLY C 118 -27.85 -4.71 50.99
N THR C 119 -26.54 -4.74 51.21
CA THR C 119 -25.81 -3.53 51.59
C THR C 119 -25.17 -2.86 50.39
N ILE C 120 -24.92 -1.56 50.51
CA ILE C 120 -24.35 -0.79 49.43
C ILE C 120 -22.91 -1.28 49.17
N PRO C 121 -22.59 -1.63 47.90
CA PRO C 121 -21.24 -2.09 47.61
C PRO C 121 -20.26 -0.92 47.53
N VAL C 122 -18.98 -1.23 47.39
CA VAL C 122 -17.92 -0.22 47.22
C VAL C 122 -18.26 0.72 46.06
N GLN C 123 -18.25 2.02 46.33
CA GLN C 123 -18.55 3.01 45.28
C GLN C 123 -17.94 4.36 45.65
N GLY C 124 -18.11 5.34 44.78
CA GLY C 124 -17.51 6.65 44.99
C GLY C 124 -16.22 6.82 44.21
N THR C 125 -15.37 7.71 44.70
CA THR C 125 -14.14 8.09 43.99
C THR C 125 -13.24 6.90 43.64
N THR C 126 -12.78 6.87 42.38
CA THR C 126 -11.80 5.88 41.96
C THR C 126 -10.57 6.54 41.34
N LEU C 127 -9.42 5.92 41.53
CA LEU C 127 -8.17 6.38 40.94
C LEU C 127 -7.33 5.18 40.52
N HIS C 128 -7.04 5.11 39.22
CA HIS C 128 -6.20 4.05 38.69
C HIS C 128 -4.99 4.64 38.04
N MET C 129 -3.83 4.13 38.43
CA MET C 129 -2.58 4.46 37.75
C MET C 129 -1.61 3.28 37.73
N PHE C 130 -0.91 3.15 36.60
CA PHE C 130 0.25 2.26 36.55
C PHE C 130 1.36 2.96 35.79
N SER C 131 2.59 2.65 36.16
CA SER C 131 3.71 3.16 35.40
C SER C 131 4.82 2.12 35.31
N VAL C 132 5.57 2.20 34.23
CA VAL C 132 6.69 1.33 33.99
C VAL C 132 7.83 2.25 33.57
N GLY C 133 8.93 2.21 34.32
CA GLY C 133 10.06 3.08 34.05
C GLY C 133 11.40 2.44 34.34
N GLY C 134 12.47 3.09 33.87
CA GLY C 134 13.83 2.60 34.09
C GLY C 134 14.48 3.26 35.30
N GLU C 135 13.66 3.88 36.13
CA GLU C 135 14.09 4.69 37.30
C GLU C 135 12.82 5.11 38.06
N PRO C 136 12.96 5.62 39.31
CA PRO C 136 11.77 6.01 40.08
C PRO C 136 10.88 7.02 39.34
N LEU C 137 9.57 6.87 39.51
CA LEU C 137 8.60 7.81 38.97
C LEU C 137 8.81 9.16 39.62
N GLU C 138 8.85 10.20 38.80
CA GLU C 138 9.07 11.55 39.30
C GLU C 138 7.71 12.17 39.60
N LEU C 139 7.62 12.79 40.78
CA LEU C 139 6.34 13.24 41.34
C LEU C 139 6.32 14.74 41.52
N GLN C 140 5.12 15.30 41.40
CA GLN C 140 4.83 16.71 41.68
C GLN C 140 3.82 16.81 42.85
N GLY C 141 4.13 17.69 43.79
CA GLY C 141 3.28 17.91 44.97
C GLY C 141 2.18 18.91 44.73
N LEU C 142 0.99 18.61 45.24
CA LEU C 142 -0.16 19.51 45.13
C LEU C 142 -1.24 18.94 46.03
N VAL C 143 -1.77 19.79 46.91
CA VAL C 143 -2.74 19.36 47.92
C VAL C 143 -4.04 20.18 47.88
N ALA C 144 -5.12 19.62 48.41
CA ALA C 144 -6.37 20.37 48.57
C ALA C 144 -6.21 21.49 49.60
N SER C 145 -5.40 21.26 50.62
CA SER C 145 -5.22 22.28 51.67
C SER C 145 -3.79 22.35 52.19
N SER C 146 -3.19 23.53 52.11
CA SER C 146 -1.81 23.69 52.56
C SER C 146 -1.71 23.74 54.09
N THR C 147 -2.85 23.80 54.77
CA THR C 147 -2.87 23.86 56.24
C THR C 147 -3.08 22.50 56.90
N THR C 148 -3.19 21.46 56.07
CA THR C 148 -3.31 20.08 56.54
C THR C 148 -1.99 19.67 57.21
N THR C 149 -2.08 19.01 58.36
CA THR C 149 -0.89 18.44 59.00
C THR C 149 -0.83 16.96 58.69
N TYR C 150 0.13 16.57 57.84
CA TYR C 150 0.28 15.18 57.44
C TYR C 150 1.13 14.43 58.44
N PRO C 151 0.92 13.11 58.59
CA PRO C 151 1.79 12.33 59.47
C PRO C 151 3.26 12.48 59.08
N THR C 152 4.13 12.61 60.06
CA THR C 152 5.56 12.83 59.82
C THR C 152 6.27 11.58 59.26
N ASP C 153 5.68 10.41 59.48
CA ASP C 153 6.22 9.14 58.97
C ASP C 153 5.93 8.90 57.49
N MET C 154 5.18 9.81 56.87
CA MET C 154 4.91 9.72 55.43
C MET C 154 5.78 10.73 54.67
N VAL C 155 5.87 10.61 53.35
CA VAL C 155 6.62 11.61 52.61
C VAL C 155 5.65 12.60 51.99
N THR C 156 5.69 13.84 52.48
CA THR C 156 4.80 14.91 52.03
C THR C 156 5.60 16.18 51.73
N ILE C 157 4.91 17.27 51.38
CA ILE C 157 5.60 18.52 51.02
C ILE C 157 6.10 19.24 52.28
N LYS C 158 7.40 19.55 52.34
CA LYS C 158 7.97 20.32 53.46
C LYS C 158 7.52 21.75 53.43
N ASN C 159 7.26 22.33 54.60
CA ASN C 159 7.11 23.78 54.72
C ASN C 159 6.01 24.33 53.80
N MET C 160 4.85 23.69 53.82
CA MET C 160 3.77 24.03 52.89
C MET C 160 3.32 25.48 53.00
N LYS C 161 2.85 26.01 51.89
CA LYS C 161 2.29 27.35 51.81
C LYS C 161 1.12 27.27 50.83
N PRO C 162 0.22 28.27 50.83
CA PRO C 162 -0.93 28.22 49.94
C PRO C 162 -0.59 27.93 48.46
N VAL C 163 0.61 28.32 48.01
CA VAL C 163 1.06 27.97 46.65
C VAL C 163 0.98 26.46 46.39
N ASN C 164 1.12 25.64 47.43
CA ASN C 164 1.05 24.20 47.31
C ASN C 164 -0.36 23.64 47.02
N GLN C 165 -1.35 24.51 47.04
CA GLN C 165 -2.71 24.18 46.58
C GLN C 165 -2.80 24.28 45.06
N ALA C 166 -1.71 24.73 44.45
CA ALA C 166 -1.55 24.74 42.99
C ALA C 166 -0.13 24.26 42.66
N LEU C 167 0.49 24.80 41.62
CA LEU C 167 1.82 24.34 41.20
C LEU C 167 2.94 25.15 41.81
N ASP C 168 3.68 24.51 42.70
CA ASP C 168 4.95 25.02 43.21
C ASP C 168 6.05 24.16 42.61
N PRO C 169 6.86 24.73 41.68
CA PRO C 169 7.89 23.95 40.99
C PRO C 169 8.91 23.35 41.95
N ASN C 170 8.92 23.84 43.19
CA ASN C 170 9.81 23.32 44.23
C ASN C 170 9.31 22.06 44.88
N ALA C 171 8.02 21.76 44.73
CA ALA C 171 7.42 20.60 45.40
C ALA C 171 7.56 19.31 44.56
N LYS C 172 8.74 18.71 44.58
CA LYS C 172 9.04 17.52 43.80
C LYS C 172 9.51 16.38 44.67
N ALA C 173 9.32 15.15 44.20
CA ALA C 173 9.80 13.95 44.91
C ALA C 173 10.00 12.79 43.94
N LEU C 174 10.64 11.73 44.43
CA LEU C 174 10.78 10.49 43.67
C LEU C 174 9.92 9.45 44.35
N LEU C 175 9.21 8.65 43.56
CA LEU C 175 8.49 7.52 44.15
C LEU C 175 9.48 6.39 44.41
N ASP C 176 10.15 6.47 45.56
CA ASP C 176 11.24 5.56 45.87
C ASP C 176 10.94 4.66 47.08
N LYS C 177 9.74 4.77 47.63
CA LYS C 177 9.33 3.93 48.75
C LYS C 177 7.89 3.47 48.58
N ASP C 178 7.65 2.18 48.81
CA ASP C 178 6.31 1.61 48.80
C ASP C 178 5.49 2.08 50.01
N GLY C 179 4.26 2.52 49.76
CA GLY C 179 3.31 2.82 50.84
C GLY C 179 3.71 3.97 51.74
N LYS C 180 4.26 5.04 51.14
CA LYS C 180 4.73 6.19 51.90
C LYS C 180 4.31 7.51 51.27
N TYR C 181 4.05 7.50 49.97
CA TYR C 181 3.71 8.71 49.22
C TYR C 181 2.19 8.80 49.00
N PRO C 182 1.50 9.66 49.78
CA PRO C 182 0.04 9.77 49.65
C PRO C 182 -0.37 10.22 48.26
N VAL C 183 -1.43 9.61 47.73
CA VAL C 183 -1.95 10.02 46.41
C VAL C 183 -2.54 11.44 46.44
N GLU C 184 -3.09 11.85 47.58
CA GLU C 184 -3.67 13.20 47.67
C GLU C 184 -2.61 14.32 47.76
N VAL C 185 -1.34 13.94 47.86
CA VAL C 185 -0.23 14.88 47.89
C VAL C 185 0.58 14.86 46.58
N TRP C 186 0.73 13.69 45.98
CA TRP C 186 1.64 13.50 44.85
C TRP C 186 0.98 12.94 43.63
N SER C 187 1.41 13.41 42.45
CA SER C 187 0.98 12.85 41.17
C SER C 187 2.17 12.85 40.19
N PRO C 188 2.08 12.04 39.12
CA PRO C 188 3.22 12.05 38.19
C PRO C 188 3.50 13.44 37.60
N ASP C 189 4.78 13.81 37.57
CA ASP C 189 5.25 15.10 37.06
C ASP C 189 5.41 15.03 35.53
N PRO C 190 4.56 15.74 34.77
CA PRO C 190 4.65 15.62 33.32
C PRO C 190 5.82 16.45 32.75
N SER C 191 6.44 17.29 33.58
CA SER C 191 7.60 18.04 33.15
C SER C 191 8.86 17.20 33.19
N LYS C 192 8.80 16.04 33.83
CA LYS C 192 9.93 15.10 33.84
C LYS C 192 9.51 13.73 33.24
N ASN C 193 9.93 12.64 33.88
CA ASN C 193 9.50 11.30 33.49
C ASN C 193 9.79 10.91 32.04
N GLU C 194 10.94 11.35 31.53
CA GLU C 194 11.35 11.04 30.18
C GLU C 194 11.72 9.56 30.04
N ASN C 195 11.92 8.90 31.17
CA ASN C 195 12.33 7.51 31.18
C ASN C 195 11.30 6.60 31.88
N THR C 196 10.06 7.08 31.96
CA THR C 196 8.94 6.32 32.54
C THR C 196 7.68 6.55 31.71
N ARG C 197 6.89 5.51 31.49
CA ARG C 197 5.55 5.67 30.91
CA ARG C 197 5.56 5.70 30.90
C ARG C 197 4.51 5.46 32.00
N TYR C 198 3.63 6.46 32.20
CA TYR C 198 2.56 6.35 33.18
C TYR C 198 1.20 6.61 32.55
N TYR C 199 0.17 6.01 33.13
CA TYR C 199 -1.19 6.04 32.59
C TYR C 199 -2.12 6.06 33.79
N GLY C 200 -3.03 7.02 33.83
CA GLY C 200 -3.93 7.15 34.95
C GLY C 200 -5.32 7.58 34.57
N SER C 201 -6.30 7.17 35.37
CA SER C 201 -7.65 7.68 35.23
C SER C 201 -8.33 7.88 36.59
N PHE C 202 -9.13 8.93 36.61
CA PHE C 202 -9.77 9.36 37.83
C PHE C 202 -11.21 9.64 37.51
N THR C 203 -12.10 9.14 38.36
CA THR C 203 -13.49 9.56 38.37
C THR C 203 -13.85 9.83 39.81
N GLY C 204 -14.39 11.02 40.07
CA GLY C 204 -14.65 11.46 41.45
C GLY C 204 -16.06 11.15 41.90
N GLY C 205 -16.59 12.00 42.76
CA GLY C 205 -17.91 11.83 43.31
C GLY C 205 -17.93 11.01 44.59
N ALA C 206 -19.03 11.13 45.32
CA ALA C 206 -19.22 10.44 46.60
C ALA C 206 -19.73 9.00 46.45
N THR C 207 -20.60 8.76 45.46
CA THR C 207 -21.31 7.49 45.37
C THR C 207 -21.24 6.84 43.97
N THR C 208 -20.30 7.32 43.15
CA THR C 208 -20.20 6.94 41.75
C THR C 208 -19.96 5.45 41.61
N PRO C 209 -20.71 4.78 40.71
CA PRO C 209 -20.45 3.38 40.43
C PRO C 209 -19.06 3.23 39.81
N PRO C 210 -18.22 2.32 40.37
CA PRO C 210 -16.93 2.01 39.78
C PRO C 210 -17.13 1.21 38.49
N VAL C 211 -16.25 1.43 37.51
CA VAL C 211 -16.30 0.74 36.24
C VAL C 211 -14.89 0.21 35.99
N MET C 212 -14.78 -1.10 35.74
CA MET C 212 -13.48 -1.73 35.44
C MET C 212 -13.63 -2.91 34.45
N GLN C 213 -12.63 -3.06 33.57
CA GLN C 213 -12.51 -4.20 32.67
C GLN C 213 -11.39 -5.13 33.15
N PHE C 214 -11.44 -6.38 32.69
CA PHE C 214 -10.38 -7.34 32.93
C PHE C 214 -10.32 -8.31 31.74
N THR C 215 -9.12 -8.54 31.24
CA THR C 215 -8.92 -9.39 30.04
C THR C 215 -7.44 -9.74 29.99
N ASN C 216 -7.09 -10.79 29.25
CA ASN C 216 -5.68 -11.03 28.96
C ASN C 216 -5.39 -10.81 27.48
N SER C 217 -6.23 -10.01 26.84
CA SER C 217 -6.13 -9.80 25.40
C SER C 217 -5.50 -8.46 25.02
N VAL C 218 -5.19 -7.62 26.01
CA VAL C 218 -4.76 -6.23 25.73
C VAL C 218 -3.32 -5.99 26.16
N THR C 219 -2.55 -5.37 25.27
CA THR C 219 -1.16 -5.02 25.55
C THR C 219 -0.99 -3.53 25.32
N THR C 220 -0.31 -2.86 26.25
CA THR C 220 0.07 -1.46 26.07
C THR C 220 1.52 -1.40 25.59
N VAL C 221 1.73 -0.69 24.49
CA VAL C 221 3.09 -0.50 23.94
C VAL C 221 3.75 0.69 24.62
N LEU C 222 4.97 0.51 25.12
CA LEU C 222 5.65 1.52 25.94
C LEU C 222 6.62 2.43 25.16
N LEU C 223 6.80 2.16 23.87
CA LEU C 223 7.73 2.94 23.06
C LEU C 223 7.26 4.38 22.87
N ASP C 224 8.20 5.32 22.90
CA ASP C 224 7.89 6.72 22.66
C ASP C 224 7.88 7.03 21.15
N GLU C 225 7.73 8.31 20.79
CA GLU C 225 7.64 8.72 19.40
C GLU C 225 8.90 8.44 18.58
N ASN C 226 10.02 8.17 19.25
CA ASN C 226 11.25 7.74 18.57
C ASN C 226 11.45 6.22 18.55
N GLY C 227 10.45 5.49 19.04
CA GLY C 227 10.50 4.03 19.06
C GLY C 227 11.30 3.48 20.22
N VAL C 228 11.50 4.29 21.25
CA VAL C 228 12.34 3.91 22.39
C VAL C 228 11.51 3.77 23.66
N GLY C 229 11.64 2.64 24.33
CA GLY C 229 10.94 2.42 25.58
C GLY C 229 11.76 2.86 26.77
N PRO C 230 11.19 2.78 27.98
CA PRO C 230 11.97 3.09 29.21
C PRO C 230 13.25 2.23 29.28
N LEU C 231 14.35 2.84 29.68
CA LEU C 231 15.65 2.17 29.72
C LEU C 231 16.12 1.94 31.15
N CYS C 232 16.45 0.69 31.47
CA CYS C 232 16.59 0.31 32.88
C CYS C 232 17.97 0.62 33.46
N LYS C 233 18.07 1.73 34.17
CA LYS C 233 19.33 2.15 34.77
C LYS C 233 19.74 1.19 35.87
N GLY C 234 21.00 0.76 35.81
CA GLY C 234 21.53 -0.26 36.72
C GLY C 234 20.80 -1.60 36.68
N ASP C 235 20.13 -1.87 35.56
CA ASP C 235 19.37 -3.12 35.35
C ASP C 235 18.19 -3.27 36.34
N LYS C 236 17.63 -2.14 36.76
CA LYS C 236 16.47 -2.14 37.62
C LYS C 236 15.24 -1.62 36.88
N LEU C 237 14.11 -2.28 37.12
CA LEU C 237 12.85 -1.94 36.48
C LEU C 237 11.87 -1.49 37.55
N PHE C 238 11.30 -0.30 37.37
CA PHE C 238 10.38 0.30 38.32
C PHE C 238 8.93 0.15 37.90
N LEU C 239 8.16 -0.52 38.74
CA LEU C 239 6.73 -0.68 38.53
C LEU C 239 5.99 0.05 39.66
N SER C 240 5.05 0.91 39.30
CA SER C 240 4.30 1.68 40.27
C SER C 240 2.80 1.63 39.95
N ALA C 241 1.96 1.71 40.99
CA ALA C 241 0.52 1.63 40.82
C ALA C 241 -0.24 2.20 42.00
N VAL C 242 -1.48 2.62 41.70
CA VAL C 242 -2.51 2.75 42.71
C VAL C 242 -3.83 2.37 42.04
N ASP C 243 -4.65 1.65 42.78
CA ASP C 243 -5.95 1.25 42.29
C ASP C 243 -6.98 1.35 43.40
N ILE C 244 -7.42 2.58 43.63
CA ILE C 244 -8.52 2.87 44.53
C ILE C 244 -9.81 2.63 43.77
N VAL C 245 -10.62 1.70 44.25
CA VAL C 245 -11.82 1.28 43.50
C VAL C 245 -13.11 1.83 44.14
N GLY C 246 -12.93 2.68 45.15
CA GLY C 246 -14.04 3.33 45.82
C GLY C 246 -13.97 3.24 47.33
N ILE C 247 -15.12 3.46 47.96
CA ILE C 247 -15.26 3.63 49.39
C ILE C 247 -16.28 2.60 49.86
N HIS C 248 -15.93 1.83 50.90
CA HIS C 248 -16.91 0.99 51.57
C HIS C 248 -17.45 1.70 52.77
N THR C 249 -18.77 1.73 52.88
CA THR C 249 -19.44 2.39 54.00
C THR C 249 -19.93 1.36 55.02
N ASN C 250 -19.59 1.58 56.28
CA ASN C 250 -20.03 0.71 57.36
C ASN C 250 -21.42 1.11 57.84
N TYR C 251 -22.06 0.22 58.60
CA TYR C 251 -23.37 0.50 59.16
C TYR C 251 -23.40 1.83 59.96
N SER C 252 -22.35 2.08 60.75
CA SER C 252 -22.24 3.36 61.50
C SER C 252 -22.05 4.59 60.61
N GLU C 253 -21.84 4.35 59.31
CA GLU C 253 -21.54 5.39 58.30
C GLU C 253 -20.08 5.87 58.27
N SER C 254 -19.21 5.29 59.11
CA SER C 254 -17.77 5.45 58.93
C SER C 254 -17.38 4.81 57.60
N GLN C 255 -16.28 5.27 57.01
CA GLN C 255 -15.95 4.90 55.65
C GLN C 255 -14.48 4.52 55.52
N ASN C 256 -14.25 3.51 54.65
CA ASN C 256 -12.91 3.01 54.36
C ASN C 256 -12.65 2.95 52.87
N TRP C 257 -11.54 3.53 52.43
CA TRP C 257 -11.09 3.36 51.05
C TRP C 257 -10.87 1.89 50.76
N ARG C 258 -11.23 1.45 49.56
CA ARG C 258 -10.97 0.08 49.12
C ARG C 258 -10.06 0.09 47.90
N GLY C 259 -9.02 -0.73 47.95
CA GLY C 259 -8.06 -0.86 46.85
C GLY C 259 -7.87 -2.32 46.44
N LEU C 260 -7.37 -2.51 45.21
CA LEU C 260 -7.14 -3.86 44.68
C LEU C 260 -5.71 -3.99 44.16
N PRO C 261 -5.16 -5.22 44.17
CA PRO C 261 -3.79 -5.39 43.68
C PRO C 261 -3.70 -5.33 42.14
N ARG C 262 -2.52 -5.02 41.62
CA ARG C 262 -2.32 -4.94 40.19
C ARG C 262 -1.20 -5.87 39.73
N TYR C 263 -1.44 -6.59 38.64
CA TYR C 263 -0.48 -7.47 38.02
C TYR C 263 0.21 -6.76 36.86
N PHE C 264 1.51 -7.05 36.70
CA PHE C 264 2.30 -6.56 35.56
C PHE C 264 2.99 -7.73 34.85
N ASN C 265 2.95 -7.70 33.52
CA ASN C 265 3.77 -8.57 32.69
C ASN C 265 4.47 -7.71 31.65
N VAL C 266 5.77 -7.52 31.81
CA VAL C 266 6.53 -6.60 30.97
C VAL C 266 7.50 -7.39 30.10
N THR C 267 7.51 -7.04 28.82
CA THR C 267 8.44 -7.60 27.86
C THR C 267 9.53 -6.58 27.63
N LEU C 268 10.77 -7.03 27.74
CA LEU C 268 11.91 -6.15 27.57
C LEU C 268 12.86 -6.70 26.50
N ARG C 269 13.61 -5.80 25.87
CA ARG C 269 14.60 -6.19 24.85
C ARG C 269 15.92 -5.45 25.09
N LYS C 270 17.01 -5.95 24.49
CA LYS C 270 18.31 -5.31 24.63
C LYS C 270 18.46 -4.10 23.70
N ARG C 271 18.81 -2.95 24.27
CA ARG C 271 19.07 -1.72 23.53
C ARG C 271 20.52 -1.29 23.70
N VAL C 272 21.21 -1.05 22.59
CA VAL C 272 22.56 -0.49 22.59
C VAL C 272 22.56 1.00 22.95
N VAL C 273 23.49 1.40 23.82
CA VAL C 273 23.69 2.82 24.13
C VAL C 273 25.17 3.13 24.07
N LYS C 274 25.51 4.39 23.85
CA LYS C 274 26.90 4.82 23.94
C LYS C 274 27.29 4.94 25.42
N ASN C 275 28.44 4.34 25.75
CA ASN C 275 29.06 4.41 27.07
C ASN C 275 29.43 5.86 27.41
N PRO C 276 28.82 6.42 28.48
CA PRO C 276 29.03 7.82 28.89
C PRO C 276 30.16 8.01 29.90
N GLY D 6 4.47 -26.02 27.32
CA GLY D 6 4.45 -27.51 27.28
C GLY D 6 4.93 -28.08 25.95
N VAL D 7 4.23 -27.74 24.87
CA VAL D 7 4.52 -28.32 23.55
C VAL D 7 5.00 -27.27 22.54
N GLU D 8 5.86 -27.71 21.62
CA GLU D 8 6.33 -26.84 20.56
C GLU D 8 5.24 -26.71 19.48
N VAL D 9 4.73 -25.50 19.30
CA VAL D 9 3.64 -25.22 18.36
C VAL D 9 4.18 -24.95 16.96
N LEU D 10 3.71 -25.71 15.97
CA LEU D 10 4.17 -25.52 14.57
C LEU D 10 3.12 -24.77 13.74
N GLU D 11 3.00 -25.09 12.44
CA GLU D 11 2.12 -24.33 11.54
C GLU D 11 0.66 -24.78 11.57
N VAL D 12 -0.25 -23.96 11.02
CA VAL D 12 -1.65 -24.33 10.83
C VAL D 12 -1.78 -25.41 9.74
N ARG D 13 -2.56 -26.46 10.01
CA ARG D 13 -2.85 -27.49 9.02
C ARG D 13 -3.88 -26.98 8.01
N THR D 14 -3.51 -26.97 6.73
CA THR D 14 -4.43 -26.54 5.67
C THR D 14 -5.18 -27.73 5.05
N GLY D 15 -6.09 -27.45 4.12
CA GLY D 15 -6.74 -28.49 3.33
C GLY D 15 -8.23 -28.60 3.61
N PRO D 16 -8.91 -29.58 2.97
CA PRO D 16 -10.34 -29.77 3.23
C PRO D 16 -10.59 -30.18 4.69
N ASP D 17 -11.76 -29.82 5.21
CA ASP D 17 -12.14 -30.16 6.60
C ASP D 17 -11.08 -29.84 7.66
N ALA D 18 -10.34 -28.73 7.48
CA ALA D 18 -9.40 -28.28 8.51
C ALA D 18 -10.08 -27.37 9.56
N ILE D 19 -11.30 -26.95 9.25
CA ILE D 19 -12.05 -26.03 10.08
C ILE D 19 -13.30 -26.72 10.63
N THR D 20 -13.63 -26.46 11.90
CA THR D 20 -14.90 -26.89 12.45
C THR D 20 -15.50 -25.76 13.28
N GLN D 21 -16.81 -25.83 13.54
CA GLN D 21 -17.37 -24.94 14.51
C GLN D 21 -18.37 -25.57 15.44
N ILE D 22 -18.34 -25.14 16.69
CA ILE D 22 -19.29 -25.62 17.67
C ILE D 22 -20.10 -24.46 18.25
N GLU D 23 -21.33 -24.76 18.65
N GLU D 23 -21.32 -24.76 18.67
CA GLU D 23 -22.13 -23.80 19.39
CA GLU D 23 -22.15 -23.80 19.38
C GLU D 23 -22.63 -24.41 20.68
C GLU D 23 -22.66 -24.41 20.67
N ALA D 24 -22.84 -23.57 21.69
CA ALA D 24 -23.33 -23.99 22.98
C ALA D 24 -23.96 -22.80 23.68
N TYR D 25 -24.75 -23.09 24.70
CA TYR D 25 -25.20 -22.04 25.61
C TYR D 25 -24.95 -22.50 27.05
N LEU D 26 -24.77 -21.53 27.94
CA LEU D 26 -24.53 -21.78 29.35
C LEU D 26 -25.57 -21.04 30.15
N ASN D 27 -26.40 -21.77 30.89
CA ASN D 27 -27.36 -21.16 31.81
C ASN D 27 -26.70 -20.51 33.03
N PRO D 28 -27.29 -19.39 33.53
CA PRO D 28 -26.67 -18.67 34.65
C PRO D 28 -26.73 -19.48 35.93
N ARG D 29 -25.77 -19.26 36.81
CA ARG D 29 -25.74 -19.94 38.10
C ARG D 29 -25.72 -18.86 39.18
N MET D 30 -26.89 -18.26 39.39
CA MET D 30 -27.07 -17.18 40.35
C MET D 30 -27.22 -17.65 41.80
N GLY D 31 -27.49 -18.94 41.99
CA GLY D 31 -27.72 -19.50 43.32
C GLY D 31 -28.88 -20.49 43.30
N ASN D 32 -30.02 -20.09 42.74
CA ASN D 32 -31.05 -21.06 42.38
C ASN D 32 -30.64 -21.70 41.04
N ASN D 33 -29.92 -22.82 41.14
CA ASN D 33 -29.23 -23.42 40.00
C ASN D 33 -29.89 -24.69 39.42
N ASN D 34 -31.04 -25.06 39.97
CA ASN D 34 -31.84 -26.19 39.46
C ASN D 34 -33.00 -25.67 38.63
N PRO D 35 -33.19 -26.20 37.39
CA PRO D 35 -34.25 -25.67 36.50
C PRO D 35 -35.68 -25.78 37.05
N THR D 36 -35.89 -26.59 38.08
CA THR D 36 -37.19 -26.67 38.73
C THR D 36 -37.36 -25.62 39.85
N ASP D 37 -36.27 -24.97 40.26
CA ASP D 37 -36.33 -23.89 41.27
C ASP D 37 -37.26 -22.79 40.81
N GLU D 38 -38.20 -22.41 41.66
CA GLU D 38 -39.15 -21.36 41.33
C GLU D 38 -38.41 -20.11 40.84
N LEU D 39 -37.30 -19.79 41.47
CA LEU D 39 -36.49 -18.64 41.06
C LEU D 39 -35.20 -19.01 40.33
N TYR D 40 -35.27 -20.05 39.50
CA TYR D 40 -34.17 -20.36 38.58
C TYR D 40 -33.75 -19.10 37.83
N GLY D 41 -32.45 -18.82 37.78
CA GLY D 41 -31.94 -17.67 37.06
C GLY D 41 -31.79 -16.45 37.95
N TYR D 42 -32.09 -16.63 39.24
CA TYR D 42 -31.90 -15.61 40.27
C TYR D 42 -31.20 -16.24 41.47
N SER D 43 -30.59 -15.39 42.29
CA SER D 43 -30.18 -15.82 43.63
C SER D 43 -31.39 -15.85 44.57
N ALA D 44 -31.27 -16.57 45.68
CA ALA D 44 -32.24 -16.41 46.78
C ALA D 44 -32.09 -15.00 47.35
N ASP D 45 -33.04 -14.61 48.21
CA ASP D 45 -32.95 -13.33 48.91
C ASP D 45 -31.57 -13.20 49.56
N ILE D 46 -30.87 -12.12 49.26
CA ILE D 46 -29.56 -11.87 49.87
C ILE D 46 -29.68 -11.89 51.40
N ASN D 47 -28.90 -12.74 52.07
CA ASN D 47 -28.80 -12.66 53.53
C ASN D 47 -27.54 -11.92 53.98
N VAL D 48 -27.75 -10.76 54.59
CA VAL D 48 -26.68 -9.84 54.96
C VAL D 48 -26.02 -10.26 56.26
N ALA D 49 -24.73 -10.02 56.39
CA ALA D 49 -23.99 -10.31 57.62
C ALA D 49 -24.48 -9.45 58.80
N SER D 50 -24.75 -10.08 59.94
CA SER D 50 -25.07 -9.28 61.15
C SER D 50 -23.85 -8.51 61.66
N SER D 51 -22.67 -9.09 61.49
CA SER D 51 -21.41 -8.42 61.83
C SER D 51 -20.28 -8.98 60.98
N LYS D 52 -19.09 -8.38 61.09
CA LYS D 52 -17.94 -8.88 60.33
C LYS D 52 -17.58 -10.30 60.79
N ALA D 53 -17.76 -10.56 62.08
CA ALA D 53 -17.47 -11.88 62.66
C ALA D 53 -18.52 -12.92 62.25
N SER D 54 -19.72 -12.46 61.95
CA SER D 54 -20.83 -13.33 61.61
C SER D 54 -21.36 -13.02 60.22
N ASP D 55 -20.69 -13.57 59.20
CA ASP D 55 -21.03 -13.36 57.81
C ASP D 55 -21.12 -14.75 57.19
N ASN D 56 -22.35 -15.26 57.09
CA ASN D 56 -22.60 -16.61 56.59
C ASN D 56 -23.58 -16.59 55.42
N PRO D 57 -23.12 -16.17 54.23
CA PRO D 57 -24.03 -16.12 53.09
C PRO D 57 -24.52 -17.53 52.71
N ASN D 58 -25.80 -17.65 52.42
CA ASN D 58 -26.34 -18.91 51.90
C ASN D 58 -25.77 -19.23 50.52
N ALA D 59 -25.53 -20.52 50.25
CA ALA D 59 -25.05 -20.96 48.94
C ALA D 59 -25.95 -20.43 47.81
N THR D 60 -27.26 -20.42 48.06
CA THR D 60 -28.26 -19.97 47.10
C THR D 60 -28.24 -18.46 46.84
N THR D 61 -27.49 -17.72 47.66
CA THR D 61 -27.40 -16.28 47.51
C THR D 61 -26.09 -15.85 46.79
N LEU D 62 -25.27 -16.82 46.37
CA LEU D 62 -23.94 -16.49 45.85
C LEU D 62 -23.77 -16.89 44.39
N PRO D 63 -23.73 -15.88 43.49
CA PRO D 63 -23.50 -16.19 42.08
C PRO D 63 -22.13 -16.84 41.83
N THR D 64 -22.15 -17.86 40.97
CA THR D 64 -20.96 -18.66 40.64
C THR D 64 -20.75 -18.67 39.13
N TYR D 65 -19.53 -19.03 38.73
CA TYR D 65 -19.20 -19.12 37.31
C TYR D 65 -19.89 -20.31 36.66
N SER D 66 -20.31 -20.11 35.42
CA SER D 66 -20.76 -21.19 34.54
C SER D 66 -19.56 -21.74 33.79
N VAL D 67 -19.53 -23.05 33.59
CA VAL D 67 -18.50 -23.67 32.76
C VAL D 67 -19.08 -24.89 32.04
N ALA D 68 -18.75 -25.03 30.77
CA ALA D 68 -19.05 -26.25 30.02
C ALA D 68 -17.81 -26.70 29.25
N VAL D 69 -17.69 -28.01 29.08
CA VAL D 69 -16.59 -28.62 28.35
C VAL D 69 -17.16 -29.30 27.11
N ILE D 70 -16.68 -28.89 25.94
CA ILE D 70 -17.16 -29.46 24.68
C ILE D 70 -16.10 -30.44 24.16
N LYS D 71 -16.51 -31.69 23.97
CA LYS D 71 -15.62 -32.70 23.41
C LYS D 71 -15.55 -32.51 21.89
N LEU D 72 -14.35 -32.29 21.37
CA LEU D 72 -14.14 -32.06 19.94
C LEU D 72 -13.75 -33.35 19.21
N PRO D 73 -13.87 -33.37 17.88
CA PRO D 73 -13.50 -34.63 17.20
C PRO D 73 -12.04 -35.02 17.46
N MET D 74 -11.81 -36.33 17.49
CA MET D 74 -10.50 -36.93 17.74
C MET D 74 -9.58 -36.73 16.53
N LEU D 75 -8.36 -36.27 16.77
CA LEU D 75 -7.48 -35.85 15.67
C LEU D 75 -6.32 -36.80 15.35
N ASN D 76 -5.86 -37.52 16.35
CA ASN D 76 -4.64 -38.29 16.19
C ASN D 76 -4.81 -39.82 16.25
N GLU D 77 -4.59 -40.45 15.11
CA GLU D 77 -4.76 -41.89 14.94
C GLU D 77 -3.61 -42.67 15.58
N ASP D 78 -2.40 -42.12 15.52
CA ASP D 78 -1.20 -42.77 16.04
C ASP D 78 -0.43 -41.75 16.88
N MET D 79 -0.34 -41.97 18.17
CA MET D 79 0.33 -41.05 19.04
C MET D 79 1.82 -41.20 19.07
N THR D 80 2.38 -42.02 18.20
CA THR D 80 3.81 -42.11 18.09
C THR D 80 4.40 -41.26 16.97
N CYS D 81 3.57 -40.63 16.16
CA CYS D 81 4.07 -39.90 15.03
C CYS D 81 4.79 -38.62 15.47
N ASP D 82 5.75 -38.16 14.69
CA ASP D 82 6.62 -37.04 15.06
C ASP D 82 5.82 -35.77 15.30
N THR D 83 4.75 -35.57 14.54
CA THR D 83 3.89 -34.45 14.76
C THR D 83 2.46 -34.90 15.00
N LEU D 84 1.69 -34.06 15.66
CA LEU D 84 0.30 -34.32 16.04
C LEU D 84 -0.54 -33.07 15.78
N LEU D 85 -1.85 -33.22 15.85
CA LEU D 85 -2.77 -32.10 15.64
C LEU D 85 -3.53 -31.76 16.91
N MET D 86 -3.83 -30.47 17.07
CA MET D 86 -4.70 -29.98 18.15
C MET D 86 -5.70 -29.01 17.56
N TRP D 87 -6.91 -29.01 18.12
CA TRP D 87 -7.90 -27.99 17.78
C TRP D 87 -7.49 -26.67 18.35
N GLU D 88 -7.52 -25.65 17.51
CA GLU D 88 -7.12 -24.30 17.90
C GLU D 88 -8.33 -23.36 17.80
N ALA D 89 -8.74 -22.76 18.93
CA ALA D 89 -9.87 -21.82 18.89
C ALA D 89 -9.43 -20.51 18.23
N VAL D 90 -10.08 -20.16 17.13
CA VAL D 90 -9.67 -19.02 16.30
C VAL D 90 -10.47 -17.75 16.60
N SER D 91 -11.79 -17.91 16.72
CA SER D 91 -12.70 -16.77 16.90
C SER D 91 -14.00 -17.23 17.55
N VAL D 92 -14.74 -16.29 18.11
CA VAL D 92 -15.99 -16.63 18.79
C VAL D 92 -17.02 -15.52 18.54
N LYS D 93 -18.24 -15.92 18.24
CA LYS D 93 -19.40 -15.03 18.38
C LYS D 93 -20.09 -15.40 19.67
N THR D 94 -20.33 -14.40 20.51
CA THR D 94 -20.97 -14.65 21.80
C THR D 94 -22.03 -13.58 22.08
N GLU D 95 -23.04 -14.00 22.84
CA GLU D 95 -24.25 -13.22 22.99
C GLU D 95 -24.90 -13.54 24.34
N VAL D 96 -25.25 -12.50 25.09
CA VAL D 96 -26.09 -12.66 26.27
C VAL D 96 -27.54 -12.70 25.78
N MET D 97 -28.23 -13.79 26.11
CA MET D 97 -29.59 -14.01 25.59
C MET D 97 -30.67 -13.52 26.56
N GLY D 98 -31.81 -13.11 26.02
CA GLY D 98 -32.96 -12.74 26.85
C GLY D 98 -32.80 -11.37 27.51
N ILE D 99 -31.98 -10.52 26.90
CA ILE D 99 -31.75 -9.17 27.42
C ILE D 99 -33.08 -8.43 27.58
N SER D 100 -33.92 -8.50 26.55
CA SER D 100 -35.17 -7.75 26.54
C SER D 100 -36.20 -8.26 27.56
N SER D 101 -35.88 -9.37 28.23
CA SER D 101 -36.75 -9.83 29.33
C SER D 101 -36.76 -8.83 30.49
N LEU D 102 -35.69 -8.03 30.60
CA LEU D 102 -35.59 -7.02 31.65
C LEU D 102 -36.52 -5.83 31.41
N VAL D 103 -36.98 -5.67 30.18
CA VAL D 103 -37.84 -4.56 29.77
C VAL D 103 -39.25 -4.91 30.21
N ASN D 104 -39.47 -4.86 31.52
CA ASN D 104 -40.67 -5.40 32.13
C ASN D 104 -40.91 -4.56 33.39
N LEU D 105 -42.00 -3.78 33.37
CA LEU D 105 -42.35 -2.91 34.49
C LEU D 105 -43.54 -3.39 35.35
N HIS D 106 -44.05 -4.58 35.06
CA HIS D 106 -45.22 -5.13 35.78
C HIS D 106 -44.89 -6.27 36.71
N GLN D 107 -43.64 -6.72 36.69
CA GLN D 107 -43.21 -7.77 37.58
C GLN D 107 -43.36 -7.33 39.03
N GLY D 108 -43.86 -8.23 39.89
CA GLY D 108 -43.92 -7.96 41.33
C GLY D 108 -42.62 -7.38 41.85
N GLY D 109 -42.72 -6.38 42.72
CA GLY D 109 -41.52 -5.77 43.31
C GLY D 109 -41.80 -4.47 44.04
N LYS D 110 -40.81 -3.57 43.99
CA LYS D 110 -40.87 -2.26 44.64
C LYS D 110 -41.30 -1.23 43.60
N TYR D 111 -42.31 -0.43 43.95
CA TYR D 111 -42.82 0.60 43.04
C TYR D 111 -41.77 1.68 42.82
N ILE D 112 -41.70 2.17 41.58
CA ILE D 112 -40.81 3.26 41.21
C ILE D 112 -41.18 4.52 41.99
N TYR D 113 -42.46 4.86 41.97
CA TYR D 113 -42.98 5.95 42.80
C TYR D 113 -43.93 5.35 43.86
N GLY D 114 -45.21 5.72 43.82
CA GLY D 114 -46.20 5.14 44.71
C GLY D 114 -46.89 3.94 44.09
N SER D 115 -47.94 3.44 44.75
CA SER D 115 -48.57 2.18 44.33
C SER D 115 -49.25 2.22 42.96
N SER D 116 -49.33 3.39 42.31
CA SER D 116 -49.93 3.48 40.97
C SER D 116 -48.95 3.25 39.81
N SER D 117 -47.65 3.20 40.11
CA SER D 117 -46.59 3.16 39.09
C SER D 117 -46.14 1.73 38.77
N GLY D 118 -45.23 1.61 37.80
CA GLY D 118 -44.59 0.33 37.51
C GLY D 118 -43.60 -0.01 38.62
N THR D 119 -43.01 -1.20 38.55
CA THR D 119 -42.01 -1.59 39.55
C THR D 119 -40.59 -1.34 39.06
N ILE D 120 -39.65 -1.22 39.99
CA ILE D 120 -38.27 -0.96 39.64
C ILE D 120 -37.70 -2.18 38.93
N PRO D 121 -37.19 -2.00 37.69
CA PRO D 121 -36.61 -3.14 36.96
C PRO D 121 -35.22 -3.51 37.51
N VAL D 122 -34.66 -4.59 36.98
CA VAL D 122 -33.35 -5.09 37.44
C VAL D 122 -32.28 -4.03 37.23
N GLN D 123 -31.51 -3.74 38.28
CA GLN D 123 -30.48 -2.70 38.24
C GLN D 123 -29.43 -2.87 39.35
N GLY D 124 -28.41 -2.02 39.35
CA GLY D 124 -27.28 -2.15 40.28
C GLY D 124 -26.08 -2.85 39.62
N THR D 125 -25.25 -3.47 40.44
CA THR D 125 -24.01 -4.11 39.99
C THR D 125 -24.20 -5.11 38.85
N THR D 126 -23.38 -4.97 37.80
CA THR D 126 -23.31 -5.97 36.74
C THR D 126 -21.90 -6.55 36.63
N LEU D 127 -21.84 -7.81 36.20
CA LEU D 127 -20.57 -8.49 35.95
C LEU D 127 -20.74 -9.41 34.77
N HIS D 128 -19.99 -9.13 33.70
CA HIS D 128 -20.02 -9.94 32.49
C HIS D 128 -18.66 -10.47 32.22
N MET D 129 -18.59 -11.77 31.96
CA MET D 129 -17.33 -12.40 31.57
C MET D 129 -17.59 -13.61 30.69
N PHE D 130 -16.80 -13.75 29.64
CA PHE D 130 -16.74 -14.99 28.87
C PHE D 130 -15.26 -15.32 28.63
N SER D 131 -14.97 -16.63 28.55
CA SER D 131 -13.64 -17.13 28.23
C SER D 131 -13.74 -18.40 27.39
N VAL D 132 -12.77 -18.56 26.49
CA VAL D 132 -12.64 -19.72 25.62
C VAL D 132 -11.20 -20.20 25.77
N GLY D 133 -11.03 -21.46 26.15
CA GLY D 133 -9.72 -22.00 26.45
C GLY D 133 -9.60 -23.47 26.13
N GLY D 134 -8.36 -23.95 26.10
CA GLY D 134 -8.09 -25.36 25.80
C GLY D 134 -7.86 -26.17 27.06
N GLU D 135 -8.31 -25.62 28.18
CA GLU D 135 -8.13 -26.20 29.52
C GLU D 135 -8.93 -25.32 30.50
N PRO D 136 -9.11 -25.76 31.76
CA PRO D 136 -9.87 -24.92 32.70
C PRO D 136 -9.29 -23.52 32.90
N LEU D 137 -10.17 -22.53 32.98
CA LEU D 137 -9.82 -21.15 33.32
C LEU D 137 -9.12 -21.13 34.68
N GLU D 138 -7.95 -20.50 34.75
CA GLU D 138 -7.20 -20.45 36.01
C GLU D 138 -7.60 -19.24 36.85
N LEU D 139 -7.79 -19.46 38.15
CA LEU D 139 -8.45 -18.49 39.03
C LEU D 139 -7.56 -18.05 40.18
N GLN D 140 -7.76 -16.80 40.63
CA GLN D 140 -7.07 -16.22 41.77
C GLN D 140 -8.09 -15.82 42.84
N GLY D 141 -7.80 -16.18 44.10
CA GLY D 141 -8.73 -15.90 45.20
C GLY D 141 -8.48 -14.53 45.78
N LEU D 142 -9.56 -13.77 45.99
CA LEU D 142 -9.54 -12.48 46.66
C LEU D 142 -10.95 -12.11 47.10
N VAL D 143 -11.10 -11.74 48.38
CA VAL D 143 -12.40 -11.47 48.97
C VAL D 143 -12.49 -10.07 49.60
N ALA D 144 -13.72 -9.58 49.77
CA ALA D 144 -14.00 -8.35 50.50
C ALA D 144 -13.72 -8.50 51.99
N SER D 145 -14.01 -9.68 52.54
CA SER D 145 -13.77 -9.93 53.95
C SER D 145 -13.29 -11.35 54.17
N SER D 146 -12.14 -11.47 54.85
CA SER D 146 -11.51 -12.78 55.12
C SER D 146 -12.17 -13.54 56.28
N THR D 147 -13.08 -12.90 57.00
CA THR D 147 -13.74 -13.53 58.13
C THR D 147 -15.11 -14.10 57.74
N THR D 148 -15.51 -13.90 56.49
CA THR D 148 -16.72 -14.51 55.95
C THR D 148 -16.59 -16.04 56.04
N THR D 149 -17.65 -16.72 56.48
CA THR D 149 -17.72 -18.17 56.40
C THR D 149 -18.57 -18.56 55.21
N TYR D 150 -17.92 -19.13 54.19
CA TYR D 150 -18.62 -19.60 53.00
C TYR D 150 -19.18 -21.02 53.19
N PRO D 151 -20.28 -21.36 52.49
CA PRO D 151 -20.83 -22.71 52.52
C PRO D 151 -19.77 -23.73 52.11
N THR D 152 -19.71 -24.85 52.82
CA THR D 152 -18.64 -25.83 52.58
C THR D 152 -18.80 -26.66 51.30
N ASP D 153 -20.02 -26.74 50.77
N ASP D 153 -20.02 -26.77 50.77
CA ASP D 153 -20.28 -27.45 49.51
CA ASP D 153 -20.23 -27.46 49.50
C ASP D 153 -19.94 -26.60 48.28
C ASP D 153 -19.62 -26.70 48.32
N MET D 154 -19.38 -25.41 48.51
CA MET D 154 -18.85 -24.55 47.43
C MET D 154 -17.32 -24.64 47.46
N VAL D 155 -16.67 -24.18 46.40
CA VAL D 155 -15.21 -24.12 46.40
C VAL D 155 -14.75 -22.69 46.66
N THR D 156 -14.07 -22.50 47.79
CA THR D 156 -13.58 -21.17 48.19
C THR D 156 -12.17 -21.31 48.77
N ILE D 157 -11.60 -20.21 49.27
CA ILE D 157 -10.24 -20.23 49.82
C ILE D 157 -10.20 -20.94 51.17
N LYS D 158 -9.34 -21.94 51.28
CA LYS D 158 -9.16 -22.66 52.53
C LYS D 158 -8.37 -21.81 53.52
N ASN D 159 -8.74 -21.88 54.79
CA ASN D 159 -8.03 -21.21 55.89
C ASN D 159 -7.68 -19.76 55.58
N MET D 160 -8.71 -18.97 55.25
CA MET D 160 -8.53 -17.56 54.94
C MET D 160 -7.87 -16.76 56.07
N LYS D 161 -7.03 -15.81 55.67
CA LYS D 161 -6.47 -14.83 56.58
C LYS D 161 -6.64 -13.46 55.91
N PRO D 162 -6.41 -12.36 56.66
CA PRO D 162 -6.63 -11.03 56.08
C PRO D 162 -5.83 -10.73 54.79
N VAL D 163 -4.72 -11.43 54.57
CA VAL D 163 -3.97 -11.32 53.31
C VAL D 163 -4.89 -11.58 52.10
N ASN D 164 -5.91 -12.42 52.29
CA ASN D 164 -6.88 -12.78 51.23
C ASN D 164 -7.86 -11.68 50.82
N GLN D 165 -7.79 -10.55 51.53
CA GLN D 165 -8.44 -9.31 51.11
C GLN D 165 -7.62 -8.58 50.02
N ALA D 166 -6.39 -9.09 49.80
CA ALA D 166 -5.50 -8.59 48.74
C ALA D 166 -4.93 -9.81 48.02
N LEU D 167 -3.72 -9.69 47.47
CA LEU D 167 -3.16 -10.80 46.70
C LEU D 167 -2.35 -11.76 47.56
N ASP D 168 -2.89 -12.96 47.72
CA ASP D 168 -2.17 -14.09 48.29
C ASP D 168 -1.85 -15.05 47.14
N PRO D 169 -0.55 -15.24 46.83
CA PRO D 169 -0.15 -16.08 45.70
C PRO D 169 -0.52 -17.55 45.86
N ASN D 170 -0.87 -17.98 47.06
CA ASN D 170 -1.29 -19.37 47.28
C ASN D 170 -2.77 -19.62 47.08
N ALA D 171 -3.55 -18.56 46.89
CA ALA D 171 -5.00 -18.70 46.72
C ALA D 171 -5.34 -18.86 45.23
N LYS D 172 -5.04 -20.05 44.70
CA LYS D 172 -5.24 -20.38 43.29
C LYS D 172 -6.25 -21.50 43.14
N ALA D 173 -6.97 -21.50 42.02
CA ALA D 173 -7.89 -22.57 41.68
C ALA D 173 -8.05 -22.71 40.18
N LEU D 174 -8.74 -23.77 39.79
CA LEU D 174 -9.13 -24.01 38.40
C LEU D 174 -10.65 -24.01 38.35
N LEU D 175 -11.22 -23.32 37.36
CA LEU D 175 -12.66 -23.35 37.15
C LEU D 175 -13.01 -24.67 36.46
N ASP D 176 -13.18 -25.71 37.28
CA ASP D 176 -13.39 -27.05 36.78
C ASP D 176 -14.76 -27.63 37.14
N LYS D 177 -15.63 -26.80 37.72
CA LYS D 177 -16.99 -27.23 38.09
C LYS D 177 -18.00 -26.12 37.84
N ASP D 178 -19.13 -26.47 37.26
CA ASP D 178 -20.21 -25.50 37.00
C ASP D 178 -20.96 -25.20 38.31
N GLY D 179 -21.31 -23.94 38.51
CA GLY D 179 -22.07 -23.52 39.69
C GLY D 179 -21.45 -23.85 41.03
N LYS D 180 -20.13 -23.68 41.16
CA LYS D 180 -19.42 -24.00 42.41
C LYS D 180 -18.43 -22.94 42.91
N TYR D 181 -17.87 -22.17 41.98
CA TYR D 181 -16.87 -21.13 42.29
C TYR D 181 -17.54 -19.76 42.31
N PRO D 182 -17.72 -19.17 43.51
CA PRO D 182 -18.39 -17.85 43.58
C PRO D 182 -17.56 -16.72 42.98
N VAL D 183 -18.24 -15.81 42.26
CA VAL D 183 -17.54 -14.69 41.63
C VAL D 183 -16.89 -13.74 42.65
N GLU D 184 -17.49 -13.62 43.84
CA GLU D 184 -16.97 -12.71 44.85
C GLU D 184 -15.74 -13.29 45.55
N VAL D 185 -15.37 -14.52 45.19
CA VAL D 185 -14.14 -15.16 45.72
C VAL D 185 -13.04 -15.30 44.65
N TRP D 186 -13.44 -15.63 43.43
CA TRP D 186 -12.47 -15.96 42.38
C TRP D 186 -12.59 -15.07 41.19
N SER D 187 -11.45 -14.68 40.62
CA SER D 187 -11.42 -13.96 39.35
C SER D 187 -10.32 -14.56 38.46
N PRO D 188 -10.36 -14.31 37.12
CA PRO D 188 -9.30 -14.91 36.28
C PRO D 188 -7.90 -14.50 36.71
N ASP D 189 -6.97 -15.46 36.72
CA ASP D 189 -5.60 -15.20 37.13
C ASP D 189 -4.78 -14.72 35.92
N PRO D 190 -4.39 -13.43 35.89
CA PRO D 190 -3.67 -12.90 34.73
C PRO D 190 -2.20 -13.33 34.67
N SER D 191 -1.72 -13.94 35.76
CA SER D 191 -0.37 -14.50 35.79
C SER D 191 -0.29 -15.90 35.16
N LYS D 192 -1.44 -16.49 34.88
CA LYS D 192 -1.48 -17.75 34.12
C LYS D 192 -2.34 -17.57 32.89
N ASN D 193 -3.16 -18.56 32.56
CA ASN D 193 -4.10 -18.48 31.42
C ASN D 193 -3.45 -18.17 30.07
N GLU D 194 -2.27 -18.73 29.83
CA GLU D 194 -1.64 -18.63 28.50
C GLU D 194 -2.46 -19.34 27.42
N ASN D 195 -3.26 -20.31 27.83
CA ASN D 195 -4.00 -21.14 26.88
C ASN D 195 -5.51 -20.91 26.96
N THR D 196 -5.90 -19.75 27.50
CA THR D 196 -7.27 -19.34 27.58
C THR D 196 -7.29 -17.85 27.23
N ARG D 197 -8.36 -17.41 26.58
CA ARG D 197 -8.61 -15.98 26.38
C ARG D 197 -9.86 -15.60 27.17
N TYR D 198 -9.75 -14.63 28.06
CA TYR D 198 -10.91 -14.20 28.88
C TYR D 198 -11.18 -12.70 28.72
N TYR D 199 -12.45 -12.32 28.82
CA TYR D 199 -12.91 -10.96 28.59
C TYR D 199 -13.94 -10.62 29.65
N GLY D 200 -13.69 -9.56 30.40
CA GLY D 200 -14.58 -9.23 31.49
C GLY D 200 -14.91 -7.75 31.59
N SER D 201 -16.07 -7.49 32.17
CA SER D 201 -16.54 -6.14 32.38
C SER D 201 -17.38 -6.02 33.65
N PHE D 202 -17.11 -4.97 34.43
CA PHE D 202 -17.79 -4.74 35.72
C PHE D 202 -18.23 -3.29 35.87
N THR D 203 -19.48 -3.11 36.29
CA THR D 203 -19.96 -1.82 36.77
C THR D 203 -20.68 -2.03 38.09
N GLY D 204 -20.29 -1.28 39.12
CA GLY D 204 -20.81 -1.49 40.46
C GLY D 204 -21.98 -0.59 40.81
N GLY D 205 -22.13 -0.29 42.09
CA GLY D 205 -23.27 0.50 42.57
C GLY D 205 -24.49 -0.35 42.87
N ALA D 206 -25.47 0.27 43.51
CA ALA D 206 -26.66 -0.42 43.97
C ALA D 206 -27.86 -0.17 43.06
N THR D 207 -27.84 0.91 42.29
CA THR D 207 -29.00 1.23 41.44
C THR D 207 -28.62 1.60 40.02
N THR D 208 -27.36 1.40 39.63
CA THR D 208 -26.87 1.70 38.28
C THR D 208 -27.72 1.00 37.20
N PRO D 209 -28.16 1.75 36.17
CA PRO D 209 -28.85 1.12 35.03
C PRO D 209 -27.92 0.15 34.30
N PRO D 210 -28.36 -1.11 34.06
CA PRO D 210 -27.58 -2.05 33.23
C PRO D 210 -27.55 -1.56 31.79
N VAL D 211 -26.44 -1.84 31.09
CA VAL D 211 -26.30 -1.47 29.68
C VAL D 211 -25.80 -2.73 28.97
N MET D 212 -26.48 -3.13 27.89
CA MET D 212 -26.08 -4.31 27.12
C MET D 212 -26.41 -4.16 25.64
N GLN D 213 -25.60 -4.82 24.81
CA GLN D 213 -25.80 -4.85 23.38
C GLN D 213 -26.12 -6.28 22.97
N PHE D 214 -26.79 -6.41 21.83
CA PHE D 214 -26.98 -7.71 21.21
C PHE D 214 -27.01 -7.58 19.69
N THR D 215 -26.35 -8.52 19.02
CA THR D 215 -26.16 -8.47 17.56
C THR D 215 -25.57 -9.80 17.09
N ASN D 216 -25.72 -10.09 15.80
CA ASN D 216 -24.99 -11.22 15.25
C ASN D 216 -23.94 -10.77 14.24
N SER D 217 -23.52 -9.51 14.37
CA SER D 217 -22.57 -8.91 13.41
C SER D 217 -21.14 -8.84 13.95
N VAL D 218 -20.93 -9.26 15.20
CA VAL D 218 -19.67 -9.05 15.89
C VAL D 218 -18.95 -10.36 16.24
N THR D 219 -17.67 -10.43 15.88
CA THR D 219 -16.82 -11.58 16.17
C THR D 219 -15.60 -11.17 16.98
N THR D 220 -15.16 -12.02 17.91
CA THR D 220 -13.92 -11.77 18.65
C THR D 220 -12.87 -12.76 18.20
N VAL D 221 -11.69 -12.25 17.81
CA VAL D 221 -10.58 -13.09 17.39
C VAL D 221 -9.78 -13.55 18.62
N LEU D 222 -9.49 -14.84 18.70
CA LEU D 222 -8.89 -15.42 19.90
C LEU D 222 -7.38 -15.63 19.82
N LEU D 223 -6.80 -15.30 18.67
CA LEU D 223 -5.38 -15.49 18.41
C LEU D 223 -4.55 -14.54 19.28
N ASP D 224 -3.42 -15.02 19.80
CA ASP D 224 -2.51 -14.18 20.57
C ASP D 224 -1.59 -13.40 19.62
N GLU D 225 -0.55 -12.78 20.17
CA GLU D 225 0.32 -11.90 19.38
C GLU D 225 1.18 -12.69 18.41
N ASN D 226 1.26 -14.01 18.61
CA ASN D 226 1.96 -14.90 17.69
C ASN D 226 1.02 -15.60 16.69
N GLY D 227 -0.23 -15.15 16.63
CA GLY D 227 -1.26 -15.76 15.78
C GLY D 227 -1.74 -17.15 16.21
N VAL D 228 -1.59 -17.46 17.50
CA VAL D 228 -1.98 -18.75 18.04
C VAL D 228 -3.15 -18.61 19.02
N GLY D 229 -4.24 -19.33 18.73
CA GLY D 229 -5.39 -19.37 19.61
C GLY D 229 -5.21 -20.45 20.66
N PRO D 230 -6.15 -20.52 21.64
CA PRO D 230 -6.12 -21.60 22.64
C PRO D 230 -6.06 -22.99 21.97
N LEU D 231 -5.23 -23.87 22.51
CA LEU D 231 -5.07 -25.21 21.96
C LEU D 231 -5.73 -26.22 22.89
N CYS D 232 -6.64 -27.02 22.35
CA CYS D 232 -7.53 -27.86 23.16
C CYS D 232 -6.90 -29.16 23.61
N LYS D 233 -6.40 -29.18 24.85
CA LYS D 233 -5.76 -30.38 25.40
C LYS D 233 -6.76 -31.51 25.54
N GLY D 234 -6.35 -32.71 25.14
CA GLY D 234 -7.24 -33.86 25.12
C GLY D 234 -8.49 -33.66 24.27
N ASP D 235 -8.42 -32.72 23.33
CA ASP D 235 -9.55 -32.41 22.43
C ASP D 235 -10.77 -31.85 23.15
N LYS D 236 -10.53 -31.14 24.26
CA LYS D 236 -11.57 -30.53 25.07
C LYS D 236 -11.51 -29.01 24.98
N LEU D 237 -12.67 -28.41 24.73
CA LEU D 237 -12.83 -26.98 24.64
C LEU D 237 -13.61 -26.48 25.86
N PHE D 238 -13.04 -25.51 26.57
CA PHE D 238 -13.62 -25.00 27.80
C PHE D 238 -14.25 -23.63 27.57
N LEU D 239 -15.55 -23.55 27.83
CA LEU D 239 -16.31 -22.30 27.76
C LEU D 239 -16.76 -21.94 29.17
N SER D 240 -16.46 -20.70 29.59
CA SER D 240 -16.83 -20.20 30.91
C SER D 240 -17.49 -18.83 30.79
N ALA D 241 -18.36 -18.53 31.73
CA ALA D 241 -19.15 -17.31 31.69
C ALA D 241 -19.73 -16.96 33.04
N VAL D 242 -19.99 -15.66 33.21
CA VAL D 242 -20.96 -15.18 34.20
C VAL D 242 -21.57 -13.92 33.62
N ASP D 243 -22.87 -13.75 33.81
CA ASP D 243 -23.56 -12.59 33.30
C ASP D 243 -24.62 -12.18 34.29
N ILE D 244 -24.15 -11.54 35.37
CA ILE D 244 -25.01 -10.91 36.36
C ILE D 244 -25.45 -9.59 35.76
N VAL D 245 -26.76 -9.42 35.57
CA VAL D 245 -27.27 -8.22 34.91
C VAL D 245 -27.88 -7.22 35.89
N GLY D 246 -27.82 -7.56 37.18
CA GLY D 246 -28.20 -6.66 38.24
C GLY D 246 -28.94 -7.35 39.37
N ILE D 247 -29.73 -6.55 40.08
CA ILE D 247 -30.45 -6.95 41.28
C ILE D 247 -31.93 -6.63 41.09
N HIS D 248 -32.78 -7.60 41.38
CA HIS D 248 -34.20 -7.33 41.46
C HIS D 248 -34.57 -7.11 42.88
N THR D 249 -35.35 -6.05 43.12
CA THR D 249 -35.83 -5.75 44.46
C THR D 249 -37.30 -6.11 44.60
N ASN D 250 -37.60 -6.90 45.63
CA ASN D 250 -38.94 -7.37 45.95
C ASN D 250 -39.78 -6.32 46.72
N TYR D 251 -41.08 -6.55 46.85
CA TYR D 251 -41.92 -5.59 47.59
C TYR D 251 -41.40 -5.34 49.02
N SER D 252 -40.96 -6.40 49.68
CA SER D 252 -40.45 -6.31 51.05
C SER D 252 -39.05 -5.72 51.12
N GLU D 253 -38.46 -5.42 49.96
CA GLU D 253 -37.11 -4.84 49.84
C GLU D 253 -36.00 -5.89 49.95
N SER D 254 -36.37 -7.15 50.06
CA SER D 254 -35.41 -8.22 49.85
C SER D 254 -34.95 -8.18 48.39
N GLN D 255 -33.81 -8.78 48.10
CA GLN D 255 -33.18 -8.60 46.81
C GLN D 255 -32.54 -9.88 46.28
N ASN D 256 -32.66 -10.06 44.96
CA ASN D 256 -32.15 -11.23 44.27
C ASN D 256 -31.24 -10.80 43.10
N TRP D 257 -30.05 -11.40 43.02
CA TRP D 257 -29.24 -11.28 41.82
C TRP D 257 -30.00 -11.86 40.64
N ARG D 258 -29.86 -11.24 39.48
CA ARG D 258 -30.44 -11.76 38.24
C ARG D 258 -29.32 -12.00 37.22
N GLY D 259 -29.30 -13.20 36.65
CA GLY D 259 -28.37 -13.55 35.58
C GLY D 259 -29.08 -13.95 34.30
N LEU D 260 -28.34 -13.93 33.19
CA LEU D 260 -28.88 -14.34 31.89
C LEU D 260 -27.92 -15.34 31.23
N PRO D 261 -28.45 -16.22 30.37
CA PRO D 261 -27.59 -17.22 29.73
C PRO D 261 -26.75 -16.61 28.62
N ARG D 262 -25.64 -17.27 28.29
CA ARG D 262 -24.72 -16.81 27.27
C ARG D 262 -24.55 -17.87 26.16
N TYR D 263 -24.60 -17.41 24.92
CA TYR D 263 -24.41 -18.25 23.74
C TYR D 263 -22.97 -18.10 23.23
N PHE D 264 -22.41 -19.18 22.70
CA PHE D 264 -21.06 -19.21 22.15
C PHE D 264 -21.17 -19.89 20.79
N ASN D 265 -20.51 -19.31 19.77
CA ASN D 265 -20.24 -20.00 18.52
C ASN D 265 -18.75 -19.84 18.27
N VAL D 266 -18.01 -20.94 18.44
CA VAL D 266 -16.55 -20.92 18.32
C VAL D 266 -16.12 -21.60 17.00
N THR D 267 -15.25 -20.93 16.25
CA THR D 267 -14.64 -21.52 15.06
C THR D 267 -13.25 -22.06 15.42
N LEU D 268 -12.99 -23.31 15.06
CA LEU D 268 -11.71 -23.94 15.35
C LEU D 268 -11.02 -24.47 14.09
N ARG D 269 -9.69 -24.52 14.13
CA ARG D 269 -8.89 -25.05 13.02
C ARG D 269 -7.89 -26.04 13.60
N LYS D 270 -7.29 -26.84 12.72
CA LYS D 270 -6.27 -27.79 13.13
C LYS D 270 -4.89 -27.12 13.12
N ARG D 271 -4.16 -27.30 14.23
CA ARG D 271 -2.83 -26.76 14.37
C ARG D 271 -1.84 -27.91 14.55
N VAL D 272 -0.76 -27.92 13.78
CA VAL D 272 0.32 -28.90 13.95
C VAL D 272 1.16 -28.57 15.19
N VAL D 273 1.35 -29.57 16.04
CA VAL D 273 2.26 -29.46 17.18
C VAL D 273 3.30 -30.56 17.15
N LYS D 274 4.48 -30.25 17.65
CA LYS D 274 5.56 -31.22 17.82
C LYS D 274 5.16 -32.19 18.93
N ASN D 275 5.24 -33.49 18.63
CA ASN D 275 4.92 -34.53 19.59
C ASN D 275 5.93 -34.55 20.75
N PRO D 276 5.42 -34.31 21.98
CA PRO D 276 6.29 -34.23 23.17
C PRO D 276 6.97 -35.55 23.58
N VAL E 7 -28.75 -24.11 0.25
CA VAL E 7 -28.58 -23.33 -1.02
C VAL E 7 -27.13 -22.86 -1.18
N GLU E 8 -26.48 -23.31 -2.24
CA GLU E 8 -25.12 -22.87 -2.56
C GLU E 8 -25.18 -21.47 -3.14
N VAL E 9 -24.41 -20.56 -2.57
CA VAL E 9 -24.39 -19.16 -2.99
C VAL E 9 -23.23 -18.95 -3.95
N LEU E 10 -23.51 -18.36 -5.11
CA LEU E 10 -22.48 -18.08 -6.11
C LEU E 10 -22.14 -16.57 -6.17
N GLU E 11 -21.75 -16.07 -7.33
CA GLU E 11 -21.25 -14.70 -7.42
C GLU E 11 -22.37 -13.65 -7.51
N VAL E 12 -22.00 -12.39 -7.27
CA VAL E 12 -22.89 -11.25 -7.50
C VAL E 12 -23.09 -11.04 -9.00
N ARG E 13 -24.33 -10.75 -9.38
CA ARG E 13 -24.66 -10.49 -10.77
C ARG E 13 -24.40 -9.03 -11.08
N THR E 14 -23.55 -8.76 -12.07
CA THR E 14 -23.23 -7.39 -12.45
C THR E 14 -24.17 -6.92 -13.56
N GLY E 15 -23.99 -5.67 -14.01
CA GLY E 15 -24.73 -5.15 -15.16
C GLY E 15 -25.66 -4.02 -14.78
N PRO E 16 -26.39 -3.48 -15.77
CA PRO E 16 -27.41 -2.47 -15.45
C PRO E 16 -28.58 -3.10 -14.69
N ASP E 17 -29.29 -2.30 -13.92
CA ASP E 17 -30.45 -2.76 -13.16
C ASP E 17 -30.13 -3.91 -12.20
N ALA E 18 -28.87 -4.03 -11.78
CA ALA E 18 -28.44 -5.04 -10.83
C ALA E 18 -28.74 -4.65 -9.39
N ILE E 19 -29.09 -3.38 -9.18
CA ILE E 19 -29.26 -2.78 -7.85
C ILE E 19 -30.68 -2.22 -7.70
N THR E 20 -31.26 -2.41 -6.51
CA THR E 20 -32.50 -1.72 -6.17
C THR E 20 -32.47 -1.19 -4.75
N GLN E 21 -33.40 -0.27 -4.45
CA GLN E 21 -33.51 0.35 -3.16
C GLN E 21 -34.95 0.38 -2.73
N ILE E 22 -35.21 0.08 -1.47
CA ILE E 22 -36.54 0.27 -0.91
C ILE E 22 -36.47 1.12 0.35
N GLU E 23 -37.58 1.77 0.66
CA GLU E 23 -37.72 2.44 1.92
C GLU E 23 -39.05 2.12 2.54
N ALA E 24 -39.09 2.09 3.87
CA ALA E 24 -40.28 1.76 4.63
C ALA E 24 -40.15 2.32 6.04
N TYR E 25 -41.29 2.49 6.72
CA TYR E 25 -41.26 2.82 8.15
C TYR E 25 -42.14 1.84 8.90
N LEU E 26 -41.81 1.61 10.16
CA LEU E 26 -42.58 0.72 11.03
C LEU E 26 -43.04 1.55 12.22
N ASN E 27 -44.36 1.67 12.37
CA ASN E 27 -44.94 2.32 13.54
C ASN E 27 -44.77 1.46 14.78
N PRO E 28 -44.57 2.09 15.94
CA PRO E 28 -44.31 1.33 17.15
C PRO E 28 -45.53 0.58 17.63
N ARG E 29 -45.30 -0.51 18.35
CA ARG E 29 -46.38 -1.33 18.88
C ARG E 29 -46.20 -1.49 20.38
N MET E 30 -46.54 -0.42 21.11
CA MET E 30 -46.31 -0.35 22.54
C MET E 30 -47.44 -0.95 23.35
N GLY E 31 -48.57 -1.21 22.69
CA GLY E 31 -49.75 -1.76 23.38
C GLY E 31 -51.03 -1.15 22.88
N ASN E 32 -51.06 0.18 22.76
CA ASN E 32 -52.11 0.86 22.01
C ASN E 32 -51.64 0.92 20.58
N ASN E 33 -52.10 -0.05 19.79
CA ASN E 33 -51.53 -0.35 18.48
C ASN E 33 -52.45 -0.01 17.31
N ASN E 34 -53.60 0.57 17.62
CA ASN E 34 -54.55 1.04 16.62
C ASN E 34 -54.40 2.57 16.55
N PRO E 35 -54.22 3.12 15.33
CA PRO E 35 -54.07 4.58 15.12
C PRO E 35 -55.22 5.44 15.66
N THR E 36 -56.38 4.84 15.94
CA THR E 36 -57.46 5.58 16.55
C THR E 36 -57.35 5.58 18.07
N ASP E 37 -56.47 4.75 18.63
CA ASP E 37 -56.29 4.74 20.10
C ASP E 37 -55.82 6.11 20.58
N GLU E 38 -56.46 6.62 21.63
CA GLU E 38 -56.09 7.90 22.20
C GLU E 38 -54.59 7.96 22.57
N LEU E 39 -54.06 6.86 23.09
CA LEU E 39 -52.64 6.77 23.45
C LEU E 39 -51.81 5.93 22.46
N TYR E 40 -52.17 6.01 21.18
CA TYR E 40 -51.40 5.34 20.11
C TYR E 40 -49.93 5.73 20.27
N GLY E 41 -49.04 4.74 20.17
CA GLY E 41 -47.62 4.97 20.38
C GLY E 41 -47.19 4.94 21.85
N TYR E 42 -48.12 4.61 22.73
CA TYR E 42 -47.80 4.32 24.14
C TYR E 42 -48.44 2.98 24.54
N SER E 43 -47.96 2.39 25.64
CA SER E 43 -48.68 1.31 26.27
C SER E 43 -49.80 1.90 27.13
N ALA E 44 -50.77 1.08 27.53
CA ALA E 44 -51.73 1.52 28.52
C ALA E 44 -51.01 1.60 29.86
N ASP E 45 -51.65 2.22 30.86
CA ASP E 45 -51.08 2.30 32.22
C ASP E 45 -50.63 0.90 32.61
N ILE E 46 -49.37 0.77 33.02
CA ILE E 46 -48.82 -0.52 33.44
C ILE E 46 -49.69 -1.03 34.58
N ASN E 47 -50.28 -2.22 34.42
CA ASN E 47 -50.94 -2.89 35.54
C ASN E 47 -49.98 -3.91 36.18
N VAL E 48 -49.65 -3.67 37.44
CA VAL E 48 -48.58 -4.40 38.11
C VAL E 48 -49.07 -5.67 38.80
N ALA E 49 -48.24 -6.72 38.80
CA ALA E 49 -48.49 -7.94 39.57
C ALA E 49 -48.67 -7.67 41.07
N SER E 50 -49.70 -8.25 41.68
CA SER E 50 -49.86 -8.17 43.13
C SER E 50 -48.88 -9.11 43.82
N SER E 51 -48.50 -10.20 43.14
CA SER E 51 -47.56 -11.20 43.68
C SER E 51 -46.86 -11.94 42.54
N LYS E 52 -45.91 -12.81 42.87
CA LYS E 52 -45.29 -13.65 41.82
C LYS E 52 -46.31 -14.56 41.14
N ALA E 53 -47.21 -15.14 41.95
CA ALA E 53 -48.24 -16.04 41.46
C ALA E 53 -49.31 -15.32 40.66
N SER E 54 -49.57 -14.06 40.99
CA SER E 54 -50.68 -13.35 40.36
C SER E 54 -50.16 -12.17 39.54
N ASP E 55 -49.93 -12.44 38.26
CA ASP E 55 -49.32 -11.47 37.37
C ASP E 55 -49.96 -11.60 35.99
N ASN E 56 -50.94 -10.75 35.71
CA ASN E 56 -51.74 -10.86 34.47
C ASN E 56 -51.70 -9.56 33.68
N PRO E 57 -50.57 -9.29 33.00
CA PRO E 57 -50.45 -8.02 32.29
C PRO E 57 -51.46 -7.91 31.16
N ASN E 58 -52.08 -6.74 31.03
CA ASN E 58 -52.99 -6.48 29.93
C ASN E 58 -52.21 -6.41 28.62
N ALA E 59 -52.80 -6.94 27.55
CA ALA E 59 -52.14 -6.89 26.23
C ALA E 59 -51.73 -5.45 25.88
N THR E 60 -52.58 -4.49 26.25
CA THR E 60 -52.28 -3.09 25.94
C THR E 60 -51.11 -2.50 26.72
N THR E 61 -50.54 -3.27 27.65
CA THR E 61 -49.46 -2.75 28.48
C THR E 61 -48.11 -3.36 28.10
N LEU E 62 -48.12 -4.24 27.09
CA LEU E 62 -46.93 -5.01 26.71
C LEU E 62 -46.39 -4.65 25.31
N PRO E 63 -45.26 -3.93 25.24
CA PRO E 63 -44.65 -3.62 23.95
C PRO E 63 -44.28 -4.88 23.17
N THR E 64 -44.56 -4.86 21.87
CA THR E 64 -44.27 -5.98 20.99
C THR E 64 -43.35 -5.56 19.86
N TYR E 65 -42.77 -6.52 19.14
CA TYR E 65 -41.94 -6.20 18.00
C TYR E 65 -42.80 -5.74 16.81
N SER E 66 -42.28 -4.76 16.08
CA SER E 66 -42.86 -4.38 14.81
C SER E 66 -42.23 -5.25 13.73
N VAL E 67 -43.00 -5.60 12.71
CA VAL E 67 -42.44 -6.33 11.54
C VAL E 67 -43.22 -5.98 10.29
N ALA E 68 -42.52 -5.78 9.18
CA ALA E 68 -43.15 -5.63 7.87
C ALA E 68 -42.42 -6.49 6.81
N VAL E 69 -43.19 -7.00 5.86
CA VAL E 69 -42.62 -7.77 4.74
C VAL E 69 -42.72 -6.92 3.48
N ILE E 70 -41.58 -6.65 2.86
CA ILE E 70 -41.55 -5.87 1.62
C ILE E 70 -41.42 -6.85 0.44
N LYS E 71 -42.36 -6.79 -0.49
CA LYS E 71 -42.31 -7.67 -1.66
C LYS E 71 -41.42 -7.05 -2.74
N LEU E 72 -40.36 -7.76 -3.12
CA LEU E 72 -39.37 -7.26 -4.08
C LEU E 72 -39.71 -7.69 -5.50
N PRO E 73 -39.22 -6.93 -6.52
CA PRO E 73 -39.49 -7.32 -7.90
C PRO E 73 -39.10 -8.78 -8.15
N MET E 74 -39.96 -9.50 -8.85
CA MET E 74 -39.74 -10.91 -9.16
C MET E 74 -38.47 -11.07 -10.00
N LEU E 75 -37.65 -12.05 -9.66
CA LEU E 75 -36.37 -12.20 -10.34
C LEU E 75 -36.32 -13.37 -11.31
N ASN E 76 -37.05 -14.43 -11.00
CA ASN E 76 -36.93 -15.64 -11.78
C ASN E 76 -38.23 -15.98 -12.52
N GLU E 77 -38.29 -15.66 -13.81
CA GLU E 77 -39.49 -16.02 -14.58
C GLU E 77 -39.48 -17.48 -14.94
N ASP E 78 -38.37 -18.15 -14.71
CA ASP E 78 -38.25 -19.57 -15.01
C ASP E 78 -37.52 -20.26 -13.86
N MET E 79 -38.27 -20.97 -13.02
CA MET E 79 -37.70 -21.60 -11.88
C MET E 79 -37.02 -22.91 -12.20
N THR E 80 -36.74 -23.15 -13.47
CA THR E 80 -36.04 -24.39 -13.82
C THR E 80 -34.55 -24.22 -14.06
N CYS E 81 -34.09 -23.02 -14.46
CA CYS E 81 -32.68 -22.80 -14.77
C CYS E 81 -31.75 -23.28 -13.73
N ASP E 82 -30.53 -23.55 -14.14
CA ASP E 82 -29.61 -24.18 -13.24
C ASP E 82 -29.10 -23.21 -12.20
N THR E 83 -29.21 -21.94 -12.51
CA THR E 83 -28.97 -20.90 -11.54
C THR E 83 -30.15 -19.96 -11.46
N LEU E 84 -30.37 -19.43 -10.26
CA LEU E 84 -31.43 -18.45 -10.02
C LEU E 84 -30.81 -17.20 -9.42
N LEU E 85 -31.60 -16.13 -9.36
CA LEU E 85 -31.19 -14.90 -8.70
C LEU E 85 -31.97 -14.70 -7.42
N MET E 86 -31.29 -14.18 -6.39
CA MET E 86 -31.94 -13.71 -5.18
C MET E 86 -31.50 -12.29 -4.89
N TRP E 87 -32.43 -11.49 -4.37
CA TRP E 87 -32.13 -10.18 -3.86
C TRP E 87 -31.31 -10.29 -2.61
N GLU E 88 -30.19 -9.55 -2.58
CA GLU E 88 -29.26 -9.55 -1.46
C GLU E 88 -29.27 -8.17 -0.84
N ALA E 89 -29.61 -8.10 0.45
CA ALA E 89 -29.57 -6.85 1.21
C ALA E 89 -28.11 -6.51 1.50
N VAL E 90 -27.63 -5.41 0.94
CA VAL E 90 -26.21 -5.05 1.05
C VAL E 90 -25.94 -4.06 2.20
N SER E 91 -26.83 -3.08 2.33
CA SER E 91 -26.66 -2.01 3.30
C SER E 91 -28.01 -1.39 3.65
N VAL E 92 -28.04 -0.70 4.79
CA VAL E 92 -29.24 -0.05 5.31
C VAL E 92 -28.92 1.29 5.99
N LYS E 93 -29.67 2.32 5.62
CA LYS E 93 -29.75 3.55 6.40
C LYS E 93 -31.03 3.47 7.20
N THR E 94 -30.91 3.57 8.52
CA THR E 94 -32.08 3.46 9.39
C THR E 94 -32.11 4.60 10.42
N GLU E 95 -33.31 5.08 10.75
CA GLU E 95 -33.46 6.28 11.57
C GLU E 95 -34.68 6.12 12.50
N VAL E 96 -34.51 6.45 13.78
CA VAL E 96 -35.62 6.55 14.72
C VAL E 96 -36.17 7.94 14.56
N MET E 97 -37.44 8.02 14.16
CA MET E 97 -38.05 9.29 13.77
C MET E 97 -38.81 9.95 14.92
N GLY E 98 -38.87 11.27 14.93
CA GLY E 98 -39.61 11.99 15.97
C GLY E 98 -38.93 12.06 17.32
N ILE E 99 -37.60 11.89 17.33
CA ILE E 99 -36.85 11.94 18.58
C ILE E 99 -37.09 13.25 19.35
N SER E 100 -37.17 14.35 18.62
CA SER E 100 -37.28 15.67 19.25
C SER E 100 -38.68 15.88 19.88
N SER E 101 -39.62 14.97 19.57
CA SER E 101 -40.92 14.99 20.25
C SER E 101 -40.80 14.80 21.78
N LEU E 102 -39.75 14.11 22.24
CA LEU E 102 -39.47 14.00 23.68
C LEU E 102 -39.07 15.31 24.35
N VAL E 103 -38.63 16.28 23.55
CA VAL E 103 -38.11 17.55 24.06
C VAL E 103 -39.29 18.46 24.40
N ASN E 104 -39.94 18.12 25.52
CA ASN E 104 -41.30 18.59 25.82
C ASN E 104 -41.47 18.54 27.33
N LEU E 105 -41.60 19.72 27.92
CA LEU E 105 -41.74 19.86 29.36
C LEU E 105 -43.13 20.27 29.81
N HIS E 106 -44.10 20.30 28.89
CA HIS E 106 -45.42 20.80 29.22
C HIS E 106 -46.49 19.72 29.18
N GLN E 107 -46.18 18.55 28.64
CA GLN E 107 -47.14 17.44 28.65
C GLN E 107 -47.62 17.16 30.09
N GLY E 108 -48.93 16.91 30.25
CA GLY E 108 -49.47 16.57 31.56
C GLY E 108 -48.71 15.41 32.16
N GLY E 109 -48.36 15.51 33.45
CA GLY E 109 -47.63 14.43 34.10
C GLY E 109 -47.21 14.71 35.52
N LYS E 110 -46.05 14.16 35.89
CA LYS E 110 -45.48 14.36 37.21
C LYS E 110 -44.52 15.54 37.17
N TYR E 111 -44.71 16.51 38.06
CA TYR E 111 -43.82 17.67 38.13
C TYR E 111 -42.37 17.29 38.50
N ILE E 112 -41.39 17.92 37.81
CA ILE E 112 -39.98 17.72 38.14
C ILE E 112 -39.70 18.11 39.60
N TYR E 113 -40.16 19.30 40.00
CA TYR E 113 -40.08 19.74 41.39
C TYR E 113 -41.51 19.88 41.88
N GLY E 114 -41.89 21.06 42.35
CA GLY E 114 -43.28 21.31 42.78
C GLY E 114 -44.12 21.75 41.60
N SER E 115 -45.35 22.16 41.87
CA SER E 115 -46.35 22.45 40.83
C SER E 115 -46.05 23.65 39.91
N SER E 116 -44.98 24.38 40.19
CA SER E 116 -44.58 25.52 39.36
C SER E 116 -43.59 25.14 38.23
N SER E 117 -43.08 23.91 38.26
CA SER E 117 -42.05 23.46 37.30
C SER E 117 -42.63 22.72 36.08
N GLY E 118 -41.76 22.44 35.10
CA GLY E 118 -42.11 21.56 34.00
C GLY E 118 -42.34 20.13 34.49
N THR E 119 -42.80 19.25 33.61
CA THR E 119 -43.03 17.86 33.99
C THR E 119 -41.87 16.96 33.58
N ILE E 120 -41.74 15.82 34.26
CA ILE E 120 -40.69 14.86 33.96
C ILE E 120 -40.91 14.28 32.57
N PRO E 121 -39.90 14.41 31.68
CA PRO E 121 -40.03 13.87 30.31
C PRO E 121 -39.85 12.35 30.28
N VAL E 122 -40.02 11.75 29.10
CA VAL E 122 -39.85 10.31 28.92
C VAL E 122 -38.43 9.85 29.28
N GLN E 123 -38.32 8.90 30.20
CA GLN E 123 -37.01 8.48 30.69
C GLN E 123 -37.12 7.08 31.28
N GLY E 124 -36.01 6.47 31.69
CA GLY E 124 -36.03 5.09 32.15
C GLY E 124 -35.57 4.10 31.09
N THR E 125 -36.02 2.86 31.22
CA THR E 125 -35.56 1.74 30.37
C THR E 125 -35.78 2.04 28.88
N THR E 126 -34.74 1.80 28.09
CA THR E 126 -34.88 1.88 26.63
C THR E 126 -34.47 0.57 25.95
N LEU E 127 -35.12 0.28 24.83
CA LEU E 127 -34.76 -0.87 24.01
C LEU E 127 -34.85 -0.51 22.54
N HIS E 128 -33.72 -0.66 21.85
CA HIS E 128 -33.62 -0.38 20.43
C HIS E 128 -33.13 -1.58 19.69
N MET E 129 -33.87 -1.99 18.67
CA MET E 129 -33.44 -3.07 17.81
C MET E 129 -33.94 -2.87 16.40
N PHE E 130 -33.07 -3.12 15.43
CA PHE E 130 -33.54 -3.30 14.07
C PHE E 130 -32.90 -4.53 13.45
N SER E 131 -33.64 -5.16 12.54
CA SER E 131 -33.11 -6.29 11.79
C SER E 131 -33.55 -6.22 10.34
N VAL E 132 -32.69 -6.75 9.47
CA VAL E 132 -32.98 -6.84 8.04
C VAL E 132 -32.63 -8.25 7.65
N GLY E 133 -33.59 -8.96 7.06
CA GLY E 133 -33.43 -10.36 6.78
C GLY E 133 -34.21 -10.85 5.57
N GLY E 134 -33.86 -12.04 5.11
CA GLY E 134 -34.49 -12.64 3.94
C GLY E 134 -35.57 -13.66 4.31
N GLU E 135 -35.98 -13.61 5.57
CA GLU E 135 -36.97 -14.51 6.16
C GLU E 135 -37.31 -13.94 7.55
N PRO E 136 -38.35 -14.49 8.23
CA PRO E 136 -38.68 -13.96 9.56
C PRO E 136 -37.52 -14.08 10.54
N LEU E 137 -37.39 -13.06 11.40
CA LEU E 137 -36.41 -13.07 12.47
C LEU E 137 -36.69 -14.26 13.40
N GLU E 138 -35.65 -15.01 13.72
CA GLU E 138 -35.80 -16.15 14.61
C GLU E 138 -35.60 -15.74 16.07
N LEU E 139 -36.52 -16.20 16.91
CA LEU E 139 -36.65 -15.73 18.31
C LEU E 139 -36.41 -16.82 19.34
N GLN E 140 -35.81 -16.42 20.45
CA GLN E 140 -35.68 -17.26 21.64
C GLN E 140 -36.55 -16.69 22.76
N GLY E 141 -37.28 -17.55 23.44
CA GLY E 141 -38.13 -17.13 24.56
C GLY E 141 -37.38 -17.20 25.87
N LEU E 142 -37.56 -16.18 26.70
CA LEU E 142 -37.00 -16.10 28.05
C LEU E 142 -37.73 -14.99 28.81
N VAL E 143 -38.20 -15.29 30.02
CA VAL E 143 -39.02 -14.32 30.77
C VAL E 143 -38.45 -14.01 32.15
N ALA E 144 -38.84 -12.86 32.70
CA ALA E 144 -38.53 -12.53 34.10
C ALA E 144 -39.22 -13.51 35.09
N SER E 145 -40.45 -13.92 34.76
CA SER E 145 -41.22 -14.78 35.64
C SER E 145 -42.05 -15.82 34.87
N SER E 146 -41.79 -17.09 35.15
CA SER E 146 -42.52 -18.17 34.48
C SER E 146 -43.98 -18.31 34.95
N THR E 147 -44.34 -17.60 36.02
CA THR E 147 -45.70 -17.71 36.57
C THR E 147 -46.60 -16.60 36.07
N THR E 148 -46.05 -15.72 35.22
CA THR E 148 -46.84 -14.70 34.53
C THR E 148 -47.86 -15.37 33.61
N THR E 149 -49.12 -14.91 33.66
CA THR E 149 -50.16 -15.31 32.73
C THR E 149 -50.27 -14.23 31.66
N TYR E 150 -49.79 -14.53 30.46
CA TYR E 150 -49.88 -13.61 29.34
C TYR E 150 -51.24 -13.65 28.65
N PRO E 151 -51.65 -12.54 28.00
CA PRO E 151 -52.89 -12.56 27.21
C PRO E 151 -52.84 -13.64 26.12
N THR E 152 -53.91 -14.43 25.99
CA THR E 152 -53.91 -15.54 25.03
C THR E 152 -53.87 -15.07 23.58
N ASP E 153 -54.30 -13.84 23.31
CA ASP E 153 -54.25 -13.27 21.94
C ASP E 153 -52.83 -12.83 21.48
N MET E 154 -51.84 -12.89 22.38
CA MET E 154 -50.46 -12.60 22.00
C MET E 154 -49.75 -13.93 21.74
N VAL E 155 -48.56 -13.90 21.14
CA VAL E 155 -47.78 -15.12 20.97
C VAL E 155 -46.68 -15.16 22.03
N THR E 156 -46.81 -16.12 22.96
CA THR E 156 -45.88 -16.20 24.08
C THR E 156 -45.45 -17.65 24.27
N ILE E 157 -44.73 -17.96 25.35
CA ILE E 157 -44.26 -19.33 25.54
C ILE E 157 -45.41 -20.24 26.00
N LYS E 158 -45.56 -21.40 25.33
CA LYS E 158 -46.58 -22.37 25.71
C LYS E 158 -46.15 -23.17 26.95
N ASN E 159 -47.05 -23.31 27.91
CA ASN E 159 -46.82 -24.16 29.10
C ASN E 159 -45.48 -23.88 29.82
N MET E 160 -45.30 -22.62 30.23
CA MET E 160 -44.06 -22.19 30.90
C MET E 160 -43.77 -22.96 32.17
N LYS E 161 -42.48 -23.17 32.43
CA LYS E 161 -41.98 -23.76 33.66
C LYS E 161 -40.83 -22.86 34.11
N PRO E 162 -40.36 -23.00 35.36
CA PRO E 162 -39.28 -22.12 35.83
C PRO E 162 -38.04 -22.07 34.91
N VAL E 163 -37.82 -23.13 34.12
CA VAL E 163 -36.71 -23.19 33.14
C VAL E 163 -36.76 -22.02 32.14
N ASN E 164 -37.96 -21.50 31.89
CA ASN E 164 -38.14 -20.38 30.96
C ASN E 164 -37.68 -19.02 31.48
N GLN E 165 -37.22 -19.00 32.73
CA GLN E 165 -36.57 -17.83 33.33
C GLN E 165 -35.09 -17.79 32.92
N ALA E 166 -34.65 -18.88 32.26
CA ALA E 166 -33.32 -18.97 31.66
C ALA E 166 -33.50 -19.61 30.27
N LEU E 167 -32.51 -20.36 29.79
CA LEU E 167 -32.54 -20.83 28.40
C LEU E 167 -33.20 -22.20 28.29
N ASP E 168 -34.37 -22.23 27.66
CA ASP E 168 -35.07 -23.45 27.30
C ASP E 168 -34.96 -23.60 25.79
N PRO E 169 -34.16 -24.59 25.31
CA PRO E 169 -33.93 -24.69 23.87
C PRO E 169 -35.23 -24.94 23.08
N ASN E 170 -36.31 -25.29 23.80
CA ASN E 170 -37.61 -25.54 23.16
C ASN E 170 -38.47 -24.30 22.97
N ALA E 171 -38.09 -23.20 23.60
CA ALA E 171 -38.88 -21.97 23.53
C ALA E 171 -38.40 -21.11 22.35
N LYS E 172 -38.83 -21.46 21.14
CA LYS E 172 -38.45 -20.74 19.93
C LYS E 172 -39.66 -20.27 19.15
N ALA E 173 -39.50 -19.22 18.36
CA ALA E 173 -40.58 -18.68 17.53
C ALA E 173 -40.00 -17.92 16.34
N LEU E 174 -40.88 -17.52 15.43
CA LEU E 174 -40.51 -16.65 14.31
C LEU E 174 -41.29 -15.35 14.46
N LEU E 175 -40.62 -14.23 14.20
CA LEU E 175 -41.28 -12.93 14.20
C LEU E 175 -42.07 -12.81 12.91
N ASP E 176 -43.28 -13.36 12.90
CA ASP E 176 -44.06 -13.43 11.67
C ASP E 176 -45.38 -12.66 11.73
N LYS E 177 -45.59 -11.93 12.82
CA LYS E 177 -46.77 -11.08 12.98
C LYS E 177 -46.38 -9.79 13.68
N ASP E 178 -46.83 -8.66 13.12
CA ASP E 178 -46.65 -7.35 13.73
C ASP E 178 -47.48 -7.20 14.98
N GLY E 179 -46.87 -6.66 16.04
CA GLY E 179 -47.61 -6.27 17.22
C GLY E 179 -48.20 -7.43 18.02
N LYS E 180 -47.47 -8.55 18.05
CA LYS E 180 -48.00 -9.77 18.68
C LYS E 180 -47.00 -10.48 19.59
N TYR E 181 -45.71 -10.22 19.36
CA TYR E 181 -44.63 -10.91 20.08
C TYR E 181 -44.00 -9.98 21.11
N PRO E 182 -44.26 -10.20 22.41
CA PRO E 182 -43.76 -9.27 23.43
C PRO E 182 -42.24 -9.27 23.55
N VAL E 183 -41.64 -8.08 23.63
CA VAL E 183 -40.19 -7.95 23.81
C VAL E 183 -39.74 -8.59 25.13
N GLU E 184 -40.60 -8.55 26.14
CA GLU E 184 -40.26 -9.10 27.44
C GLU E 184 -40.28 -10.63 27.45
N VAL E 185 -40.81 -11.24 26.40
CA VAL E 185 -40.80 -12.69 26.24
C VAL E 185 -39.78 -13.17 25.20
N TRP E 186 -39.60 -12.41 24.12
CA TRP E 186 -38.84 -12.86 22.95
C TRP E 186 -37.67 -11.96 22.66
N SER E 187 -36.56 -12.55 22.22
CA SER E 187 -35.38 -11.80 21.80
C SER E 187 -34.72 -12.53 20.61
N PRO E 188 -33.86 -11.83 19.83
CA PRO E 188 -33.28 -12.58 18.69
C PRO E 188 -32.49 -13.80 19.13
N ASP E 189 -32.64 -14.91 18.42
CA ASP E 189 -31.95 -16.15 18.74
C ASP E 189 -30.57 -16.17 18.04
N PRO E 190 -29.46 -16.08 18.81
CA PRO E 190 -28.13 -16.02 18.18
C PRO E 190 -27.67 -17.38 17.66
N SER E 191 -28.42 -18.44 17.97
CA SER E 191 -28.06 -19.77 17.47
C SER E 191 -28.62 -19.97 16.08
N LYS E 192 -29.47 -19.06 15.62
CA LYS E 192 -29.98 -19.14 14.25
C LYS E 192 -29.71 -17.82 13.54
N ASN E 193 -30.69 -17.31 12.80
CA ASN E 193 -30.56 -16.05 12.09
C ASN E 193 -29.35 -15.94 11.14
N GLU E 194 -29.02 -17.06 10.51
CA GLU E 194 -27.96 -17.12 9.51
C GLU E 194 -28.26 -16.15 8.36
N ASN E 195 -29.55 -15.85 8.15
CA ASN E 195 -29.98 -15.07 7.00
C ASN E 195 -30.68 -13.76 7.38
N THR E 196 -30.39 -13.28 8.58
CA THR E 196 -30.88 -11.99 9.06
C THR E 196 -29.77 -11.31 9.84
N ARG E 197 -29.61 -10.01 9.63
CA ARG E 197 -28.69 -9.24 10.46
C ARG E 197 -29.49 -8.41 11.47
N TYR E 198 -29.19 -8.56 12.75
CA TYR E 198 -29.90 -7.82 13.80
C TYR E 198 -28.94 -7.04 14.69
N TYR E 199 -29.42 -5.89 15.17
CA TYR E 199 -28.61 -4.96 15.96
C TYR E 199 -29.48 -4.41 17.08
N GLY E 200 -29.04 -4.60 18.33
CA GLY E 200 -29.85 -4.25 19.48
C GLY E 200 -29.09 -3.55 20.57
N SER E 201 -29.75 -2.58 21.20
CA SER E 201 -29.16 -1.85 22.32
C SER E 201 -30.13 -1.76 23.48
N PHE E 202 -29.65 -2.02 24.70
CA PHE E 202 -30.48 -1.92 25.91
C PHE E 202 -29.82 -1.11 27.02
N THR E 203 -30.56 -0.16 27.58
CA THR E 203 -30.19 0.48 28.84
C THR E 203 -31.38 0.44 29.81
N GLY E 204 -31.16 -0.07 31.01
CA GLY E 204 -32.22 -0.26 31.98
C GLY E 204 -32.48 0.95 32.88
N GLY E 205 -32.95 0.67 34.10
CA GLY E 205 -33.28 1.72 35.07
C GLY E 205 -34.69 2.27 34.96
N ALA E 206 -35.11 2.96 36.03
CA ALA E 206 -36.46 3.54 36.09
C ALA E 206 -36.46 4.97 35.60
N THR E 207 -35.33 5.67 35.78
CA THR E 207 -35.27 7.10 35.54
C THR E 207 -34.12 7.51 34.61
N THR E 208 -33.45 6.54 34.00
CA THR E 208 -32.28 6.81 33.15
C THR E 208 -32.61 7.78 32.00
N PRO E 209 -31.75 8.80 31.77
CA PRO E 209 -31.95 9.69 30.63
C PRO E 209 -31.77 8.91 29.31
N PRO E 210 -32.72 9.04 28.38
CA PRO E 210 -32.59 8.37 27.08
C PRO E 210 -31.54 9.07 26.20
N VAL E 211 -30.77 8.31 25.42
CA VAL E 211 -29.79 8.90 24.50
C VAL E 211 -30.03 8.37 23.08
N MET E 212 -30.25 9.27 22.12
CA MET E 212 -30.43 8.87 20.72
C MET E 212 -29.74 9.87 19.78
N GLN E 213 -29.26 9.35 18.65
CA GLN E 213 -28.69 10.17 17.58
C GLN E 213 -29.62 10.12 16.40
N PHE E 214 -29.53 11.14 15.55
CA PHE E 214 -30.24 11.12 14.27
C PHE E 214 -29.41 11.84 13.19
N THR E 215 -29.29 11.19 12.04
CA THR E 215 -28.51 11.73 10.94
C THR E 215 -28.90 11.03 9.64
N ASN E 216 -28.57 11.62 8.49
CA ASN E 216 -28.70 10.87 7.23
C ASN E 216 -27.32 10.54 6.64
N SER E 217 -26.29 10.48 7.49
CA SER E 217 -24.91 10.28 7.03
C SER E 217 -24.38 8.87 7.33
N VAL E 218 -25.16 8.07 8.03
CA VAL E 218 -24.66 6.79 8.54
C VAL E 218 -25.34 5.61 7.84
N THR E 219 -24.52 4.68 7.35
CA THR E 219 -25.00 3.46 6.70
C THR E 219 -24.41 2.24 7.40
N THR E 220 -25.24 1.23 7.66
CA THR E 220 -24.76 -0.05 8.15
C THR E 220 -24.66 -1.04 6.99
N VAL E 221 -23.48 -1.66 6.82
CA VAL E 221 -23.24 -2.69 5.78
C VAL E 221 -23.69 -4.05 6.32
N LEU E 222 -24.47 -4.78 5.52
CA LEU E 222 -25.15 -6.00 6.01
C LEU E 222 -24.46 -7.32 5.63
N LEU E 223 -23.35 -7.22 4.91
CA LEU E 223 -22.64 -8.39 4.42
C LEU E 223 -22.00 -9.10 5.59
N ASP E 224 -21.98 -10.43 5.54
CA ASP E 224 -21.30 -11.20 6.56
C ASP E 224 -19.81 -11.31 6.25
N GLU E 225 -19.09 -12.10 7.04
CA GLU E 225 -17.64 -12.23 6.88
C GLU E 225 -17.21 -12.89 5.56
N ASN E 226 -18.18 -13.38 4.79
CA ASN E 226 -17.92 -13.92 3.46
C ASN E 226 -18.37 -12.98 2.35
N GLY E 227 -18.78 -11.78 2.74
CA GLY E 227 -19.26 -10.78 1.79
C GLY E 227 -20.67 -11.03 1.27
N VAL E 228 -21.45 -11.83 2.00
CA VAL E 228 -22.83 -12.17 1.60
C VAL E 228 -23.84 -11.57 2.56
N GLY E 229 -24.80 -10.82 2.02
CA GLY E 229 -25.85 -10.21 2.85
C GLY E 229 -27.03 -11.16 2.96
N PRO E 230 -28.10 -10.75 3.69
CA PRO E 230 -29.30 -11.59 3.75
C PRO E 230 -29.89 -11.77 2.35
N LEU E 231 -30.33 -12.99 2.04
CA LEU E 231 -30.87 -13.32 0.73
C LEU E 231 -32.37 -13.54 0.85
N CYS E 232 -33.12 -12.85 0.00
CA CYS E 232 -34.56 -12.73 0.19
C CYS E 232 -35.33 -13.90 -0.42
N LYS E 233 -35.79 -14.79 0.46
CA LYS E 233 -36.52 -15.97 0.02
C LYS E 233 -37.87 -15.56 -0.56
N GLY E 234 -38.21 -16.12 -1.72
CA GLY E 234 -39.42 -15.76 -2.46
C GLY E 234 -39.57 -14.26 -2.72
N ASP E 235 -38.44 -13.59 -2.94
CA ASP E 235 -38.40 -12.15 -3.18
C ASP E 235 -39.06 -11.32 -2.05
N LYS E 236 -38.92 -11.78 -0.81
CA LYS E 236 -39.46 -11.08 0.34
C LYS E 236 -38.37 -10.57 1.29
N LEU E 237 -38.45 -9.29 1.64
CA LEU E 237 -37.53 -8.65 2.58
C LEU E 237 -38.22 -8.41 3.91
N PHE E 238 -37.64 -8.91 5.00
CA PHE E 238 -38.21 -8.74 6.34
C PHE E 238 -37.52 -7.62 7.12
N LEU E 239 -38.29 -6.62 7.51
CA LEU E 239 -37.82 -5.53 8.36
C LEU E 239 -38.47 -5.64 9.72
N SER E 240 -37.67 -5.75 10.77
CA SER E 240 -38.20 -5.83 12.13
C SER E 240 -37.56 -4.78 13.02
N ALA E 241 -38.30 -4.32 14.03
CA ALA E 241 -37.85 -3.23 14.92
C ALA E 241 -38.57 -3.20 16.27
N VAL E 242 -37.89 -2.60 17.24
CA VAL E 242 -38.55 -2.10 18.44
C VAL E 242 -37.75 -0.88 18.92
N ASP E 243 -38.46 0.20 19.23
CA ASP E 243 -37.79 1.39 19.74
C ASP E 243 -38.58 1.97 20.90
N ILE E 244 -38.37 1.35 22.06
CA ILE E 244 -38.89 1.83 23.33
C ILE E 244 -37.92 2.91 23.82
N VAL E 245 -38.40 4.15 23.87
CA VAL E 245 -37.56 5.31 24.21
C VAL E 245 -37.65 5.73 25.67
N GLY E 246 -38.47 5.03 26.45
CA GLY E 246 -38.55 5.25 27.88
C GLY E 246 -39.97 5.13 28.40
N ILE E 247 -40.21 5.72 29.57
CA ILE E 247 -41.46 5.63 30.31
C ILE E 247 -41.99 7.04 30.56
N HIS E 248 -43.25 7.28 30.23
CA HIS E 248 -43.93 8.50 30.65
C HIS E 248 -44.66 8.26 31.94
N THR E 249 -44.50 9.19 32.90
CA THR E 249 -45.23 9.12 34.17
C THR E 249 -46.38 10.13 34.21
N ASN E 250 -47.56 9.64 34.60
CA ASN E 250 -48.75 10.47 34.70
C ASN E 250 -48.84 11.17 36.07
N TYR E 251 -49.72 12.16 36.19
CA TYR E 251 -49.89 12.88 37.45
C TYR E 251 -50.18 11.94 38.64
N SER E 252 -50.99 10.91 38.42
CA SER E 252 -51.32 9.96 39.48
C SER E 252 -50.19 8.97 39.74
N GLU E 253 -49.15 9.05 38.91
CA GLU E 253 -47.97 8.16 38.97
C GLU E 253 -48.17 6.84 38.21
N SER E 254 -49.28 6.70 37.48
CA SER E 254 -49.41 5.59 36.55
C SER E 254 -48.39 5.82 35.43
N GLN E 255 -48.02 4.77 34.71
CA GLN E 255 -46.95 4.89 33.73
C GLN E 255 -47.23 4.19 32.40
N ASN E 256 -46.76 4.79 31.32
CA ASN E 256 -46.91 4.26 29.97
C ASN E 256 -45.55 4.18 29.30
N TRP E 257 -45.29 3.05 28.64
CA TRP E 257 -44.13 2.91 27.77
C TRP E 257 -44.35 3.82 26.59
N ARG E 258 -43.29 4.49 26.14
CA ARG E 258 -43.39 5.31 24.93
C ARG E 258 -42.48 4.73 23.86
N GLY E 259 -42.99 4.65 22.64
CA GLY E 259 -42.22 4.14 21.51
C GLY E 259 -42.17 5.13 20.37
N LEU E 260 -41.18 4.96 19.48
CA LEU E 260 -41.04 5.80 18.30
C LEU E 260 -40.95 4.95 17.02
N PRO E 261 -41.38 5.52 15.87
CA PRO E 261 -41.33 4.72 14.64
C PRO E 261 -39.92 4.66 14.09
N ARG E 262 -39.65 3.66 13.25
CA ARG E 262 -38.34 3.52 12.61
C ARG E 262 -38.41 3.51 11.10
N TYR E 263 -37.51 4.27 10.47
CA TYR E 263 -37.35 4.32 9.03
C TYR E 263 -36.23 3.39 8.58
N PHE E 264 -36.42 2.75 7.43
CA PHE E 264 -35.41 1.89 6.79
C PHE E 264 -35.26 2.29 5.33
N ASN E 265 -34.03 2.39 4.86
CA ASN E 265 -33.73 2.52 3.44
C ASN E 265 -32.69 1.47 3.11
N VAL E 266 -33.13 0.44 2.39
CA VAL E 266 -32.32 -0.74 2.15
C VAL E 266 -31.89 -0.82 0.68
N THR E 267 -30.59 -0.97 0.46
CA THR E 267 -30.04 -1.21 -0.87
C THR E 267 -29.83 -2.71 -1.09
N LEU E 268 -30.34 -3.21 -2.21
CA LEU E 268 -30.25 -4.64 -2.51
C LEU E 268 -29.65 -4.86 -3.90
N ARG E 269 -28.91 -5.96 -4.04
CA ARG E 269 -28.29 -6.33 -5.31
C ARG E 269 -28.65 -7.77 -5.68
N LYS E 270 -28.49 -8.11 -6.95
CA LYS E 270 -28.82 -9.44 -7.41
C LYS E 270 -27.67 -10.42 -7.15
N ARG E 271 -27.99 -11.53 -6.50
CA ARG E 271 -27.00 -12.55 -6.18
C ARG E 271 -27.38 -13.83 -6.91
N VAL E 272 -26.40 -14.47 -7.52
CA VAL E 272 -26.64 -15.73 -8.20
C VAL E 272 -26.55 -16.85 -7.19
N VAL E 273 -27.47 -17.81 -7.28
CA VAL E 273 -27.45 -18.99 -6.42
C VAL E 273 -27.67 -20.22 -7.29
N LYS E 274 -27.11 -21.35 -6.87
CA LYS E 274 -27.38 -22.62 -7.54
C LYS E 274 -28.80 -23.11 -7.19
N ASN E 275 -29.56 -23.47 -8.21
CA ASN E 275 -30.91 -23.99 -8.04
C ASN E 275 -30.92 -25.29 -7.20
N PRO E 276 -31.62 -25.29 -6.05
CA PRO E 276 -31.62 -26.44 -5.13
C PRO E 276 -32.54 -27.60 -5.54
N VAL F 7 -0.35 -37.14 -5.41
CA VAL F 7 -0.18 -36.77 -3.97
C VAL F 7 -0.96 -35.49 -3.64
N GLU F 8 -1.55 -35.45 -2.46
CA GLU F 8 -2.26 -34.27 -2.01
C GLU F 8 -1.27 -33.38 -1.24
N VAL F 9 -1.06 -32.17 -1.76
CA VAL F 9 -0.05 -31.26 -1.23
C VAL F 9 -0.66 -30.35 -0.15
N LEU F 10 -0.06 -30.35 1.05
CA LEU F 10 -0.55 -29.50 2.11
C LEU F 10 0.38 -28.31 2.35
N GLU F 11 0.55 -27.90 3.61
CA GLU F 11 1.22 -26.64 3.89
C GLU F 11 2.73 -26.83 4.02
N VAL F 12 3.47 -25.73 4.02
CA VAL F 12 4.91 -25.73 4.33
C VAL F 12 5.12 -26.00 5.82
N ARG F 13 6.08 -26.86 6.14
CA ARG F 13 6.40 -27.14 7.53
C ARG F 13 7.32 -26.02 8.04
N THR F 14 6.92 -25.38 9.14
CA THR F 14 7.75 -24.34 9.76
C THR F 14 8.57 -24.93 10.88
N GLY F 15 9.42 -24.10 11.49
CA GLY F 15 10.21 -24.51 12.65
C GLY F 15 11.69 -24.40 12.34
N PRO F 16 12.55 -24.69 13.33
CA PRO F 16 13.98 -24.73 13.05
C PRO F 16 14.28 -25.96 12.21
N ASP F 17 15.33 -25.90 11.41
CA ASP F 17 15.76 -27.01 10.56
C ASP F 17 14.83 -27.33 9.39
N ALA F 18 13.89 -26.43 9.10
CA ALA F 18 12.92 -26.66 8.03
C ALA F 18 13.53 -26.44 6.62
N ILE F 19 14.72 -25.85 6.57
CA ILE F 19 15.38 -25.47 5.33
C ILE F 19 16.68 -26.24 5.17
N THR F 20 17.04 -26.57 3.94
CA THR F 20 18.34 -27.12 3.65
C THR F 20 18.88 -26.56 2.33
N GLN F 21 20.19 -26.73 2.11
CA GLN F 21 20.82 -26.30 0.87
C GLN F 21 21.72 -27.40 0.37
N ILE F 22 21.70 -27.63 -0.94
CA ILE F 22 22.70 -28.51 -1.54
C ILE F 22 23.43 -27.81 -2.67
N GLU F 23 24.64 -28.27 -2.95
CA GLU F 23 25.32 -27.75 -4.12
C GLU F 23 25.98 -28.87 -4.90
N ALA F 24 26.07 -28.70 -6.21
CA ALA F 24 26.64 -29.69 -7.09
C ALA F 24 27.11 -29.00 -8.36
N TYR F 25 27.96 -29.71 -9.11
CA TYR F 25 28.32 -29.29 -10.45
C TYR F 25 28.11 -30.47 -11.38
N LEU F 26 27.80 -30.19 -12.64
CA LEU F 26 27.65 -31.21 -13.67
C LEU F 26 28.66 -30.89 -14.74
N ASN F 27 29.55 -31.85 -15.02
CA ASN F 27 30.50 -31.67 -16.12
C ASN F 27 29.85 -31.85 -17.49
N PRO F 28 30.33 -31.11 -18.51
CA PRO F 28 29.70 -31.21 -19.82
C PRO F 28 29.90 -32.59 -20.49
N ARG F 29 28.95 -32.97 -21.33
CA ARG F 29 29.03 -34.22 -22.07
C ARG F 29 28.90 -33.92 -23.56
N MET F 30 30.02 -33.47 -24.15
CA MET F 30 30.04 -33.02 -25.54
C MET F 30 30.33 -34.15 -26.55
N GLY F 31 30.80 -35.29 -26.06
CA GLY F 31 31.11 -36.43 -26.91
C GLY F 31 32.34 -37.15 -26.39
N ASN F 32 33.38 -36.39 -26.07
CA ASN F 32 34.49 -36.93 -25.30
C ASN F 32 34.14 -36.77 -23.83
N ASN F 33 33.61 -37.84 -23.23
CA ASN F 33 32.96 -37.76 -21.92
C ASN F 33 33.73 -38.40 -20.77
N ASN F 34 34.89 -38.96 -21.06
CA ASN F 34 35.74 -39.56 -20.04
C ASN F 34 36.85 -38.58 -19.63
N PRO F 35 37.00 -38.29 -18.32
CA PRO F 35 38.01 -37.26 -17.93
C PRO F 35 39.45 -37.56 -18.38
N THR F 36 39.72 -38.78 -18.84
CA THR F 36 41.05 -39.07 -19.41
C THR F 36 41.13 -38.81 -20.92
N ASP F 37 40.00 -38.54 -21.56
CA ASP F 37 40.01 -38.16 -22.98
C ASP F 37 40.85 -36.90 -23.18
N GLU F 38 41.72 -36.93 -24.19
CA GLU F 38 42.55 -35.77 -24.51
C GLU F 38 41.68 -34.52 -24.71
N LEU F 39 40.57 -34.66 -25.41
CA LEU F 39 39.68 -33.55 -25.70
C LEU F 39 38.41 -33.57 -24.83
N TYR F 40 38.57 -34.04 -23.59
CA TYR F 40 37.50 -33.99 -22.60
C TYR F 40 36.86 -32.59 -22.60
N GLY F 41 35.53 -32.54 -22.62
CA GLY F 41 34.82 -31.25 -22.64
C GLY F 41 34.58 -30.70 -24.05
N TYR F 42 34.94 -31.49 -25.05
CA TYR F 42 34.72 -31.17 -26.45
C TYR F 42 34.09 -32.40 -27.10
N SER F 43 33.49 -32.20 -28.27
CA SER F 43 33.14 -33.33 -29.11
C SER F 43 34.36 -33.66 -29.98
N ALA F 44 34.41 -34.88 -30.51
CA ALA F 44 35.40 -35.21 -31.54
C ALA F 44 35.05 -34.41 -32.81
N ASP F 45 35.98 -34.39 -33.77
CA ASP F 45 35.77 -33.71 -35.05
C ASP F 45 34.41 -34.08 -35.61
N ILE F 46 33.59 -33.09 -35.97
CA ILE F 46 32.25 -33.37 -36.53
C ILE F 46 32.37 -34.16 -37.82
N ASN F 47 31.68 -35.31 -37.91
CA ASN F 47 31.60 -36.06 -39.17
C ASN F 47 30.25 -35.85 -39.87
N VAL F 48 30.33 -35.31 -41.08
CA VAL F 48 29.19 -34.77 -41.80
C VAL F 48 28.54 -35.81 -42.72
N ALA F 49 27.21 -35.78 -42.85
CA ALA F 49 26.48 -36.64 -43.77
C ALA F 49 26.91 -36.41 -45.23
N SER F 50 26.95 -37.49 -46.00
CA SER F 50 27.23 -37.35 -47.42
C SER F 50 25.95 -37.10 -48.22
N SER F 51 24.78 -37.32 -47.59
CA SER F 51 23.48 -37.19 -48.25
C SER F 51 22.32 -37.25 -47.25
N LYS F 52 21.12 -37.01 -47.74
CA LYS F 52 19.91 -37.24 -46.95
C LYS F 52 19.86 -38.67 -46.41
N ALA F 53 20.13 -39.64 -47.29
CA ALA F 53 20.01 -41.06 -46.94
C ALA F 53 21.13 -41.55 -46.03
N SER F 54 22.30 -40.92 -46.13
CA SER F 54 23.51 -41.44 -45.50
C SER F 54 24.08 -40.45 -44.48
N ASP F 55 23.71 -40.64 -43.21
CA ASP F 55 24.06 -39.71 -42.14
C ASP F 55 24.28 -40.49 -40.84
N ASN F 56 25.55 -40.80 -40.57
CA ASN F 56 25.91 -41.63 -39.42
C ASN F 56 26.84 -40.91 -38.43
N PRO F 57 26.32 -39.95 -37.64
CA PRO F 57 27.23 -39.24 -36.73
C PRO F 57 27.86 -40.18 -35.70
N ASN F 58 29.15 -40.03 -35.45
CA ASN F 58 29.81 -40.78 -34.39
C ASN F 58 29.30 -40.35 -33.02
N ALA F 59 29.20 -41.30 -32.09
CA ALA F 59 28.74 -40.99 -30.72
C ALA F 59 29.54 -39.86 -30.10
N THR F 60 30.85 -39.84 -30.38
CA THR F 60 31.77 -38.84 -29.80
C THR F 60 31.55 -37.45 -30.39
N THR F 61 30.74 -37.37 -31.45
CA THR F 61 30.46 -36.09 -32.11
C THR F 61 29.14 -35.44 -31.65
N LEU F 62 28.41 -36.12 -30.77
CA LEU F 62 27.05 -35.68 -30.36
C LEU F 62 26.93 -35.26 -28.91
N PRO F 63 26.76 -33.95 -28.67
CA PRO F 63 26.51 -33.48 -27.30
C PRO F 63 25.21 -34.06 -26.71
N THR F 64 25.29 -34.45 -25.44
CA THR F 64 24.16 -35.05 -24.74
C THR F 64 23.89 -34.26 -23.47
N TYR F 65 22.71 -34.47 -22.88
CA TYR F 65 22.37 -33.83 -21.61
C TYR F 65 23.19 -34.38 -20.45
N SER F 66 23.54 -33.48 -19.54
CA SER F 66 24.06 -33.86 -18.25
C SER F 66 22.91 -33.99 -17.26
N VAL F 67 23.01 -34.98 -16.39
CA VAL F 67 22.05 -35.14 -15.27
C VAL F 67 22.73 -35.77 -14.07
N ALA F 68 22.36 -35.28 -12.89
CA ALA F 68 22.80 -35.85 -11.63
C ALA F 68 21.61 -36.02 -10.69
N VAL F 69 21.67 -37.03 -9.84
CA VAL F 69 20.67 -37.25 -8.81
C VAL F 69 21.29 -37.08 -7.43
N ILE F 70 20.80 -36.09 -6.70
CA ILE F 70 21.31 -35.77 -5.37
C ILE F 70 20.37 -36.35 -4.32
N LYS F 71 20.93 -37.17 -3.43
CA LYS F 71 20.17 -37.76 -2.36
C LYS F 71 20.07 -36.80 -1.17
N LEU F 72 18.86 -36.51 -0.73
CA LEU F 72 18.62 -35.54 0.32
C LEU F 72 18.44 -36.23 1.66
N PRO F 73 18.55 -35.50 2.78
CA PRO F 73 18.34 -36.09 4.11
C PRO F 73 16.97 -36.73 4.23
N MET F 74 16.95 -37.94 4.79
CA MET F 74 15.72 -38.69 5.04
C MET F 74 14.80 -37.91 5.97
N LEU F 75 13.54 -37.78 5.57
CA LEU F 75 12.57 -36.95 6.29
C LEU F 75 11.58 -37.70 7.14
N ASN F 76 11.23 -38.93 6.75
CA ASN F 76 10.12 -39.62 7.41
C ASN F 76 10.52 -40.87 8.17
N GLU F 77 10.41 -40.80 9.49
CA GLU F 77 10.77 -41.88 10.39
C GLU F 77 9.77 -43.04 10.30
N ASP F 78 8.53 -42.73 9.96
CA ASP F 78 7.44 -43.70 9.96
C ASP F 78 6.55 -43.43 8.76
N MET F 79 6.62 -44.32 7.78
CA MET F 79 5.85 -44.24 6.52
C MET F 79 4.38 -44.60 6.64
N THR F 80 3.92 -44.80 7.85
CA THR F 80 2.51 -45.09 8.13
C THR F 80 1.69 -43.90 8.61
N CYS F 81 2.37 -42.82 9.01
CA CYS F 81 1.75 -41.65 9.57
C CYS F 81 0.85 -40.98 8.57
N ASP F 82 -0.21 -40.37 9.02
CA ASP F 82 -1.18 -39.77 8.13
C ASP F 82 -0.64 -38.73 7.15
N THR F 83 0.42 -38.04 7.54
CA THR F 83 1.02 -37.05 6.68
C THR F 83 2.51 -37.29 6.65
N LEU F 84 3.15 -36.94 5.55
CA LEU F 84 4.58 -37.12 5.41
C LEU F 84 5.21 -35.81 4.99
N LEU F 85 6.54 -35.75 5.03
CA LEU F 85 7.27 -34.59 4.54
C LEU F 85 7.99 -34.92 3.24
N MET F 86 8.03 -33.94 2.33
CA MET F 86 8.85 -34.01 1.12
C MET F 86 9.70 -32.74 1.04
N TRP F 87 10.89 -32.87 0.49
CA TRP F 87 11.71 -31.71 0.21
C TRP F 87 11.14 -30.99 -0.98
N GLU F 88 11.05 -29.67 -0.85
CA GLU F 88 10.52 -28.83 -1.91
C GLU F 88 11.65 -27.89 -2.34
N ALA F 89 11.99 -27.93 -3.63
CA ALA F 89 12.98 -27.01 -4.17
C ALA F 89 12.33 -25.64 -4.37
N VAL F 90 12.92 -24.64 -3.72
CA VAL F 90 12.33 -23.32 -3.65
C VAL F 90 13.02 -22.32 -4.59
N SER F 91 14.33 -22.43 -4.69
CA SER F 91 15.10 -21.45 -5.44
C SER F 91 16.46 -22.04 -5.78
N VAL F 92 17.08 -21.48 -6.79
CA VAL F 92 18.35 -22.00 -7.27
C VAL F 92 19.26 -20.85 -7.72
N LYS F 93 20.52 -20.90 -7.33
CA LYS F 93 21.57 -20.09 -7.94
C LYS F 93 22.31 -21.04 -8.84
N THR F 94 22.46 -20.67 -10.10
CA THR F 94 23.18 -21.53 -11.03
C THR F 94 24.11 -20.73 -11.91
N GLU F 95 25.21 -21.36 -12.29
CA GLU F 95 26.32 -20.63 -12.89
C GLU F 95 27.04 -21.53 -13.88
N VAL F 96 27.28 -21.02 -15.09
CA VAL F 96 28.16 -21.70 -16.04
C VAL F 96 29.59 -21.31 -15.66
N MET F 97 30.42 -22.31 -15.36
CA MET F 97 31.77 -22.06 -14.84
C MET F 97 32.82 -22.07 -15.93
N GLY F 98 33.92 -21.34 -15.68
CA GLY F 98 35.05 -21.31 -16.60
C GLY F 98 34.79 -20.59 -17.91
N ILE F 99 33.85 -19.63 -17.87
CA ILE F 99 33.50 -18.84 -19.06
C ILE F 99 34.73 -18.13 -19.65
N SER F 100 35.58 -17.59 -18.78
CA SER F 100 36.75 -16.84 -19.23
C SER F 100 37.81 -17.72 -19.90
N SER F 101 37.65 -19.04 -19.83
CA SER F 101 38.54 -19.95 -20.56
C SER F 101 38.47 -19.72 -22.07
N LEU F 102 37.36 -19.15 -22.54
CA LEU F 102 37.20 -18.90 -23.99
C LEU F 102 37.93 -17.63 -24.44
N VAL F 103 38.37 -16.83 -23.47
CA VAL F 103 39.10 -15.57 -23.74
C VAL F 103 40.56 -15.97 -23.98
N ASN F 104 40.79 -16.54 -25.16
CA ASN F 104 42.02 -17.23 -25.51
C ASN F 104 42.19 -17.15 -27.01
N LEU F 105 43.25 -16.48 -27.46
CA LEU F 105 43.51 -16.36 -28.90
C LEU F 105 44.78 -17.08 -29.35
N HIS F 106 45.31 -17.95 -28.52
CA HIS F 106 46.57 -18.63 -28.84
C HIS F 106 46.43 -20.12 -29.02
N GLN F 107 45.25 -20.66 -28.67
CA GLN F 107 44.98 -22.08 -28.86
C GLN F 107 45.20 -22.47 -30.33
N GLY F 108 45.80 -23.63 -30.57
CA GLY F 108 45.97 -24.15 -31.94
C GLY F 108 44.64 -24.21 -32.67
N GLY F 109 44.62 -23.70 -33.90
CA GLY F 109 43.38 -23.63 -34.67
C GLY F 109 43.50 -22.82 -35.93
N LYS F 110 42.40 -22.13 -36.27
CA LYS F 110 42.29 -21.36 -37.50
C LYS F 110 42.58 -19.87 -37.25
N TYR F 111 43.46 -19.29 -38.06
CA TYR F 111 43.82 -17.87 -37.87
C TYR F 111 42.64 -16.95 -38.17
N ILE F 112 42.52 -15.89 -37.38
CA ILE F 112 41.48 -14.87 -37.61
C ILE F 112 41.67 -14.23 -38.99
N TYR F 113 42.90 -13.79 -39.25
CA TYR F 113 43.31 -13.27 -40.55
C TYR F 113 44.37 -14.21 -41.13
N GLY F 114 45.52 -13.70 -41.55
CA GLY F 114 46.65 -14.56 -41.94
C GLY F 114 47.37 -15.14 -40.72
N SER F 115 48.51 -15.80 -40.97
CA SER F 115 49.24 -16.54 -39.95
C SER F 115 49.98 -15.71 -38.89
N SER F 116 49.95 -14.39 -39.02
CA SER F 116 50.48 -13.50 -37.97
C SER F 116 49.47 -13.21 -36.85
N SER F 117 48.19 -13.51 -37.07
CA SER F 117 47.13 -13.15 -36.12
C SER F 117 46.90 -14.20 -35.04
N GLY F 118 46.01 -13.89 -34.11
CA GLY F 118 45.49 -14.88 -33.16
C GLY F 118 44.55 -15.85 -33.85
N THR F 119 44.18 -16.91 -33.14
CA THR F 119 43.22 -17.89 -33.68
C THR F 119 41.77 -17.56 -33.31
N ILE F 120 40.84 -18.05 -34.13
CA ILE F 120 39.42 -17.85 -33.93
C ILE F 120 38.95 -18.55 -32.66
N PRO F 121 38.40 -17.79 -31.69
CA PRO F 121 37.96 -18.43 -30.45
C PRO F 121 36.64 -19.17 -30.66
N VAL F 122 36.23 -19.95 -29.66
CA VAL F 122 34.97 -20.70 -29.70
C VAL F 122 33.78 -19.79 -30.02
N GLN F 123 33.04 -20.10 -31.08
CA GLN F 123 31.92 -19.27 -31.52
C GLN F 123 30.91 -20.10 -32.33
N GLY F 124 29.77 -19.51 -32.70
CA GLY F 124 28.74 -20.29 -33.39
C GLY F 124 27.58 -20.65 -32.49
N THR F 125 26.90 -21.75 -32.82
CA THR F 125 25.68 -22.18 -32.11
C THR F 125 25.90 -22.38 -30.60
N THR F 126 24.99 -21.85 -29.80
CA THR F 126 25.02 -22.10 -28.36
C THR F 126 23.70 -22.65 -27.87
N LEU F 127 23.76 -23.51 -26.85
CA LEU F 127 22.56 -24.02 -26.21
C LEU F 127 22.80 -24.10 -24.71
N HIS F 128 21.94 -23.44 -23.96
CA HIS F 128 22.01 -23.45 -22.50
C HIS F 128 20.70 -23.92 -21.95
N MET F 129 20.77 -24.93 -21.09
CA MET F 129 19.58 -25.39 -20.39
C MET F 129 19.92 -25.82 -18.98
N PHE F 130 19.09 -25.43 -18.01
CA PHE F 130 19.14 -26.08 -16.70
C PHE F 130 17.74 -26.41 -16.24
N SER F 131 17.63 -27.47 -15.45
CA SER F 131 16.38 -27.84 -14.84
C SER F 131 16.60 -28.38 -13.43
N VAL F 132 15.60 -28.17 -12.59
CA VAL F 132 15.60 -28.64 -11.20
C VAL F 132 14.24 -29.30 -11.01
N GLY F 133 14.25 -30.58 -10.67
CA GLY F 133 13.00 -31.34 -10.51
C GLY F 133 13.05 -32.40 -9.42
N GLY F 134 11.88 -32.95 -9.10
CA GLY F 134 11.75 -33.95 -8.04
C GLY F 134 11.66 -35.33 -8.65
N GLU F 135 12.06 -35.43 -9.93
CA GLU F 135 12.00 -36.66 -10.74
C GLU F 135 12.72 -36.39 -12.06
N PRO F 136 12.95 -37.43 -12.89
CA PRO F 136 13.62 -37.18 -14.18
C PRO F 136 12.89 -36.17 -15.03
N LEU F 137 13.65 -35.31 -15.72
CA LEU F 137 13.12 -34.42 -16.74
C LEU F 137 12.47 -35.24 -17.88
N GLU F 138 11.26 -34.85 -18.26
CA GLU F 138 10.54 -35.56 -19.31
C GLU F 138 10.84 -34.92 -20.66
N LEU F 139 11.17 -35.78 -21.62
CA LEU F 139 11.71 -35.35 -22.92
C LEU F 139 10.76 -35.67 -24.07
N GLN F 140 10.79 -34.81 -25.09
CA GLN F 140 10.12 -35.02 -26.37
C GLN F 140 11.18 -35.18 -27.47
N GLY F 141 11.04 -36.19 -28.32
CA GLY F 141 11.96 -36.39 -29.43
C GLY F 141 11.56 -35.68 -30.70
N LEU F 142 12.53 -35.06 -31.37
CA LEU F 142 12.32 -34.40 -32.65
C LEU F 142 13.70 -34.19 -33.27
N VAL F 143 13.83 -34.50 -34.57
CA VAL F 143 15.14 -34.45 -35.26
C VAL F 143 15.08 -33.63 -36.54
N ALA F 144 16.25 -33.19 -37.00
CA ALA F 144 16.38 -32.52 -38.29
C ALA F 144 16.15 -33.51 -39.45
N SER F 145 16.57 -34.75 -39.26
CA SER F 145 16.39 -35.77 -40.30
C SER F 145 16.03 -37.15 -39.76
N SER F 146 14.88 -37.67 -40.18
CA SER F 146 14.46 -38.99 -39.72
C SER F 146 15.28 -40.13 -40.34
N THR F 147 16.06 -39.83 -41.39
CA THR F 147 16.88 -40.85 -42.04
C THR F 147 18.30 -40.93 -41.48
N THR F 148 18.59 -40.16 -40.44
CA THR F 148 19.86 -40.24 -39.70
C THR F 148 19.94 -41.55 -38.92
N THR F 149 21.09 -42.22 -39.01
CA THR F 149 21.34 -43.43 -38.22
C THR F 149 22.14 -43.03 -37.00
N TYR F 150 21.52 -43.07 -35.82
CA TYR F 150 22.22 -42.70 -34.60
C TYR F 150 22.97 -43.91 -34.05
N PRO F 151 24.06 -43.69 -33.30
CA PRO F 151 24.72 -44.83 -32.65
C PRO F 151 23.76 -45.57 -31.72
N THR F 152 23.81 -46.89 -31.75
CA THR F 152 22.92 -47.73 -30.94
C THR F 152 23.17 -47.67 -29.42
N ASP F 153 24.36 -47.23 -29.01
N ASP F 153 24.36 -47.24 -29.00
CA ASP F 153 24.70 -47.12 -27.58
CA ASP F 153 24.68 -47.14 -27.58
C ASP F 153 24.17 -45.84 -26.91
C ASP F 153 24.16 -45.86 -26.91
N MET F 154 23.59 -44.96 -27.72
CA MET F 154 22.95 -43.75 -27.20
C MET F 154 21.44 -44.01 -27.08
N VAL F 155 20.70 -43.14 -26.39
CA VAL F 155 19.23 -43.32 -26.37
C VAL F 155 18.60 -42.31 -27.33
N THR F 156 18.01 -42.84 -28.40
CA THR F 156 17.38 -42.01 -29.42
C THR F 156 15.99 -42.56 -29.78
N ILE F 157 15.36 -42.02 -30.82
CA ILE F 157 14.00 -42.42 -31.19
C ILE F 157 14.05 -43.72 -31.95
N LYS F 158 13.37 -44.74 -31.42
CA LYS F 158 13.30 -46.05 -32.04
C LYS F 158 12.47 -45.99 -33.31
N ASN F 159 13.00 -46.56 -34.38
CA ASN F 159 12.29 -46.68 -35.66
C ASN F 159 11.65 -45.40 -36.16
N MET F 160 12.46 -44.36 -36.34
CA MET F 160 12.00 -43.08 -36.85
C MET F 160 11.30 -43.15 -38.20
N LYS F 161 10.31 -42.28 -38.37
CA LYS F 161 9.67 -42.04 -39.66
C LYS F 161 9.73 -40.53 -39.90
N PRO F 162 9.43 -40.07 -41.13
CA PRO F 162 9.46 -38.61 -41.38
C PRO F 162 8.68 -37.75 -40.36
N VAL F 163 7.61 -38.31 -39.78
CA VAL F 163 6.86 -37.63 -38.71
C VAL F 163 7.76 -37.14 -37.58
N ASN F 164 8.86 -37.85 -37.34
CA ASN F 164 9.81 -37.44 -36.30
C ASN F 164 10.62 -36.17 -36.60
N GLN F 165 10.44 -35.60 -37.79
CA GLN F 165 11.00 -34.29 -38.11
C GLN F 165 10.12 -33.16 -37.53
N ALA F 166 8.94 -33.55 -37.05
CA ALA F 166 8.08 -32.65 -36.28
C ALA F 166 7.58 -33.39 -35.03
N LEU F 167 6.36 -33.08 -34.59
CA LEU F 167 5.84 -33.64 -33.34
C LEU F 167 5.13 -34.98 -33.54
N ASP F 168 5.77 -36.03 -33.03
CA ASP F 168 5.18 -37.37 -32.95
C ASP F 168 4.96 -37.64 -31.47
N PRO F 169 3.68 -37.72 -31.02
CA PRO F 169 3.36 -37.81 -29.58
C PRO F 169 3.89 -39.10 -28.95
N ASN F 170 4.29 -40.05 -29.78
CA ASN F 170 4.84 -41.30 -29.28
C ASN F 170 6.33 -41.20 -28.96
N ALA F 171 7.02 -40.20 -29.49
CA ALA F 171 8.46 -40.07 -29.23
C ALA F 171 8.76 -39.33 -27.91
N LYS F 172 8.60 -40.03 -26.79
CA LYS F 172 8.87 -39.50 -25.44
C LYS F 172 9.96 -40.32 -24.76
N ALA F 173 10.61 -39.71 -23.78
CA ALA F 173 11.65 -40.38 -22.98
C ALA F 173 11.85 -39.65 -21.64
N LEU F 174 12.69 -40.21 -20.79
CA LEU F 174 13.05 -39.59 -19.51
C LEU F 174 14.55 -39.37 -19.51
N LEU F 175 14.99 -38.21 -19.00
CA LEU F 175 16.41 -37.96 -18.84
C LEU F 175 16.90 -38.65 -17.57
N ASP F 176 17.21 -39.94 -17.69
CA ASP F 176 17.57 -40.78 -16.55
C ASP F 176 19.01 -41.33 -16.61
N LYS F 177 19.77 -40.92 -17.62
CA LYS F 177 21.18 -41.31 -17.73
C LYS F 177 22.02 -40.12 -18.21
N ASP F 178 23.14 -39.90 -17.53
CA ASP F 178 24.07 -38.85 -17.90
C ASP F 178 24.78 -39.19 -19.22
N GLY F 179 24.86 -38.22 -20.13
CA GLY F 179 25.64 -38.38 -21.36
C GLY F 179 25.15 -39.41 -22.38
N LYS F 180 23.84 -39.58 -22.47
CA LYS F 180 23.26 -40.61 -23.34
C LYS F 180 22.18 -40.10 -24.30
N TYR F 181 21.54 -38.99 -23.93
CA TYR F 181 20.45 -38.41 -24.72
C TYR F 181 20.93 -37.21 -25.53
N PRO F 182 21.06 -37.36 -26.87
CA PRO F 182 21.55 -36.24 -27.65
C PRO F 182 20.61 -35.04 -27.58
N VAL F 183 21.17 -33.84 -27.52
CA VAL F 183 20.35 -32.62 -27.51
C VAL F 183 19.68 -32.43 -28.87
N GLU F 184 20.30 -32.97 -29.92
CA GLU F 184 19.73 -32.80 -31.26
C GLU F 184 18.56 -33.74 -31.49
N VAL F 185 18.34 -34.64 -30.53
CA VAL F 185 17.22 -35.58 -30.61
C VAL F 185 16.12 -35.21 -29.62
N TRP F 186 16.50 -34.77 -28.42
CA TRP F 186 15.56 -34.59 -27.32
C TRP F 186 15.52 -33.18 -26.81
N SER F 187 14.33 -32.72 -26.43
CA SER F 187 14.17 -31.43 -25.74
C SER F 187 13.13 -31.56 -24.65
N PRO F 188 13.09 -30.61 -23.68
CA PRO F 188 12.10 -30.75 -22.59
C PRO F 188 10.66 -30.78 -23.10
N ASP F 189 9.87 -31.70 -22.59
CA ASP F 189 8.47 -31.87 -22.99
C ASP F 189 7.55 -30.92 -22.20
N PRO F 190 6.98 -29.90 -22.88
CA PRO F 190 6.15 -28.94 -22.13
C PRO F 190 4.76 -29.46 -21.78
N SER F 191 4.36 -30.60 -22.34
CA SER F 191 3.06 -31.19 -21.99
C SER F 191 3.15 -31.96 -20.68
N LYS F 192 4.37 -32.21 -20.21
CA LYS F 192 4.55 -32.91 -18.94
C LYS F 192 5.37 -32.02 -18.03
N ASN F 193 6.31 -32.59 -17.29
CA ASN F 193 7.16 -31.80 -16.39
C ASN F 193 6.42 -30.93 -15.38
N GLU F 194 5.35 -31.47 -14.79
CA GLU F 194 4.60 -30.77 -13.73
C GLU F 194 5.43 -30.62 -12.45
N ASN F 195 6.43 -31.49 -12.27
CA ASN F 195 7.23 -31.52 -11.06
C ASN F 195 8.73 -31.18 -11.30
N THR F 196 8.99 -30.45 -12.38
CA THR F 196 10.33 -29.96 -12.72
C THR F 196 10.17 -28.55 -13.27
N ARG F 197 11.12 -27.68 -12.98
CA ARG F 197 11.21 -26.39 -13.67
C ARG F 197 12.43 -26.43 -14.59
N TYR F 198 12.26 -26.03 -15.84
CA TYR F 198 13.38 -25.99 -16.76
C TYR F 198 13.45 -24.65 -17.49
N TYR F 199 14.67 -24.27 -17.87
CA TYR F 199 14.97 -22.97 -18.47
C TYR F 199 16.06 -23.16 -19.51
N GLY F 200 15.80 -22.70 -20.74
CA GLY F 200 16.71 -22.88 -21.86
C GLY F 200 16.76 -21.69 -22.80
N SER F 201 17.92 -21.48 -23.43
CA SER F 201 18.03 -20.50 -24.51
C SER F 201 18.95 -21.01 -25.58
N PHE F 202 18.62 -20.68 -26.81
CA PHE F 202 19.35 -21.15 -27.96
C PHE F 202 19.63 -19.96 -28.85
N THR F 203 20.88 -19.85 -29.30
CA THR F 203 21.22 -18.95 -30.40
C THR F 203 21.98 -19.78 -31.41
N GLY F 204 21.53 -19.75 -32.67
CA GLY F 204 22.12 -20.57 -33.70
C GLY F 204 23.19 -19.84 -34.47
N GLY F 205 23.34 -20.20 -35.75
CA GLY F 205 24.35 -19.58 -36.60
C GLY F 205 25.65 -20.36 -36.57
N ALA F 206 26.48 -20.13 -37.57
CA ALA F 206 27.73 -20.88 -37.72
C ALA F 206 28.90 -20.24 -36.98
N THR F 207 28.87 -18.91 -36.87
CA THR F 207 29.99 -18.15 -36.38
C THR F 207 29.57 -17.09 -35.34
N THR F 208 28.34 -17.22 -34.83
CA THR F 208 27.76 -16.26 -33.90
C THR F 208 28.63 -16.06 -32.64
N PRO F 209 28.90 -14.79 -32.27
CA PRO F 209 29.58 -14.56 -30.98
C PRO F 209 28.76 -15.08 -29.78
N PRO F 210 29.37 -15.90 -28.91
CA PRO F 210 28.70 -16.39 -27.71
C PRO F 210 28.59 -15.27 -26.68
N VAL F 211 27.49 -15.26 -25.93
CA VAL F 211 27.24 -14.24 -24.90
C VAL F 211 26.84 -14.98 -23.62
N MET F 212 27.52 -14.67 -22.52
CA MET F 212 27.22 -15.28 -21.22
C MET F 212 27.51 -14.31 -20.08
N GLN F 213 26.71 -14.41 -19.02
CA GLN F 213 26.97 -13.69 -17.77
C GLN F 213 27.40 -14.65 -16.69
N PHE F 214 28.07 -14.10 -15.68
CA PHE F 214 28.36 -14.84 -14.47
C PHE F 214 28.31 -13.88 -13.29
N THR F 215 27.63 -14.31 -12.23
CA THR F 215 27.49 -13.50 -11.03
C THR F 215 27.05 -14.40 -9.91
N ASN F 216 27.24 -13.97 -8.67
CA ASN F 216 26.65 -14.71 -7.57
C ASN F 216 25.50 -13.96 -6.93
N SER F 217 24.92 -13.00 -7.65
CA SER F 217 23.85 -12.14 -7.09
C SER F 217 22.43 -12.51 -7.56
N VAL F 218 22.32 -13.53 -8.40
CA VAL F 218 21.07 -13.83 -9.10
C VAL F 218 20.50 -15.19 -8.64
N THR F 219 19.24 -15.18 -8.23
CA THR F 219 18.53 -16.39 -7.80
C THR F 219 17.30 -16.58 -8.66
N THR F 220 17.02 -17.83 -9.04
CA THR F 220 15.77 -18.16 -9.74
C THR F 220 14.78 -18.83 -8.78
N VAL F 221 13.59 -18.29 -8.65
CA VAL F 221 12.56 -18.86 -7.79
C VAL F 221 11.86 -20.00 -8.53
N LEU F 222 11.71 -21.14 -7.87
CA LEU F 222 11.25 -22.35 -8.54
C LEU F 222 9.78 -22.68 -8.29
N LEU F 223 9.11 -21.85 -7.49
CA LEU F 223 7.75 -22.10 -7.08
C LEU F 223 6.82 -21.90 -8.27
N ASP F 224 5.79 -22.73 -8.41
CA ASP F 224 4.83 -22.55 -9.50
C ASP F 224 3.78 -21.52 -9.12
N GLU F 225 2.78 -21.33 -9.98
CA GLU F 225 1.79 -20.27 -9.77
C GLU F 225 0.93 -20.46 -8.51
N ASN F 226 0.98 -21.66 -7.92
CA ASN F 226 0.34 -21.90 -6.62
C ASN F 226 1.30 -21.90 -5.43
N GLY F 227 2.52 -21.40 -5.65
CA GLY F 227 3.53 -21.29 -4.61
C GLY F 227 4.18 -22.61 -4.20
N VAL F 228 4.18 -23.60 -5.10
CA VAL F 228 4.75 -24.92 -4.82
C VAL F 228 5.92 -25.21 -5.75
N GLY F 229 7.07 -25.52 -5.16
CA GLY F 229 8.24 -25.91 -5.94
C GLY F 229 8.23 -27.40 -6.25
N PRO F 230 9.21 -27.87 -7.03
CA PRO F 230 9.32 -29.32 -7.26
C PRO F 230 9.44 -30.09 -5.94
N LEU F 231 8.74 -31.21 -5.87
CA LEU F 231 8.73 -32.06 -4.68
C LEU F 231 9.53 -33.32 -4.95
N CYS F 232 10.49 -33.59 -4.08
CA CYS F 232 11.50 -34.58 -4.38
C CYS F 232 11.08 -35.98 -3.99
N LYS F 233 10.67 -36.78 -4.99
CA LYS F 233 10.24 -38.16 -4.76
C LYS F 233 11.40 -39.03 -4.29
N GLY F 234 11.16 -39.82 -3.25
CA GLY F 234 12.16 -40.68 -2.65
C GLY F 234 13.33 -39.91 -2.07
N ASP F 235 13.11 -38.64 -1.74
CA ASP F 235 14.16 -37.76 -1.23
C ASP F 235 15.32 -37.61 -2.23
N LYS F 236 14.99 -37.52 -3.50
CA LYS F 236 15.97 -37.34 -4.56
C LYS F 236 15.70 -36.10 -5.38
N LEU F 237 16.77 -35.35 -5.62
CA LEU F 237 16.68 -34.12 -6.38
C LEU F 237 17.38 -34.32 -7.72
N PHE F 238 16.68 -34.00 -8.80
CA PHE F 238 17.21 -34.19 -10.15
C PHE F 238 17.70 -32.88 -10.75
N LEU F 239 18.99 -32.84 -11.06
CA LEU F 239 19.61 -31.67 -11.70
C LEU F 239 20.01 -32.05 -13.12
N SER F 240 19.56 -31.29 -14.10
CA SER F 240 19.89 -31.54 -15.50
C SER F 240 20.41 -30.28 -16.18
N ALA F 241 21.31 -30.47 -17.16
CA ALA F 241 21.93 -29.35 -17.85
C ALA F 241 22.52 -29.67 -19.22
N VAL F 242 22.61 -28.65 -20.06
CA VAL F 242 23.54 -28.69 -21.19
C VAL F 242 24.00 -27.26 -21.41
N ASP F 243 25.30 -27.09 -21.63
CA ASP F 243 25.83 -25.76 -21.91
C ASP F 243 26.85 -25.84 -23.02
N ILE F 244 26.34 -25.84 -24.25
CA ILE F 244 27.17 -25.78 -25.43
C ILE F 244 27.47 -24.31 -25.68
N VAL F 245 28.76 -23.96 -25.68
CA VAL F 245 29.14 -22.53 -25.74
C VAL F 245 29.67 -22.11 -27.12
N GLY F 246 29.71 -23.08 -28.02
CA GLY F 246 30.04 -22.83 -29.41
C GLY F 246 30.87 -23.95 -30.02
N ILE F 247 31.58 -23.58 -31.09
CA ILE F 247 32.37 -24.50 -31.91
C ILE F 247 33.83 -24.02 -31.95
N HIS F 248 34.76 -24.91 -31.60
CA HIS F 248 36.17 -24.67 -31.88
C HIS F 248 36.51 -25.18 -33.26
N THR F 249 37.20 -24.34 -34.04
CA THR F 249 37.65 -24.73 -35.38
C THR F 249 39.16 -24.99 -35.39
N ASN F 250 39.55 -26.16 -35.91
CA ASN F 250 40.95 -26.56 -35.97
C ASN F 250 41.67 -26.04 -37.21
N TYR F 251 43.00 -26.18 -37.24
CA TYR F 251 43.80 -25.68 -38.37
C TYR F 251 43.32 -26.24 -39.71
N SER F 252 43.07 -27.55 -39.75
CA SER F 252 42.57 -28.22 -40.96
C SER F 252 41.11 -27.86 -41.24
N GLU F 253 40.49 -27.06 -40.36
CA GLU F 253 39.09 -26.65 -40.49
C GLU F 253 38.08 -27.69 -39.97
N SER F 254 38.57 -28.81 -39.43
CA SER F 254 37.70 -29.68 -38.64
C SER F 254 37.21 -28.92 -37.38
N GLN F 255 36.08 -29.37 -36.82
CA GLN F 255 35.41 -28.61 -35.77
C GLN F 255 34.93 -29.46 -34.60
N ASN F 256 35.03 -28.90 -33.40
CA ASN F 256 34.61 -29.59 -32.18
C ASN F 256 33.66 -28.72 -31.38
N TRP F 257 32.54 -29.30 -30.95
CA TRP F 257 31.68 -28.61 -29.99
C TRP F 257 32.43 -28.36 -28.70
N ARG F 258 32.21 -27.20 -28.08
CA ARG F 258 32.80 -26.91 -26.78
C ARG F 258 31.69 -26.74 -25.75
N GLY F 259 31.83 -27.45 -24.62
CA GLY F 259 30.91 -27.30 -23.50
C GLY F 259 31.60 -26.86 -22.22
N LEU F 260 30.83 -26.29 -21.29
CA LEU F 260 31.30 -25.87 -19.98
C LEU F 260 30.44 -26.48 -18.86
N PRO F 261 31.03 -26.68 -17.65
CA PRO F 261 30.27 -27.24 -16.51
C PRO F 261 29.31 -26.23 -15.88
N ARG F 262 28.28 -26.74 -15.21
CA ARG F 262 27.28 -25.87 -14.59
C ARG F 262 27.21 -26.17 -13.09
N TYR F 263 27.24 -25.11 -12.28
CA TYR F 263 27.09 -25.21 -10.84
C TYR F 263 25.63 -24.98 -10.44
N PHE F 264 25.19 -25.70 -9.41
CA PHE F 264 23.83 -25.52 -8.83
C PHE F 264 23.94 -25.32 -7.33
N ASN F 265 23.20 -24.36 -6.79
CA ASN F 265 23.00 -24.26 -5.35
C ASN F 265 21.49 -24.16 -5.13
N VAL F 266 20.89 -25.24 -4.65
CA VAL F 266 19.44 -25.29 -4.51
C VAL F 266 19.01 -25.17 -3.05
N THR F 267 18.09 -24.26 -2.77
CA THR F 267 17.50 -24.16 -1.45
C THR F 267 16.21 -24.94 -1.39
N LEU F 268 16.10 -25.78 -0.36
CA LEU F 268 14.94 -26.66 -0.20
C LEU F 268 14.28 -26.50 1.16
N ARG F 269 12.96 -26.68 1.19
CA ARG F 269 12.19 -26.58 2.41
C ARG F 269 11.28 -27.80 2.55
N LYS F 270 10.81 -28.04 3.78
CA LYS F 270 9.98 -29.18 4.05
C LYS F 270 8.52 -28.85 3.76
N ARG F 271 7.91 -29.66 2.90
CA ARG F 271 6.50 -29.54 2.55
C ARG F 271 5.71 -30.75 3.06
N VAL F 272 4.59 -30.47 3.74
CA VAL F 272 3.67 -31.51 4.19
C VAL F 272 2.80 -31.99 3.03
N VAL F 273 2.63 -33.31 2.95
CA VAL F 273 1.74 -33.95 2.00
C VAL F 273 0.96 -35.05 2.70
N LYS F 274 -0.25 -35.32 2.22
CA LYS F 274 -1.05 -36.43 2.72
C LYS F 274 -0.35 -37.73 2.33
N ASN F 275 -0.22 -38.66 3.27
CA ASN F 275 0.36 -39.96 2.98
C ASN F 275 -0.43 -40.66 1.86
N PRO F 276 0.22 -40.93 0.70
CA PRO F 276 -0.48 -41.57 -0.42
C PRO F 276 -0.44 -43.11 -0.41
N TYR F 277 0.33 -43.69 0.51
CA TYR F 277 0.58 -45.13 0.50
C TYR F 277 -0.53 -45.91 1.17
N PRO F 278 -0.71 -47.19 0.76
CA PRO F 278 -1.87 -47.98 1.20
C PRO F 278 -2.00 -48.06 2.73
N VAL G 7 31.31 -16.74 11.91
CA VAL G 7 30.87 -15.51 12.65
C VAL G 7 29.35 -15.28 12.59
N GLU G 8 28.76 -15.03 13.76
CA GLU G 8 27.32 -14.74 13.86
C GLU G 8 27.06 -13.26 13.58
N VAL G 9 26.33 -12.98 12.50
CA VAL G 9 26.04 -11.61 12.08
C VAL G 9 24.83 -11.04 12.83
N LEU G 10 25.00 -9.87 13.44
CA LEU G 10 23.91 -9.23 14.17
C LEU G 10 23.41 -7.99 13.42
N GLU G 11 22.99 -6.96 14.13
CA GLU G 11 22.35 -5.79 13.51
C GLU G 11 23.32 -4.72 12.98
N VAL G 12 22.79 -3.81 12.16
CA VAL G 12 23.50 -2.65 11.66
C VAL G 12 23.67 -1.61 12.79
N ARG G 13 24.91 -1.15 12.99
CA ARG G 13 25.19 -0.11 14.01
C ARG G 13 24.76 1.27 13.49
N THR G 14 23.79 1.87 14.18
CA THR G 14 23.33 3.22 13.83
C THR G 14 24.13 4.30 14.58
N GLY G 15 23.92 5.55 14.18
CA GLY G 15 24.50 6.70 14.87
C GLY G 15 25.28 7.57 13.91
N PRO G 16 25.94 8.63 14.42
CA PRO G 16 26.85 9.40 13.57
C PRO G 16 28.10 8.58 13.27
N ASP G 17 28.76 8.89 12.17
CA ASP G 17 30.00 8.20 11.75
C ASP G 17 29.86 6.72 11.44
N ALA G 18 28.62 6.25 11.25
CA ALA G 18 28.37 4.82 10.99
C ALA G 18 28.64 4.38 9.52
N ILE G 19 28.85 5.38 8.66
CA ILE G 19 29.02 5.18 7.22
C ILE G 19 30.39 5.71 6.78
N THR G 20 31.04 5.00 5.86
CA THR G 20 32.24 5.53 5.23
C THR G 20 32.20 5.21 3.75
N GLN G 21 33.01 5.91 2.97
CA GLN G 21 33.18 5.49 1.60
C GLN G 21 34.59 5.59 1.12
N ILE G 22 34.94 4.70 0.20
CA ILE G 22 36.28 4.68 -0.34
C ILE G 22 36.22 4.71 -1.87
N GLU G 23 37.27 5.28 -2.47
CA GLU G 23 37.45 5.27 -3.92
C GLU G 23 38.77 4.60 -4.27
N ALA G 24 38.81 3.95 -5.42
CA ALA G 24 40.04 3.40 -5.97
C ALA G 24 39.88 3.14 -7.46
N TYR G 25 41.01 3.05 -8.16
CA TYR G 25 41.01 2.57 -9.54
C TYR G 25 42.03 1.45 -9.69
N LEU G 26 41.78 0.55 -10.64
CA LEU G 26 42.66 -0.57 -10.89
C LEU G 26 43.09 -0.51 -12.35
N ASN G 27 44.39 -0.40 -12.60
CA ASN G 27 44.89 -0.42 -13.96
C ASN G 27 44.87 -1.82 -14.57
N PRO G 28 44.61 -1.90 -15.90
CA PRO G 28 44.49 -3.23 -16.53
C PRO G 28 45.83 -3.98 -16.56
N ARG G 29 45.74 -5.29 -16.52
CA ARG G 29 46.91 -6.15 -16.61
C ARG G 29 46.74 -7.07 -17.82
N MET G 30 46.95 -6.51 -19.02
CA MET G 30 46.80 -7.25 -20.30
C MET G 30 48.02 -8.09 -20.71
N GLY G 31 49.17 -7.82 -20.10
CA GLY G 31 50.41 -8.52 -20.41
C GLY G 31 51.62 -7.60 -20.33
N ASN G 32 51.55 -6.45 -20.99
CA ASN G 32 52.47 -5.35 -20.72
C ASN G 32 51.95 -4.60 -19.51
N ASN G 33 52.49 -4.96 -18.34
CA ASN G 33 51.94 -4.57 -17.05
C ASN G 33 52.77 -3.53 -16.29
N ASN G 34 53.86 -3.05 -16.90
CA ASN G 34 54.71 -2.07 -16.26
C ASN G 34 54.44 -0.70 -16.93
N PRO G 35 54.19 0.36 -16.14
CA PRO G 35 53.78 1.64 -16.76
C PRO G 35 54.80 2.27 -17.71
N THR G 36 56.04 1.79 -17.69
CA THR G 36 57.04 2.21 -18.67
C THR G 36 57.04 1.37 -19.98
N ASP G 37 56.30 0.25 -20.01
CA ASP G 37 56.16 -0.56 -21.24
C ASP G 37 55.55 0.27 -22.36
N GLU G 38 56.17 0.21 -23.54
CA GLU G 38 55.63 0.92 -24.71
C GLU G 38 54.15 0.62 -24.95
N LEU G 39 53.75 -0.64 -24.80
CA LEU G 39 52.36 -1.02 -25.01
C LEU G 39 51.65 -1.37 -23.70
N TYR G 40 51.95 -0.59 -22.66
CA TYR G 40 51.23 -0.67 -21.38
C TYR G 40 49.74 -0.53 -21.65
N GLY G 41 48.97 -1.43 -21.06
CA GLY G 41 47.52 -1.45 -21.30
C GLY G 41 47.12 -2.40 -22.42
N TYR G 42 48.12 -3.02 -23.05
CA TYR G 42 47.89 -4.02 -24.09
C TYR G 42 48.65 -5.30 -23.75
N SER G 43 48.26 -6.41 -24.38
CA SER G 43 49.11 -7.60 -24.42
C SER G 43 50.16 -7.39 -25.51
N ALA G 44 51.28 -8.09 -25.42
CA ALA G 44 52.21 -8.21 -26.55
C ALA G 44 51.52 -9.00 -27.66
N ASP G 45 52.10 -9.02 -28.86
CA ASP G 45 51.53 -9.77 -30.00
C ASP G 45 51.25 -11.20 -29.55
N ILE G 46 50.04 -11.69 -29.83
CA ILE G 46 49.66 -13.06 -29.46
C ILE G 46 50.60 -14.04 -30.15
N ASN G 47 51.18 -14.98 -29.41
CA ASN G 47 51.92 -16.08 -30.01
C ASN G 47 51.11 -17.36 -29.97
N VAL G 48 50.72 -17.81 -31.16
CA VAL G 48 49.74 -18.87 -31.33
C VAL G 48 50.44 -20.22 -31.26
N ALA G 49 49.76 -21.20 -30.67
CA ALA G 49 50.26 -22.59 -30.59
C ALA G 49 50.48 -23.18 -31.98
N SER G 50 51.50 -24.03 -32.12
N SER G 50 51.49 -24.04 -32.11
CA SER G 50 51.74 -24.79 -33.34
CA SER G 50 51.74 -24.76 -33.35
C SER G 50 50.81 -25.98 -33.48
C SER G 50 50.90 -26.04 -33.48
N SER G 51 50.51 -26.62 -32.34
CA SER G 51 49.74 -27.87 -32.32
C SER G 51 49.00 -28.02 -30.99
N LYS G 52 48.28 -29.13 -30.83
CA LYS G 52 47.73 -29.48 -29.52
C LYS G 52 48.85 -29.66 -28.47
N ALA G 53 49.89 -30.40 -28.84
CA ALA G 53 51.01 -30.68 -27.92
C ALA G 53 51.87 -29.46 -27.57
N SER G 54 52.00 -28.52 -28.51
CA SER G 54 52.96 -27.43 -28.37
C SER G 54 52.27 -26.08 -28.30
N ASP G 55 52.12 -25.57 -27.08
CA ASP G 55 51.38 -24.33 -26.81
C ASP G 55 52.03 -23.62 -25.63
N ASN G 56 52.90 -22.66 -25.95
CA ASN G 56 53.69 -21.94 -24.96
C ASN G 56 53.43 -20.44 -25.02
N PRO G 57 52.28 -19.98 -24.49
CA PRO G 57 52.01 -18.54 -24.59
C PRO G 57 52.97 -17.75 -23.72
N ASN G 58 53.48 -16.63 -24.24
CA ASN G 58 54.32 -15.74 -23.47
C ASN G 58 53.46 -15.07 -22.39
N ALA G 59 54.05 -14.85 -21.21
CA ALA G 59 53.35 -14.19 -20.10
C ALA G 59 52.81 -12.81 -20.50
N THR G 60 53.52 -12.13 -21.41
CA THR G 60 53.10 -10.80 -21.85
C THR G 60 51.89 -10.86 -22.79
N THR G 61 51.51 -12.08 -23.20
CA THR G 61 50.38 -12.23 -24.09
C THR G 61 49.07 -12.65 -23.37
N LEU G 62 49.12 -12.76 -22.04
CA LEU G 62 48.02 -13.35 -21.27
C LEU G 62 47.41 -12.36 -20.28
N PRO G 63 46.21 -11.83 -20.60
CA PRO G 63 45.59 -10.93 -19.64
C PRO G 63 45.34 -11.63 -18.31
N THR G 64 45.53 -10.89 -17.22
CA THR G 64 45.35 -11.39 -15.85
C THR G 64 44.39 -10.48 -15.09
N TYR G 65 43.91 -10.97 -13.94
CA TYR G 65 43.02 -10.20 -13.08
C TYR G 65 43.80 -9.11 -12.35
N SER G 66 43.14 -7.95 -12.23
CA SER G 66 43.58 -6.85 -11.37
C SER G 66 42.98 -7.06 -9.97
N VAL G 67 43.76 -6.80 -8.93
CA VAL G 67 43.23 -6.82 -7.57
C VAL G 67 43.89 -5.73 -6.74
N ALA G 68 43.09 -5.06 -5.92
CA ALA G 68 43.59 -4.12 -4.95
C ALA G 68 42.99 -4.43 -3.57
N VAL G 69 43.77 -4.21 -2.52
CA VAL G 69 43.30 -4.32 -1.14
C VAL G 69 43.29 -2.96 -0.46
N ILE G 70 42.11 -2.53 -0.01
CA ILE G 70 41.93 -1.24 0.63
C ILE G 70 41.85 -1.44 2.14
N LYS G 71 42.74 -0.78 2.87
CA LYS G 71 42.74 -0.85 4.33
C LYS G 71 41.75 0.18 4.89
N LEU G 72 40.80 -0.29 5.69
CA LEU G 72 39.73 0.57 6.21
C LEU G 72 40.05 1.02 7.63
N PRO G 73 39.40 2.11 8.09
CA PRO G 73 39.61 2.59 9.47
C PRO G 73 39.36 1.49 10.49
N MET G 74 40.28 1.42 11.48
CA MET G 74 40.23 0.42 12.53
C MET G 74 38.98 0.62 13.36
N LEU G 75 38.25 -0.46 13.60
CA LEU G 75 36.96 -0.34 14.26
C LEU G 75 36.95 -0.53 15.76
N ASN G 76 37.61 -1.57 16.23
CA ASN G 76 37.46 -1.99 17.61
C ASN G 76 38.67 -1.60 18.45
N GLU G 77 38.42 -0.92 19.58
CA GLU G 77 39.48 -0.78 20.58
C GLU G 77 39.62 -2.15 21.22
N ASP G 78 38.71 -2.43 22.17
CA ASP G 78 38.65 -3.69 22.89
C ASP G 78 38.33 -4.89 21.99
N MET G 79 39.38 -5.66 21.76
CA MET G 79 39.42 -6.95 21.14
C MET G 79 38.57 -7.99 21.82
N THR G 80 38.15 -7.71 23.04
CA THR G 80 37.55 -8.71 23.90
C THR G 80 36.17 -8.37 24.41
N CYS G 81 35.58 -7.31 23.89
CA CYS G 81 34.19 -7.05 24.23
C CYS G 81 33.36 -8.14 23.61
N ASP G 82 32.06 -8.09 23.80
CA ASP G 82 31.23 -9.23 23.49
C ASP G 82 30.74 -9.29 22.07
N THR G 83 30.51 -8.13 21.50
CA THR G 83 30.21 -8.02 20.13
C THR G 83 31.34 -7.21 19.55
N LEU G 84 31.45 -7.25 18.26
CA LEU G 84 32.47 -6.49 17.53
C LEU G 84 31.84 -5.83 16.31
N LEU G 85 32.55 -4.88 15.72
CA LEU G 85 32.07 -4.23 14.52
C LEU G 85 32.90 -4.66 13.34
N MET G 86 32.25 -4.81 12.18
CA MET G 86 32.96 -5.01 10.92
C MET G 86 32.40 -4.04 9.90
N TRP G 87 33.25 -3.57 9.00
CA TRP G 87 32.79 -2.81 7.85
C TRP G 87 32.04 -3.70 6.92
N GLU G 88 30.86 -3.24 6.52
CA GLU G 88 30.01 -3.99 5.62
C GLU G 88 29.83 -3.18 4.33
N ALA G 89 30.20 -3.76 3.19
CA ALA G 89 30.07 -3.07 1.90
C ALA G 89 28.62 -3.14 1.44
N VAL G 90 27.96 -2.00 1.33
N VAL G 90 27.97 -1.98 1.36
CA VAL G 90 26.53 -1.98 1.01
CA VAL G 90 26.54 -1.90 1.05
C VAL G 90 26.25 -1.72 -0.46
C VAL G 90 26.28 -1.75 -0.45
N SER G 91 27.07 -0.90 -1.10
CA SER G 91 26.80 -0.51 -2.48
C SER G 91 28.07 -0.02 -3.16
N VAL G 92 28.08 -0.03 -4.48
CA VAL G 92 29.25 0.39 -5.25
C VAL G 92 28.84 1.10 -6.53
N LYS G 93 29.50 2.21 -6.82
CA LYS G 93 29.46 2.81 -8.14
C LYS G 93 30.76 2.41 -8.84
N THR G 94 30.65 1.77 -10.00
CA THR G 94 31.85 1.33 -10.71
C THR G 94 31.77 1.73 -12.18
N GLU G 95 32.92 2.00 -12.77
CA GLU G 95 32.97 2.59 -14.10
C GLU G 95 34.22 2.13 -14.84
N VAL G 96 34.05 1.73 -16.09
CA VAL G 96 35.19 1.49 -16.97
C VAL G 96 35.64 2.82 -17.57
N MET G 97 36.88 3.22 -17.28
CA MET G 97 37.39 4.54 -17.67
C MET G 97 38.07 4.53 -19.04
N GLY G 98 37.98 5.66 -19.76
CA GLY G 98 38.62 5.80 -21.08
C GLY G 98 37.95 5.06 -22.23
N ILE G 99 36.65 4.76 -22.05
CA ILE G 99 35.90 4.09 -23.11
C ILE G 99 36.05 4.78 -24.48
N SER G 100 35.94 6.11 -24.49
CA SER G 100 36.04 6.88 -25.73
C SER G 100 37.43 6.86 -26.40
N SER G 101 38.47 6.40 -25.69
CA SER G 101 39.79 6.19 -26.31
C SER G 101 39.71 5.22 -27.51
N LEU G 102 38.71 4.34 -27.49
CA LEU G 102 38.51 3.41 -28.62
C LEU G 102 37.92 4.07 -29.86
N VAL G 103 37.35 5.26 -29.69
CA VAL G 103 36.74 5.98 -30.80
C VAL G 103 37.84 6.70 -31.59
N ASN G 104 38.57 5.91 -32.37
CA ASN G 104 39.87 6.30 -32.92
C ASN G 104 40.07 5.44 -34.16
N LEU G 105 40.08 6.09 -35.33
CA LEU G 105 40.28 5.40 -36.60
C LEU G 105 41.61 5.71 -37.29
N HIS G 106 42.54 6.36 -36.58
CA HIS G 106 43.81 6.75 -37.19
C HIS G 106 45.00 6.02 -36.66
N GLN G 107 44.82 5.27 -35.57
CA GLN G 107 45.90 4.49 -34.98
C GLN G 107 46.50 3.54 -36.03
N GLY G 108 47.82 3.40 -36.04
CA GLY G 108 48.46 2.44 -36.94
C GLY G 108 47.83 1.06 -36.81
N GLY G 109 47.51 0.42 -37.92
CA GLY G 109 46.86 -0.88 -37.89
C GLY G 109 46.43 -1.37 -39.26
N LYS G 110 45.36 -2.18 -39.28
CA LYS G 110 44.83 -2.78 -40.50
C LYS G 110 43.72 -1.89 -41.06
N TYR G 111 43.77 -1.56 -42.35
CA TYR G 111 42.74 -0.72 -42.98
C TYR G 111 41.36 -1.38 -42.94
N ILE G 112 40.32 -0.57 -42.73
CA ILE G 112 38.93 -1.03 -42.81
C ILE G 112 38.62 -1.46 -44.24
N TYR G 113 38.88 -0.59 -45.20
CA TYR G 113 38.80 -0.98 -46.61
C TYR G 113 40.20 -0.94 -47.20
N GLY G 114 40.42 -0.09 -48.21
CA GLY G 114 41.74 0.07 -48.77
C GLY G 114 42.58 1.10 -48.00
N SER G 115 43.75 1.41 -48.55
CA SER G 115 44.75 2.22 -47.87
C SER G 115 44.34 3.69 -47.78
N SER G 116 43.21 4.05 -48.39
CA SER G 116 42.66 5.39 -48.24
C SER G 116 41.75 5.54 -47.01
N SER G 117 41.42 4.42 -46.37
CA SER G 117 40.42 4.40 -45.28
C SER G 117 41.05 4.50 -43.88
N GLY G 118 40.20 4.63 -42.86
CA GLY G 118 40.67 4.57 -41.48
C GLY G 118 41.06 3.14 -41.12
N THR G 119 41.59 2.96 -39.92
CA THR G 119 41.97 1.62 -39.48
C THR G 119 40.93 0.98 -38.56
N ILE G 120 40.90 -0.35 -38.55
CA ILE G 120 39.95 -1.11 -37.75
C ILE G 120 40.19 -0.81 -36.27
N PRO G 121 39.16 -0.31 -35.56
CA PRO G 121 39.30 -0.07 -34.13
C PRO G 121 39.29 -1.37 -33.33
N VAL G 122 39.51 -1.27 -32.03
CA VAL G 122 39.49 -2.42 -31.14
C VAL G 122 38.12 -3.13 -31.18
N GLN G 123 38.14 -4.43 -31.46
CA GLN G 123 36.91 -5.23 -31.56
C GLN G 123 37.22 -6.72 -31.31
N GLY G 124 36.16 -7.53 -31.25
CA GLY G 124 36.33 -8.94 -30.90
C GLY G 124 35.96 -9.23 -29.46
N THR G 125 36.52 -10.31 -28.91
CA THR G 125 36.16 -10.83 -27.58
C THR G 125 36.31 -9.77 -26.48
N THR G 126 35.27 -9.61 -25.64
CA THR G 126 35.35 -8.74 -24.46
C THR G 126 35.04 -9.52 -23.19
N LEU G 127 35.68 -9.14 -22.09
CA LEU G 127 35.42 -9.75 -20.80
C LEU G 127 35.43 -8.64 -19.74
N HIS G 128 34.32 -8.48 -19.03
CA HIS G 128 34.21 -7.49 -17.96
C HIS G 128 33.86 -8.18 -16.70
N MET G 129 34.64 -7.92 -15.66
CA MET G 129 34.29 -8.43 -14.34
C MET G 129 34.70 -7.43 -13.27
N PHE G 130 33.84 -7.25 -12.28
CA PHE G 130 34.25 -6.58 -11.05
C PHE G 130 33.74 -7.36 -9.86
N SER G 131 34.48 -7.30 -8.76
CA SER G 131 34.01 -7.88 -7.51
C SER G 131 34.39 -7.00 -6.34
N VAL G 132 33.56 -7.05 -5.30
CA VAL G 132 33.79 -6.34 -4.05
C VAL G 132 33.56 -7.36 -2.92
N GLY G 133 34.60 -7.60 -2.11
CA GLY G 133 34.53 -8.62 -1.06
C GLY G 133 35.32 -8.25 0.19
N GLY G 134 35.09 -9.00 1.26
CA GLY G 134 35.82 -8.81 2.52
C GLY G 134 36.99 -9.77 2.68
N GLU G 135 37.41 -10.34 1.56
CA GLU G 135 38.52 -11.31 1.54
C GLU G 135 38.85 -11.57 0.06
N PRO G 136 39.93 -12.33 -0.23
CA PRO G 136 40.26 -12.58 -1.64
C PRO G 136 39.13 -13.29 -2.38
N LEU G 137 38.91 -12.88 -3.63
CA LEU G 137 37.98 -13.56 -4.51
C LEU G 137 38.47 -14.99 -4.72
N GLU G 138 37.57 -15.94 -4.55
CA GLU G 138 37.90 -17.36 -4.67
C GLU G 138 37.72 -17.81 -6.11
N LEU G 139 38.73 -18.55 -6.60
CA LEU G 139 38.85 -18.89 -8.03
C LEU G 139 38.73 -20.37 -8.29
N GLN G 140 38.23 -20.68 -9.49
CA GLN G 140 38.18 -22.04 -10.02
C GLN G 140 39.01 -22.11 -11.31
N GLY G 141 39.82 -23.15 -11.43
CA GLY G 141 40.63 -23.34 -12.64
C GLY G 141 39.92 -24.13 -13.72
N LEU G 142 40.04 -23.69 -14.96
CA LEU G 142 39.52 -24.40 -16.12
C LEU G 142 40.13 -23.80 -17.38
N VAL G 143 40.66 -24.66 -18.26
CA VAL G 143 41.39 -24.21 -19.45
C VAL G 143 40.86 -24.80 -20.76
N ALA G 144 41.08 -24.09 -21.86
CA ALA G 144 40.80 -24.64 -23.19
C ALA G 144 41.58 -25.92 -23.47
N SER G 145 42.80 -25.99 -22.93
CA SER G 145 43.72 -27.08 -23.22
C SER G 145 44.66 -27.41 -22.07
N SER G 146 44.59 -28.65 -21.61
CA SER G 146 45.43 -29.12 -20.50
C SER G 146 46.90 -29.36 -20.90
N THR G 147 47.20 -29.28 -22.19
CA THR G 147 48.55 -29.50 -22.70
C THR G 147 49.31 -28.18 -22.95
N THR G 148 48.66 -27.06 -22.66
CA THR G 148 49.32 -25.74 -22.68
C THR G 148 50.38 -25.68 -21.57
N THR G 149 51.55 -25.18 -21.91
CA THR G 149 52.59 -24.92 -20.92
C THR G 149 52.52 -23.41 -20.59
N TYR G 150 52.07 -23.11 -19.38
CA TYR G 150 51.96 -21.73 -18.94
C TYR G 150 53.29 -21.25 -18.38
N PRO G 151 53.58 -19.94 -18.51
CA PRO G 151 54.82 -19.39 -17.97
C PRO G 151 54.88 -19.64 -16.47
N THR G 152 56.02 -20.13 -15.99
CA THR G 152 56.14 -20.60 -14.61
C THR G 152 55.97 -19.49 -13.58
N ASP G 153 56.19 -18.24 -13.97
CA ASP G 153 56.08 -17.13 -13.02
C ASP G 153 54.67 -16.55 -12.93
N MET G 154 53.70 -17.18 -13.59
CA MET G 154 52.29 -16.85 -13.38
C MET G 154 51.69 -17.91 -12.44
N VAL G 155 50.51 -17.63 -11.88
CA VAL G 155 49.85 -18.65 -11.07
C VAL G 155 48.80 -19.35 -11.93
N THR G 156 49.03 -20.63 -12.19
CA THR G 156 48.14 -21.42 -13.02
C THR G 156 47.93 -22.78 -12.33
N ILE G 157 47.20 -23.68 -12.99
CA ILE G 157 46.91 -24.99 -12.43
C ILE G 157 48.15 -25.88 -12.43
N LYS G 158 48.46 -26.46 -11.28
CA LYS G 158 49.61 -27.34 -11.15
C LYS G 158 49.31 -28.73 -11.73
N ASN G 159 50.27 -29.27 -12.49
CA ASN G 159 50.17 -30.64 -13.02
C ASN G 159 48.84 -30.94 -13.71
N MET G 160 48.51 -30.15 -14.72
CA MET G 160 47.25 -30.31 -15.44
C MET G 160 47.11 -31.69 -16.07
N LYS G 161 45.87 -32.19 -16.05
CA LYS G 161 45.48 -33.37 -16.81
C LYS G 161 44.25 -32.97 -17.63
N PRO G 162 43.82 -33.82 -18.60
CA PRO G 162 42.65 -33.43 -19.40
C PRO G 162 41.39 -33.03 -18.60
N VAL G 163 41.23 -33.58 -17.39
CA VAL G 163 40.12 -33.21 -16.50
C VAL G 163 39.99 -31.68 -16.33
N ASN G 164 41.11 -30.98 -16.39
CA ASN G 164 41.15 -29.52 -16.22
C ASN G 164 40.59 -28.73 -17.39
N GLN G 165 40.17 -29.43 -18.43
CA GLN G 165 39.42 -28.82 -19.52
C GLN G 165 37.92 -28.73 -19.15
N ALA G 166 37.58 -29.32 -18.00
CA ALA G 166 36.25 -29.15 -17.42
C ALA G 166 36.42 -28.89 -15.94
N LEU G 167 35.47 -29.31 -15.11
CA LEU G 167 35.56 -29.03 -13.68
C LEU G 167 36.38 -30.08 -12.93
N ASP G 168 37.54 -29.64 -12.45
CA ASP G 168 38.37 -30.39 -11.52
C ASP G 168 38.23 -29.73 -10.15
N PRO G 169 37.60 -30.42 -9.18
CA PRO G 169 37.31 -29.76 -7.90
C PRO G 169 38.58 -29.37 -7.12
N ASN G 170 39.72 -29.93 -7.49
CA ASN G 170 40.98 -29.63 -6.81
C ASN G 170 41.72 -28.43 -7.38
N ALA G 171 41.23 -27.87 -8.49
CA ALA G 171 41.86 -26.73 -9.13
C ALA G 171 41.26 -25.41 -8.64
N LYS G 172 41.58 -25.05 -7.39
CA LYS G 172 41.09 -23.83 -6.75
C LYS G 172 42.23 -22.88 -6.44
N ALA G 173 41.90 -21.59 -6.37
CA ALA G 173 42.89 -20.57 -6.03
C ALA G 173 42.25 -19.37 -5.32
N LEU G 174 43.09 -18.50 -4.78
CA LEU G 174 42.66 -17.21 -4.29
C LEU G 174 43.26 -16.15 -5.19
N LEU G 175 42.44 -15.16 -5.59
CA LEU G 175 42.95 -14.00 -6.28
C LEU G 175 43.63 -13.09 -5.25
N ASP G 176 44.92 -13.36 -4.99
CA ASP G 176 45.68 -12.67 -3.95
C ASP G 176 46.92 -11.95 -4.48
N LYS G 177 47.04 -11.88 -5.80
CA LYS G 177 48.14 -11.15 -6.41
C LYS G 177 47.65 -10.43 -7.65
N ASP G 178 48.09 -9.19 -7.80
CA ASP G 178 47.76 -8.41 -8.99
C ASP G 178 48.58 -8.92 -10.19
N GLY G 179 47.93 -9.01 -11.34
CA GLY G 179 48.60 -9.38 -12.60
C GLY G 179 49.34 -10.71 -12.61
N LYS G 180 48.78 -11.72 -11.94
CA LYS G 180 49.42 -13.05 -11.84
C LYS G 180 48.53 -14.21 -12.28
N TYR G 181 47.21 -14.00 -12.19
CA TYR G 181 46.21 -15.03 -12.47
C TYR G 181 45.55 -14.83 -13.83
N PRO G 182 45.88 -15.69 -14.81
CA PRO G 182 45.31 -15.53 -16.17
C PRO G 182 43.79 -15.72 -16.20
N VAL G 183 43.09 -14.82 -16.88
CA VAL G 183 41.64 -14.99 -17.07
C VAL G 183 41.30 -16.28 -17.80
N GLU G 184 42.18 -16.72 -18.71
CA GLU G 184 41.89 -17.94 -19.45
C GLU G 184 42.10 -19.23 -18.62
N VAL G 185 42.61 -19.07 -17.40
CA VAL G 185 42.83 -20.19 -16.48
C VAL G 185 41.84 -20.16 -15.30
N TRP G 186 41.50 -18.95 -14.85
CA TRP G 186 40.73 -18.79 -13.60
C TRP G 186 39.46 -18.01 -13.79
N SER G 187 38.40 -18.46 -13.11
CA SER G 187 37.14 -17.73 -13.08
C SER G 187 36.56 -17.77 -11.65
N PRO G 188 35.64 -16.86 -11.29
CA PRO G 188 35.13 -16.90 -9.93
C PRO G 188 34.45 -18.24 -9.65
N ASP G 189 34.68 -18.76 -8.45
CA ASP G 189 34.17 -20.04 -8.03
C ASP G 189 32.80 -19.84 -7.35
N PRO G 190 31.70 -20.25 -8.02
CA PRO G 190 30.37 -20.01 -7.46
C PRO G 190 30.02 -20.91 -6.27
N SER G 191 30.86 -21.91 -6.00
CA SER G 191 30.68 -22.81 -4.85
C SER G 191 31.24 -22.21 -3.58
N LYS G 192 31.95 -21.11 -3.72
CA LYS G 192 32.41 -20.39 -2.53
C LYS G 192 31.96 -18.93 -2.61
N ASN G 193 32.88 -18.00 -2.34
CA ASN G 193 32.58 -16.57 -2.45
C ASN G 193 31.32 -16.11 -1.72
N GLU G 194 31.08 -16.66 -0.53
CA GLU G 194 29.97 -16.22 0.34
C GLU G 194 30.15 -14.78 0.84
N ASN G 195 31.37 -14.25 0.77
CA ASN G 195 31.68 -12.95 1.36
C ASN G 195 32.27 -11.98 0.31
N THR G 196 31.93 -12.23 -0.96
CA THR G 196 32.31 -11.38 -2.09
C THR G 196 31.12 -11.36 -3.03
N ARG G 197 30.82 -10.19 -3.61
CA ARG G 197 29.86 -10.14 -4.70
C ARG G 197 30.63 -9.87 -5.99
N TYR G 198 30.44 -10.73 -7.00
CA TYR G 198 31.10 -10.57 -8.29
C TYR G 198 30.07 -10.52 -9.41
N TYR G 199 30.41 -9.79 -10.47
CA TYR G 199 29.50 -9.51 -11.58
C TYR G 199 30.36 -9.58 -12.83
N GLY G 200 29.93 -10.40 -13.77
CA GLY G 200 30.74 -10.68 -14.95
C GLY G 200 29.94 -10.75 -16.23
N SER G 201 30.60 -10.33 -17.31
CA SER G 201 29.98 -10.29 -18.61
C SER G 201 30.96 -10.66 -19.72
N PHE G 202 30.55 -11.60 -20.57
CA PHE G 202 31.40 -12.12 -21.64
C PHE G 202 30.67 -12.11 -22.98
N THR G 203 31.33 -11.56 -23.99
CA THR G 203 30.88 -11.71 -25.38
C THR G 203 32.10 -12.07 -26.23
N GLY G 204 32.01 -13.18 -26.94
CA GLY G 204 33.17 -13.70 -27.66
C GLY G 204 33.24 -13.24 -29.11
N GLY G 205 33.82 -14.11 -29.95
CA GLY G 205 34.00 -13.76 -31.34
C GLY G 205 35.34 -13.08 -31.60
N ALA G 206 35.68 -12.97 -32.89
CA ALA G 206 36.94 -12.39 -33.31
C ALA G 206 36.80 -10.95 -33.71
N THR G 207 35.64 -10.58 -34.24
CA THR G 207 35.48 -9.22 -34.78
C THR G 207 34.27 -8.47 -34.21
N THR G 208 33.70 -9.01 -33.13
CA THR G 208 32.49 -8.44 -32.51
C THR G 208 32.68 -6.99 -32.04
N PRO G 209 31.74 -6.10 -32.41
CA PRO G 209 31.75 -4.73 -31.91
C PRO G 209 31.61 -4.71 -30.39
N PRO G 210 32.53 -4.02 -29.69
CA PRO G 210 32.41 -3.87 -28.24
C PRO G 210 31.25 -2.93 -27.88
N VAL G 211 30.58 -3.20 -26.77
CA VAL G 211 29.46 -2.39 -26.30
C VAL G 211 29.75 -2.02 -24.86
N MET G 212 29.77 -0.73 -24.56
CA MET G 212 29.99 -0.27 -23.18
C MET G 212 29.17 0.98 -22.83
N GLN G 213 28.70 1.03 -21.58
CA GLN G 213 27.97 2.20 -21.06
C GLN G 213 28.87 2.96 -20.08
N PHE G 214 28.60 4.24 -19.91
CA PHE G 214 29.30 5.01 -18.86
C PHE G 214 28.40 6.10 -18.33
N THR G 215 28.33 6.20 -17.01
CA THR G 215 27.43 7.12 -16.35
C THR G 215 27.86 7.24 -14.90
N ASN G 216 27.40 8.29 -14.24
CA ASN G 216 27.53 8.34 -12.79
C ASN G 216 26.18 8.21 -12.07
N SER G 217 25.16 7.76 -12.79
CA SER G 217 23.80 7.65 -12.22
C SER G 217 23.46 6.27 -11.67
N VAL G 218 24.37 5.31 -11.82
CA VAL G 218 24.03 3.91 -11.51
C VAL G 218 24.79 3.37 -10.31
N THR G 219 24.06 2.73 -9.40
CA THR G 219 24.63 2.08 -8.23
C THR G 219 24.21 0.61 -8.20
N THR G 220 25.15 -0.27 -7.86
CA THR G 220 24.85 -1.68 -7.58
C THR G 220 24.79 -1.89 -6.06
N VAL G 221 23.70 -2.49 -5.58
CA VAL G 221 23.56 -2.80 -4.16
C VAL G 221 24.17 -4.18 -3.90
N LEU G 222 25.03 -4.27 -2.89
CA LEU G 222 25.85 -5.47 -2.63
C LEU G 222 25.26 -6.40 -1.56
N LEU G 223 24.11 -6.03 -1.01
CA LEU G 223 23.49 -6.80 0.06
C LEU G 223 22.96 -8.12 -0.49
N ASP G 224 23.15 -9.21 0.26
CA ASP G 224 22.57 -10.48 -0.14
C ASP G 224 21.07 -10.56 0.21
N GLU G 225 20.49 -11.74 0.02
CA GLU G 225 19.08 -11.98 0.27
C GLU G 225 18.67 -11.73 1.73
N ASN G 226 19.63 -11.76 2.64
CA ASN G 226 19.38 -11.47 4.06
C ASN G 226 19.70 -10.05 4.48
N GLY G 227 19.99 -9.19 3.51
CA GLY G 227 20.30 -7.78 3.76
C GLY G 227 21.72 -7.52 4.24
N VAL G 228 22.63 -8.45 3.93
CA VAL G 228 24.00 -8.41 4.46
C VAL G 228 24.99 -8.28 3.32
N GLY G 229 25.83 -7.25 3.39
CA GLY G 229 26.89 -7.04 2.41
C GLY G 229 28.14 -7.83 2.77
N PRO G 230 29.13 -7.85 1.87
CA PRO G 230 30.45 -8.39 2.23
C PRO G 230 30.99 -7.74 3.51
N LEU G 231 31.52 -8.54 4.42
CA LEU G 231 32.08 -8.07 5.69
C LEU G 231 33.61 -8.15 5.64
N CYS G 232 34.28 -7.04 5.96
CA CYS G 232 35.72 -6.91 5.69
C CYS G 232 36.59 -7.46 6.83
N LYS G 233 37.10 -8.67 6.64
CA LYS G 233 37.93 -9.33 7.64
C LYS G 233 39.23 -8.57 7.80
N GLY G 234 39.63 -8.36 9.06
CA GLY G 234 40.80 -7.55 9.39
C GLY G 234 40.74 -6.13 8.84
N ASP G 235 39.51 -5.62 8.63
CA ASP G 235 39.30 -4.28 8.09
C ASP G 235 39.89 -4.07 6.69
N LYS G 236 39.86 -5.12 5.87
CA LYS G 236 40.36 -5.04 4.50
C LYS G 236 39.28 -5.29 3.47
N LEU G 237 39.24 -4.42 2.47
CA LEU G 237 38.29 -4.51 1.40
C LEU G 237 39.00 -4.93 0.11
N PHE G 238 38.48 -5.96 -0.54
CA PHE G 238 39.11 -6.51 -1.74
C PHE G 238 38.33 -6.11 -2.99
N LEU G 239 39.01 -5.44 -3.91
CA LEU G 239 38.40 -5.01 -5.17
C LEU G 239 39.13 -5.71 -6.29
N SER G 240 38.38 -6.39 -7.17
CA SER G 240 39.00 -7.12 -8.23
C SER G 240 38.32 -6.76 -9.54
N ALA G 241 39.07 -6.85 -10.63
CA ALA G 241 38.54 -6.51 -11.94
C ALA G 241 39.30 -7.14 -13.11
N VAL G 242 38.61 -7.27 -14.23
CA VAL G 242 39.24 -7.39 -15.54
C VAL G 242 38.32 -6.70 -16.53
N ASP G 243 38.92 -5.92 -17.43
CA ASP G 243 38.15 -5.26 -18.48
C ASP G 243 38.87 -5.32 -19.83
N ILE G 244 38.81 -6.50 -20.44
CA ILE G 244 39.29 -6.71 -21.80
C ILE G 244 38.23 -6.15 -22.75
N VAL G 245 38.60 -5.13 -23.51
CA VAL G 245 37.63 -4.44 -24.36
C VAL G 245 37.74 -4.86 -25.83
N GLY G 246 38.61 -5.83 -26.10
CA GLY G 246 38.71 -6.37 -27.45
C GLY G 246 40.15 -6.54 -27.88
N ILE G 247 40.34 -6.59 -29.20
CA ILE G 247 41.62 -6.95 -29.80
C ILE G 247 42.00 -5.82 -30.75
N HIS G 248 43.23 -5.35 -30.64
CA HIS G 248 43.78 -4.46 -31.66
C HIS G 248 44.57 -5.24 -32.66
N THR G 249 44.33 -4.96 -33.94
CA THR G 249 45.03 -5.62 -35.03
C THR G 249 46.03 -4.66 -35.68
N ASN G 250 47.27 -5.14 -35.79
CA ASN G 250 48.37 -4.38 -36.35
C ASN G 250 48.41 -4.53 -37.88
N TYR G 251 49.21 -3.71 -38.56
CA TYR G 251 49.27 -3.77 -40.04
C TYR G 251 49.69 -5.15 -40.55
N SER G 252 50.63 -5.79 -39.85
CA SER G 252 51.10 -7.11 -40.26
C SER G 252 50.10 -8.19 -39.85
N GLU G 253 49.00 -7.77 -39.22
CA GLU G 253 47.94 -8.68 -38.76
C GLU G 253 48.21 -9.35 -37.42
N SER G 254 49.36 -9.06 -36.81
CA SER G 254 49.57 -9.43 -35.41
C SER G 254 48.53 -8.71 -34.53
N GLN G 255 48.26 -9.27 -33.37
CA GLN G 255 47.15 -8.79 -32.56
C GLN G 255 47.50 -8.62 -31.09
N ASN G 256 46.95 -7.56 -30.48
CA ASN G 256 47.14 -7.29 -29.05
C ASN G 256 45.79 -7.14 -28.37
N TRP G 257 45.64 -7.81 -27.23
CA TRP G 257 44.50 -7.58 -26.33
C TRP G 257 44.55 -6.15 -25.83
N ARG G 258 43.39 -5.50 -25.73
CA ARG G 258 43.33 -4.14 -25.18
C ARG G 258 42.48 -4.14 -23.90
N GLY G 259 42.97 -3.50 -22.85
CA GLY G 259 42.19 -3.37 -21.59
C GLY G 259 42.02 -1.92 -21.15
N LEU G 260 41.03 -1.68 -20.27
CA LEU G 260 40.80 -0.36 -19.70
C LEU G 260 40.74 -0.42 -18.18
N PRO G 261 41.12 0.68 -17.49
CA PRO G 261 41.07 0.65 -16.03
C PRO G 261 39.64 0.80 -15.51
N ARG G 262 39.44 0.36 -14.27
CA ARG G 262 38.10 0.45 -13.67
C ARG G 262 38.14 1.23 -12.36
N TYR G 263 37.15 2.10 -12.19
CA TYR G 263 36.96 2.87 -10.98
C TYR G 263 35.92 2.19 -10.08
N PHE G 264 36.14 2.29 -8.78
CA PHE G 264 35.24 1.82 -7.74
C PHE G 264 34.99 2.96 -6.76
N ASN G 265 33.76 3.05 -6.26
CA ASN G 265 33.42 3.94 -5.15
C ASN G 265 32.48 3.11 -4.30
N VAL G 266 32.98 2.65 -3.16
CA VAL G 266 32.26 1.70 -2.34
C VAL G 266 31.80 2.42 -1.08
N THR G 267 30.52 2.24 -0.74
CA THR G 267 29.95 2.77 0.49
C THR G 267 29.85 1.63 1.48
N LEU G 268 30.34 1.86 2.69
CA LEU G 268 30.33 0.84 3.74
C LEU G 268 29.71 1.36 5.01
N ARG G 269 29.17 0.44 5.80
CA ARG G 269 28.54 0.76 7.06
C ARG G 269 29.05 -0.20 8.12
N LYS G 270 28.79 0.15 9.37
CA LYS G 270 29.24 -0.64 10.51
C LYS G 270 28.21 -1.72 10.83
N ARG G 271 28.69 -2.95 10.89
CA ARG G 271 27.85 -4.09 11.19
C ARG G 271 28.31 -4.75 12.48
N VAL G 272 27.35 -5.06 13.35
CA VAL G 272 27.66 -5.74 14.60
C VAL G 272 27.75 -7.24 14.37
N VAL G 273 28.77 -7.87 14.94
CA VAL G 273 28.92 -9.33 14.88
C VAL G 273 29.22 -9.88 16.27
N LYS G 274 28.75 -11.10 16.53
CA LYS G 274 29.08 -11.82 17.75
C LYS G 274 30.55 -12.23 17.75
N ASN G 275 31.25 -11.93 18.85
CA ASN G 275 32.67 -12.24 19.02
C ASN G 275 32.96 -13.75 18.98
N PRO G 276 33.83 -14.20 18.05
CA PRO G 276 34.31 -15.58 18.04
C PRO G 276 35.64 -15.76 18.77
N GLY H 6 31.63 21.55 -0.36
CA GLY H 6 31.30 23.00 -0.47
C GLY H 6 30.09 23.37 0.37
N VAL H 7 28.98 23.66 -0.31
CA VAL H 7 27.79 24.25 0.32
C VAL H 7 26.89 23.26 1.08
N GLU H 8 26.30 23.70 2.18
CA GLU H 8 25.26 22.92 2.87
C GLU H 8 23.93 23.16 2.14
N VAL H 9 23.32 22.07 1.67
CA VAL H 9 22.11 22.16 0.88
C VAL H 9 20.88 21.99 1.78
N LEU H 10 19.96 22.93 1.68
CA LEU H 10 18.73 22.86 2.47
C LEU H 10 17.57 22.40 1.59
N GLU H 11 16.35 22.87 1.89
CA GLU H 11 15.15 22.35 1.24
C GLU H 11 14.87 23.04 -0.09
N VAL H 12 13.96 22.47 -0.86
CA VAL H 12 13.46 23.08 -2.10
C VAL H 12 12.56 24.31 -1.80
N ARG H 13 12.77 25.40 -2.52
CA ARG H 13 11.92 26.58 -2.36
C ARG H 13 10.63 26.36 -3.13
N THR H 14 9.51 26.47 -2.44
CA THR H 14 8.20 26.33 -3.05
C THR H 14 7.64 27.72 -3.35
N GLY H 15 6.49 27.73 -4.02
CA GLY H 15 5.78 28.98 -4.33
C GLY H 15 5.56 29.05 -5.83
N PRO H 16 4.91 30.12 -6.30
CA PRO H 16 4.80 30.34 -7.74
C PRO H 16 6.17 30.69 -8.34
N ASP H 17 6.31 30.56 -9.64
CA ASP H 17 7.56 30.88 -10.35
C ASP H 17 8.81 30.21 -9.75
N ALA H 18 8.63 29.07 -9.08
CA ALA H 18 9.75 28.32 -8.50
C ALA H 18 10.51 27.48 -9.55
N ILE H 19 9.86 27.23 -10.69
CA ILE H 19 10.36 26.31 -11.72
C ILE H 19 10.64 27.05 -13.04
N THR H 20 11.70 26.67 -13.74
CA THR H 20 11.95 27.20 -15.08
C THR H 20 12.45 26.10 -16.04
N GLN H 21 12.35 26.37 -17.34
CA GLN H 21 12.84 25.44 -18.37
C GLN H 21 13.94 26.10 -19.17
N ILE H 22 15.03 25.37 -19.41
CA ILE H 22 16.08 25.83 -20.31
C ILE H 22 16.17 24.91 -21.53
N GLU H 23 15.92 25.46 -22.72
CA GLU H 23 16.07 24.73 -23.97
C GLU H 23 17.35 25.13 -24.67
N ALA H 24 18.02 24.17 -25.29
CA ALA H 24 19.24 24.44 -26.03
C ALA H 24 19.51 23.34 -27.05
N TYR H 25 20.35 23.64 -28.03
CA TYR H 25 20.89 22.61 -28.89
C TYR H 25 22.38 22.82 -29.05
N LEU H 26 23.12 21.71 -29.09
CA LEU H 26 24.56 21.71 -29.28
C LEU H 26 24.87 21.07 -30.63
N ASN H 27 25.46 21.86 -31.52
CA ASN H 27 25.90 21.33 -32.81
C ASN H 27 27.16 20.47 -32.63
N PRO H 28 27.28 19.39 -33.44
CA PRO H 28 28.43 18.49 -33.31
C PRO H 28 29.75 19.16 -33.72
N ARG H 29 30.83 18.67 -33.15
CA ARG H 29 32.16 19.16 -33.43
C ARG H 29 33.00 17.95 -33.86
N MET H 30 32.81 17.53 -35.11
CA MET H 30 33.48 16.34 -35.63
C MET H 30 34.87 16.62 -36.19
N GLY H 31 35.20 17.89 -36.37
CA GLY H 31 36.50 18.26 -36.89
C GLY H 31 36.33 19.43 -37.84
N ASN H 32 35.36 19.33 -38.73
CA ASN H 32 34.92 20.50 -39.51
C ASN H 32 33.88 21.21 -38.66
N ASN H 33 34.33 22.25 -37.95
CA ASN H 33 33.56 22.83 -36.85
C ASN H 33 33.00 24.21 -37.11
N ASN H 34 33.25 24.76 -38.29
CA ASN H 34 32.72 26.07 -38.65
C ASN H 34 31.50 25.85 -39.52
N PRO H 35 30.41 26.59 -39.26
CA PRO H 35 29.15 26.40 -40.03
C PRO H 35 29.30 26.69 -41.53
N THR H 36 30.42 27.30 -41.92
CA THR H 36 30.76 27.56 -43.32
C THR H 36 31.55 26.43 -43.97
N ASP H 37 32.03 25.46 -43.19
CA ASP H 37 32.80 24.35 -43.76
C ASP H 37 31.90 23.51 -44.68
N GLU H 38 32.43 23.15 -45.85
CA GLU H 38 31.68 22.33 -46.80
C GLU H 38 31.17 21.04 -46.13
N LEU H 39 32.02 20.41 -45.33
CA LEU H 39 31.66 19.21 -44.59
C LEU H 39 31.40 19.45 -43.08
N TYR H 40 30.79 20.60 -42.77
CA TYR H 40 30.27 20.85 -41.41
C TYR H 40 29.45 19.65 -40.93
N GLY H 41 29.71 19.21 -39.70
CA GLY H 41 29.00 18.07 -39.11
C GLY H 41 29.70 16.77 -39.43
N TYR H 42 30.85 16.88 -40.10
CA TYR H 42 31.72 15.73 -40.37
C TYR H 42 33.16 16.08 -40.00
N SER H 43 33.98 15.05 -39.78
CA SER H 43 35.43 15.19 -39.77
C SER H 43 35.97 15.26 -41.19
N ALA H 44 37.17 15.80 -41.36
CA ALA H 44 37.91 15.65 -42.61
C ALA H 44 38.29 14.18 -42.78
N ASP H 45 38.71 13.79 -43.99
CA ASP H 45 39.19 12.42 -44.26
C ASP H 45 40.19 12.00 -43.21
N ILE H 46 39.93 10.85 -42.60
CA ILE H 46 40.84 10.32 -41.58
C ILE H 46 42.26 10.16 -42.15
N ASN H 47 43.25 10.79 -41.51
CA ASN H 47 44.64 10.53 -41.86
C ASN H 47 45.28 9.57 -40.85
N VAL H 48 45.67 8.41 -41.37
CA VAL H 48 46.09 7.27 -40.57
C VAL H 48 47.59 7.33 -40.27
N ALA H 49 47.99 6.93 -39.06
CA ALA H 49 49.39 6.74 -38.70
C ALA H 49 50.12 5.78 -39.64
N SER H 50 51.37 6.09 -39.98
CA SER H 50 52.17 5.11 -40.70
C SER H 50 52.83 4.10 -39.75
N SER H 51 52.91 4.42 -38.46
CA SER H 51 53.59 3.56 -37.51
C SER H 51 53.23 3.92 -36.06
N LYS H 52 53.74 3.12 -35.12
CA LYS H 52 53.65 3.44 -33.71
C LYS H 52 54.27 4.83 -33.44
N ALA H 53 55.50 5.04 -33.92
CA ALA H 53 56.23 6.30 -33.69
C ALA H 53 55.62 7.53 -34.38
N SER H 54 55.05 7.33 -35.56
CA SER H 54 54.60 8.45 -36.38
C SER H 54 53.08 8.42 -36.55
N ASP H 55 52.42 9.28 -35.79
CA ASP H 55 50.95 9.32 -35.74
C ASP H 55 50.57 10.77 -35.44
N ASN H 56 50.33 11.54 -36.51
CA ASN H 56 50.00 12.96 -36.41
C ASN H 56 48.60 13.26 -36.99
N PRO H 57 47.53 12.97 -36.21
CA PRO H 57 46.20 13.19 -36.78
C PRO H 57 45.91 14.68 -36.98
N ASN H 58 45.32 15.04 -38.10
CA ASN H 58 44.89 16.41 -38.33
C ASN H 58 43.80 16.81 -37.34
N ALA H 59 43.85 18.06 -36.86
CA ALA H 59 42.83 18.57 -35.94
C ALA H 59 41.43 18.35 -36.53
N THR H 60 41.30 18.51 -37.85
CA THR H 60 40.03 18.37 -38.53
C THR H 60 39.52 16.92 -38.60
N THR H 61 40.32 15.96 -38.15
CA THR H 61 39.91 14.55 -38.20
C THR H 61 39.55 13.97 -36.83
N LEU H 62 39.60 14.80 -35.79
CA LEU H 62 39.36 14.37 -34.41
C LEU H 62 38.08 14.96 -33.83
N PRO H 63 37.02 14.12 -33.65
CA PRO H 63 35.83 14.63 -32.97
C PRO H 63 36.11 15.08 -31.53
N THR H 64 35.51 16.21 -31.16
CA THR H 64 35.68 16.77 -29.82
C THR H 64 34.32 16.89 -29.12
N TYR H 65 34.33 17.11 -27.81
CA TYR H 65 33.10 17.34 -27.06
C TYR H 65 32.50 18.69 -27.40
N SER H 66 31.16 18.74 -27.39
CA SER H 66 30.43 20.00 -27.46
C SER H 66 30.13 20.45 -26.04
N VAL H 67 30.15 21.75 -25.78
CA VAL H 67 29.72 22.26 -24.48
C VAL H 67 29.11 23.64 -24.67
N ALA H 68 28.04 23.92 -23.94
CA ALA H 68 27.49 25.28 -23.87
C ALA H 68 27.26 25.59 -22.42
N VAL H 69 27.56 26.83 -22.05
CA VAL H 69 27.31 27.37 -20.74
C VAL H 69 26.16 28.38 -20.85
N ILE H 70 25.11 28.13 -20.06
CA ILE H 70 23.92 28.96 -20.03
C ILE H 70 23.93 29.70 -18.70
N LYS H 71 23.92 31.02 -18.76
CA LYS H 71 23.90 31.83 -17.55
C LYS H 71 22.42 32.07 -17.21
N LEU H 72 22.06 31.80 -15.95
CA LEU H 72 20.65 31.80 -15.53
C LEU H 72 20.34 33.08 -14.78
N PRO H 73 19.03 33.38 -14.55
CA PRO H 73 18.64 34.58 -13.81
C PRO H 73 19.26 34.65 -12.41
N MET H 74 19.73 35.83 -12.01
CA MET H 74 20.23 36.05 -10.66
C MET H 74 19.12 35.74 -9.69
N LEU H 75 19.42 34.94 -8.66
CA LEU H 75 18.41 34.59 -7.67
C LEU H 75 18.53 35.38 -6.37
N ASN H 76 19.71 35.93 -6.12
CA ASN H 76 20.00 36.54 -4.83
C ASN H 76 20.23 38.04 -4.91
N GLU H 77 19.29 38.82 -4.36
CA GLU H 77 19.39 40.28 -4.26
C GLU H 77 20.51 40.68 -3.31
N ASP H 78 20.54 40.06 -2.13
CA ASP H 78 21.52 40.35 -1.10
C ASP H 78 22.36 39.12 -0.75
N MET H 79 23.65 39.17 -0.99
CA MET H 79 24.52 38.08 -0.66
C MET H 79 24.91 37.99 0.80
N THR H 80 24.22 38.73 1.65
CA THR H 80 24.46 38.64 3.08
C THR H 80 23.42 37.81 3.86
N CYS H 81 22.27 37.56 3.26
CA CYS H 81 21.22 36.81 3.94
C CYS H 81 21.68 35.43 4.31
N ASP H 82 21.10 34.83 5.34
CA ASP H 82 21.64 33.59 5.87
C ASP H 82 21.48 32.40 4.96
N THR H 83 20.50 32.48 4.09
CA THR H 83 20.34 31.50 3.08
C THR H 83 20.29 32.11 1.70
N LEU H 84 20.74 31.34 0.72
CA LEU H 84 20.69 31.77 -0.67
C LEU H 84 19.97 30.70 -1.49
N LEU H 85 19.63 31.07 -2.71
CA LEU H 85 19.00 30.16 -3.65
C LEU H 85 19.98 29.85 -4.77
N MET H 86 19.93 28.60 -5.24
CA MET H 86 20.65 28.14 -6.41
C MET H 86 19.63 27.43 -7.31
N TRP H 87 19.86 27.49 -8.62
CA TRP H 87 19.12 26.70 -9.57
C TRP H 87 19.58 25.26 -9.53
N GLU H 88 18.60 24.36 -9.39
CA GLU H 88 18.84 22.94 -9.31
C GLU H 88 18.25 22.27 -10.53
N ALA H 89 19.08 21.51 -11.24
CA ALA H 89 18.62 20.81 -12.43
C ALA H 89 17.93 19.51 -11.98
N VAL H 90 16.63 19.43 -12.27
CA VAL H 90 15.77 18.37 -11.77
C VAL H 90 15.71 17.23 -12.79
N SER H 91 15.49 17.59 -14.05
CA SER H 91 15.30 16.60 -15.09
C SER H 91 15.59 17.20 -16.45
N VAL H 92 15.74 16.34 -17.43
CA VAL H 92 16.05 16.76 -18.79
C VAL H 92 15.38 15.83 -19.79
N LYS H 93 14.77 16.42 -20.81
CA LYS H 93 14.40 15.72 -22.04
C LYS H 93 15.47 16.07 -23.04
N THR H 94 16.07 15.05 -23.63
CA THR H 94 17.14 15.25 -24.58
C THR H 94 16.94 14.34 -25.79
N GLU H 95 17.30 14.86 -26.96
CA GLU H 95 17.03 14.21 -28.24
C GLU H 95 18.20 14.43 -29.20
N VAL H 96 18.61 13.36 -29.87
CA VAL H 96 19.52 13.49 -31.01
C VAL H 96 18.68 13.87 -32.23
N MET H 97 19.00 14.99 -32.87
CA MET H 97 18.20 15.51 -33.96
C MET H 97 18.72 15.11 -35.33
N GLY H 98 17.82 15.04 -36.31
CA GLY H 98 18.20 14.69 -37.68
C GLY H 98 18.56 13.23 -37.89
N ILE H 99 18.07 12.34 -37.01
CA ILE H 99 18.38 10.90 -37.10
C ILE H 99 18.01 10.33 -38.49
N SER H 100 16.84 10.72 -39.01
CA SER H 100 16.39 10.23 -40.32
C SER H 100 17.23 10.70 -41.52
N SER H 101 18.11 11.69 -41.30
CA SER H 101 19.03 12.15 -42.37
C SER H 101 19.99 11.04 -42.79
N LEU H 102 20.20 10.07 -41.91
CA LEU H 102 21.02 8.89 -42.25
C LEU H 102 20.31 7.92 -43.22
N VAL H 103 18.98 8.04 -43.32
CA VAL H 103 18.18 7.14 -44.16
C VAL H 103 18.28 7.60 -45.62
N ASN H 104 19.45 7.35 -46.20
CA ASN H 104 19.86 7.97 -47.45
C ASN H 104 20.82 7.01 -48.11
N LEU H 105 20.45 6.50 -49.28
CA LEU H 105 21.30 5.59 -50.05
C LEU H 105 21.77 6.17 -51.39
N HIS H 106 21.66 7.48 -51.56
CA HIS H 106 22.01 8.12 -52.82
C HIS H 106 23.17 9.07 -52.69
N GLN H 107 23.61 9.35 -51.47
CA GLN H 107 24.74 10.25 -51.24
C GLN H 107 26.00 9.72 -51.94
N GLY H 108 26.79 10.60 -52.56
CA GLY H 108 28.03 10.15 -53.22
C GLY H 108 28.85 9.35 -52.22
N GLY H 109 29.41 8.22 -52.67
CA GLY H 109 30.17 7.36 -51.75
C GLY H 109 30.56 6.04 -52.35
N LYS H 110 30.54 5.01 -51.52
CA LYS H 110 30.96 3.66 -51.91
C LYS H 110 29.71 2.80 -52.14
N TYR H 111 29.67 2.07 -53.25
CA TYR H 111 28.51 1.25 -53.57
C TYR H 111 28.37 0.09 -52.59
N ILE H 112 27.13 -0.25 -52.23
CA ILE H 112 26.87 -1.44 -51.42
C ILE H 112 27.34 -2.73 -52.17
N TYR H 113 26.93 -2.84 -53.43
CA TYR H 113 27.35 -3.94 -54.30
C TYR H 113 28.16 -3.33 -55.46
N GLY H 114 27.80 -3.62 -56.70
CA GLY H 114 28.39 -2.93 -57.87
C GLY H 114 27.75 -1.56 -58.09
N SER H 115 28.03 -0.97 -59.25
CA SER H 115 27.71 0.44 -59.53
C SER H 115 26.24 0.72 -59.82
N SER H 116 25.42 -0.34 -59.84
CA SER H 116 23.98 -0.19 -60.00
C SER H 116 23.25 0.01 -58.68
N SER H 117 23.93 -0.25 -57.58
CA SER H 117 23.32 -0.19 -56.25
C SER H 117 23.32 1.20 -55.58
N GLY H 118 22.65 1.30 -54.44
CA GLY H 118 22.83 2.47 -53.57
C GLY H 118 24.20 2.49 -52.92
N THR H 119 24.51 3.59 -52.22
CA THR H 119 25.78 3.72 -51.51
C THR H 119 25.65 3.34 -50.03
N ILE H 120 26.76 2.89 -49.44
CA ILE H 120 26.78 2.47 -48.03
C ILE H 120 26.46 3.68 -47.13
N PRO H 121 25.44 3.54 -46.25
CA PRO H 121 25.11 4.65 -45.35
C PRO H 121 26.08 4.74 -44.18
N VAL H 122 25.93 5.79 -43.37
CA VAL H 122 26.79 6.00 -42.21
C VAL H 122 26.67 4.83 -41.25
N GLN H 123 27.80 4.24 -40.88
CA GLN H 123 27.82 3.07 -40.01
C GLN H 123 29.20 2.93 -39.38
N GLY H 124 29.34 1.99 -38.45
CA GLY H 124 30.60 1.84 -37.73
C GLY H 124 30.46 2.33 -36.30
N THR H 125 31.58 2.77 -35.72
CA THR H 125 31.64 3.15 -34.30
C THR H 125 30.69 4.31 -33.96
N THR H 126 29.93 4.18 -32.87
CA THR H 126 29.09 5.27 -32.37
C THR H 126 29.44 5.65 -30.93
N LEU H 127 29.31 6.93 -30.62
CA LEU H 127 29.51 7.38 -29.25
C LEU H 127 28.48 8.44 -28.93
N HIS H 128 27.65 8.16 -27.91
CA HIS H 128 26.67 9.13 -27.45
C HIS H 128 26.95 9.48 -26.02
N MET H 129 27.00 10.77 -25.75
CA MET H 129 27.06 11.24 -24.37
C MET H 129 26.32 12.57 -24.21
N PHE H 130 25.63 12.71 -23.09
CA PHE H 130 25.13 14.01 -22.67
C PHE H 130 25.35 14.17 -21.18
N SER H 131 25.55 15.41 -20.75
CA SER H 131 25.66 15.71 -19.33
C SER H 131 24.99 17.03 -19.01
N VAL H 132 24.46 17.12 -17.80
CA VAL H 132 23.91 18.34 -17.25
C VAL H 132 24.56 18.54 -15.89
N GLY H 133 25.22 19.68 -15.71
CA GLY H 133 25.89 19.98 -14.46
C GLY H 133 25.90 21.46 -14.10
N GLY H 134 26.30 21.74 -12.87
CA GLY H 134 26.34 23.11 -12.37
C GLY H 134 27.75 23.67 -12.38
N GLU H 135 28.62 23.03 -13.17
CA GLU H 135 30.04 23.35 -13.28
C GLU H 135 30.63 22.51 -14.43
N PRO H 136 31.84 22.84 -14.92
CA PRO H 136 32.37 22.05 -16.05
C PRO H 136 32.42 20.54 -15.77
N LEU H 137 32.11 19.74 -16.79
CA LEU H 137 32.29 18.30 -16.69
C LEU H 137 33.78 18.02 -16.44
N GLU H 138 34.06 17.19 -15.44
CA GLU H 138 35.45 16.83 -15.11
C GLU H 138 35.89 15.59 -15.90
N LEU H 139 37.06 15.71 -16.54
CA LEU H 139 37.52 14.73 -17.51
C LEU H 139 38.76 13.99 -17.04
N GLN H 140 38.89 12.75 -17.51
CA GLN H 140 40.10 11.96 -17.29
C GLN H 140 40.73 11.66 -18.63
N GLY H 141 42.06 11.78 -18.71
CA GLY H 141 42.79 11.53 -19.96
C GLY H 141 43.25 10.09 -20.09
N LEU H 142 43.04 9.53 -21.28
CA LEU H 142 43.47 8.18 -21.60
C LEU H 142 43.46 8.01 -23.13
N VAL H 143 44.56 7.48 -23.68
CA VAL H 143 44.73 7.39 -25.13
C VAL H 143 45.08 5.97 -25.55
N ALA H 144 44.78 5.65 -26.82
CA ALA H 144 45.22 4.40 -27.44
C ALA H 144 46.76 4.33 -27.61
N SER H 145 47.40 5.47 -27.85
CA SER H 145 48.85 5.50 -28.02
C SER H 145 49.48 6.77 -27.47
N SER H 146 50.40 6.60 -26.53
CA SER H 146 51.11 7.74 -25.91
C SER H 146 52.11 8.43 -26.86
N THR H 147 52.38 7.80 -28.00
CA THR H 147 53.34 8.35 -28.96
C THR H 147 52.67 9.14 -30.08
N THR H 148 51.34 9.23 -30.03
CA THR H 148 50.57 10.07 -30.95
C THR H 148 50.96 11.53 -30.74
N THR H 149 51.16 12.27 -31.82
CA THR H 149 51.41 13.72 -31.75
C THR H 149 50.11 14.44 -32.06
N TYR H 150 49.48 14.95 -31.01
CA TYR H 150 48.21 15.64 -31.19
C TYR H 150 48.46 17.08 -31.64
N PRO H 151 47.51 17.66 -32.40
CA PRO H 151 47.65 19.05 -32.81
C PRO H 151 47.71 19.97 -31.58
N THR H 152 48.70 20.86 -31.55
CA THR H 152 48.95 21.71 -30.39
C THR H 152 47.79 22.65 -30.04
N ASP H 153 46.95 23.02 -31.02
N ASP H 153 46.97 23.02 -31.03
CA ASP H 153 45.82 23.92 -30.78
CA ASP H 153 45.83 23.91 -30.78
C ASP H 153 44.54 23.17 -30.34
C ASP H 153 44.72 23.23 -29.98
N MET H 154 44.69 21.90 -29.99
CA MET H 154 43.67 21.15 -29.24
C MET H 154 44.15 20.98 -27.80
N VAL H 155 43.25 20.67 -26.88
CA VAL H 155 43.66 20.41 -25.50
C VAL H 155 43.81 18.91 -25.30
N THR H 156 45.03 18.47 -25.07
CA THR H 156 45.30 17.04 -24.89
C THR H 156 46.20 16.82 -23.67
N ILE H 157 46.70 15.61 -23.47
CA ILE H 157 47.54 15.33 -22.31
C ILE H 157 48.92 15.96 -22.53
N LYS H 158 49.42 16.69 -21.54
CA LYS H 158 50.74 17.29 -21.66
C LYS H 158 51.83 16.26 -21.39
N ASN H 159 52.85 16.23 -22.26
CA ASN H 159 54.01 15.33 -22.13
C ASN H 159 53.64 13.89 -21.82
N MET H 160 52.93 13.24 -22.74
CA MET H 160 52.44 11.88 -22.51
C MET H 160 53.58 10.90 -22.33
N LYS H 161 53.36 9.92 -21.46
CA LYS H 161 54.24 8.77 -21.31
C LYS H 161 53.35 7.51 -21.48
N PRO H 162 53.96 6.31 -21.64
CA PRO H 162 53.14 5.10 -21.84
C PRO H 162 52.07 4.86 -20.76
N VAL H 163 52.28 5.41 -19.57
CA VAL H 163 51.27 5.33 -18.52
C VAL H 163 49.91 5.88 -18.99
N ASN H 164 49.94 6.84 -19.92
CA ASN H 164 48.72 7.48 -20.40
C ASN H 164 47.89 6.61 -21.34
N GLN H 165 48.39 5.40 -21.62
CA GLN H 165 47.57 4.37 -22.28
C GLN H 165 46.65 3.66 -21.28
N ALA H 166 46.77 4.07 -20.01
CA ALA H 166 45.93 3.56 -18.94
C ALA H 166 45.63 4.72 -18.00
N LEU H 167 45.37 4.44 -16.73
CA LEU H 167 45.00 5.52 -15.80
C LEU H 167 46.24 6.22 -15.24
N ASP H 168 46.42 7.47 -15.64
CA ASP H 168 47.36 8.37 -14.96
C ASP H 168 46.56 9.45 -14.23
N PRO H 169 46.64 9.47 -12.88
CA PRO H 169 45.83 10.38 -12.09
C PRO H 169 46.14 11.86 -12.32
N ASN H 170 47.27 12.18 -12.96
CA ASN H 170 47.62 13.57 -13.28
C ASN H 170 46.95 14.08 -14.54
N ALA H 171 46.53 13.16 -15.39
CA ALA H 171 45.89 13.51 -16.65
C ALA H 171 44.41 13.87 -16.42
N LYS H 172 44.18 15.06 -15.87
CA LYS H 172 42.80 15.54 -15.62
C LYS H 172 42.57 16.85 -16.33
N ALA H 173 41.31 17.14 -16.63
CA ALA H 173 40.93 18.39 -17.28
C ALA H 173 39.48 18.75 -17.00
N LEU H 174 39.08 19.94 -17.45
CA LEU H 174 37.72 20.41 -17.35
C LEU H 174 37.21 20.68 -18.77
N LEU H 175 35.99 20.22 -19.05
CA LEU H 175 35.40 20.47 -20.35
C LEU H 175 34.93 21.93 -20.38
N ASP H 176 35.87 22.82 -20.67
CA ASP H 176 35.64 24.26 -20.60
C ASP H 176 35.80 24.99 -21.91
N LYS H 177 35.95 24.22 -22.99
CA LYS H 177 36.01 24.78 -24.33
C LYS H 177 35.23 23.90 -25.29
N ASP H 178 34.33 24.52 -26.06
CA ASP H 178 33.60 23.82 -27.08
C ASP H 178 34.58 23.43 -28.20
N GLY H 179 34.55 22.17 -28.61
CA GLY H 179 35.27 21.72 -29.80
C GLY H 179 36.79 21.71 -29.71
N LYS H 180 37.33 21.35 -28.55
CA LYS H 180 38.77 21.41 -28.31
C LYS H 180 39.29 20.15 -27.63
N TYR H 181 38.40 19.44 -26.94
CA TYR H 181 38.77 18.26 -26.16
C TYR H 181 38.41 17.00 -26.95
N PRO H 182 39.43 16.30 -27.51
CA PRO H 182 39.13 15.09 -28.28
C PRO H 182 38.51 13.98 -27.43
N VAL H 183 37.49 13.33 -27.96
CA VAL H 183 36.87 12.20 -27.28
C VAL H 183 37.85 11.04 -27.15
N GLU H 184 38.76 10.89 -28.12
CA GLU H 184 39.73 9.82 -28.07
C GLU H 184 40.84 10.04 -27.03
N VAL H 185 40.85 11.23 -26.43
CA VAL H 185 41.78 11.56 -25.33
C VAL H 185 41.09 11.67 -23.97
N TRP H 186 39.88 12.23 -23.96
CA TRP H 186 39.17 12.56 -22.72
C TRP H 186 37.86 11.83 -22.56
N SER H 187 37.58 11.40 -21.33
CA SER H 187 36.28 10.85 -20.96
C SER H 187 35.87 11.34 -19.56
N PRO H 188 34.57 11.21 -19.21
CA PRO H 188 34.12 11.73 -17.91
C PRO H 188 34.84 11.03 -16.76
N ASP H 189 35.30 11.81 -15.80
CA ASP H 189 36.05 11.30 -14.67
C ASP H 189 35.05 10.85 -13.60
N PRO H 190 34.91 9.53 -13.37
CA PRO H 190 33.93 9.05 -12.38
C PRO H 190 34.36 9.28 -10.94
N SER H 191 35.61 9.70 -10.73
CA SER H 191 36.12 10.01 -9.38
C SER H 191 35.74 11.41 -8.92
N LYS H 192 35.21 12.22 -9.83
CA LYS H 192 34.75 13.54 -9.47
C LYS H 192 33.31 13.67 -9.94
N ASN H 193 32.97 14.79 -10.57
CA ASN H 193 31.64 15.02 -11.12
C ASN H 193 30.51 14.82 -10.11
N GLU H 194 30.72 15.31 -8.88
CA GLU H 194 29.69 15.26 -7.85
C GLU H 194 28.50 16.15 -8.19
N ASN H 195 28.71 17.13 -9.07
CA ASN H 195 27.71 18.17 -9.35
C ASN H 195 27.31 18.19 -10.81
N THR H 196 27.56 17.07 -11.48
CA THR H 196 27.16 16.83 -12.87
C THR H 196 26.62 15.40 -12.99
N ARG H 197 25.59 15.23 -13.82
CA ARG H 197 25.13 13.89 -14.15
C ARG H 197 25.45 13.67 -15.62
N TYR H 198 26.18 12.61 -15.91
CA TYR H 198 26.54 12.25 -17.28
C TYR H 198 26.05 10.86 -17.66
N TYR H 199 25.70 10.68 -18.93
CA TYR H 199 25.15 9.43 -19.44
C TYR H 199 25.80 9.16 -20.79
N GLY H 200 26.43 8.00 -20.91
CA GLY H 200 27.23 7.70 -22.09
C GLY H 200 26.99 6.30 -22.59
N SER H 201 27.03 6.17 -23.92
CA SER H 201 26.85 4.89 -24.60
C SER H 201 27.83 4.73 -25.77
N PHE H 202 28.53 3.59 -25.81
CA PHE H 202 29.52 3.29 -26.86
C PHE H 202 29.26 1.93 -27.51
N THR H 203 29.21 1.92 -28.84
CA THR H 203 29.28 0.66 -29.61
C THR H 203 30.37 0.81 -30.67
N GLY H 204 31.33 -0.12 -30.67
CA GLY H 204 32.48 -0.04 -31.57
C GLY H 204 32.30 -0.71 -32.92
N GLY H 205 33.38 -1.24 -33.46
CA GLY H 205 33.34 -1.90 -34.76
C GLY H 205 33.51 -0.92 -35.89
N ALA H 206 33.82 -1.46 -37.07
CA ALA H 206 34.15 -0.66 -38.24
C ALA H 206 32.93 -0.39 -39.11
N THR H 207 31.99 -1.34 -39.11
CA THR H 207 30.84 -1.30 -40.01
C THR H 207 29.49 -1.53 -39.30
N THR H 208 29.50 -1.56 -37.97
CA THR H 208 28.29 -1.77 -37.14
C THR H 208 27.12 -0.87 -37.52
N PRO H 209 25.92 -1.44 -37.70
CA PRO H 209 24.71 -0.63 -37.92
C PRO H 209 24.44 0.30 -36.72
N PRO H 210 24.24 1.61 -36.98
CA PRO H 210 23.86 2.51 -35.89
C PRO H 210 22.41 2.26 -35.44
N VAL H 211 22.17 2.39 -34.13
CA VAL H 211 20.82 2.24 -33.54
C VAL H 211 20.52 3.47 -32.70
N MET H 212 19.40 4.15 -33.01
CA MET H 212 18.94 5.32 -32.26
C MET H 212 17.42 5.35 -32.13
N GLN H 213 16.94 5.82 -30.98
CA GLN H 213 15.51 6.09 -30.75
C GLN H 213 15.27 7.61 -30.74
N PHE H 214 14.04 8.02 -31.02
CA PHE H 214 13.65 9.42 -30.85
C PHE H 214 12.17 9.50 -30.46
N THR H 215 11.88 10.31 -29.43
CA THR H 215 10.53 10.45 -28.91
C THR H 215 10.48 11.69 -28.05
N ASN H 216 9.30 12.26 -27.86
CA ASN H 216 9.17 13.34 -26.89
C ASN H 216 8.49 12.88 -25.61
N SER H 217 8.45 11.56 -25.40
CA SER H 217 7.72 10.97 -24.27
C SER H 217 8.63 10.61 -23.09
N VAL H 218 9.94 10.81 -23.24
CA VAL H 218 10.90 10.28 -22.28
C VAL H 218 11.65 11.39 -21.52
N THR H 219 11.77 11.23 -20.21
CA THR H 219 12.47 12.20 -19.37
C THR H 219 13.52 11.47 -18.56
N THR H 220 14.69 12.10 -18.37
CA THR H 220 15.70 11.61 -17.44
C THR H 220 15.70 12.47 -16.18
N VAL H 221 15.56 11.83 -15.02
CA VAL H 221 15.60 12.53 -13.74
C VAL H 221 17.05 12.69 -13.29
N LEU H 222 17.42 13.90 -12.88
CA LEU H 222 18.81 14.24 -12.58
C LEU H 222 19.14 14.21 -11.10
N LEU H 223 18.14 13.92 -10.25
CA LEU H 223 18.35 13.98 -8.81
C LEU H 223 19.23 12.82 -8.38
N ASP H 224 20.07 13.06 -7.38
CA ASP H 224 20.87 11.96 -6.82
C ASP H 224 20.08 11.21 -5.76
N GLU H 225 20.75 10.29 -5.08
CA GLU H 225 20.09 9.44 -4.09
C GLU H 225 19.52 10.21 -2.88
N ASN H 226 19.93 11.48 -2.72
CA ASN H 226 19.37 12.35 -1.67
C ASN H 226 18.32 13.31 -2.20
N GLY H 227 17.95 13.14 -3.46
CA GLY H 227 16.96 14.01 -4.08
C GLY H 227 17.47 15.37 -4.51
N VAL H 228 18.80 15.49 -4.68
CA VAL H 228 19.42 16.76 -5.07
C VAL H 228 19.99 16.65 -6.49
N GLY H 229 19.60 17.59 -7.36
CA GLY H 229 20.12 17.65 -8.72
C GLY H 229 21.39 18.49 -8.77
N PRO H 230 21.99 18.61 -9.96
CA PRO H 230 23.13 19.52 -10.11
C PRO H 230 22.75 20.94 -9.68
N LEU H 231 23.64 21.59 -8.94
CA LEU H 231 23.39 22.95 -8.46
C LEU H 231 24.28 23.93 -9.22
N CYS H 232 23.66 24.95 -9.81
CA CYS H 232 24.37 25.85 -10.72
C CYS H 232 25.23 26.92 -10.04
N LYS H 233 26.52 26.62 -9.87
CA LYS H 233 27.46 27.58 -9.29
C LYS H 233 27.58 28.83 -10.17
N GLY H 234 27.46 29.99 -9.54
CA GLY H 234 27.48 31.28 -10.24
C GLY H 234 26.35 31.43 -11.25
N ASP H 235 25.25 30.72 -11.01
CA ASP H 235 24.09 30.69 -11.91
C ASP H 235 24.45 30.25 -13.33
N LYS H 236 25.40 29.30 -13.43
CA LYS H 236 25.81 28.77 -14.71
C LYS H 236 25.39 27.30 -14.85
N LEU H 237 24.71 27.02 -15.95
CA LEU H 237 24.31 25.67 -16.32
C LEU H 237 25.18 25.16 -17.45
N PHE H 238 25.79 23.99 -17.25
CA PHE H 238 26.73 23.42 -18.24
C PHE H 238 26.07 22.23 -18.95
N LEU H 239 25.90 22.33 -20.28
CA LEU H 239 25.40 21.21 -21.09
C LEU H 239 26.53 20.73 -21.97
N SER H 240 26.76 19.41 -21.93
CA SER H 240 27.84 18.83 -22.71
C SER H 240 27.32 17.62 -23.48
N ALA H 241 27.93 17.37 -24.65
CA ALA H 241 27.48 16.31 -25.53
C ALA H 241 28.55 15.88 -26.52
N VAL H 242 28.43 14.64 -26.97
CA VAL H 242 29.04 14.20 -28.21
C VAL H 242 28.10 13.15 -28.80
N ASP H 243 27.84 13.24 -30.10
CA ASP H 243 26.96 12.25 -30.75
C ASP H 243 27.51 11.85 -32.11
N ILE H 244 28.51 10.96 -32.05
CA ILE H 244 29.08 10.34 -33.23
C ILE H 244 28.16 9.20 -33.62
N VAL H 245 27.63 9.27 -34.85
CA VAL H 245 26.65 8.30 -35.30
C VAL H 245 27.22 7.31 -36.32
N GLY H 246 28.53 7.42 -36.59
CA GLY H 246 29.23 6.46 -37.44
C GLY H 246 30.19 7.14 -38.41
N ILE H 247 30.51 6.40 -39.47
CA ILE H 247 31.55 6.75 -40.42
C ILE H 247 30.94 6.77 -41.80
N HIS H 248 31.19 7.85 -42.54
CA HIS H 248 30.80 7.90 -43.95
C HIS H 248 31.96 7.50 -44.81
N THR H 249 31.74 6.57 -45.72
CA THR H 249 32.81 6.17 -46.62
C THR H 249 32.62 6.78 -48.01
N ASN H 250 33.69 7.39 -48.51
CA ASN H 250 33.70 8.05 -49.80
C ASN H 250 34.03 7.10 -50.94
N TYR H 251 33.83 7.54 -52.17
CA TYR H 251 34.11 6.69 -53.35
C TYR H 251 35.55 6.16 -53.40
N SER H 252 36.52 6.96 -52.96
CA SER H 252 37.94 6.55 -52.91
C SER H 252 38.26 5.71 -51.65
N GLU H 253 37.25 5.54 -50.80
CA GLU H 253 37.36 4.80 -49.55
C GLU H 253 37.97 5.62 -48.39
N SER H 254 38.23 6.91 -48.64
CA SER H 254 38.46 7.86 -47.54
C SER H 254 37.19 7.93 -46.67
N GLN H 255 37.38 8.26 -45.40
CA GLN H 255 36.28 8.18 -44.43
C GLN H 255 36.16 9.42 -43.55
N ASN H 256 34.91 9.80 -43.28
CA ASN H 256 34.62 10.96 -42.43
C ASN H 256 33.74 10.53 -41.27
N TRP H 257 34.08 10.93 -40.05
CA TRP H 257 33.15 10.77 -38.93
C TRP H 257 31.94 11.59 -39.22
N ARG H 258 30.78 11.11 -38.79
CA ARG H 258 29.53 11.86 -38.93
C ARG H 258 28.93 12.07 -37.54
N GLY H 259 28.51 13.30 -37.25
CA GLY H 259 27.86 13.60 -35.97
C GLY H 259 26.52 14.30 -36.15
N LEU H 260 25.69 14.24 -35.10
CA LEU H 260 24.40 14.90 -35.12
C LEU H 260 24.26 15.83 -33.92
N PRO H 261 23.43 16.88 -34.06
CA PRO H 261 23.22 17.79 -32.94
C PRO H 261 22.33 17.20 -31.86
N ARG H 262 22.47 17.74 -30.65
CA ARG H 262 21.65 17.31 -29.54
C ARG H 262 20.80 18.44 -28.96
N TYR H 263 19.53 18.12 -28.70
CA TYR H 263 18.60 19.04 -28.07
C TYR H 263 18.52 18.73 -26.57
N PHE H 264 18.38 19.79 -25.76
CA PHE H 264 18.23 19.68 -24.30
C PHE H 264 17.03 20.54 -23.91
N ASN H 265 16.18 20.00 -23.04
CA ASN H 265 15.19 20.80 -22.34
C ASN H 265 15.30 20.44 -20.85
N VAL H 266 15.97 21.32 -20.11
CA VAL H 266 16.24 21.08 -18.70
C VAL H 266 15.23 21.81 -17.79
N THR H 267 14.61 21.06 -16.88
CA THR H 267 13.78 21.66 -15.85
C THR H 267 14.63 21.95 -14.63
N LEU H 268 14.57 23.20 -14.17
CA LEU H 268 15.27 23.62 -12.95
C LEU H 268 14.32 24.21 -11.94
N ARG H 269 14.63 24.02 -10.67
CA ARG H 269 13.86 24.61 -9.59
C ARG H 269 14.80 25.36 -8.66
N LYS H 270 14.23 26.11 -7.72
CA LYS H 270 15.04 26.89 -6.78
C LYS H 270 15.32 26.06 -5.53
N ARG H 271 16.60 25.95 -5.17
CA ARG H 271 17.03 25.18 -4.01
C ARG H 271 17.67 26.10 -2.97
N VAL H 272 17.19 26.05 -1.73
CA VAL H 272 17.77 26.81 -0.62
C VAL H 272 19.08 26.16 -0.18
N VAL H 273 20.11 26.98 0.01
CA VAL H 273 21.41 26.51 0.50
C VAL H 273 21.88 27.48 1.58
N LYS H 274 22.73 26.99 2.49
CA LYS H 274 23.33 27.86 3.49
C LYS H 274 24.39 28.76 2.86
N ASN H 275 24.38 30.03 3.26
CA ASN H 275 25.36 31.01 2.82
C ASN H 275 26.74 30.72 3.41
N PRO H 276 27.76 30.49 2.54
CA PRO H 276 29.16 30.41 2.98
C PRO H 276 29.91 31.72 2.77
N GLY I 5 -1.47 24.92 -24.42
CA GLY I 5 -0.72 26.12 -24.88
C GLY I 5 -1.66 27.20 -25.35
N GLY I 6 -1.37 28.46 -25.01
CA GLY I 6 -2.26 29.60 -25.27
C GLY I 6 -3.60 29.50 -24.55
N VAL I 7 -4.13 28.29 -24.48
CA VAL I 7 -5.46 27.97 -23.92
C VAL I 7 -5.38 27.29 -22.53
N GLU I 8 -6.27 27.68 -21.63
CA GLU I 8 -6.29 27.10 -20.29
C GLU I 8 -7.05 25.77 -20.29
N VAL I 9 -6.35 24.72 -19.87
CA VAL I 9 -6.90 23.37 -19.84
C VAL I 9 -7.50 23.07 -18.46
N LEU I 10 -8.79 22.72 -18.44
CA LEU I 10 -9.47 22.40 -17.19
C LEU I 10 -9.66 20.88 -17.01
N GLU I 11 -10.78 20.46 -16.43
CA GLU I 11 -10.94 19.04 -16.06
C GLU I 11 -11.49 18.18 -17.21
N VAL I 12 -11.37 16.86 -17.04
CA VAL I 12 -11.97 15.89 -17.96
C VAL I 12 -13.49 15.89 -17.80
N ARG I 13 -14.22 15.95 -18.91
CA ARG I 13 -15.69 15.89 -18.87
C ARG I 13 -16.15 14.46 -18.70
N THR I 14 -16.93 14.19 -17.65
CA THR I 14 -17.45 12.85 -17.39
C THR I 14 -18.88 12.67 -17.86
N GLY I 15 -19.38 11.44 -17.74
CA GLY I 15 -20.78 11.12 -18.10
C GLY I 15 -20.85 10.14 -19.24
N PRO I 16 -22.07 9.80 -19.69
CA PRO I 16 -22.19 8.91 -20.85
C PRO I 16 -21.64 9.63 -22.08
N ASP I 17 -21.21 8.86 -23.08
CA ASP I 17 -20.75 9.41 -24.37
C ASP I 17 -19.54 10.35 -24.31
N ALA I 18 -18.74 10.25 -23.24
CA ALA I 18 -17.58 11.14 -23.12
C ALA I 18 -16.32 10.57 -23.79
N ILE I 19 -16.40 9.31 -24.20
CA ILE I 19 -15.27 8.62 -24.86
C ILE I 19 -15.63 8.32 -26.30
N THR I 20 -14.63 8.40 -27.18
CA THR I 20 -14.80 7.91 -28.56
C THR I 20 -13.54 7.19 -29.06
N GLN I 21 -13.70 6.33 -30.05
CA GLN I 21 -12.57 5.66 -30.68
C GLN I 21 -12.58 5.89 -32.17
N ILE I 22 -11.40 6.06 -32.75
CA ILE I 22 -11.30 6.07 -34.21
C ILE I 22 -10.21 5.08 -34.64
N GLU I 23 -10.34 4.57 -35.86
CA GLU I 23 -9.29 3.78 -36.44
C GLU I 23 -8.98 4.24 -37.85
N ALA I 24 -7.74 4.07 -38.25
CA ALA I 24 -7.29 4.48 -39.57
C ALA I 24 -6.06 3.68 -39.95
N TYR I 25 -5.74 3.70 -41.23
CA TYR I 25 -4.49 3.14 -41.70
C TYR I 25 -3.87 4.14 -42.66
N LEU I 26 -2.54 4.14 -42.72
CA LEU I 26 -1.83 5.04 -43.60
C LEU I 26 -0.95 4.16 -44.46
N ASN I 27 -1.11 4.28 -45.77
CA ASN I 27 -0.25 3.58 -46.70
C ASN I 27 1.16 4.20 -46.81
N PRO I 28 2.20 3.37 -47.01
CA PRO I 28 3.55 3.91 -47.11
C PRO I 28 3.75 4.80 -48.33
N ARG I 29 4.66 5.77 -48.19
CA ARG I 29 4.99 6.66 -49.29
C ARG I 29 6.49 6.59 -49.57
N MET I 30 6.89 5.52 -50.25
CA MET I 30 8.28 5.22 -50.52
C MET I 30 8.83 5.89 -51.77
N GLY I 31 7.95 6.43 -52.62
CA GLY I 31 8.36 7.05 -53.88
C GLY I 31 7.42 6.70 -55.02
N ASN I 32 7.09 5.42 -55.15
CA ASN I 32 5.96 5.03 -55.97
C ASN I 32 4.72 5.10 -55.08
N ASN I 33 4.04 6.25 -55.17
CA ASN I 33 3.01 6.62 -54.20
C ASN I 33 1.59 6.57 -54.75
N ASN I 34 1.45 6.11 -55.99
CA ASN I 34 0.15 5.95 -56.63
C ASN I 34 -0.22 4.47 -56.62
N PRO I 35 -1.42 4.13 -56.11
CA PRO I 35 -1.79 2.71 -56.01
C PRO I 35 -1.82 1.94 -57.33
N THR I 36 -1.80 2.64 -58.48
CA THR I 36 -1.66 1.98 -59.77
C THR I 36 -0.21 1.78 -60.21
N ASP I 37 0.76 2.35 -59.47
CA ASP I 37 2.18 2.14 -59.78
C ASP I 37 2.53 0.68 -59.63
N GLU I 38 3.24 0.14 -60.62
CA GLU I 38 3.69 -1.24 -60.60
C GLU I 38 4.42 -1.56 -59.30
N LEU I 39 5.31 -0.66 -58.89
CA LEU I 39 6.03 -0.82 -57.62
C LEU I 39 5.47 0.01 -56.47
N TYR I 40 4.15 0.23 -56.46
CA TYR I 40 3.49 0.85 -55.30
C TYR I 40 3.99 0.20 -54.00
N GLY I 41 4.29 1.02 -52.99
CA GLY I 41 4.85 0.48 -51.74
C GLY I 41 6.37 0.35 -51.72
N TYR I 42 7.00 0.74 -52.84
CA TYR I 42 8.47 0.79 -52.97
C TYR I 42 8.91 2.14 -53.52
N SER I 43 10.18 2.50 -53.31
CA SER I 43 10.83 3.54 -54.10
C SER I 43 11.22 3.00 -55.48
N ALA I 44 11.42 3.90 -56.44
CA ALA I 44 12.05 3.55 -57.70
C ALA I 44 13.52 3.21 -57.44
N ASP I 45 14.20 2.61 -58.41
CA ASP I 45 15.62 2.30 -58.28
C ASP I 45 16.39 3.52 -57.81
N ILE I 46 17.15 3.38 -56.73
CA ILE I 46 17.90 4.50 -56.17
C ILE I 46 18.87 5.05 -57.23
N ASN I 47 18.83 6.35 -57.49
CA ASN I 47 19.83 6.96 -58.36
C ASN I 47 20.86 7.72 -57.51
N VAL I 48 22.11 7.30 -57.62
CA VAL I 48 23.20 7.75 -56.73
C VAL I 48 23.95 8.98 -57.27
N ALA I 49 24.37 9.86 -56.38
CA ALA I 49 25.23 10.99 -56.73
C ALA I 49 26.54 10.54 -57.39
N SER I 50 26.98 11.28 -58.41
CA SER I 50 28.30 11.10 -58.98
C SER I 50 29.39 11.85 -58.18
N SER I 51 28.99 12.83 -57.37
CA SER I 51 29.96 13.61 -56.58
C SER I 51 29.30 14.35 -55.42
N LYS I 52 30.13 15.01 -54.63
CA LYS I 52 29.64 15.96 -53.62
C LYS I 52 28.76 17.03 -54.29
N ALA I 53 29.23 17.55 -55.42
CA ALA I 53 28.58 18.67 -56.10
C ALA I 53 27.32 18.26 -56.89
N SER I 54 27.27 17.01 -57.32
CA SER I 54 26.22 16.55 -58.23
C SER I 54 25.41 15.41 -57.61
N ASP I 55 24.24 15.74 -57.08
CA ASP I 55 23.41 14.81 -56.35
C ASP I 55 21.97 15.24 -56.57
N ASN I 56 21.32 14.57 -57.52
CA ASN I 56 19.97 14.92 -57.94
C ASN I 56 19.00 13.73 -57.80
N PRO I 57 18.64 13.35 -56.55
CA PRO I 57 17.79 12.18 -56.38
C PRO I 57 16.42 12.43 -57.01
N ASN I 58 15.91 11.42 -57.71
CA ASN I 58 14.56 11.45 -58.27
C ASN I 58 13.52 11.43 -57.14
N ALA I 59 12.42 12.16 -57.33
CA ALA I 59 11.32 12.21 -56.35
C ALA I 59 10.85 10.79 -55.99
N THR I 60 10.76 9.94 -57.00
CA THR I 60 10.31 8.55 -56.82
C THR I 60 11.29 7.69 -56.02
N THR I 61 12.51 8.19 -55.76
CA THR I 61 13.50 7.43 -54.99
C THR I 61 13.60 7.85 -53.52
N LEU I 62 12.80 8.84 -53.12
CA LEU I 62 12.88 9.41 -51.78
C LEU I 62 11.63 9.15 -50.91
N PRO I 63 11.76 8.28 -49.90
CA PRO I 63 10.65 8.02 -48.99
C PRO I 63 10.23 9.28 -48.20
N THR I 64 8.92 9.51 -48.11
CA THR I 64 8.36 10.68 -47.45
C THR I 64 7.44 10.23 -46.30
N TYR I 65 7.11 11.16 -45.41
CA TYR I 65 6.16 10.83 -44.33
C TYR I 65 4.75 10.66 -44.85
N SER I 66 4.02 9.75 -44.22
CA SER I 66 2.58 9.64 -44.40
C SER I 66 1.90 10.50 -43.35
N VAL I 67 0.80 11.13 -43.73
CA VAL I 67 -0.01 11.88 -42.77
C VAL I 67 -1.49 11.81 -43.16
N ALA I 68 -2.33 11.65 -42.14
CA ALA I 68 -3.80 11.73 -42.30
C ALA I 68 -4.43 12.62 -41.24
N VAL I 69 -5.49 13.33 -41.63
CA VAL I 69 -6.29 14.15 -40.71
C VAL I 69 -7.67 13.51 -40.56
N ILE I 70 -8.03 13.20 -39.33
CA ILE I 70 -9.33 12.62 -39.06
C ILE I 70 -10.24 13.71 -38.47
N LYS I 71 -11.38 13.96 -39.10
CA LYS I 71 -12.31 14.93 -38.55
C LYS I 71 -13.14 14.24 -37.47
N LEU I 72 -13.13 14.79 -36.26
CA LEU I 72 -13.83 14.20 -35.13
C LEU I 72 -15.20 14.86 -34.95
N PRO I 73 -16.09 14.25 -34.16
CA PRO I 73 -17.43 14.85 -34.01
C PRO I 73 -17.34 16.24 -33.40
N MET I 74 -18.15 17.16 -33.92
CA MET I 74 -18.20 18.53 -33.41
C MET I 74 -18.69 18.50 -31.96
N LEU I 75 -18.05 19.29 -31.11
CA LEU I 75 -18.36 19.29 -29.67
C LEU I 75 -19.09 20.55 -29.21
N ASN I 76 -18.80 21.67 -29.84
CA ASN I 76 -19.27 22.97 -29.36
C ASN I 76 -20.31 23.62 -30.27
N GLU I 77 -21.57 23.62 -29.82
CA GLU I 77 -22.67 24.29 -30.52
C GLU I 77 -22.49 25.79 -30.44
N ASP I 78 -22.46 26.28 -29.20
CA ASP I 78 -22.30 27.69 -28.90
C ASP I 78 -20.83 27.97 -28.60
N MET I 79 -20.18 28.81 -29.39
CA MET I 79 -18.80 29.17 -29.09
C MET I 79 -18.75 30.35 -28.14
N THR I 80 -19.89 30.59 -27.52
CA THR I 80 -20.13 31.69 -26.62
C THR I 80 -19.88 31.34 -25.17
N CYS I 81 -20.21 30.12 -24.81
CA CYS I 81 -20.11 29.68 -23.45
C CYS I 81 -18.72 29.91 -22.89
N ASP I 82 -18.61 30.00 -21.59
CA ASP I 82 -17.35 30.39 -20.98
C ASP I 82 -16.36 29.24 -21.03
N THR I 83 -16.85 28.02 -21.17
CA THR I 83 -15.97 26.89 -21.37
C THR I 83 -16.36 26.13 -22.63
N LEU I 84 -15.39 25.45 -23.22
CA LEU I 84 -15.60 24.63 -24.41
C LEU I 84 -15.01 23.24 -24.19
N LEU I 85 -15.34 22.34 -25.11
CA LEU I 85 -14.81 20.99 -25.08
C LEU I 85 -13.84 20.75 -26.24
N MET I 86 -12.77 20.01 -25.96
CA MET I 86 -11.87 19.53 -26.99
C MET I 86 -11.69 18.02 -26.85
N TRP I 87 -11.58 17.32 -27.98
CA TRP I 87 -11.16 15.92 -27.96
C TRP I 87 -9.73 15.80 -27.50
N GLU I 88 -9.51 14.86 -26.60
CA GLU I 88 -8.21 14.65 -26.00
C GLU I 88 -7.82 13.21 -26.31
N ALA I 89 -6.73 13.02 -27.03
CA ALA I 89 -6.26 11.68 -27.35
C ALA I 89 -5.59 11.10 -26.13
N VAL I 90 -6.12 9.99 -25.65
CA VAL I 90 -5.72 9.40 -24.40
C VAL I 90 -4.72 8.27 -24.64
N SER I 91 -4.99 7.42 -25.65
CA SER I 91 -4.17 6.25 -25.91
C SER I 91 -4.30 5.77 -27.35
N VAL I 92 -3.34 4.94 -27.78
CA VAL I 92 -3.32 4.42 -29.14
C VAL I 92 -2.78 3.01 -29.16
N LYS I 93 -3.46 2.14 -29.92
CA LYS I 93 -2.90 0.87 -30.35
C LYS I 93 -2.48 1.08 -31.79
N THR I 94 -1.25 0.72 -32.10
CA THR I 94 -0.73 0.89 -33.44
C THR I 94 0.05 -0.35 -33.90
N GLU I 95 0.01 -0.60 -35.19
CA GLU I 95 0.53 -1.84 -35.74
C GLU I 95 1.06 -1.63 -37.15
N VAL I 96 2.24 -2.19 -37.41
CA VAL I 96 2.75 -2.26 -38.76
C VAL I 96 2.15 -3.52 -39.43
N MET I 97 1.44 -3.31 -40.53
CA MET I 97 0.67 -4.38 -41.15
C MET I 97 1.46 -5.03 -42.27
N GLY I 98 1.25 -6.33 -42.46
CA GLY I 98 1.90 -7.08 -43.53
C GLY I 98 3.35 -7.42 -43.30
N ILE I 99 3.78 -7.46 -42.06
CA ILE I 99 5.18 -7.77 -41.72
C ILE I 99 5.64 -9.08 -42.37
N SER I 100 4.77 -10.10 -42.30
CA SER I 100 5.09 -11.44 -42.83
C SER I 100 5.27 -11.49 -44.36
N SER I 101 4.85 -10.43 -45.06
CA SER I 101 5.08 -10.34 -46.50
C SER I 101 6.59 -10.35 -46.84
N LEU I 102 7.43 -9.97 -45.89
CA LEU I 102 8.90 -10.03 -46.10
C LEU I 102 9.47 -11.44 -46.02
N VAL I 103 8.70 -12.37 -45.45
CA VAL I 103 9.10 -13.77 -45.28
C VAL I 103 8.87 -14.49 -46.60
N ASN I 104 9.76 -14.17 -47.54
CA ASN I 104 9.59 -14.48 -48.95
C ASN I 104 10.99 -14.54 -49.58
N LEU I 105 11.33 -15.72 -50.08
CA LEU I 105 12.68 -16.01 -50.62
C LEU I 105 12.64 -16.34 -52.10
N HIS I 106 11.50 -16.09 -52.74
CA HIS I 106 11.37 -16.43 -54.17
C HIS I 106 11.19 -15.22 -55.04
N GLN I 107 10.97 -14.04 -54.43
CA GLN I 107 10.82 -12.80 -55.19
C GLN I 107 12.05 -12.62 -56.09
N GLY I 108 11.82 -12.17 -57.33
CA GLY I 108 12.90 -11.93 -58.29
C GLY I 108 13.87 -10.94 -57.68
N GLY I 109 15.16 -11.25 -57.78
CA GLY I 109 16.18 -10.42 -57.13
C GLY I 109 17.57 -11.01 -57.22
N LYS I 110 18.32 -10.86 -56.14
CA LYS I 110 19.70 -11.29 -56.08
C LYS I 110 19.78 -12.56 -55.26
N TYR I 111 20.44 -13.58 -55.80
CA TYR I 111 20.61 -14.85 -55.10
C TYR I 111 21.41 -14.66 -53.82
N ILE I 112 20.98 -15.36 -52.78
CA ILE I 112 21.68 -15.43 -51.51
C ILE I 112 23.05 -16.06 -51.72
N TYR I 113 23.09 -17.20 -52.40
CA TYR I 113 24.35 -17.78 -52.85
C TYR I 113 24.41 -17.79 -54.38
N GLY I 114 24.60 -18.96 -54.98
CA GLY I 114 24.50 -19.09 -56.44
C GLY I 114 23.06 -19.24 -56.90
N SER I 115 22.88 -19.52 -58.19
CA SER I 115 21.56 -19.52 -58.83
C SER I 115 20.60 -20.64 -58.39
N SER I 116 21.06 -21.56 -57.54
CA SER I 116 20.17 -22.59 -56.97
C SER I 116 19.44 -22.13 -55.69
N SER I 117 19.94 -21.08 -55.05
CA SER I 117 19.42 -20.61 -53.76
C SER I 117 18.20 -19.67 -53.87
N GLY I 118 17.60 -19.33 -52.73
CA GLY I 118 16.57 -18.30 -52.69
C GLY I 118 17.19 -16.92 -52.90
N THR I 119 16.33 -15.90 -53.01
CA THR I 119 16.82 -14.52 -53.16
C THR I 119 16.88 -13.82 -51.81
N ILE I 120 17.76 -12.82 -51.73
CA ILE I 120 17.97 -12.02 -50.53
C ILE I 120 16.69 -11.26 -50.20
N PRO I 121 16.14 -11.48 -48.99
CA PRO I 121 14.93 -10.73 -48.65
C PRO I 121 15.24 -9.26 -48.31
N VAL I 122 14.19 -8.46 -48.11
CA VAL I 122 14.32 -7.05 -47.74
C VAL I 122 15.12 -6.90 -46.46
N GLN I 123 16.18 -6.09 -46.53
CA GLN I 123 17.08 -5.90 -45.39
C GLN I 123 17.84 -4.55 -45.52
N GLY I 124 18.59 -4.21 -44.49
CA GLY I 124 19.30 -2.92 -44.45
C GLY I 124 18.63 -1.92 -43.52
N THR I 125 18.82 -0.63 -43.80
CA THR I 125 18.32 0.45 -42.97
C THR I 125 16.80 0.40 -42.77
N THR I 126 16.35 0.59 -41.53
CA THR I 126 14.91 0.71 -41.22
C THR I 126 14.65 1.98 -40.44
N LEU I 127 13.46 2.54 -40.64
CA LEU I 127 13.02 3.70 -39.91
C LEU I 127 11.53 3.52 -39.59
N HIS I 128 11.19 3.55 -38.30
CA HIS I 128 9.81 3.49 -37.86
C HIS I 128 9.49 4.70 -37.04
N MET I 129 8.38 5.35 -37.38
CA MET I 129 7.89 6.47 -36.60
C MET I 129 6.38 6.54 -36.65
N PHE I 130 5.75 6.80 -35.52
CA PHE I 130 4.35 7.19 -35.52
C PHE I 130 4.14 8.36 -34.57
N SER I 131 3.13 9.18 -34.87
CA SER I 131 2.80 10.30 -34.03
C SER I 131 1.29 10.53 -34.03
N VAL I 132 0.80 10.96 -32.87
CA VAL I 132 -0.59 11.31 -32.71
C VAL I 132 -0.61 12.70 -32.07
N GLY I 133 -1.27 13.64 -32.73
CA GLY I 133 -1.35 15.02 -32.21
C GLY I 133 -2.61 15.76 -32.61
N GLY I 134 -2.78 16.93 -32.01
CA GLY I 134 -3.98 17.72 -32.24
C GLY I 134 -3.77 18.81 -33.26
N GLU I 135 -2.69 18.68 -34.01
CA GLU I 135 -2.25 19.65 -35.02
C GLU I 135 -1.09 19.02 -35.81
N PRO I 136 -0.66 19.64 -36.94
CA PRO I 136 0.43 19.02 -37.69
C PRO I 136 1.69 18.80 -36.85
N LEU I 137 2.37 17.69 -37.12
CA LEU I 137 3.67 17.39 -36.50
C LEU I 137 4.68 18.45 -36.93
N GLU I 138 5.41 19.01 -35.97
CA GLU I 138 6.45 20.01 -36.23
C GLU I 138 7.80 19.38 -36.56
N LEU I 139 8.42 19.85 -37.64
CA LEU I 139 9.58 19.22 -38.23
C LEU I 139 10.84 20.12 -38.17
N GLN I 140 11.99 19.46 -38.10
CA GLN I 140 13.29 20.12 -38.20
C GLN I 140 14.03 19.57 -39.42
N GLY I 141 14.60 20.47 -40.21
CA GLY I 141 15.41 20.10 -41.38
C GLY I 141 16.86 19.88 -41.01
N LEU I 142 17.43 18.83 -41.60
CA LEU I 142 18.83 18.46 -41.43
C LEU I 142 19.13 17.45 -42.52
N VAL I 143 20.20 17.66 -43.29
CA VAL I 143 20.54 16.75 -44.41
C VAL I 143 21.96 16.21 -44.32
N ALA I 144 22.22 15.12 -45.05
CA ALA I 144 23.57 14.54 -45.16
C ALA I 144 24.47 15.47 -45.97
N SER I 145 23.85 16.19 -46.91
CA SER I 145 24.58 17.06 -47.82
C SER I 145 23.75 18.25 -48.26
N SER I 146 24.31 19.45 -48.02
CA SER I 146 23.64 20.70 -48.38
C SER I 146 23.72 21.02 -49.87
N THR I 147 24.51 20.24 -50.61
CA THR I 147 24.67 20.52 -52.03
C THR I 147 23.79 19.62 -52.88
N THR I 148 23.02 18.74 -52.23
CA THR I 148 21.99 17.93 -52.90
C THR I 148 20.91 18.83 -53.50
N THR I 149 20.54 18.57 -54.75
CA THR I 149 19.44 19.25 -55.43
C THR I 149 18.20 18.35 -55.35
N TYR I 150 17.31 18.70 -54.43
CA TYR I 150 16.07 17.96 -54.22
C TYR I 150 15.05 18.32 -55.30
N PRO I 151 14.12 17.40 -55.62
CA PRO I 151 13.07 17.71 -56.60
C PRO I 151 12.23 18.89 -56.11
N THR I 152 11.90 19.80 -57.02
CA THR I 152 11.25 21.05 -56.63
C THR I 152 9.79 20.90 -56.19
N ASP I 153 9.15 19.79 -56.57
CA ASP I 153 7.76 19.53 -56.19
C ASP I 153 7.60 18.88 -54.80
N MET I 154 8.71 18.50 -54.17
CA MET I 154 8.68 18.02 -52.79
C MET I 154 8.94 19.21 -51.88
N VAL I 155 8.63 19.07 -50.59
CA VAL I 155 8.91 20.15 -49.65
C VAL I 155 10.24 19.86 -48.93
N THR I 156 11.22 20.71 -49.18
CA THR I 156 12.56 20.53 -48.61
C THR I 156 13.08 21.89 -48.11
N ILE I 157 14.34 21.96 -47.70
CA ILE I 157 14.89 23.19 -47.10
C ILE I 157 15.19 24.24 -48.16
N LYS I 158 14.68 25.45 -47.94
CA LYS I 158 14.91 26.55 -48.88
C LYS I 158 16.35 27.07 -48.77
N ASN I 159 17.02 27.28 -49.90
CA ASN I 159 18.36 27.90 -49.95
C ASN I 159 19.38 27.29 -48.99
N MET I 160 19.57 25.99 -49.09
CA MET I 160 20.47 25.29 -48.17
C MET I 160 21.88 25.86 -48.18
N LYS I 161 22.53 25.76 -47.03
CA LYS I 161 23.94 26.08 -46.90
C LYS I 161 24.52 24.96 -46.04
N PRO I 162 25.86 24.91 -45.90
CA PRO I 162 26.47 23.82 -45.13
C PRO I 162 25.95 23.68 -43.69
N VAL I 163 25.52 24.79 -43.08
CA VAL I 163 24.89 24.74 -41.76
C VAL I 163 23.75 23.71 -41.69
N ASN I 164 23.09 23.45 -42.82
CA ASN I 164 21.96 22.50 -42.86
C ASN I 164 22.36 21.04 -42.76
N GLN I 165 23.67 20.80 -42.69
CA GLN I 165 24.22 19.47 -42.40
C GLN I 165 24.23 19.24 -40.89
N ALA I 166 23.89 20.30 -40.15
CA ALA I 166 23.68 20.25 -38.70
C ALA I 166 22.42 21.07 -38.36
N LEU I 167 22.37 21.64 -37.17
CA LEU I 167 21.13 22.31 -36.72
C LEU I 167 21.06 23.77 -37.14
N ASP I 168 20.21 24.05 -38.11
CA ASP I 168 19.89 25.42 -38.48
C ASP I 168 18.50 25.70 -37.92
N PRO I 169 18.40 26.65 -36.97
CA PRO I 169 17.11 26.87 -36.29
C PRO I 169 16.03 27.48 -37.19
N ASN I 170 16.39 27.93 -38.39
CA ASN I 170 15.40 28.42 -39.36
C ASN I 170 14.79 27.34 -40.24
N ALA I 171 15.38 26.15 -40.24
CA ALA I 171 14.93 25.06 -41.09
C ALA I 171 13.80 24.30 -40.40
N LYS I 172 12.64 24.95 -40.34
CA LYS I 172 11.45 24.38 -39.70
C LYS I 172 10.32 24.16 -40.72
N ALA I 173 9.46 23.19 -40.43
CA ALA I 173 8.31 22.94 -41.28
C ALA I 173 7.21 22.22 -40.52
N LEU I 174 6.05 22.14 -41.15
CA LEU I 174 4.90 21.40 -40.62
C LEU I 174 4.64 20.20 -41.51
N LEU I 175 4.46 19.02 -40.91
CA LEU I 175 4.04 17.84 -41.66
C LEU I 175 2.55 17.98 -42.03
N ASP I 176 2.29 18.72 -43.11
CA ASP I 176 0.91 19.08 -43.46
C ASP I 176 0.51 18.56 -44.83
N LYS I 177 1.32 17.68 -45.41
CA LYS I 177 1.05 17.08 -46.71
C LYS I 177 1.55 15.65 -46.72
N ASP I 178 0.70 14.73 -47.16
CA ASP I 178 1.06 13.34 -47.31
C ASP I 178 1.97 13.13 -48.55
N GLY I 179 2.99 12.29 -48.41
CA GLY I 179 3.91 11.98 -49.51
C GLY I 179 4.72 13.14 -50.08
N LYS I 180 5.13 14.09 -49.26
CA LYS I 180 5.83 15.30 -49.77
C LYS I 180 7.10 15.71 -49.01
N TYR I 181 7.19 15.34 -47.73
CA TYR I 181 8.32 15.70 -46.85
C TYR I 181 9.29 14.52 -46.72
N PRO I 182 10.45 14.58 -47.42
CA PRO I 182 11.39 13.44 -47.37
C PRO I 182 11.87 13.15 -45.94
N VAL I 183 11.93 11.87 -45.56
CA VAL I 183 12.49 11.53 -44.25
C VAL I 183 13.97 11.94 -44.13
N GLU I 184 14.71 11.95 -45.24
CA GLU I 184 16.15 12.26 -45.18
C GLU I 184 16.41 13.76 -45.00
N VAL I 185 15.36 14.56 -45.08
CA VAL I 185 15.43 16.01 -44.88
C VAL I 185 14.82 16.42 -43.54
N TRP I 186 13.69 15.82 -43.17
CA TRP I 186 12.93 16.27 -42.02
C TRP I 186 12.82 15.23 -40.95
N SER I 187 12.88 15.69 -39.69
CA SER I 187 12.67 14.84 -38.52
C SER I 187 11.83 15.59 -37.47
N PRO I 188 11.17 14.85 -36.54
CA PRO I 188 10.33 15.52 -35.53
C PRO I 188 11.14 16.52 -34.70
N ASP I 189 10.58 17.71 -34.50
CA ASP I 189 11.29 18.81 -33.83
C ASP I 189 11.05 18.71 -32.33
N PRO I 190 12.08 18.31 -31.55
CA PRO I 190 11.88 18.12 -30.11
C PRO I 190 11.75 19.43 -29.34
N SER I 191 12.07 20.55 -29.98
CA SER I 191 11.94 21.86 -29.33
C SER I 191 10.51 22.37 -29.43
N LYS I 192 9.67 21.69 -30.20
CA LYS I 192 8.26 22.04 -30.27
C LYS I 192 7.40 20.81 -29.92
N ASN I 193 6.33 20.56 -30.68
CA ASN I 193 5.46 19.39 -30.48
C ASN I 193 4.90 19.23 -29.07
N GLU I 194 4.51 20.36 -28.48
CA GLU I 194 3.84 20.37 -27.19
C GLU I 194 2.49 19.64 -27.26
N ASN I 195 1.88 19.59 -28.45
CA ASN I 195 0.55 19.03 -28.63
C ASN I 195 0.51 17.79 -29.53
N THR I 196 1.66 17.12 -29.68
CA THR I 196 1.80 15.87 -30.45
C THR I 196 2.72 14.92 -29.66
N ARG I 197 2.39 13.63 -29.61
CA ARG I 197 3.35 12.65 -29.09
C ARG I 197 3.89 11.85 -30.27
N TYR I 198 5.21 11.74 -30.37
CA TYR I 198 5.85 10.97 -31.44
C TYR I 198 6.82 9.96 -30.84
N TYR I 199 7.06 8.90 -31.60
CA TYR I 199 7.82 7.74 -31.14
C TYR I 199 8.55 7.21 -32.36
N GLY I 200 9.87 7.11 -32.28
CA GLY I 200 10.67 6.78 -33.45
C GLY I 200 11.81 5.83 -33.16
N SER I 201 12.12 5.00 -34.14
CA SER I 201 13.17 4.02 -34.02
C SER I 201 13.95 3.92 -35.32
N PHE I 202 15.27 3.94 -35.22
CA PHE I 202 16.17 3.85 -36.38
C PHE I 202 17.25 2.79 -36.19
N THR I 203 17.39 1.91 -37.19
CA THR I 203 18.58 1.06 -37.29
C THR I 203 19.13 1.19 -38.71
N GLY I 204 20.42 1.52 -38.80
CA GLY I 204 21.06 1.73 -40.11
C GLY I 204 21.70 0.49 -40.70
N GLY I 205 22.77 0.71 -41.46
CA GLY I 205 23.50 -0.38 -42.08
C GLY I 205 22.96 -0.69 -43.45
N ALA I 206 23.76 -1.40 -44.24
CA ALA I 206 23.41 -1.70 -45.62
C ALA I 206 22.64 -3.01 -45.74
N THR I 207 22.92 -3.96 -44.84
CA THR I 207 22.39 -5.31 -44.99
C THR I 207 21.74 -5.84 -43.71
N THR I 208 21.54 -4.94 -42.73
CA THR I 208 21.02 -5.28 -41.41
C THR I 208 19.69 -6.05 -41.45
N PRO I 209 19.59 -7.15 -40.68
CA PRO I 209 18.29 -7.85 -40.63
C PRO I 209 17.24 -6.99 -39.96
N PRO I 210 16.07 -6.81 -40.60
CA PRO I 210 14.95 -6.10 -39.99
C PRO I 210 14.34 -6.88 -38.82
N VAL I 211 13.90 -6.16 -37.79
CA VAL I 211 13.30 -6.79 -36.61
C VAL I 211 11.98 -6.04 -36.34
N MET I 212 10.88 -6.77 -36.25
CA MET I 212 9.59 -6.14 -35.97
C MET I 212 8.71 -7.05 -35.16
N GLN I 213 7.86 -6.46 -34.33
CA GLN I 213 6.85 -7.22 -33.58
C GLN I 213 5.46 -6.84 -34.05
N PHE I 214 4.51 -7.73 -33.78
CA PHE I 214 3.11 -7.45 -34.03
C PHE I 214 2.26 -8.20 -33.02
N THR I 215 1.27 -7.49 -32.48
CA THR I 215 0.38 -8.02 -31.45
C THR I 215 -0.82 -7.09 -31.32
N ASN I 216 -1.90 -7.54 -30.70
CA ASN I 216 -2.99 -6.62 -30.38
C ASN I 216 -3.14 -6.41 -28.87
N SER I 217 -2.07 -6.73 -28.12
CA SER I 217 -2.10 -6.68 -26.65
C SER I 217 -1.43 -5.44 -26.06
N VAL I 218 -0.90 -4.55 -26.92
CA VAL I 218 -0.09 -3.41 -26.45
C VAL I 218 -0.74 -2.06 -26.77
N THR I 219 -0.79 -1.20 -25.76
CA THR I 219 -1.35 0.14 -25.88
C THR I 219 -0.32 1.15 -25.45
N THR I 220 -0.24 2.28 -26.16
CA THR I 220 0.58 3.39 -25.73
C THR I 220 -0.32 4.49 -25.15
N VAL I 221 -0.03 4.89 -23.91
CA VAL I 221 -0.71 6.00 -23.27
C VAL I 221 -0.09 7.31 -23.77
N LEU I 222 -0.95 8.23 -24.20
CA LEU I 222 -0.52 9.48 -24.84
C LEU I 222 -0.48 10.68 -23.90
N LEU I 223 -0.89 10.48 -22.64
CA LEU I 223 -0.94 11.55 -21.66
C LEU I 223 0.48 12.02 -21.29
N ASP I 224 0.64 13.34 -21.16
CA ASP I 224 1.91 13.88 -20.71
C ASP I 224 2.05 13.78 -19.17
N GLU I 225 3.13 14.32 -18.64
CA GLU I 225 3.43 14.25 -17.20
C GLU I 225 2.39 14.98 -16.33
N ASN I 226 1.50 15.75 -16.95
CA ASN I 226 0.40 16.38 -16.22
C ASN I 226 -0.95 15.70 -16.46
N GLY I 227 -0.94 14.54 -17.10
CA GLY I 227 -2.17 13.81 -17.38
C GLY I 227 -2.98 14.37 -18.54
N VAL I 228 -2.36 15.18 -19.40
CA VAL I 228 -3.06 15.74 -20.55
C VAL I 228 -2.53 15.19 -21.86
N GLY I 229 -3.42 14.65 -22.69
CA GLY I 229 -3.06 14.17 -24.02
C GLY I 229 -3.16 15.26 -25.07
N PRO I 230 -2.78 14.96 -26.32
CA PRO I 230 -2.96 15.92 -27.41
C PRO I 230 -4.41 16.38 -27.47
N LEU I 231 -4.61 17.67 -27.71
CA LEU I 231 -5.94 18.25 -27.78
C LEU I 231 -6.16 18.68 -29.20
N CYS I 232 -7.27 18.22 -29.78
CA CYS I 232 -7.49 18.30 -31.22
C CYS I 232 -8.10 19.64 -31.64
N LYS I 233 -7.25 20.53 -32.15
CA LYS I 233 -7.70 21.86 -32.52
C LYS I 233 -8.65 21.77 -33.71
N GLY I 234 -9.76 22.49 -33.65
CA GLY I 234 -10.79 22.44 -34.69
C GLY I 234 -11.38 21.05 -34.90
N ASP I 235 -11.35 20.23 -33.85
CA ASP I 235 -11.80 18.83 -33.89
C ASP I 235 -11.10 17.98 -34.97
N LYS I 236 -9.80 18.21 -35.15
CA LYS I 236 -9.00 17.45 -36.11
C LYS I 236 -7.89 16.68 -35.40
N LEU I 237 -7.81 15.39 -35.73
CA LEU I 237 -6.76 14.51 -35.23
C LEU I 237 -5.73 14.20 -36.34
N PHE I 238 -4.46 14.44 -36.05
CA PHE I 238 -3.37 14.21 -37.01
C PHE I 238 -2.62 12.94 -36.69
N LEU I 239 -2.59 12.01 -37.65
CA LEU I 239 -1.84 10.76 -37.49
C LEU I 239 -0.74 10.78 -38.54
N SER I 240 0.50 10.55 -38.11
CA SER I 240 1.65 10.60 -39.01
C SER I 240 2.52 9.38 -38.83
N ALA I 241 3.16 8.94 -39.91
CA ALA I 241 3.98 7.73 -39.84
C ALA I 241 5.01 7.66 -40.96
N VAL I 242 6.03 6.86 -40.69
CA VAL I 242 6.84 6.28 -41.73
C VAL I 242 7.27 4.91 -41.24
N ASP I 243 7.24 3.92 -42.12
CA ASP I 243 7.75 2.60 -41.80
C ASP I 243 8.52 2.03 -42.97
N ILE I 244 9.79 2.42 -43.03
CA ILE I 244 10.73 1.87 -43.99
C ILE I 244 11.23 0.58 -43.38
N VAL I 245 11.11 -0.52 -44.12
CA VAL I 245 11.42 -1.84 -43.55
C VAL I 245 12.70 -2.45 -44.13
N GLY I 246 13.36 -1.71 -45.02
CA GLY I 246 14.63 -2.11 -45.58
C GLY I 246 14.67 -1.85 -47.07
N ILE I 247 15.64 -2.51 -47.72
CA ILE I 247 15.99 -2.32 -49.12
C ILE I 247 15.79 -3.65 -49.85
N HIS I 248 15.11 -3.62 -50.99
CA HIS I 248 15.06 -4.79 -51.87
C HIS I 248 16.10 -4.64 -52.93
N THR I 249 16.91 -5.67 -53.12
CA THR I 249 17.93 -5.66 -54.16
C THR I 249 17.45 -6.48 -55.36
N ASN I 250 17.54 -5.88 -56.54
CA ASN I 250 17.11 -6.50 -57.80
C ASN I 250 18.25 -7.31 -58.42
N TYR I 251 17.95 -8.10 -59.45
CA TYR I 251 18.96 -8.95 -60.07
C TYR I 251 20.17 -8.15 -60.57
N SER I 252 19.92 -7.00 -61.21
CA SER I 252 21.00 -6.10 -61.67
C SER I 252 21.72 -5.37 -60.52
N GLU I 253 21.24 -5.55 -59.29
CA GLU I 253 21.79 -4.91 -58.08
C GLU I 253 21.27 -3.50 -57.84
N SER I 254 20.37 -3.03 -58.70
CA SER I 254 19.60 -1.82 -58.42
C SER I 254 18.75 -2.08 -57.18
N GLN I 255 18.40 -1.02 -56.47
CA GLN I 255 17.78 -1.18 -55.14
C GLN I 255 16.56 -0.28 -54.92
N ASN I 256 15.55 -0.83 -54.26
CA ASN I 256 14.34 -0.12 -53.92
C ASN I 256 14.08 -0.16 -52.41
N TRP I 257 13.80 1.01 -51.83
CA TRP I 257 13.25 1.07 -50.48
C TRP I 257 11.92 0.35 -50.44
N ARG I 258 11.66 -0.35 -49.34
CA ARG I 258 10.38 -1.01 -49.11
C ARG I 258 9.73 -0.47 -47.84
N GLY I 259 8.44 -0.13 -47.92
CA GLY I 259 7.68 0.36 -46.78
C GLY I 259 6.44 -0.49 -46.53
N LEU I 260 5.89 -0.39 -45.33
CA LEU I 260 4.66 -1.12 -44.98
C LEU I 260 3.65 -0.15 -44.37
N PRO I 261 2.33 -0.47 -44.49
CA PRO I 261 1.34 0.44 -43.91
C PRO I 261 1.22 0.34 -42.39
N ARG I 262 0.66 1.39 -41.78
CA ARG I 262 0.51 1.43 -40.34
C ARG I 262 -0.96 1.65 -39.98
N TYR I 263 -1.43 0.86 -39.01
CA TYR I 263 -2.78 0.98 -38.46
C TYR I 263 -2.76 1.77 -37.16
N PHE I 264 -3.75 2.65 -36.96
CA PHE I 264 -3.96 3.35 -35.68
C PHE I 264 -5.35 3.05 -35.13
N ASN I 265 -5.43 2.82 -33.82
CA ASN I 265 -6.70 2.86 -33.11
C ASN I 265 -6.53 3.82 -31.93
N VAL I 266 -7.15 5.00 -32.02
CA VAL I 266 -6.97 6.05 -31.01
C VAL I 266 -8.25 6.22 -30.15
N THR I 267 -8.06 6.23 -28.84
CA THR I 267 -9.16 6.47 -27.90
C THR I 267 -9.05 7.93 -27.47
N LEU I 268 -10.16 8.66 -27.57
CA LEU I 268 -10.19 10.06 -27.20
C LEU I 268 -11.30 10.32 -26.19
N ARG I 269 -11.10 11.33 -25.34
CA ARG I 269 -12.11 11.74 -24.36
C ARG I 269 -12.39 13.22 -24.49
N LYS I 270 -13.43 13.70 -23.82
CA LYS I 270 -13.78 15.11 -23.83
C LYS I 270 -13.07 15.85 -22.69
N ARG I 271 -12.40 16.93 -23.03
CA ARG I 271 -11.67 17.75 -22.05
C ARG I 271 -12.19 19.18 -22.08
N VAL I 272 -12.56 19.70 -20.90
CA VAL I 272 -12.99 21.07 -20.73
C VAL I 272 -11.80 22.03 -20.82
N VAL I 273 -11.95 23.08 -21.63
CA VAL I 273 -10.98 24.16 -21.69
C VAL I 273 -11.69 25.50 -21.49
N LYS I 274 -10.94 26.48 -21.03
CA LYS I 274 -11.46 27.82 -20.89
C LYS I 274 -11.54 28.45 -22.28
N ASN I 275 -12.68 29.07 -22.58
CA ASN I 275 -12.90 29.76 -23.84
C ASN I 275 -11.98 30.97 -23.97
N PRO I 276 -11.13 31.00 -25.02
CA PRO I 276 -10.29 32.16 -25.28
C PRO I 276 -10.87 33.10 -26.33
N GLY J 5 -18.84 -8.54 -29.01
CA GLY J 5 -19.49 -8.22 -30.32
C GLY J 5 -20.85 -7.56 -30.11
N GLY J 6 -21.90 -8.27 -30.47
CA GLY J 6 -23.27 -7.83 -30.20
C GLY J 6 -23.75 -8.30 -28.83
N VAL J 7 -23.00 -9.24 -28.24
CA VAL J 7 -23.36 -9.88 -26.97
C VAL J 7 -22.85 -9.10 -25.75
N GLU J 8 -23.73 -8.87 -24.77
CA GLU J 8 -23.36 -8.17 -23.55
C GLU J 8 -22.69 -9.13 -22.57
N VAL J 9 -21.46 -8.81 -22.21
CA VAL J 9 -20.65 -9.63 -21.30
C VAL J 9 -20.91 -9.24 -19.84
N LEU J 10 -21.16 -10.22 -18.99
CA LEU J 10 -21.42 -9.99 -17.58
C LEU J 10 -20.26 -10.56 -16.77
N GLU J 11 -20.54 -11.02 -15.55
CA GLU J 11 -19.48 -11.37 -14.59
C GLU J 11 -18.95 -12.79 -14.77
N VAL J 12 -17.76 -13.06 -14.21
CA VAL J 12 -17.20 -14.41 -14.13
C VAL J 12 -18.06 -15.28 -13.20
N ARG J 13 -18.36 -16.51 -13.65
CA ARG J 13 -19.11 -17.47 -12.86
C ARG J 13 -18.17 -18.17 -11.90
N THR J 14 -18.47 -18.10 -10.61
CA THR J 14 -17.61 -18.74 -9.61
C THR J 14 -18.16 -20.12 -9.27
N GLY J 15 -17.43 -20.86 -8.44
CA GLY J 15 -17.90 -22.15 -7.93
C GLY J 15 -16.86 -23.23 -8.10
N PRO J 16 -17.17 -24.47 -7.66
CA PRO J 16 -16.30 -25.59 -7.95
C PRO J 16 -16.32 -25.87 -9.47
N ASP J 17 -15.27 -26.49 -9.98
CA ASP J 17 -15.22 -26.82 -11.41
C ASP J 17 -15.58 -25.63 -12.31
N ALA J 18 -15.10 -24.44 -11.96
CA ALA J 18 -15.36 -23.27 -12.79
C ALA J 18 -14.24 -23.04 -13.81
N ILE J 19 -13.12 -23.73 -13.62
CA ILE J 19 -11.94 -23.59 -14.48
C ILE J 19 -11.69 -24.91 -15.20
N THR J 20 -11.14 -24.82 -16.40
CA THR J 20 -10.67 -25.99 -17.10
C THR J 20 -9.38 -25.68 -17.86
N GLN J 21 -8.66 -26.72 -18.25
CA GLN J 21 -7.46 -26.60 -19.06
C GLN J 21 -7.55 -27.51 -20.26
N ILE J 22 -7.05 -27.02 -21.40
CA ILE J 22 -6.86 -27.88 -22.56
C ILE J 22 -5.44 -27.71 -23.09
N GLU J 23 -4.86 -28.80 -23.57
CA GLU J 23 -3.59 -28.71 -24.24
C GLU J 23 -3.64 -29.30 -25.64
N ALA J 24 -2.81 -28.76 -26.53
CA ALA J 24 -2.77 -29.17 -27.92
C ALA J 24 -1.40 -28.84 -28.46
N TYR J 25 -1.06 -29.44 -29.59
CA TYR J 25 0.13 -29.01 -30.32
C TYR J 25 -0.22 -28.83 -31.79
N LEU J 26 0.44 -27.89 -32.44
CA LEU J 26 0.26 -27.67 -33.86
C LEU J 26 1.57 -27.98 -34.57
N ASN J 27 1.52 -28.93 -35.51
CA ASN J 27 2.68 -29.22 -36.34
C ASN J 27 2.85 -28.16 -37.42
N PRO J 28 4.10 -27.85 -37.79
CA PRO J 28 4.39 -26.80 -38.78
C PRO J 28 3.90 -27.17 -40.17
N ARG J 29 3.52 -26.15 -40.94
CA ARG J 29 3.07 -26.32 -42.31
C ARG J 29 3.98 -25.48 -43.22
N MET J 30 5.14 -26.05 -43.54
CA MET J 30 6.18 -25.33 -44.28
C MET J 30 6.09 -25.56 -45.78
N GLY J 31 5.28 -26.52 -46.20
CA GLY J 31 5.13 -26.83 -47.62
C GLY J 31 5.05 -28.33 -47.83
N ASN J 32 5.96 -29.07 -47.22
CA ASN J 32 5.79 -30.52 -47.10
C ASN J 32 4.95 -30.77 -45.85
N ASN J 33 3.64 -30.92 -46.02
CA ASN J 33 2.69 -30.86 -44.90
C ASN J 33 2.00 -32.18 -44.56
N ASN J 34 2.38 -33.24 -45.26
CA ASN J 34 1.88 -34.58 -45.00
C ASN J 34 2.99 -35.31 -44.23
N PRO J 35 2.65 -35.93 -43.08
CA PRO J 35 3.64 -36.62 -42.22
C PRO J 35 4.44 -37.75 -42.89
N THR J 36 4.00 -38.24 -44.05
CA THR J 36 4.79 -39.23 -44.79
C THR J 36 5.76 -38.58 -45.80
N ASP J 37 5.65 -37.26 -46.00
CA ASP J 37 6.60 -36.55 -46.85
C ASP J 37 8.00 -36.70 -46.27
N GLU J 38 8.97 -37.03 -47.12
CA GLU J 38 10.35 -37.18 -46.71
C GLU J 38 10.92 -35.93 -45.99
N LEU J 39 10.53 -34.76 -46.46
CA LEU J 39 10.95 -33.50 -45.84
C LEU J 39 9.83 -32.82 -45.05
N TYR J 40 8.99 -33.63 -44.41
CA TYR J 40 7.96 -33.13 -43.49
C TYR J 40 8.62 -32.17 -42.52
N GLY J 41 8.01 -31.00 -42.33
CA GLY J 41 8.56 -29.97 -41.44
C GLY J 41 9.48 -28.99 -42.15
N TYR J 42 9.66 -29.18 -43.45
CA TYR J 42 10.40 -28.25 -44.30
C TYR J 42 9.57 -27.86 -45.51
N SER J 43 9.91 -26.74 -46.15
CA SER J 43 9.43 -26.49 -47.50
C SER J 43 10.27 -27.29 -48.49
N ALA J 44 9.76 -27.43 -49.72
CA ALA J 44 10.54 -27.97 -50.83
C ALA J 44 11.52 -26.88 -51.25
N ASP J 45 12.49 -27.22 -52.09
CA ASP J 45 13.50 -26.26 -52.59
C ASP J 45 12.80 -25.01 -53.10
N ILE J 46 13.23 -23.84 -52.64
CA ILE J 46 12.63 -22.59 -53.07
C ILE J 46 12.83 -22.42 -54.57
N ASN J 47 11.74 -22.13 -55.28
CA ASN J 47 11.84 -21.84 -56.71
C ASN J 47 11.60 -20.37 -56.93
N VAL J 48 12.63 -19.73 -57.47
CA VAL J 48 12.75 -18.29 -57.49
C VAL J 48 12.14 -17.76 -58.78
N ALA J 49 11.54 -16.57 -58.71
CA ALA J 49 11.02 -15.91 -59.90
C ALA J 49 12.15 -15.55 -60.88
N SER J 50 11.87 -15.57 -62.17
CA SER J 50 12.89 -15.12 -63.12
C SER J 50 12.76 -13.63 -63.40
N SER J 51 11.59 -13.06 -63.09
CA SER J 51 11.33 -11.65 -63.37
C SER J 51 10.23 -11.07 -62.47
N LYS J 52 9.95 -9.79 -62.63
CA LYS J 52 8.80 -9.18 -61.98
C LYS J 52 7.50 -9.85 -62.49
N ALA J 53 7.39 -10.01 -63.80
CA ALA J 53 6.18 -10.55 -64.45
C ALA J 53 5.96 -12.05 -64.20
N SER J 54 7.04 -12.80 -64.04
CA SER J 54 6.97 -14.26 -63.93
C SER J 54 7.47 -14.76 -62.59
N ASP J 55 6.52 -15.10 -61.71
CA ASP J 55 6.80 -15.55 -60.35
C ASP J 55 5.74 -16.57 -59.95
N ASN J 56 6.13 -17.82 -59.97
CA ASN J 56 5.20 -18.94 -59.80
C ASN J 56 5.69 -19.87 -58.72
N PRO J 57 5.61 -19.44 -57.45
CA PRO J 57 6.09 -20.31 -56.38
C PRO J 57 5.25 -21.58 -56.24
N ASN J 58 5.92 -22.71 -56.04
CA ASN J 58 5.25 -23.98 -55.83
C ASN J 58 4.60 -23.98 -54.47
N ALA J 59 3.42 -24.61 -54.36
CA ALA J 59 2.70 -24.69 -53.09
C ALA J 59 3.59 -25.26 -52.00
N THR J 60 4.38 -26.27 -52.36
CA THR J 60 5.28 -26.91 -51.39
C THR J 60 6.43 -26.01 -50.92
N THR J 61 6.57 -24.83 -51.51
CA THR J 61 7.68 -23.91 -51.14
C THR J 61 7.20 -22.73 -50.28
N LEU J 62 5.89 -22.69 -50.00
CA LEU J 62 5.26 -21.56 -49.30
C LEU J 62 4.73 -21.92 -47.89
N PRO J 63 5.45 -21.50 -46.84
CA PRO J 63 4.96 -21.78 -45.49
C PRO J 63 3.59 -21.15 -45.25
N THR J 64 2.74 -21.88 -44.54
CA THR J 64 1.38 -21.44 -44.25
C THR J 64 1.10 -21.46 -42.74
N TYR J 65 0.03 -20.79 -42.31
CA TYR J 65 -0.36 -20.85 -40.89
C TYR J 65 -0.92 -22.22 -40.53
N SER J 66 -0.62 -22.63 -39.29
CA SER J 66 -1.26 -23.77 -38.64
C SER J 66 -2.45 -23.26 -37.85
N VAL J 67 -3.54 -24.02 -37.86
CA VAL J 67 -4.68 -23.70 -37.01
C VAL J 67 -5.39 -24.98 -36.58
N ALA J 68 -5.79 -25.04 -35.31
CA ALA J 68 -6.63 -26.10 -34.78
C ALA J 68 -7.85 -25.49 -34.07
N VAL J 69 -8.97 -26.21 -34.11
CA VAL J 69 -10.16 -25.80 -33.38
C VAL J 69 -10.49 -26.86 -32.35
N ILE J 70 -10.64 -26.44 -31.11
CA ILE J 70 -11.03 -27.34 -30.04
C ILE J 70 -12.48 -27.03 -29.66
N LYS J 71 -13.34 -28.06 -29.71
CA LYS J 71 -14.74 -27.89 -29.30
C LYS J 71 -14.84 -28.23 -27.82
N LEU J 72 -15.23 -27.25 -27.02
CA LEU J 72 -15.25 -27.38 -25.57
C LEU J 72 -16.63 -27.87 -25.11
N PRO J 73 -16.74 -28.40 -23.87
CA PRO J 73 -18.02 -28.94 -23.42
C PRO J 73 -19.13 -27.90 -23.41
N MET J 74 -20.34 -28.32 -23.76
CA MET J 74 -21.54 -27.48 -23.66
C MET J 74 -21.77 -27.09 -22.21
N LEU J 75 -22.07 -25.82 -21.97
CA LEU J 75 -22.25 -25.31 -20.61
C LEU J 75 -23.70 -25.03 -20.26
N ASN J 76 -24.55 -24.95 -21.27
CA ASN J 76 -25.91 -24.51 -21.06
C ASN J 76 -26.93 -25.63 -21.28
N GLU J 77 -27.63 -26.01 -20.21
CA GLU J 77 -28.72 -27.00 -20.31
C GLU J 77 -29.87 -26.39 -21.09
N ASP J 78 -30.27 -25.20 -20.67
CA ASP J 78 -31.44 -24.52 -21.20
C ASP J 78 -31.04 -23.19 -21.84
N MET J 79 -31.12 -23.11 -23.16
CA MET J 79 -30.80 -21.85 -23.79
C MET J 79 -31.95 -20.87 -23.85
N THR J 80 -32.93 -21.01 -23.00
CA THR J 80 -33.96 -20.00 -22.86
C THR J 80 -33.80 -19.13 -21.59
N CYS J 81 -32.85 -19.52 -20.76
CA CYS J 81 -32.48 -18.75 -19.60
C CYS J 81 -32.00 -17.40 -20.00
N ASP J 82 -32.33 -16.41 -19.20
CA ASP J 82 -32.04 -15.05 -19.51
C ASP J 82 -30.51 -14.74 -19.67
N THR J 83 -29.67 -15.55 -19.06
CA THR J 83 -28.23 -15.53 -19.25
C THR J 83 -27.68 -16.91 -19.64
N LEU J 84 -26.52 -16.91 -20.27
CA LEU J 84 -25.82 -18.13 -20.70
C LEU J 84 -24.36 -18.09 -20.26
N LEU J 85 -23.73 -19.27 -20.22
CA LEU J 85 -22.28 -19.36 -19.98
C LEU J 85 -21.49 -19.54 -21.27
N MET J 86 -20.32 -18.92 -21.32
CA MET J 86 -19.35 -19.10 -22.38
C MET J 86 -18.01 -19.42 -21.76
N TRP J 87 -17.20 -20.22 -22.46
CA TRP J 87 -15.82 -20.44 -22.07
C TRP J 87 -14.98 -19.23 -22.41
N GLU J 88 -14.16 -18.82 -21.45
CA GLU J 88 -13.32 -17.64 -21.59
C GLU J 88 -11.86 -18.03 -21.41
N ALA J 89 -11.05 -17.78 -22.43
CA ALA J 89 -9.62 -18.08 -22.34
C ALA J 89 -8.91 -17.01 -21.51
N VAL J 90 -8.29 -17.46 -20.41
CA VAL J 90 -7.72 -16.55 -19.39
C VAL J 90 -6.23 -16.38 -19.59
N SER J 91 -5.53 -17.49 -19.81
CA SER J 91 -4.09 -17.45 -19.97
C SER J 91 -3.64 -18.66 -20.80
N VAL J 92 -2.41 -18.58 -21.31
CA VAL J 92 -1.81 -19.68 -22.07
C VAL J 92 -0.32 -19.84 -21.72
N LYS J 93 0.10 -21.09 -21.57
CA LYS J 93 1.52 -21.44 -21.67
C LYS J 93 1.77 -22.00 -23.05
N THR J 94 2.73 -21.42 -23.75
CA THR J 94 3.04 -21.90 -25.07
C THR J 94 4.53 -22.07 -25.27
N GLU J 95 4.91 -23.05 -26.08
CA GLU J 95 6.30 -23.45 -26.21
C GLU J 95 6.55 -23.93 -27.62
N VAL J 96 7.63 -23.44 -28.24
CA VAL J 96 8.11 -24.01 -29.49
C VAL J 96 8.93 -25.25 -29.11
N MET J 97 8.54 -26.40 -29.64
CA MET J 97 9.18 -27.68 -29.28
C MET J 97 10.28 -28.10 -30.25
N GLY J 98 11.25 -28.86 -29.75
CA GLY J 98 12.33 -29.38 -30.58
C GLY J 98 13.35 -28.33 -31.02
N ILE J 99 13.45 -27.24 -30.26
CA ILE J 99 14.42 -26.17 -30.54
C ILE J 99 15.85 -26.72 -30.64
N SER J 100 16.22 -27.60 -29.71
CA SER J 100 17.59 -28.15 -29.74
C SER J 100 17.91 -29.03 -30.98
N SER J 101 16.88 -29.43 -31.73
CA SER J 101 17.10 -30.18 -32.96
C SER J 101 17.96 -29.39 -33.97
N LEU J 102 17.96 -28.06 -33.86
CA LEU J 102 18.77 -27.20 -34.73
C LEU J 102 20.26 -27.26 -34.37
N VAL J 103 20.57 -27.80 -33.19
CA VAL J 103 21.94 -27.86 -32.68
C VAL J 103 22.62 -29.10 -33.28
N ASN J 104 22.94 -28.97 -34.56
CA ASN J 104 23.28 -30.11 -35.40
C ASN J 104 24.18 -29.56 -36.49
N LEU J 105 25.43 -30.01 -36.48
CA LEU J 105 26.40 -29.56 -37.50
C LEU J 105 26.77 -30.64 -38.52
N HIS J 106 26.05 -31.76 -38.49
CA HIS J 106 26.39 -32.90 -39.35
C HIS J 106 25.42 -33.21 -40.46
N GLN J 107 24.21 -32.62 -40.40
CA GLN J 107 23.20 -32.84 -41.43
C GLN J 107 23.76 -32.46 -42.80
N GLY J 108 23.46 -33.24 -43.82
CA GLY J 108 23.93 -32.94 -45.17
C GLY J 108 23.58 -31.51 -45.58
N GLY J 109 24.54 -30.82 -46.20
CA GLY J 109 24.32 -29.43 -46.61
C GLY J 109 25.57 -28.73 -47.09
N LYS J 110 25.67 -27.43 -46.77
CA LYS J 110 26.78 -26.59 -47.18
C LYS J 110 27.79 -26.42 -46.03
N TYR J 111 29.07 -26.67 -46.34
CA TYR J 111 30.14 -26.56 -45.35
C TYR J 111 30.27 -25.15 -44.80
N ILE J 112 30.58 -25.05 -43.52
CA ILE J 112 30.82 -23.75 -42.91
C ILE J 112 32.08 -23.16 -43.53
N TYR J 113 33.15 -23.96 -43.60
CA TYR J 113 34.40 -23.58 -44.24
C TYR J 113 34.69 -24.50 -45.43
N GLY J 114 35.81 -25.22 -45.42
CA GLY J 114 36.08 -26.26 -46.41
C GLY J 114 35.38 -27.54 -46.02
N SER J 115 35.73 -28.65 -46.66
CA SER J 115 34.99 -29.90 -46.50
C SER J 115 35.40 -30.73 -45.28
N SER J 116 36.41 -30.26 -44.54
CA SER J 116 36.72 -30.80 -43.22
C SER J 116 35.76 -30.28 -42.13
N SER J 117 35.00 -29.24 -42.42
CA SER J 117 34.20 -28.56 -41.38
C SER J 117 32.79 -29.16 -41.21
N GLY J 118 32.04 -28.64 -40.23
CA GLY J 118 30.64 -29.00 -40.12
C GLY J 118 29.84 -28.24 -41.17
N THR J 119 28.54 -28.51 -41.22
CA THR J 119 27.69 -27.80 -42.17
C THR J 119 26.97 -26.64 -41.50
N ILE J 120 26.53 -25.68 -42.32
CA ILE J 120 25.81 -24.50 -41.85
C ILE J 120 24.44 -24.92 -41.29
N PRO J 121 24.16 -24.58 -40.01
CA PRO J 121 22.85 -24.96 -39.44
C PRO J 121 21.75 -24.03 -39.94
N VAL J 122 20.51 -24.32 -39.56
CA VAL J 122 19.37 -23.50 -39.96
C VAL J 122 19.51 -22.05 -39.47
N GLN J 123 19.42 -21.10 -40.39
CA GLN J 123 19.59 -19.69 -40.08
C GLN J 123 18.87 -18.85 -41.12
N GLY J 124 18.82 -17.53 -40.89
CA GLY J 124 18.12 -16.62 -41.79
C GLY J 124 16.79 -16.15 -41.19
N THR J 125 15.85 -15.77 -42.06
CA THR J 125 14.58 -15.19 -41.63
C THR J 125 13.79 -16.13 -40.72
N THR J 126 13.28 -15.58 -39.60
CA THR J 126 12.43 -16.31 -38.70
C THR J 126 11.12 -15.56 -38.52
N LEU J 127 10.06 -16.31 -38.26
CA LEU J 127 8.74 -15.74 -38.00
C LEU J 127 8.05 -16.60 -36.96
N HIS J 128 7.75 -15.98 -35.81
CA HIS J 128 6.99 -16.65 -34.75
C HIS J 128 5.72 -15.93 -34.49
N MET J 129 4.63 -16.69 -34.43
CA MET J 129 3.34 -16.15 -34.07
C MET J 129 2.51 -17.22 -33.39
N PHE J 130 1.80 -16.84 -32.34
CA PHE J 130 0.75 -17.69 -31.77
C PHE J 130 -0.48 -16.83 -31.47
N SER J 131 -1.66 -17.43 -31.55
CA SER J 131 -2.88 -16.71 -31.21
C SER J 131 -3.88 -17.65 -30.57
N VAL J 132 -4.68 -17.09 -29.66
CA VAL J 132 -5.75 -17.82 -28.98
C VAL J 132 -7.02 -16.97 -29.15
N GLY J 133 -8.07 -17.56 -29.72
CA GLY J 133 -9.31 -16.81 -29.97
C GLY J 133 -10.56 -17.64 -29.81
N GLY J 134 -11.71 -16.97 -29.76
CA GLY J 134 -13.01 -17.65 -29.67
C GLY J 134 -13.68 -17.79 -31.03
N GLU J 135 -12.87 -17.62 -32.08
CA GLU J 135 -13.32 -17.60 -33.47
C GLU J 135 -12.06 -17.54 -34.35
N PRO J 136 -12.19 -17.74 -35.68
CA PRO J 136 -11.00 -17.71 -36.53
C PRO J 136 -10.24 -16.38 -36.44
N LEU J 137 -8.92 -16.45 -36.51
CA LEU J 137 -8.07 -15.28 -36.58
C LEU J 137 -8.40 -14.52 -37.86
N GLU J 138 -8.61 -13.21 -37.75
CA GLU J 138 -8.93 -12.39 -38.91
C GLU J 138 -7.66 -11.86 -39.57
N LEU J 139 -7.62 -11.97 -40.89
CA LEU J 139 -6.37 -11.78 -41.65
C LEU J 139 -6.49 -10.60 -42.60
N GLN J 140 -5.34 -9.95 -42.84
CA GLN J 140 -5.24 -8.89 -43.83
C GLN J 140 -4.27 -9.35 -44.89
N GLY J 141 -4.63 -9.13 -46.15
CA GLY J 141 -3.75 -9.45 -47.27
C GLY J 141 -2.78 -8.35 -47.66
N LEU J 142 -1.53 -8.74 -47.91
CA LEU J 142 -0.47 -7.86 -48.37
C LEU J 142 0.72 -8.70 -48.86
N VAL J 143 1.24 -8.36 -50.05
CA VAL J 143 2.28 -9.15 -50.72
C VAL J 143 3.47 -8.29 -51.18
N ALA J 144 4.63 -8.93 -51.36
CA ALA J 144 5.80 -8.29 -51.96
C ALA J 144 5.53 -7.89 -53.40
N SER J 145 4.78 -8.71 -54.14
CA SER J 145 4.51 -8.47 -55.55
C SER J 145 3.11 -8.91 -55.94
N SER J 146 2.36 -7.98 -56.54
CA SER J 146 1.00 -8.29 -56.97
C SER J 146 1.00 -9.06 -58.29
N THR J 147 2.17 -9.27 -58.90
CA THR J 147 2.22 -9.99 -60.17
C THR J 147 2.62 -11.45 -59.98
N THR J 148 2.93 -11.83 -58.75
CA THR J 148 3.14 -13.24 -58.41
C THR J 148 1.85 -14.04 -58.70
N THR J 149 2.01 -15.23 -59.28
CA THR J 149 0.91 -16.16 -59.50
C THR J 149 1.01 -17.23 -58.44
N TYR J 150 0.05 -17.23 -57.52
CA TYR J 150 0.03 -18.18 -56.42
C TYR J 150 -0.71 -19.47 -56.86
N PRO J 151 -0.31 -20.63 -56.31
CA PRO J 151 -1.03 -21.87 -56.62
C PRO J 151 -2.51 -21.74 -56.28
N THR J 152 -3.38 -22.21 -57.17
CA THR J 152 -4.82 -21.98 -56.99
C THR J 152 -5.44 -22.75 -55.83
N ASP J 153 -4.79 -23.83 -55.40
N ASP J 153 -4.75 -23.80 -55.39
CA ASP J 153 -5.25 -24.64 -54.27
CA ASP J 153 -5.20 -24.65 -54.28
C ASP J 153 -5.07 -23.95 -52.91
C ASP J 153 -4.84 -24.09 -52.90
N MET J 154 -4.26 -22.90 -52.88
CA MET J 154 -4.00 -22.17 -51.64
C MET J 154 -4.96 -20.99 -51.53
N VAL J 155 -5.15 -20.45 -50.34
CA VAL J 155 -6.02 -19.28 -50.23
C VAL J 155 -5.16 -18.01 -50.27
N THR J 156 -5.33 -17.25 -51.35
CA THR J 156 -4.58 -16.01 -51.53
C THR J 156 -5.56 -14.91 -51.99
N ILE J 157 -5.05 -13.73 -52.33
CA ILE J 157 -5.89 -12.59 -52.70
C ILE J 157 -6.41 -12.74 -54.14
N LYS J 158 -7.72 -12.65 -54.31
CA LYS J 158 -8.34 -12.72 -55.63
C LYS J 158 -8.06 -11.48 -56.49
N ASN J 159 -7.67 -11.69 -57.75
CA ASN J 159 -7.42 -10.62 -58.73
C ASN J 159 -6.58 -9.47 -58.23
N MET J 160 -5.35 -9.77 -57.84
CA MET J 160 -4.47 -8.76 -57.27
C MET J 160 -4.25 -7.59 -58.23
N LYS J 161 -4.06 -6.42 -57.64
CA LYS J 161 -3.61 -5.24 -58.37
C LYS J 161 -2.45 -4.65 -57.56
N PRO J 162 -1.68 -3.72 -58.15
CA PRO J 162 -0.50 -3.22 -57.42
C PRO J 162 -0.85 -2.66 -56.01
N VAL J 163 -2.11 -2.25 -55.81
CA VAL J 163 -2.59 -1.83 -54.48
C VAL J 163 -2.29 -2.88 -53.40
N ASN J 164 -2.27 -4.16 -53.78
CA ASN J 164 -2.04 -5.27 -52.85
C ASN J 164 -0.61 -5.42 -52.32
N GLN J 165 0.30 -4.59 -52.84
CA GLN J 165 1.66 -4.48 -52.28
C GLN J 165 1.68 -3.55 -51.05
N ALA J 166 0.54 -2.90 -50.80
CA ALA J 166 0.32 -2.15 -49.57
C ALA J 166 -1.07 -2.52 -49.04
N LEU J 167 -1.75 -1.58 -48.37
CA LEU J 167 -3.02 -1.89 -47.71
C LEU J 167 -4.22 -1.69 -48.62
N ASP J 168 -4.81 -2.81 -49.02
CA ASP J 168 -6.07 -2.82 -49.75
C ASP J 168 -7.14 -3.26 -48.75
N PRO J 169 -8.09 -2.37 -48.41
CA PRO J 169 -9.09 -2.71 -47.38
C PRO J 169 -10.01 -3.89 -47.75
N ASN J 170 -10.07 -4.25 -49.03
CA ASN J 170 -10.86 -5.40 -49.48
C ASN J 170 -10.16 -6.74 -49.37
N ALA J 171 -8.85 -6.74 -49.11
CA ALA J 171 -8.09 -7.98 -49.07
C ALA J 171 -8.12 -8.57 -47.67
N LYS J 172 -9.24 -9.21 -47.33
CA LYS J 172 -9.47 -9.74 -45.98
C LYS J 172 -9.78 -11.22 -46.03
N ALA J 173 -9.46 -11.94 -44.96
CA ALA J 173 -9.75 -13.37 -44.90
C ALA J 173 -9.84 -13.85 -43.46
N LEU J 174 -10.27 -15.10 -43.28
CA LEU J 174 -10.28 -15.73 -41.97
C LEU J 174 -9.34 -16.91 -41.98
N LEU J 175 -8.58 -17.09 -40.91
CA LEU J 175 -7.71 -18.27 -40.81
C LEU J 175 -8.57 -19.49 -40.41
N ASP J 176 -9.21 -20.12 -41.42
CA ASP J 176 -10.19 -21.18 -41.14
C ASP J 176 -9.82 -22.56 -41.72
N LYS J 177 -8.60 -22.67 -42.24
CA LYS J 177 -8.08 -23.94 -42.75
C LYS J 177 -6.61 -24.07 -42.41
N ASP J 178 -6.21 -25.23 -41.90
CA ASP J 178 -4.82 -25.54 -41.62
C ASP J 178 -4.00 -25.73 -42.91
N GLY J 179 -2.84 -25.09 -42.98
CA GLY J 179 -1.91 -25.30 -44.09
C GLY J 179 -2.35 -24.79 -45.45
N LYS J 180 -3.03 -23.66 -45.49
CA LYS J 180 -3.58 -23.14 -46.75
C LYS J 180 -3.32 -21.65 -47.00
N TYR J 181 -3.14 -20.89 -45.91
CA TYR J 181 -2.95 -19.44 -45.95
C TYR J 181 -1.46 -19.10 -45.82
N PRO J 182 -0.83 -18.64 -46.92
CA PRO J 182 0.60 -18.34 -46.87
C PRO J 182 0.91 -17.14 -46.01
N VAL J 183 1.95 -17.25 -45.19
CA VAL J 183 2.38 -16.14 -44.34
C VAL J 183 2.81 -14.92 -45.17
N GLU J 184 3.32 -15.15 -46.38
CA GLU J 184 3.83 -14.03 -47.18
C GLU J 184 2.68 -13.27 -47.85
N VAL J 185 1.47 -13.78 -47.70
CA VAL J 185 0.26 -13.13 -48.21
C VAL J 185 -0.60 -12.54 -47.07
N TRP J 186 -0.70 -13.27 -45.96
CA TRP J 186 -1.64 -12.93 -44.88
C TRP J 186 -0.96 -12.62 -43.58
N SER J 187 -1.43 -11.59 -42.91
CA SER J 187 -0.99 -11.25 -41.55
C SER J 187 -2.21 -10.89 -40.68
N PRO J 188 -2.09 -11.00 -39.34
CA PRO J 188 -3.22 -10.67 -38.46
C PRO J 188 -3.73 -9.26 -38.72
N ASP J 189 -5.04 -9.12 -38.80
CA ASP J 189 -5.69 -7.83 -39.07
C ASP J 189 -5.90 -7.04 -37.76
N PRO J 190 -5.11 -5.98 -37.52
CA PRO J 190 -5.28 -5.25 -36.26
C PRO J 190 -6.57 -4.42 -36.17
N SER J 191 -7.26 -4.23 -37.29
CA SER J 191 -8.54 -3.49 -37.32
C SER J 191 -9.71 -4.36 -36.86
N LYS J 192 -9.45 -5.63 -36.60
CA LYS J 192 -10.48 -6.54 -36.11
C LYS J 192 -9.87 -7.34 -34.96
N ASN J 193 -10.12 -8.65 -34.92
CA ASN J 193 -9.59 -9.52 -33.88
C ASN J 193 -9.86 -9.08 -32.42
N GLU J 194 -11.07 -8.54 -32.20
CA GLU J 194 -11.58 -8.15 -30.89
C GLU J 194 -11.70 -9.37 -29.96
N ASN J 195 -11.89 -10.55 -30.54
CA ASN J 195 -12.11 -11.76 -29.76
C ASN J 195 -10.95 -12.79 -29.89
N THR J 196 -9.77 -12.31 -30.30
CA THR J 196 -8.55 -13.11 -30.41
C THR J 196 -7.38 -12.29 -29.85
N ARG J 197 -6.44 -12.94 -29.17
CA ARG J 197 -5.16 -12.30 -28.84
C ARG J 197 -4.07 -12.96 -29.66
N TYR J 198 -3.33 -12.15 -30.41
CA TYR J 198 -2.21 -12.66 -31.18
C TYR J 198 -0.91 -11.96 -30.80
N TYR J 199 0.19 -12.69 -30.99
CA TYR J 199 1.52 -12.28 -30.56
C TYR J 199 2.49 -12.76 -31.62
N GLY J 200 3.22 -11.85 -32.24
CA GLY J 200 4.15 -12.20 -33.30
C GLY J 200 5.47 -11.46 -33.25
N SER J 201 6.53 -12.14 -33.71
CA SER J 201 7.81 -11.47 -33.89
C SER J 201 8.51 -11.97 -35.15
N PHE J 202 9.18 -11.03 -35.80
CA PHE J 202 9.84 -11.25 -37.07
C PHE J 202 11.25 -10.71 -37.00
N THR J 203 12.20 -11.51 -37.47
CA THR J 203 13.56 -11.03 -37.77
C THR J 203 13.93 -11.56 -39.13
N GLY J 204 14.28 -10.65 -40.04
CA GLY J 204 14.57 -11.02 -41.43
C GLY J 204 16.02 -11.38 -41.68
N GLY J 205 16.50 -11.04 -42.88
CA GLY J 205 17.87 -11.35 -43.28
C GLY J 205 17.99 -12.74 -43.90
N ALA J 206 19.10 -12.97 -44.58
CA ALA J 206 19.33 -14.26 -45.24
C ALA J 206 20.09 -15.25 -44.37
N THR J 207 20.94 -14.76 -43.49
CA THR J 207 21.82 -15.65 -42.71
C THR J 207 21.82 -15.38 -41.21
N THR J 208 20.84 -14.59 -40.75
CA THR J 208 20.70 -14.20 -39.35
C THR J 208 20.60 -15.41 -38.41
N PRO J 209 21.40 -15.44 -37.32
CA PRO J 209 21.28 -16.49 -36.31
C PRO J 209 19.90 -16.47 -35.64
N PRO J 210 19.23 -17.64 -35.60
CA PRO J 210 17.95 -17.68 -34.89
C PRO J 210 18.16 -17.65 -33.39
N VAL J 211 17.21 -17.05 -32.68
CA VAL J 211 17.27 -16.93 -31.22
C VAL J 211 15.91 -17.40 -30.69
N MET J 212 15.93 -18.36 -29.76
CA MET J 212 14.69 -18.88 -29.18
C MET J 212 14.91 -19.25 -27.73
N GLN J 213 13.87 -19.08 -26.92
CA GLN J 213 13.89 -19.50 -25.51
C GLN J 213 12.92 -20.65 -25.33
N PHE J 214 13.13 -21.42 -24.26
CA PHE J 214 12.19 -22.47 -23.90
C PHE J 214 12.20 -22.67 -22.39
N THR J 215 11.02 -22.80 -21.80
CA THR J 215 10.83 -22.88 -20.35
C THR J 215 9.40 -23.29 -20.05
N ASN J 216 9.15 -23.78 -18.83
CA ASN J 216 7.77 -24.00 -18.37
C ASN J 216 7.37 -23.03 -17.24
N SER J 217 8.09 -21.91 -17.13
CA SER J 217 7.84 -20.96 -16.04
C SER J 217 7.03 -19.73 -16.48
N VAL J 218 6.66 -19.63 -17.75
CA VAL J 218 6.14 -18.38 -18.31
C VAL J 218 4.69 -18.55 -18.78
N THR J 219 3.82 -17.67 -18.31
CA THR J 219 2.41 -17.66 -18.71
C THR J 219 2.10 -16.33 -19.40
N THR J 220 1.30 -16.37 -20.46
CA THR J 220 0.77 -15.14 -21.06
C THR J 220 -0.69 -14.99 -20.69
N VAL J 221 -1.02 -13.88 -20.05
CA VAL J 221 -2.39 -13.60 -19.65
C VAL J 221 -3.12 -13.03 -20.85
N LEU J 222 -4.31 -13.55 -21.12
CA LEU J 222 -5.06 -13.25 -22.34
C LEU J 222 -6.19 -12.22 -22.15
N LEU J 223 -6.38 -11.76 -20.92
CA LEU J 223 -7.45 -10.80 -20.62
C LEU J 223 -7.21 -9.45 -21.27
N ASP J 224 -8.26 -8.83 -21.80
CA ASP J 224 -8.09 -7.51 -22.37
C ASP J 224 -8.12 -6.41 -21.28
N GLU J 225 -8.11 -5.15 -21.71
CA GLU J 225 -8.07 -4.03 -20.76
C GLU J 225 -9.30 -3.96 -19.83
N ASN J 226 -10.37 -4.68 -20.16
CA ASN J 226 -11.56 -4.75 -19.30
C ASN J 226 -11.63 -6.04 -18.48
N GLY J 227 -10.56 -6.82 -18.52
CA GLY J 227 -10.52 -8.07 -17.77
C GLY J 227 -11.25 -9.23 -18.44
N VAL J 228 -11.49 -9.12 -19.75
CA VAL J 228 -12.22 -10.14 -20.52
C VAL J 228 -11.29 -10.84 -21.52
N GLY J 229 -11.20 -12.16 -21.43
CA GLY J 229 -10.44 -12.96 -22.39
C GLY J 229 -11.26 -13.31 -23.62
N PRO J 230 -10.63 -13.96 -24.62
CA PRO J 230 -11.42 -14.47 -25.75
C PRO J 230 -12.58 -15.35 -25.28
N LEU J 231 -13.74 -15.16 -25.90
CA LEU J 231 -14.96 -15.89 -25.57
C LEU J 231 -15.30 -16.84 -26.72
N CYS J 232 -15.47 -18.11 -26.38
CA CYS J 232 -15.53 -19.17 -27.38
C CYS J 232 -16.92 -19.29 -28.02
N LYS J 233 -17.10 -18.66 -29.17
CA LYS J 233 -18.39 -18.71 -29.88
C LYS J 233 -18.65 -20.15 -30.33
N GLY J 234 -19.86 -20.63 -30.08
CA GLY J 234 -20.24 -22.03 -30.35
C GLY J 234 -19.35 -23.04 -29.64
N ASP J 235 -18.82 -22.66 -28.48
CA ASP J 235 -17.88 -23.49 -27.69
C ASP J 235 -16.58 -23.86 -28.41
N LYS J 236 -16.19 -23.07 -29.41
CA LYS J 236 -14.95 -23.35 -30.13
C LYS J 236 -13.81 -22.42 -29.71
N LEU J 237 -12.65 -23.04 -29.45
CA LEU J 237 -11.39 -22.36 -29.16
C LEU J 237 -10.49 -22.49 -30.39
N PHE J 238 -9.94 -21.37 -30.85
CA PHE J 238 -9.09 -21.39 -32.03
C PHE J 238 -7.68 -21.14 -31.61
N LEU J 239 -6.79 -22.10 -31.91
CA LEU J 239 -5.35 -21.93 -31.67
C LEU J 239 -4.65 -21.83 -33.03
N SER J 240 -3.82 -20.80 -33.20
CA SER J 240 -3.14 -20.59 -34.47
C SER J 240 -1.67 -20.31 -34.23
N ALA J 241 -0.83 -20.67 -35.20
CA ALA J 241 0.62 -20.53 -35.06
C ALA J 241 1.38 -20.59 -36.39
N VAL J 242 2.55 -19.94 -36.42
CA VAL J 242 3.58 -20.25 -37.40
C VAL J 242 4.89 -20.12 -36.66
N ASP J 243 5.81 -21.04 -36.92
CA ASP J 243 7.12 -20.97 -36.28
C ASP J 243 8.19 -21.37 -37.28
N ILE J 244 8.49 -20.41 -38.16
CA ILE J 244 9.57 -20.54 -39.13
C ILE J 244 10.84 -20.18 -38.40
N VAL J 245 11.74 -21.15 -38.29
CA VAL J 245 12.95 -20.99 -37.49
C VAL J 245 14.19 -20.75 -38.35
N GLY J 246 13.98 -20.64 -39.66
CA GLY J 246 15.06 -20.28 -40.58
C GLY J 246 15.07 -21.02 -41.89
N ILE J 247 16.24 -21.06 -42.52
CA ILE J 247 16.45 -21.65 -43.84
C ILE J 247 17.56 -22.70 -43.71
N HIS J 248 17.30 -23.90 -44.20
CA HIS J 248 18.37 -24.90 -44.37
C HIS J 248 18.93 -24.80 -45.77
N THR J 249 20.25 -24.76 -45.88
CA THR J 249 20.90 -24.73 -47.20
C THR J 249 21.47 -26.10 -47.52
N ASN J 250 21.18 -26.57 -48.74
CA ASN J 250 21.64 -27.87 -49.19
C ASN J 250 23.00 -27.79 -49.90
N TYR J 251 23.57 -28.94 -50.23
CA TYR J 251 24.89 -28.98 -50.86
C TYR J 251 24.92 -28.21 -52.18
N SER J 252 23.87 -28.33 -52.98
CA SER J 252 23.75 -27.60 -54.25
C SER J 252 23.40 -26.11 -54.05
N GLU J 253 23.18 -25.71 -52.79
CA GLU J 253 22.78 -24.35 -52.41
C GLU J 253 21.29 -24.08 -52.60
N SER J 254 20.53 -25.12 -52.96
CA SER J 254 19.08 -25.04 -52.87
C SER J 254 18.70 -24.89 -51.38
N GLN J 255 17.52 -24.33 -51.12
CA GLN J 255 17.17 -23.99 -49.74
C GLN J 255 15.75 -24.38 -49.38
N ASN J 256 15.58 -24.80 -48.13
CA ASN J 256 14.30 -25.21 -47.56
C ASN J 256 14.00 -24.39 -46.30
N TRP J 257 12.78 -23.85 -46.21
CA TRP J 257 12.31 -23.30 -44.93
C TRP J 257 12.21 -24.43 -43.92
N ARG J 258 12.53 -24.14 -42.66
CA ARG J 258 12.41 -25.12 -41.56
C ARG J 258 11.43 -24.54 -40.54
N GLY J 259 10.48 -25.36 -40.09
CA GLY J 259 9.53 -24.97 -39.06
C GLY J 259 9.58 -25.94 -37.90
N LEU J 260 9.03 -25.53 -36.74
CA LEU J 260 8.97 -26.37 -35.53
C LEU J 260 7.55 -26.35 -34.97
N PRO J 261 7.15 -27.41 -34.24
CA PRO J 261 5.78 -27.43 -33.72
C PRO J 261 5.63 -26.55 -32.49
N ARG J 262 4.40 -26.14 -32.21
CA ARG J 262 4.10 -25.30 -31.04
C ARG J 262 3.09 -25.98 -30.13
N TYR J 263 3.39 -25.97 -28.83
CA TYR J 263 2.52 -26.48 -27.78
C TYR J 263 1.70 -25.34 -27.17
N PHE J 264 0.44 -25.62 -26.84
CA PHE J 264 -0.44 -24.71 -26.12
C PHE J 264 -1.03 -25.40 -24.88
N ASN J 265 -1.00 -24.70 -23.75
CA ASN J 265 -1.82 -25.08 -22.61
C ASN J 265 -2.67 -23.87 -22.21
N VAL J 266 -3.96 -23.92 -22.50
CA VAL J 266 -4.85 -22.78 -22.27
C VAL J 266 -5.72 -23.06 -21.05
N THR J 267 -5.71 -22.14 -20.09
CA THR J 267 -6.63 -22.18 -18.94
C THR J 267 -7.87 -21.38 -19.29
N LEU J 268 -9.05 -21.97 -19.06
CA LEU J 268 -10.32 -21.32 -19.37
C LEU J 268 -11.24 -21.30 -18.18
N ARG J 269 -12.10 -20.29 -18.13
CA ARG J 269 -13.07 -20.16 -17.05
C ARG J 269 -14.44 -19.91 -17.63
N LYS J 270 -15.44 -19.88 -16.76
CA LYS J 270 -16.82 -19.68 -17.17
C LYS J 270 -17.22 -18.22 -17.05
N ARG J 271 -17.74 -17.67 -18.13
CA ARG J 271 -18.16 -16.26 -18.19
C ARG J 271 -19.65 -16.16 -18.47
N VAL J 272 -20.35 -15.39 -17.65
CA VAL J 272 -21.77 -15.12 -17.86
C VAL J 272 -21.92 -14.06 -18.94
N VAL J 273 -22.82 -14.32 -19.89
CA VAL J 273 -23.24 -13.32 -20.88
C VAL J 273 -24.76 -13.24 -20.92
N LYS J 274 -25.28 -12.08 -21.31
CA LYS J 274 -26.71 -11.93 -21.50
C LYS J 274 -27.16 -12.73 -22.71
N ASN J 275 -28.23 -13.49 -22.56
CA ASN J 275 -28.76 -14.28 -23.67
C ASN J 275 -29.31 -13.32 -24.74
N PRO J 276 -28.73 -13.35 -25.96
CA PRO J 276 -29.19 -12.45 -27.02
C PRO J 276 -30.55 -12.83 -27.60
N TYR J 277 -31.01 -14.05 -27.33
CA TYR J 277 -32.32 -14.51 -27.78
C TYR J 277 -33.05 -15.23 -26.65
N PRO J 278 -33.62 -14.45 -25.71
CA PRO J 278 -34.30 -15.08 -24.57
C PRO J 278 -35.65 -15.67 -25.00
C1 NAG K . -39.68 43.37 42.10
C2 NAG K . -39.73 42.40 43.28
C3 NAG K . -39.02 41.07 42.99
C4 NAG K . -38.87 40.65 41.53
C5 NAG K . -38.88 41.83 40.55
C6 NAG K . -38.93 41.42 39.08
C7 NAG K . -39.70 43.06 45.66
C8 NAG K . -38.91 43.71 46.77
N2 NAG K . -39.11 43.00 44.46
O1 NAG K . -40.63 44.41 42.26
O3 NAG K . -39.69 40.03 43.69
O4 NAG K . -37.61 40.04 41.43
O5 NAG K . -39.95 42.69 40.88
O6 NAG K . -40.13 40.73 38.78
O7 NAG K . -40.84 42.64 45.90
C1 GAL K . -37.76 38.62 41.20
C2 GAL K . -36.44 38.13 40.61
C3 GAL K . -36.44 36.62 40.46
C4 GAL K . -36.90 35.94 41.77
C5 GAL K . -38.26 36.52 42.20
C6 GAL K . -38.81 35.88 43.48
O2 GAL K . -36.20 38.73 39.36
O3 GAL K . -35.15 36.20 40.03
O4 GAL K . -35.93 36.10 42.79
O5 GAL K . -38.10 37.92 42.38
O6 GAL K . -38.98 34.48 43.29
C1 SIA K . -35.86 33.91 39.54
C2 SIA K . -35.20 35.17 39.01
C3 SIA K . -33.72 34.94 38.64
C4 SIA K . -33.55 34.09 37.38
C5 SIA K . -34.45 34.56 36.21
C6 SIA K . -35.88 34.84 36.70
C7 SIA K . -36.84 35.35 35.61
C8 SIA K . -38.31 35.25 36.06
C9 SIA K . -39.25 35.25 34.85
C10 SIA K . -33.75 33.58 34.06
C11 SIA K . -33.96 32.46 33.08
N5 SIA K . -34.51 33.54 35.16
O1A SIA K . -35.25 33.15 40.34
O1B SIA K . -37.03 33.69 39.15
O4 SIA K . -32.16 34.08 37.01
O6 SIA K . -35.89 35.70 37.86
O7 SIA K . -36.53 36.70 35.20
O8 SIA K . -38.55 34.05 36.84
O9 SIA K . -39.19 33.96 34.21
O10 SIA K . -32.93 34.47 33.86
C1 NAG L . -12.64 30.81 64.49
C2 NAG L . -13.80 29.83 64.65
C3 NAG L . -13.70 28.67 63.66
C4 NAG L . -13.45 29.17 62.23
C5 NAG L . -12.26 30.14 62.25
C6 NAG L . -11.89 30.64 60.87
C7 NAG L . -14.92 29.55 66.79
C8 NAG L . -14.90 28.93 68.16
N2 NAG L . -13.88 29.29 66.00
O1 NAG L . -12.86 31.93 65.30
O3 NAG L . -14.89 27.88 63.72
O4 NAG L . -13.14 28.06 61.43
O5 NAG L . -12.56 31.22 63.12
O6 NAG L . -12.99 31.30 60.31
O7 NAG L . -15.86 30.27 66.44
C1 GAL L . -14.05 27.86 60.34
C2 GAL L . -13.40 26.75 59.52
C3 GAL L . -14.34 26.21 58.46
C4 GAL L . -15.65 25.76 59.12
C5 GAL L . -16.26 26.93 59.90
C6 GAL L . -17.54 26.54 60.64
O2 GAL L . -12.19 27.18 58.92
O3 GAL L . -13.69 25.13 57.78
O4 GAL L . -15.43 24.62 59.93
O5 GAL L . -15.34 27.48 60.84
O6 GAL L . -18.61 26.55 59.73
C1 SIA L . -15.43 25.06 56.05
C2 SIA L . -13.95 25.20 56.36
C3 SIA L . -13.13 24.01 55.80
C4 SIA L . -13.09 24.03 54.28
C5 SIA L . -12.62 25.38 53.76
C6 SIA L . -13.47 26.51 54.37
C7 SIA L . -13.05 27.93 53.98
C8 SIA L . -14.06 28.94 54.50
C9 SIA L . -13.95 30.30 53.81
C10 SIA L . -11.59 25.22 51.54
C11 SIA L . -11.82 25.34 50.05
N5 SIA L . -12.66 25.45 52.32
O1A SIA L . -16.07 26.09 55.72
O1B SIA L . -15.94 23.93 56.19
O4 SIA L . -12.26 22.96 53.79
O6 SIA L . -13.47 26.44 55.80
O7 SIA L . -11.75 28.21 54.48
O8 SIA L . -15.40 28.43 54.36
O9 SIA L . -14.43 30.23 52.45
O10 SIA L . -10.49 24.90 51.99
C1 NAG M . -49.68 -15.38 50.48
C2 NAG M . -49.74 -13.86 50.63
C3 NAG M . -49.01 -13.17 49.49
C4 NAG M . -47.67 -13.80 49.17
C5 NAG M . -47.77 -15.33 49.09
C6 NAG M . -46.40 -15.98 48.88
C7 NAG M . -51.69 -12.92 51.78
C8 NAG M . -53.09 -12.38 51.65
N2 NAG M . -51.10 -13.34 50.66
O1 NAG M . -50.07 -15.95 51.70
O3 NAG M . -48.83 -11.80 49.80
O4 NAG M . -47.26 -13.30 47.93
O5 NAG M . -48.36 -15.81 50.28
O6 NAG M . -45.56 -15.79 50.00
O7 NAG M . -51.15 -12.97 52.89
C1 GAL M . -46.03 -12.58 48.05
C2 GAL M . -45.55 -12.28 46.62
C3 GAL M . -44.41 -11.28 46.62
C4 GAL M . -44.73 -10.05 47.52
C5 GAL M . -45.08 -10.53 48.93
C6 GAL M . -45.42 -9.37 49.86
O2 GAL M . -45.16 -13.46 45.93
O3 GAL M . -44.10 -10.94 45.27
O4 GAL M . -45.79 -9.28 46.98
O5 GAL M . -46.18 -11.42 48.87
O6 GAL M . -44.25 -8.93 50.50
C1 SIA M . -42.01 -9.84 45.89
C2 SIA M . -42.67 -10.94 45.06
C3 SIA M . -42.60 -10.63 43.55
C4 SIA M . -41.17 -10.73 43.01
C5 SIA M . -40.53 -12.07 43.39
C6 SIA M . -40.68 -12.33 44.89
C7 SIA M . -40.09 -13.66 45.37
C8 SIA M . -40.11 -13.76 46.90
C9 SIA M . -39.09 -14.76 47.44
C10 SIA M . -38.62 -12.48 41.88
C11 SIA M . -37.13 -12.36 41.77
N5 SIA M . -39.10 -12.06 43.05
O1A SIA M . -42.27 -8.64 45.65
O1B SIA M . -41.26 -10.23 46.82
O4 SIA M . -41.20 -10.57 41.60
O6 SIA M . -42.05 -12.20 45.32
O7 SIA M . -40.81 -14.75 44.76
O8 SIA M . -39.89 -12.47 47.50
O9 SIA M . -37.77 -14.29 47.21
O10 SIA M . -39.32 -12.90 40.96
C1 NAG N . -62.05 16.20 33.84
C2 NAG N . -61.20 16.52 35.07
C3 NAG N . -59.72 16.34 34.71
C4 NAG N . -59.49 15.01 33.97
C5 NAG N . -60.54 14.74 32.89
C6 NAG N . -60.40 13.39 32.18
C7 NAG N . -62.15 18.11 36.66
C8 NAG N . -62.36 19.55 37.06
N2 NAG N . -61.44 17.88 35.55
O1 NAG N . -63.42 16.40 34.07
O3 NAG N . -58.92 16.37 35.87
O4 NAG N . -58.24 15.15 33.34
O5 NAG N . -61.83 14.85 33.47
O6 NAG N . -60.24 12.36 33.13
O7 NAG N . -62.63 17.22 37.36
C1 GAL N . -57.30 14.15 33.73
C2 GAL N . -56.08 14.36 32.81
C3 GAL N . -54.90 13.49 33.25
C4 GAL N . -54.68 13.68 34.76
C5 GAL N . -55.97 13.43 35.55
C6 GAL N . -55.83 13.70 37.04
O2 GAL N . -56.43 14.09 31.46
O3 GAL N . -53.80 13.94 32.49
O4 GAL N . -54.25 15.01 34.98
O5 GAL N . -56.95 14.31 35.09
O6 GAL N . -54.99 12.72 37.62
C1 SIA N . -52.21 12.29 33.34
C2 SIA N . -52.87 12.89 32.11
C3 SIA N . -51.83 13.59 31.22
C4 SIA N . -50.88 12.58 30.56
C5 SIA N . -51.62 11.42 29.86
C6 SIA N . -52.66 10.85 30.83
C7 SIA N . -53.51 9.71 30.24
C8 SIA N . -54.34 8.95 31.28
C9 SIA N . -54.61 7.53 30.80
C10 SIA N . -50.18 10.27 28.25
C11 SIA N . -49.15 9.19 28.06
N5 SIA N . -50.64 10.41 29.49
O1A SIA N . -51.28 12.90 33.91
O1B SIA N . -52.64 11.19 33.75
O4 SIA N . -50.08 13.28 29.60
O6 SIA N . -53.51 11.91 31.31
O7 SIA N . -54.36 10.28 29.24
O8 SIA N . -53.64 8.85 32.52
O9 SIA N . -53.40 6.75 30.98
O10 SIA N . -50.55 10.94 27.29
C1 NAG O . 52.38 -35.55 -35.05
C2 NAG O . 52.41 -34.59 -36.22
C3 NAG O . 51.55 -33.34 -35.97
C4 NAG O . 50.23 -33.63 -35.23
C5 NAG O . 50.43 -34.70 -34.15
C6 NAG O . 49.15 -35.12 -33.44
C7 NAG O . 54.36 -34.44 -37.65
C8 NAG O . 55.78 -33.96 -37.80
N2 NAG O . 53.77 -34.17 -36.48
O1 NAG O . 53.02 -36.75 -35.38
O3 NAG O . 51.27 -32.74 -37.22
O4 NAG O . 49.83 -32.43 -34.62
O5 NAG O . 51.03 -35.83 -34.72
O6 NAG O . 48.19 -35.52 -34.39
O7 NAG O . 53.80 -35.04 -38.55
C1 GAL O . 48.59 -31.93 -35.13
C2 GAL O . 48.11 -30.89 -34.11
C3 GAL O . 46.85 -30.19 -34.57
C4 GAL O . 47.07 -29.66 -35.99
C5 GAL O . 47.58 -30.76 -36.92
C6 GAL O . 47.92 -30.24 -38.32
O2 GAL O . 47.88 -31.50 -32.85
O3 GAL O . 46.53 -29.15 -33.63
O4 GAL O . 48.00 -28.59 -35.94
O5 GAL O . 48.76 -31.33 -36.38
O6 GAL O . 46.84 -29.50 -38.84
C1 SIA O . 44.41 -28.65 -34.65
C2 SIA O . 45.12 -29.02 -33.38
C3 SIA O . 45.05 -27.92 -32.33
C4 SIA O . 43.67 -27.81 -31.68
C5 SIA O . 43.12 -29.17 -31.25
C6 SIA O . 43.25 -30.19 -32.39
C7 SIA O . 42.76 -31.60 -32.08
C8 SIA O . 42.78 -32.51 -33.32
C9 SIA O . 41.82 -33.68 -33.13
C10 SIA O . 41.30 -28.89 -29.61
C11 SIA O . 39.82 -28.71 -29.46
N5 SIA O . 41.72 -29.00 -30.88
O1A SIA O . 44.48 -27.46 -35.06
O1B SIA O . 43.79 -29.56 -35.25
O4 SIA O . 43.69 -26.88 -30.57
O6 SIA O . 44.62 -30.25 -32.83
O7 SIA O . 43.51 -32.22 -31.02
O8 SIA O . 42.41 -31.76 -34.49
O9 SIA O . 40.49 -33.18 -33.32
O10 SIA O . 42.06 -28.93 -28.65
C1 NAG P . 61.87 0.95 -37.38
C2 NAG P . 61.27 0.54 -38.72
C3 NAG P . 59.73 0.60 -38.68
C4 NAG P . 59.13 0.02 -37.40
C5 NAG P . 59.95 0.38 -36.15
C6 NAG P . 59.51 -0.30 -34.87
C7 NAG P . 62.52 0.85 -40.77
C8 NAG P . 62.91 1.80 -41.88
N2 NAG P . 61.71 1.35 -39.83
O1 NAG P . 63.26 0.80 -37.40
O3 NAG P . 59.20 -0.05 -39.81
O4 NAG P . 57.86 0.61 -37.32
O5 NAG P . 61.33 0.12 -36.36
O6 NAG P . 59.47 -1.69 -35.05
O7 NAG P . 62.96 -0.31 -40.75
C1 GAL P . 56.83 -0.40 -37.27
C2 GAL P . 55.58 0.29 -36.70
C3 GAL P . 54.38 -0.64 -36.75
C4 GAL P . 54.23 -1.25 -38.15
C5 GAL P . 55.54 -1.96 -38.58
C6 GAL P . 55.51 -2.59 -39.96
O2 GAL P . 55.83 0.70 -35.38
O3 GAL P . 53.23 0.10 -36.36
O4 GAL P . 53.85 -0.22 -39.05
O5 GAL P . 56.61 -1.02 -38.54
O6 GAL P . 54.47 -3.55 -40.07
C1 SIA P . 51.75 -1.86 -36.32
C2 SIA P . 52.33 -0.69 -35.54
C3 SIA P . 51.23 0.32 -35.16
C4 SIA P . 50.31 -0.25 -34.08
C5 SIA P . 51.10 -0.79 -32.89
C6 SIA P . 52.18 -1.76 -33.41
C7 SIA P . 53.06 -2.38 -32.32
C8 SIA P . 53.94 -3.47 -32.92
C9 SIA P . 54.52 -4.38 -31.84
C10 SIA P . 49.69 -0.88 -30.87
C11 SIA P . 48.83 -1.80 -30.03
N5 SIA P . 50.23 -1.48 -31.95
O1A SIA P . 50.87 -1.64 -37.19
O1B SIA P . 52.22 -3.01 -36.09
O4 SIA P . 49.39 0.77 -33.65
O6 SIA P . 53.01 -1.09 -34.35
O7 SIA P . 53.86 -1.37 -31.66
O8 SIA P . 53.19 -4.26 -33.89
O9 SIA P . 53.47 -5.13 -31.23
O10 SIA P . 49.88 0.30 -30.59
C1 NAG Q . 37.00 18.30 -59.59
C2 NAG Q . 36.88 16.87 -60.11
C3 NAG Q . 35.89 16.00 -59.32
C4 NAG Q . 35.94 16.25 -57.82
C5 NAG Q . 35.94 17.76 -57.55
C6 NAG Q . 36.00 18.15 -56.08
C7 NAG Q . 37.35 16.40 -62.43
C8 NAG Q . 36.90 16.49 -63.85
N2 NAG Q . 36.52 16.90 -61.52
O1 NAG Q . 38.19 18.84 -60.08
O3 NAG Q . 36.17 14.64 -59.56
O4 NAG Q . 34.78 15.63 -57.31
O5 NAG Q . 37.07 18.32 -58.17
O6 NAG Q . 37.13 17.54 -55.52
O7 NAG Q . 38.45 15.90 -62.13
C1 GAL Q . 35.08 14.66 -56.29
C2 GAL Q . 33.75 14.39 -55.57
C3 GAL Q . 33.84 13.22 -54.60
C4 GAL Q . 34.40 12.00 -55.36
C5 GAL Q . 35.74 12.35 -56.01
C6 GAL Q . 36.31 11.21 -56.86
O2 GAL Q . 33.29 15.56 -54.92
O3 GAL Q . 32.53 12.96 -54.07
O4 GAL Q . 33.42 11.58 -56.30
O5 GAL Q . 35.62 13.48 -56.86
O6 GAL Q . 36.72 10.15 -56.01
C1 SIA Q . 33.33 11.28 -52.48
C2 SIA Q . 32.53 12.56 -52.69
C3 SIA Q . 31.06 12.37 -52.26
C4 SIA Q . 30.92 12.27 -50.73
C5 SIA Q . 31.67 13.40 -50.01
C6 SIA Q . 33.11 13.48 -50.52
C7 SIA Q . 33.94 14.61 -49.87
C8 SIA Q . 35.40 14.55 -50.31
C9 SIA Q . 36.33 15.30 -49.34
C10 SIA Q . 30.79 13.69 -47.76
C11 SIA Q . 30.93 13.27 -46.32
N5 SIA Q . 31.66 13.13 -48.58
O1A SIA Q . 34.54 11.41 -52.19
O1B SIA Q . 32.80 10.15 -52.60
O4 SIA Q . 29.53 12.31 -50.39
O6 SIA Q . 33.07 13.66 -51.94
O7 SIA Q . 33.39 15.88 -50.26
O8 SIA Q . 35.83 13.18 -50.38
O9 SIA Q . 36.59 14.49 -48.19
O10 SIA Q . 29.95 14.49 -48.14
C1 NAG R . 11.31 -7.52 -71.03
C2 NAG R . 12.65 -8.24 -70.84
C3 NAG R . 12.80 -8.63 -69.36
C4 NAG R . 12.47 -7.48 -68.41
C5 NAG R . 11.18 -6.76 -68.83
C6 NAG R . 10.84 -5.54 -67.97
C7 NAG R . 13.71 -9.71 -72.50
C8 NAG R . 13.60 -10.99 -73.28
N2 NAG R . 12.70 -9.44 -71.67
O1 NAG R . 11.12 -7.15 -72.36
O3 NAG R . 14.08 -9.17 -69.09
O4 NAG R . 12.27 -8.07 -67.16
O5 NAG R . 11.28 -6.37 -70.20
O6 NAG R . 12.01 -4.79 -67.73
O7 NAG R . 14.70 -8.98 -72.64
C1 GAL R . 13.15 -7.62 -66.13
C2 GAL R . 12.55 -8.15 -64.81
C3 GAL R . 13.48 -7.87 -63.64
C4 GAL R . 14.88 -8.39 -63.96
C5 GAL R . 15.38 -7.81 -65.29
C6 GAL R . 16.76 -8.35 -65.66
O2 GAL R . 11.27 -7.62 -64.59
O3 GAL R . 12.96 -8.48 -62.46
O4 GAL R . 14.87 -9.80 -63.99
O5 GAL R . 14.46 -8.10 -66.33
O6 GAL R . 17.71 -7.76 -64.80
C1 SIA R . 14.64 -7.39 -60.95
C2 SIA R . 13.18 -7.67 -61.27
C3 SIA R . 12.50 -8.45 -60.15
C4 SIA R . 12.31 -7.60 -58.88
C5 SIA R . 11.64 -6.26 -59.20
C6 SIA R . 12.34 -5.58 -60.40
C7 SIA R . 11.83 -4.18 -60.81
C8 SIA R . 12.76 -3.47 -61.82
C9 SIA R . 12.48 -1.98 -61.88
C10 SIA R . 10.64 -5.29 -57.18
C11 SIA R . 10.89 -4.43 -55.96
N5 SIA R . 11.69 -5.45 -57.98
O1A SIA R . 15.12 -6.31 -61.36
O1B SIA R . 15.35 -8.23 -60.32
O4 SIA R . 11.61 -8.35 -57.88
O6 SIA R . 12.42 -6.48 -61.54
O7 SIA R . 10.50 -4.20 -61.35
O8 SIA R . 14.13 -3.66 -61.39
O9 SIA R . 12.88 -1.36 -60.65
O10 SIA R . 9.53 -5.80 -57.40
C1 NAG S . 21.07 -40.58 -56.22
C2 NAG S . 22.34 -39.75 -56.09
C3 NAG S . 22.33 -38.60 -55.06
C4 NAG S . 20.98 -38.18 -54.46
C5 NAG S . 19.96 -39.32 -54.52
C6 NAG S . 18.57 -38.89 -54.08
C7 NAG S . 23.81 -41.38 -54.81
C8 NAG S . 22.82 -41.71 -53.73
N2 NAG S . 23.53 -40.54 -55.82
O1 NAG S . 21.03 -40.93 -57.60
O3 NAG S . 22.97 -37.48 -55.64
O4 NAG S . 21.23 -37.81 -53.12
O5 NAG S . 19.91 -39.86 -55.83
O6 NAG S . 18.34 -37.52 -54.38
O7 NAG S . 24.91 -41.92 -54.75
C1 GAL S . 21.33 -36.38 -52.91
C2 GAL S . 21.36 -36.12 -51.40
C3 GAL S . 21.52 -34.62 -51.09
C4 GAL S . 22.71 -34.03 -51.85
C5 GAL S . 22.56 -34.36 -53.32
C6 GAL S . 23.71 -33.78 -54.14
O2 GAL S . 20.18 -36.63 -50.79
O3 GAL S . 21.66 -34.43 -49.69
O4 GAL S . 23.89 -34.58 -51.30
O5 GAL S . 22.49 -35.78 -53.50
O6 GAL S . 23.42 -32.40 -54.33
C1 SIA S . 21.42 -32.01 -49.85
C2 SIA S . 20.85 -33.30 -49.26
C3 SIA S . 20.97 -33.33 -47.74
C4 SIA S . 20.03 -32.30 -47.09
C5 SIA S . 18.59 -32.46 -47.60
C6 SIA S . 18.59 -32.45 -49.14
C7 SIA S . 17.21 -32.58 -49.81
C8 SIA S . 17.30 -32.36 -51.32
C9 SIA S . 15.93 -32.16 -51.97
C10 SIA S . 17.05 -31.58 -45.91
C11 SIA S . 16.24 -30.38 -45.50
N5 SIA S . 17.74 -31.40 -47.04
O1A SIA S . 22.46 -31.51 -49.36
O1B SIA S . 20.84 -31.51 -50.84
O4 SIA S . 20.13 -32.45 -45.67
O6 SIA S . 19.46 -33.49 -49.61
O7 SIA S . 16.67 -33.87 -49.52
O8 SIA S . 18.14 -31.23 -51.64
O9 SIA S . 15.27 -30.98 -51.47
O10 SIA S . 17.08 -32.61 -45.26
CA CA T . -13.98 34.79 9.81
C1 EDO U . -41.97 7.90 4.72
O1 EDO U . -42.73 9.07 5.02
C2 EDO U . -41.09 7.59 5.92
O2 EDO U . -41.22 8.68 6.86
C1 EDO V . -32.42 33.25 45.95
O1 EDO V . -32.33 34.69 46.03
C2 EDO V . -31.55 32.71 44.82
O2 EDO V . -31.78 33.47 43.61
C1 EDO W . -27.19 15.47 -5.12
O1 EDO W . -26.26 14.40 -4.93
C2 EDO W . -27.58 16.03 -3.75
O2 EDO W . -26.49 15.85 -2.84
C1 EDO X . -59.94 18.23 30.49
O1 EDO X . -60.25 16.83 30.41
C2 EDO X . -61.20 18.96 30.07
O2 EDO X . -62.33 18.13 30.35
C1 EDO Y . -25.76 12.02 3.31
O1 EDO Y . -26.54 11.71 2.16
C2 EDO Y . -24.34 11.47 3.23
O2 EDO Y . -23.48 12.21 4.12
C1 EDO Z . -20.81 20.56 21.14
O1 EDO Z . -20.35 19.20 21.24
C2 EDO Z . -22.33 20.67 21.03
O2 EDO Z . -23.02 19.58 21.65
C1 IPA AA . -24.23 15.26 16.41
C2 IPA AA . -24.08 16.74 16.69
C3 IPA AA . -24.88 17.57 15.69
O2 IPA AA . -24.58 17.05 17.99
CA CA BA . 11.46 18.94 31.45
C1 EDO CA . -19.48 35.81 13.74
O1 EDO CA . -19.08 36.80 14.71
C2 EDO CA . -19.63 34.45 14.41
O2 EDO CA . -19.30 34.53 15.80
C1 EDO DA . 7.56 22.48 35.78
O1 EDO DA . 7.76 22.03 37.14
C2 EDO DA . 6.14 22.16 35.32
O2 EDO DA . 5.45 21.43 36.36
C1 EDO EA . -6.92 22.21 13.12
O1 EDO EA . -5.82 21.61 13.84
C2 EDO EA . -6.56 23.57 12.53
O2 EDO EA . -7.27 24.67 13.14
C1 EDO FA . -6.95 17.01 22.60
O1 EDO FA . -8.06 16.44 23.30
C2 EDO FA . -6.82 16.29 21.28
O2 EDO FA . -8.04 16.50 20.56
C1 IPA GA . -10.03 20.25 26.23
C2 IPA GA . -10.16 18.75 26.33
C3 IPA GA . -8.86 18.15 25.84
O2 IPA GA . -10.36 18.45 27.71
CA CA HA . 3.11 -16.66 34.57
C1 EDO IA . -14.28 -1.94 55.62
O1 EDO IA . -15.19 -0.92 55.21
C2 EDO IA . -14.92 -2.82 56.69
O2 EDO IA . -15.27 -2.00 57.81
C1 IPA JA . -5.42 4.51 32.62
C2 IPA JA . -5.58 3.22 33.39
C3 IPA JA . -4.48 3.04 34.42
O2 IPA JA . -6.83 3.24 34.10
CA CA KA . -27.00 -22.95 14.80
C1 EDO LA . -46.27 -4.73 44.45
O1 EDO LA . -45.83 -5.81 43.64
C2 EDO LA . -47.70 -4.98 44.91
O2 EDO LA . -47.75 -6.24 45.60
C1 EDO MA . -0.36 -20.08 22.50
O1 EDO MA . -0.13 -21.44 22.90
C2 EDO MA . -1.79 -19.65 22.84
O2 EDO MA . -2.65 -20.79 22.95
C1 IPA NA . -17.65 -9.95 28.31
C2 IPA NA . -17.27 -8.53 28.67
C3 IPA NA . -16.20 -7.99 27.73
O2 IPA NA . -18.46 -7.73 28.57
CA CA OA . -37.54 8.86 -0.37
C1 EDO PA . -28.91 -21.45 21.99
O1 EDO PA . -28.20 -22.63 21.59
C2 EDO PA . -30.40 -21.72 21.85
O2 EDO PA . -30.58 -23.05 21.31
C1 EDO QA . -24.22 -1.16 13.99
O1 EDO QA . -23.69 -0.61 12.78
C2 EDO QA . -25.71 -0.81 14.02
O2 EDO QA . -25.97 -0.06 15.21
C1 IPA RA . -27.77 -1.03 17.95
C2 IPA RA . -28.85 -0.03 17.57
C3 IPA RA . -30.01 -0.67 16.87
O2 IPA RA . -29.39 0.54 18.76
CA CA SA . 30.03 -24.11 -0.82
C1 EDO TA . 2.29 -32.36 -26.81
O1 EDO TA . 3.74 -32.45 -26.81
C2 EDO TA . 1.70 -33.66 -26.31
O2 EDO TA . 2.61 -34.71 -26.63
C1 EDO UA . 48.69 -23.68 -36.98
O1 EDO UA . 49.93 -24.01 -36.34
C2 EDO UA . 47.89 -22.71 -36.11
O2 EDO UA . 47.75 -23.28 -34.79
C1 EDO VA . 7.44 -25.89 -10.22
O1 EDO VA . 7.03 -25.99 -8.87
C2 EDO VA . 6.85 -27.04 -11.03
O2 EDO VA . 7.21 -28.29 -10.43
C1 EDO WA . 25.22 -13.32 -2.24
O1 EDO WA . 26.52 -13.90 -2.19
C2 EDO WA . 25.16 -12.31 -3.39
O2 EDO WA . 23.94 -11.54 -3.34
C1 IPA XA . 17.76 -19.68 -19.96
C2 IPA XA . 19.12 -19.75 -19.32
C3 IPA XA . 19.24 -20.94 -18.39
O2 IPA XA . 20.13 -19.92 -20.30
CA CA YA . 36.55 11.67 -5.60
C1 EDO ZA . 32.88 -26.67 -7.56
O1 EDO ZA . 33.66 -27.24 -6.50
C2 EDO ZA . 31.39 -26.74 -7.29
O2 EDO ZA . 31.07 -27.60 -6.18
C1 EDO AB . 49.76 1.25 -42.47
O1 EDO AB . 50.65 2.35 -42.67
C2 EDO AB . 48.58 1.72 -41.63
O2 EDO AB . 49.00 1.75 -40.26
C1 IPA BB . 29.23 -5.88 -14.50
C2 IPA BB . 29.26 -6.92 -15.60
C3 IPA BB . 27.83 -7.38 -15.88
O2 IPA BB . 29.85 -6.32 -16.76
CA CA CB . 10.14 25.06 -27.16
C1 EDO DB . 40.76 8.54 -10.94
O1 EDO DB . 41.52 9.60 -10.32
C2 EDO DB . 40.38 7.53 -9.87
O2 EDO DB . 40.86 7.95 -8.59
C1 EDO EB . 16.14 23.78 -31.13
O1 EDO EB . 16.93 22.69 -31.60
C2 EDO EB . 16.20 24.89 -32.15
O2 EDO EB . 14.89 25.03 -32.68
C1 EDO FB . 30.45 7.02 -57.66
O1 EDO FB . 30.32 8.27 -58.36
C2 EDO FB . 30.04 7.11 -56.20
O2 EDO FB . 29.22 8.25 -55.92
C1 EDO GB . 36.55 24.30 -39.42
O1 EDO GB . 37.47 24.62 -40.48
C2 EDO GB . 37.23 24.22 -38.08
O2 EDO GB . 37.45 22.82 -37.85
C1 IPA HB . 21.89 8.63 -23.57
C2 IPA HB . 23.21 7.90 -23.75
C3 IPA HB . 23.29 6.75 -22.76
O2 IPA HB . 23.25 7.39 -25.09
CA CA IB . -12.45 -2.33 -36.09
C1 EDO JB . -6.98 -1.35 -41.72
O1 EDO JB . -6.59 -2.74 -41.62
C2 EDO JB . -8.50 -1.24 -41.80
O2 EDO JB . -8.94 -2.13 -42.84
C1 EDO KB . -1.21 18.44 -25.10
O1 EDO KB . -0.09 18.12 -24.26
C2 EDO KB . -1.58 19.91 -24.89
O2 EDO KB . -1.43 20.23 -23.50
C1 EDO LB . -5.50 -7.35 -24.99
O1 EDO LB . -4.92 -8.50 -24.33
C2 EDO LB . -5.87 -7.73 -26.43
O2 EDO LB . -7.04 -7.02 -26.88
C1 EDO MB . 4.28 11.07 -22.85
O1 EDO MB . 3.04 10.83 -23.55
C2 EDO MB . 4.54 12.58 -22.64
O2 EDO MB . 4.47 13.30 -23.88
C1 IPA NB . 9.35 3.21 -31.42
C2 IPA NB . 8.44 2.64 -32.48
C3 IPA NB . 7.67 3.72 -33.18
O2 IPA NB . 9.22 1.97 -33.49
CA CA OB . -0.24 -32.66 -19.90
C1 EDO PB . 16.91 -14.40 -61.60
O1 EDO PB . 15.98 -14.29 -62.68
C2 EDO PB . 16.62 -13.36 -60.52
O2 EDO PB . 15.49 -13.80 -59.76
C1 IPA QB . 5.92 -13.07 -30.46
C2 IPA QB . 6.49 -14.31 -29.79
C3 IPA QB . 5.44 -15.37 -29.62
O2 IPA QB . 7.46 -14.84 -30.67
#